data_2C2B
#
_entry.id   2C2B
#
_cell.length_a   191.920
_cell.length_b   110.846
_cell.length_c   152.779
_cell.angle_alpha   90.00
_cell.angle_beta   89.98
_cell.angle_gamma   90.00
#
_symmetry.space_group_name_H-M   'C 1 2 1'
#
loop_
_entity.id
_entity.type
_entity.pdbx_description
1 polymer 'THREONINE SYNTHASE 1, CHLOROPLASTIC'
2 non-polymer S-ADENOSYLMETHIONINE
3 non-polymer 2-AMINO-2-HYDROXYMETHYL-PROPANE-1,3-DIOL
4 non-polymer "PYRIDOXAL-5'-PHOSPHATE"
5 water water
#
_entity_poly.entity_id   1
_entity_poly.type   'polypeptide(L)'
_entity_poly.pdbx_seq_one_letter_code
;ADGNNIKAPIETAVKPPHRTEDNIRDEARRNRSNAVNPFSAKYVPFNAAPGSTESYSLDEIVYRSRSGGLLDVEHDMEAL
KRFDGAYWRDLFDSRVGKSTWPYGSGVWSKKEWVLPEIDDDDIVSAFEGNSNLFWAERFGKQFLGMNDLWVKHCGISHTG
SFKDLGMTVLVSQVNRLRKMKRPVVGVGCASTGDTSAALSAYCASAGIPSIVFLPANKISMAQLVQPIANGAFVLSIDTD
FDGCMKLIREITAELPIYLANSLNSLRLEGQKTAAIEILQQFDWQVPDWVIVPGGNLGNIYAFYKGFKMCQELGLVDRIP
RMVCAQAANANPLYLHYKSGWKDFKPMTASTTFASAIQIGDPVSIDRAVYALKKCNGIVEEATEEELMDAMAQADSTGMF
ICPHTGVALTALFKLRNQGVIAPTDRTVVVSTAHGLKFTQSKIDYHSNAIPDMACRFSNPPVDVKADFGAVMDVLKSYLG
SNTLTS
;
_entity_poly.pdbx_strand_id   A,B,C,D,E,F
#
loop_
_chem_comp.id
_chem_comp.type
_chem_comp.name
_chem_comp.formula
PLP non-polymer PYRIDOXAL-5'-PHOSPHATE 'C8 H10 N O6 P'
SAM non-polymer S-ADENOSYLMETHIONINE 'C15 H22 N6 O5 S'
TRS non-polymer 2-AMINO-2-HYDROXYMETHYL-PROPANE-1,3-DIOL 'C4 H12 N O3 1'
#
# COMPACT_ATOMS: atom_id res chain seq x y z
N VAL A 36 9.22 24.09 -56.42
CA VAL A 36 8.39 23.80 -55.22
C VAL A 36 7.04 24.50 -55.31
N ASN A 37 7.05 25.83 -55.44
CA ASN A 37 5.83 26.63 -55.55
C ASN A 37 5.43 26.80 -57.02
N PRO A 38 4.33 26.12 -57.43
CA PRO A 38 3.97 26.06 -58.85
C PRO A 38 3.05 27.18 -59.33
N PHE A 39 2.44 27.91 -58.41
CA PHE A 39 1.46 28.94 -58.75
C PHE A 39 2.11 30.31 -58.85
N SER A 40 1.61 31.15 -59.76
CA SER A 40 2.15 32.49 -59.96
C SER A 40 1.10 33.43 -60.56
N ALA A 41 1.39 34.73 -60.50
CA ALA A 41 0.49 35.76 -61.01
C ALA A 41 1.30 36.92 -61.59
N LYS A 42 0.67 37.67 -62.49
CA LYS A 42 1.34 38.77 -63.18
C LYS A 42 0.31 39.81 -63.64
N TYR A 43 0.78 41.02 -63.95
CA TYR A 43 -0.09 42.05 -64.51
C TYR A 43 -0.38 41.78 -65.99
N VAL A 44 -1.58 42.17 -66.42
CA VAL A 44 -2.05 41.93 -67.77
C VAL A 44 -3.06 43.02 -68.15
N PRO A 45 -3.09 43.45 -69.43
CA PRO A 45 -4.10 44.43 -69.83
C PRO A 45 -5.49 43.87 -69.60
N PHE A 46 -6.38 44.66 -68.99
CA PHE A 46 -7.75 44.22 -68.78
C PHE A 46 -8.38 43.76 -70.09
N ASN A 47 -9.00 42.57 -70.04
CA ASN A 47 -9.65 41.95 -71.19
C ASN A 47 -8.73 41.96 -72.41
N ALA A 48 -7.58 41.30 -72.27
CA ALA A 48 -6.52 41.32 -73.28
C ALA A 48 -6.94 40.69 -74.60
N ALA A 49 -6.47 41.29 -75.69
CA ALA A 49 -6.75 40.82 -77.05
C ALA A 49 -6.16 39.43 -77.30
N PRO A 50 -6.71 38.69 -78.29
CA PRO A 50 -6.21 37.34 -78.61
C PRO A 50 -4.71 37.31 -78.94
N GLY A 51 -3.97 36.50 -78.18
CA GLY A 51 -2.54 36.30 -78.42
C GLY A 51 -1.65 37.47 -78.04
N SER A 52 -2.15 38.32 -77.15
CA SER A 52 -1.36 39.44 -76.63
C SER A 52 -0.22 38.90 -75.76
N THR A 53 0.95 39.52 -75.88
CA THR A 53 2.12 39.08 -75.12
C THR A 53 2.45 40.02 -73.95
N GLU A 54 1.67 41.09 -73.80
CA GLU A 54 1.91 42.09 -72.77
C GLU A 54 1.62 41.59 -71.36
N SER A 55 2.66 41.56 -70.54
CA SER A 55 2.54 41.24 -69.11
C SER A 55 3.64 41.96 -68.33
N TYR A 56 3.46 42.06 -67.01
CA TYR A 56 4.45 42.68 -66.12
C TYR A 56 4.51 41.94 -64.80
N SER A 57 5.71 41.83 -64.23
CA SER A 57 5.88 41.27 -62.89
C SER A 57 5.10 42.10 -61.88
N LEU A 58 4.52 41.43 -60.88
CA LEU A 58 3.82 42.13 -59.80
C LEU A 58 4.75 43.05 -59.00
N ASP A 59 6.05 42.80 -59.10
CA ASP A 59 7.06 43.66 -58.49
C ASP A 59 7.25 44.96 -59.26
N GLU A 60 6.69 45.00 -60.47
CA GLU A 60 6.71 46.21 -61.28
C GLU A 60 5.69 47.20 -60.71
N ILE A 61 6.13 48.44 -60.50
CA ILE A 61 5.23 49.50 -60.09
C ILE A 61 4.58 50.12 -61.33
N VAL A 62 3.37 49.66 -61.64
CA VAL A 62 2.61 50.08 -62.82
C VAL A 62 1.13 50.18 -62.46
N TYR A 63 0.41 51.05 -63.15
CA TYR A 63 -1.02 51.26 -62.90
C TYR A 63 -1.84 51.13 -64.17
N ARG A 64 -1.20 51.30 -65.32
CA ARG A 64 -1.87 51.20 -66.62
C ARG A 64 -1.05 50.42 -67.65
N SER A 65 -1.72 50.01 -68.73
CA SER A 65 -1.11 49.24 -69.80
C SER A 65 -0.49 50.12 -70.88
N ARG A 66 0.11 49.50 -71.90
CA ARG A 66 0.67 50.21 -73.05
C ARG A 66 -0.36 51.12 -73.72
N SER A 67 -1.58 50.60 -73.88
CA SER A 67 -2.67 51.33 -74.54
C SER A 67 -3.28 52.43 -73.67
N GLY A 68 -2.85 52.51 -72.42
CA GLY A 68 -3.42 53.45 -71.46
C GLY A 68 -4.59 52.87 -70.69
N GLY A 69 -4.92 51.62 -70.99
CA GLY A 69 -6.03 50.92 -70.35
C GLY A 69 -5.68 50.46 -68.95
N LEU A 70 -6.61 49.79 -68.29
CA LEU A 70 -6.39 49.29 -66.94
C LEU A 70 -5.64 47.95 -66.96
N LEU A 71 -5.02 47.64 -65.83
CA LEU A 71 -4.34 46.36 -65.63
C LEU A 71 -5.21 45.42 -64.82
N ASP A 72 -4.97 44.11 -64.98
CA ASP A 72 -5.59 43.08 -64.18
C ASP A 72 -4.53 42.10 -63.70
N VAL A 73 -4.77 41.50 -62.54
CA VAL A 73 -3.93 40.39 -62.11
C VAL A 73 -4.43 39.11 -62.78
N GLU A 74 -3.56 38.50 -63.59
CA GLU A 74 -3.86 37.22 -64.22
C GLU A 74 -3.03 36.13 -63.58
N HIS A 75 -3.72 35.12 -63.05
CA HIS A 75 -3.08 33.97 -62.42
C HIS A 75 -2.84 32.88 -63.45
N ASP A 76 -1.84 32.04 -63.21
CA ASP A 76 -1.52 30.92 -64.09
C ASP A 76 -2.56 29.80 -63.91
N MET A 77 -3.53 29.79 -64.82
CA MET A 77 -4.65 28.84 -64.74
C MET A 77 -4.24 27.40 -65.06
N GLU A 78 -3.20 27.25 -65.88
CA GLU A 78 -2.65 25.93 -66.22
C GLU A 78 -2.10 25.24 -64.97
N ALA A 79 -1.41 26.00 -64.11
CA ALA A 79 -0.81 25.46 -62.89
C ALA A 79 -1.84 25.14 -61.81
N LEU A 80 -2.85 26.01 -61.70
CA LEU A 80 -3.94 25.83 -60.73
C LEU A 80 -4.83 24.64 -61.08
N LYS A 81 -5.05 24.43 -62.37
CA LYS A 81 -5.88 23.32 -62.88
C LYS A 81 -5.24 21.93 -62.69
N ARG A 82 -3.99 21.89 -62.23
CA ARG A 82 -3.33 20.63 -61.89
C ARG A 82 -3.92 20.06 -60.60
N PHE A 83 -4.82 20.83 -59.99
CA PHE A 83 -5.52 20.43 -58.78
C PHE A 83 -7.02 20.63 -59.01
N ASP A 84 -7.80 19.58 -58.81
CA ASP A 84 -9.24 19.64 -59.06
C ASP A 84 -9.99 20.43 -57.98
N GLY A 85 -11.25 20.74 -58.25
CA GLY A 85 -12.10 21.48 -57.32
C GLY A 85 -12.18 20.87 -55.94
N ALA A 86 -12.22 19.53 -55.91
CA ALA A 86 -12.22 18.77 -54.64
C ALA A 86 -11.04 19.13 -53.75
N TYR A 87 -9.85 19.21 -54.34
CA TYR A 87 -8.64 19.56 -53.61
C TYR A 87 -8.75 20.98 -53.04
N TRP A 88 -9.15 21.93 -53.89
CA TRP A 88 -9.30 23.33 -53.51
C TRP A 88 -10.39 23.55 -52.45
N ARG A 89 -11.54 22.91 -52.62
CA ARG A 89 -12.61 22.96 -51.62
C ARG A 89 -12.10 22.50 -50.26
N ASP A 90 -11.51 21.31 -50.24
CA ASP A 90 -10.95 20.74 -49.01
C ASP A 90 -9.84 21.59 -48.41
N LEU A 91 -9.00 22.17 -49.26
CA LEU A 91 -7.90 23.02 -48.81
C LEU A 91 -8.42 24.33 -48.19
N PHE A 92 -9.30 25.02 -48.89
CA PHE A 92 -9.87 26.27 -48.41
C PHE A 92 -10.77 26.08 -47.19
N ASP A 93 -11.42 24.92 -47.10
CA ASP A 93 -12.27 24.60 -45.95
C ASP A 93 -11.44 24.26 -44.73
N SER A 94 -10.29 23.63 -44.93
CA SER A 94 -9.43 23.23 -43.83
C SER A 94 -8.83 24.43 -43.09
N ARG A 95 -8.98 25.62 -43.68
CA ARG A 95 -8.27 26.82 -43.21
C ARG A 95 -9.20 27.93 -42.67
N VAL A 96 -10.51 27.83 -42.94
CA VAL A 96 -11.47 28.83 -42.44
C VAL A 96 -11.52 28.90 -40.90
N GLY A 97 -11.10 30.04 -40.36
CA GLY A 97 -11.11 30.29 -38.91
C GLY A 97 -10.20 29.39 -38.10
N LYS A 98 -8.98 29.19 -38.59
CA LYS A 98 -7.97 28.45 -37.85
C LYS A 98 -6.84 29.41 -37.44
N SER A 99 -6.06 29.01 -36.45
CA SER A 99 -5.05 29.88 -35.87
C SER A 99 -3.80 30.04 -36.73
N THR A 100 -3.65 29.18 -37.73
CA THR A 100 -2.43 29.10 -38.54
C THR A 100 -2.24 30.31 -39.47
N TRP A 101 -1.10 30.97 -39.31
CA TRP A 101 -0.73 32.12 -40.12
C TRP A 101 -0.28 31.66 -41.50
N PRO A 102 -0.71 32.36 -42.56
CA PRO A 102 -1.64 33.48 -42.55
C PRO A 102 -3.06 33.07 -42.95
N TYR A 103 -3.34 31.77 -42.87
CA TYR A 103 -4.54 31.20 -43.51
C TYR A 103 -5.85 31.42 -42.74
N GLY A 104 -5.77 32.09 -41.60
CA GLY A 104 -6.97 32.40 -40.82
C GLY A 104 -7.83 33.46 -41.49
N SER A 105 -7.19 34.36 -42.22
CA SER A 105 -7.86 35.45 -42.91
C SER A 105 -8.79 34.95 -44.02
N GLY A 106 -9.96 35.57 -44.14
CA GLY A 106 -10.90 35.29 -45.22
C GLY A 106 -10.29 35.52 -46.59
N VAL A 107 -9.30 36.40 -46.66
CA VAL A 107 -8.57 36.66 -47.89
C VAL A 107 -7.41 35.67 -48.05
N TRP A 108 -6.54 35.60 -47.05
CA TRP A 108 -5.29 34.83 -47.17
C TRP A 108 -5.42 33.32 -47.05
N SER A 109 -6.59 32.83 -46.63
CA SER A 109 -6.90 31.41 -46.69
C SER A 109 -6.94 30.96 -48.14
N LYS A 110 -7.04 31.95 -49.03
CA LYS A 110 -7.09 31.72 -50.48
C LYS A 110 -5.85 32.30 -51.16
N LYS A 111 -4.72 32.25 -50.44
CA LYS A 111 -3.45 32.83 -50.87
C LYS A 111 -3.03 32.46 -52.29
N GLU A 112 -3.17 31.17 -52.62
CA GLU A 112 -2.80 30.67 -53.96
C GLU A 112 -3.53 31.38 -55.09
N TRP A 113 -4.68 31.98 -54.79
CA TRP A 113 -5.51 32.66 -55.78
C TRP A 113 -5.39 34.19 -55.68
N VAL A 114 -4.58 34.67 -54.74
CA VAL A 114 -4.41 36.11 -54.52
C VAL A 114 -2.98 36.59 -54.78
N LEU A 115 -2.05 36.27 -53.87
CA LEU A 115 -0.63 36.55 -54.07
C LEU A 115 0.19 35.29 -53.78
N PRO A 116 0.22 34.35 -54.73
CA PRO A 116 0.83 33.04 -54.49
C PRO A 116 2.32 33.09 -54.17
N GLU A 117 3.01 34.13 -54.63
CA GLU A 117 4.47 34.19 -54.50
C GLU A 117 4.98 35.08 -53.38
N ILE A 118 4.08 35.70 -52.61
CA ILE A 118 4.50 36.51 -51.46
C ILE A 118 4.90 35.62 -50.27
N ASP A 119 5.97 36.01 -49.59
CA ASP A 119 6.40 35.30 -48.40
C ASP A 119 5.50 35.66 -47.22
N ASP A 120 5.25 34.69 -46.34
CA ASP A 120 4.38 34.89 -45.17
C ASP A 120 4.90 35.97 -44.20
N ASP A 121 6.19 36.26 -44.28
CA ASP A 121 6.82 37.31 -43.48
C ASP A 121 6.39 38.71 -43.94
N ASP A 122 6.03 38.82 -45.22
CA ASP A 122 5.67 40.11 -45.81
C ASP A 122 4.18 40.43 -45.69
N ILE A 123 3.38 39.42 -45.33
CA ILE A 123 1.94 39.60 -45.24
C ILE A 123 1.56 40.48 -44.06
N VAL A 124 0.75 41.50 -44.33
CA VAL A 124 0.22 42.39 -43.30
C VAL A 124 -1.29 42.16 -43.19
N SER A 125 -1.69 41.38 -42.19
CA SER A 125 -3.10 40.97 -42.08
C SER A 125 -3.72 41.26 -40.72
N ALA A 126 -4.97 41.71 -40.77
CA ALA A 126 -5.75 42.01 -39.56
C ALA A 126 -6.95 41.08 -39.46
N PHE A 127 -6.74 39.81 -39.76
CA PHE A 127 -7.78 38.77 -39.68
C PHE A 127 -9.04 39.17 -40.45
N GLU A 128 -8.84 39.83 -41.59
CA GLU A 128 -9.95 40.35 -42.41
C GLU A 128 -10.74 39.23 -43.09
N GLY A 129 -11.96 39.56 -43.50
CA GLY A 129 -12.87 38.57 -44.05
C GLY A 129 -13.52 37.79 -42.91
N ASN A 130 -13.99 36.58 -43.24
CA ASN A 130 -14.77 35.75 -42.31
C ASN A 130 -15.96 36.54 -41.77
N SER A 131 -16.55 37.34 -42.66
CA SER A 131 -17.60 38.28 -42.32
C SER A 131 -18.94 37.56 -42.24
N ASN A 132 -19.77 37.98 -41.27
CA ASN A 132 -21.10 37.39 -41.09
C ASN A 132 -21.97 37.53 -42.34
N LEU A 133 -22.41 36.38 -42.83
CA LEU A 133 -23.47 36.33 -43.83
C LEU A 133 -24.77 36.20 -43.03
N PHE A 134 -25.32 37.37 -42.68
CA PHE A 134 -26.49 37.49 -41.81
C PHE A 134 -27.76 37.05 -42.53
N TRP A 135 -28.50 36.11 -41.92
CA TRP A 135 -29.79 35.69 -42.46
C TRP A 135 -30.87 36.70 -42.11
N ALA A 136 -31.30 37.48 -43.11
CA ALA A 136 -32.31 38.50 -42.91
C ALA A 136 -33.71 37.89 -42.94
N GLU A 137 -34.03 37.15 -41.89
CA GLU A 137 -35.33 36.46 -41.82
C GLU A 137 -36.48 37.45 -41.67
N ARG A 138 -36.40 38.34 -40.68
CA ARG A 138 -37.48 39.29 -40.42
C ARG A 138 -37.60 40.37 -41.49
N PHE A 139 -36.47 40.73 -42.12
CA PHE A 139 -36.48 41.72 -43.20
C PHE A 139 -37.03 41.11 -44.49
N GLY A 140 -36.51 39.94 -44.86
CA GLY A 140 -36.94 39.22 -46.06
C GLY A 140 -38.40 38.81 -46.04
N LYS A 141 -38.87 38.35 -44.89
CA LYS A 141 -40.25 37.87 -44.76
C LYS A 141 -41.27 38.99 -44.57
N GLN A 142 -40.92 40.00 -43.79
CA GLN A 142 -41.84 41.08 -43.44
C GLN A 142 -41.98 42.15 -44.53
N PHE A 143 -40.99 42.24 -45.41
CA PHE A 143 -40.99 43.29 -46.43
C PHE A 143 -40.93 42.78 -47.86
N LEU A 144 -40.32 41.62 -48.06
CA LEU A 144 -40.02 41.13 -49.41
C LEU A 144 -40.67 39.79 -49.75
N GLY A 145 -41.21 39.11 -48.75
CA GLY A 145 -41.79 37.78 -48.93
C GLY A 145 -40.74 36.71 -49.22
N MET A 146 -39.50 36.99 -48.82
CA MET A 146 -38.37 36.12 -49.09
C MET A 146 -37.92 35.35 -47.85
N ASN A 147 -37.67 34.05 -48.03
CA ASN A 147 -37.22 33.19 -46.95
C ASN A 147 -35.70 33.03 -46.91
N ASP A 148 -35.07 33.16 -48.07
CA ASP A 148 -33.66 32.86 -48.24
C ASP A 148 -32.83 34.10 -48.60
N LEU A 149 -33.14 35.23 -47.97
CA LEU A 149 -32.36 36.45 -48.13
C LEU A 149 -31.25 36.53 -47.09
N TRP A 150 -30.04 36.87 -47.55
CA TRP A 150 -28.87 36.98 -46.69
C TRP A 150 -28.18 38.32 -46.93
N VAL A 151 -27.63 38.89 -45.85
CA VAL A 151 -26.90 40.15 -45.93
C VAL A 151 -25.45 39.96 -45.48
N LYS A 152 -24.51 40.20 -46.40
CA LYS A 152 -23.08 40.08 -46.09
C LYS A 152 -22.59 41.33 -45.36
N HIS A 153 -22.26 41.18 -44.09
CA HIS A 153 -21.84 42.30 -43.25
C HIS A 153 -20.34 42.57 -43.35
N CYS A 154 -19.89 43.00 -44.53
CA CYS A 154 -18.48 43.34 -44.76
C CYS A 154 -18.01 44.49 -43.86
N GLY A 155 -18.97 45.27 -43.37
CA GLY A 155 -18.69 46.39 -42.48
C GLY A 155 -18.11 46.00 -41.13
N ILE A 156 -18.34 44.76 -40.71
CA ILE A 156 -17.74 44.27 -39.48
C ILE A 156 -16.31 43.87 -39.80
N SER A 157 -15.43 44.86 -39.79
CA SER A 157 -14.03 44.69 -40.15
C SER A 157 -13.16 45.65 -39.34
N HIS A 158 -11.84 45.54 -39.50
CA HIS A 158 -10.88 46.34 -38.75
C HIS A 158 -11.12 47.85 -38.84
N THR A 159 -11.38 48.36 -40.05
CA THR A 159 -11.65 49.79 -40.23
C THR A 159 -13.12 50.07 -40.52
N GLY A 160 -13.94 49.02 -40.62
CA GLY A 160 -15.39 49.17 -40.73
C GLY A 160 -15.98 49.18 -42.13
N SER A 161 -15.18 48.81 -43.13
CA SER A 161 -15.66 48.70 -44.51
C SER A 161 -14.98 47.54 -45.24
N PHE A 162 -15.49 47.20 -46.42
CA PHE A 162 -14.93 46.10 -47.21
C PHE A 162 -13.53 46.38 -47.75
N LYS A 163 -13.13 47.65 -47.71
CA LYS A 163 -11.84 48.08 -48.27
C LYS A 163 -10.63 47.42 -47.61
N ASP A 164 -10.83 46.91 -46.39
CA ASP A 164 -9.81 46.12 -45.70
C ASP A 164 -9.37 44.90 -46.51
N LEU A 165 -10.33 44.23 -47.16
CA LEU A 165 -10.02 43.06 -47.99
C LEU A 165 -8.98 43.39 -49.06
N GLY A 166 -9.16 44.55 -49.70
CA GLY A 166 -8.25 45.03 -50.74
C GLY A 166 -6.91 45.52 -50.20
N MET A 167 -6.95 46.24 -49.08
CA MET A 167 -5.74 46.86 -48.53
C MET A 167 -4.73 45.87 -47.97
N THR A 168 -5.20 44.71 -47.50
CA THR A 168 -4.28 43.69 -46.99
C THR A 168 -3.38 43.14 -48.11
N VAL A 169 -3.92 43.08 -49.33
CA VAL A 169 -3.19 42.59 -50.48
C VAL A 169 -2.19 43.64 -50.96
N LEU A 170 -2.68 44.87 -51.11
CA LEU A 170 -1.86 45.98 -51.58
C LEU A 170 -0.69 46.31 -50.64
N VAL A 171 -0.99 46.50 -49.36
CA VAL A 171 0.04 46.84 -48.38
C VAL A 171 1.05 45.69 -48.21
N SER A 172 0.56 44.45 -48.25
CA SER A 172 1.44 43.28 -48.23
C SER A 172 2.46 43.32 -49.38
N GLN A 173 1.99 43.69 -50.57
CA GLN A 173 2.88 43.77 -51.72
C GLN A 173 3.85 44.95 -51.59
N VAL A 174 3.33 46.11 -51.16
CA VAL A 174 4.17 47.27 -50.89
C VAL A 174 5.21 46.93 -49.82
N ASN A 175 4.78 46.21 -48.78
CA ASN A 175 5.68 45.74 -47.72
C ASN A 175 6.85 44.95 -48.28
N ARG A 176 6.54 44.04 -49.20
CA ARG A 176 7.52 43.21 -49.88
C ARG A 176 8.52 44.03 -50.66
N LEU A 177 8.01 44.98 -51.46
CA LEU A 177 8.87 45.86 -52.27
C LEU A 177 9.85 46.66 -51.40
N ARG A 178 9.37 47.22 -50.30
CA ARG A 178 10.22 47.96 -49.37
C ARG A 178 11.39 47.10 -48.89
N LYS A 179 11.09 45.87 -48.48
CA LYS A 179 12.11 44.93 -47.99
C LYS A 179 13.09 44.51 -49.09
N MET A 180 12.65 44.62 -50.34
CA MET A 180 13.51 44.33 -51.49
C MET A 180 14.32 45.56 -51.90
N LYS A 181 14.35 46.56 -51.01
CA LYS A 181 15.09 47.82 -51.20
C LYS A 181 14.63 48.61 -52.44
N ARG A 182 13.36 48.46 -52.78
CA ARG A 182 12.77 49.19 -53.90
C ARG A 182 12.39 50.61 -53.46
N PRO A 183 12.34 51.56 -54.42
CA PRO A 183 12.02 52.95 -54.06
C PRO A 183 10.52 53.16 -53.75
N VAL A 184 10.09 52.70 -52.58
CA VAL A 184 8.74 52.97 -52.09
C VAL A 184 8.84 53.42 -50.63
N VAL A 185 8.81 54.73 -50.43
CA VAL A 185 9.00 55.32 -49.10
C VAL A 185 7.69 55.47 -48.34
N GLY A 186 6.59 55.13 -49.00
CA GLY A 186 5.27 55.25 -48.42
C GLY A 186 4.18 55.14 -49.45
N VAL A 187 2.93 55.11 -48.98
CA VAL A 187 1.77 55.04 -49.86
C VAL A 187 0.96 56.32 -49.73
N GLY A 188 0.58 56.88 -50.86
CA GLY A 188 -0.22 58.10 -50.89
C GLY A 188 -1.56 57.86 -51.56
N CYS A 189 -2.58 58.60 -51.12
CA CYS A 189 -3.89 58.55 -51.74
C CYS A 189 -4.69 59.81 -51.42
N ALA A 190 -5.80 59.98 -52.13
CA ALA A 190 -6.74 61.06 -51.86
C ALA A 190 -8.16 60.57 -52.06
N SER A 191 -8.76 60.06 -50.99
CA SER A 191 -10.14 59.55 -51.03
C SER A 191 -10.86 59.79 -49.71
N THR A 192 -12.19 59.94 -49.80
CA THR A 192 -13.02 60.32 -48.67
C THR A 192 -13.14 59.21 -47.60
N GLY A 193 -12.16 59.16 -46.70
CA GLY A 193 -12.22 58.30 -45.53
C GLY A 193 -12.06 56.80 -45.77
N ASP A 194 -13.06 56.20 -46.40
CA ASP A 194 -13.16 54.73 -46.56
C ASP A 194 -11.89 54.06 -47.08
N THR A 195 -11.32 54.62 -48.14
CA THR A 195 -10.08 54.11 -48.72
C THR A 195 -8.87 54.41 -47.84
N SER A 196 -8.77 55.63 -47.35
CA SER A 196 -7.63 56.06 -46.56
C SER A 196 -7.54 55.37 -45.20
N ALA A 197 -8.69 55.18 -44.55
CA ALA A 197 -8.76 54.51 -43.25
C ALA A 197 -8.17 53.10 -43.32
N ALA A 198 -8.63 52.33 -44.31
CA ALA A 198 -8.12 50.99 -44.57
C ALA A 198 -6.62 51.02 -44.84
N LEU A 199 -6.22 51.82 -45.83
CA LEU A 199 -4.81 51.97 -46.20
C LEU A 199 -3.93 52.34 -45.00
N SER A 200 -4.28 53.44 -44.32
CA SER A 200 -3.48 53.95 -43.21
C SER A 200 -3.31 52.94 -42.07
N ALA A 201 -4.40 52.25 -41.71
CA ALA A 201 -4.36 51.22 -40.66
C ALA A 201 -3.36 50.10 -40.96
N TYR A 202 -3.44 49.56 -42.18
CA TYR A 202 -2.54 48.48 -42.58
C TYR A 202 -1.09 48.95 -42.73
N CYS A 203 -0.92 50.13 -43.31
CA CYS A 203 0.40 50.77 -43.37
C CYS A 203 1.00 51.02 -41.99
N ALA A 204 0.19 51.51 -41.05
CA ALA A 204 0.68 51.80 -39.70
C ALA A 204 1.22 50.57 -38.97
N SER A 205 0.49 49.46 -39.06
CA SER A 205 0.90 48.20 -38.40
C SER A 205 2.24 47.68 -38.92
N ALA A 206 2.50 47.92 -40.20
CA ALA A 206 3.74 47.48 -40.85
C ALA A 206 4.85 48.54 -40.80
N GLY A 207 4.57 49.69 -40.19
CA GLY A 207 5.56 50.77 -40.11
C GLY A 207 5.82 51.43 -41.46
N ILE A 208 4.80 51.45 -42.31
CA ILE A 208 4.89 52.08 -43.61
C ILE A 208 4.24 53.46 -43.56
N PRO A 209 4.99 54.51 -43.92
CA PRO A 209 4.40 55.84 -43.92
C PRO A 209 3.21 55.91 -44.87
N SER A 210 2.15 56.59 -44.43
CA SER A 210 0.93 56.74 -45.19
C SER A 210 0.63 58.23 -45.33
N ILE A 211 0.40 58.67 -46.56
CA ILE A 211 0.21 60.09 -46.85
C ILE A 211 -1.19 60.33 -47.45
N VAL A 212 -1.97 61.18 -46.79
CA VAL A 212 -3.37 61.39 -47.16
C VAL A 212 -3.67 62.84 -47.52
N PHE A 213 -4.18 63.06 -48.73
CA PHE A 213 -4.56 64.38 -49.22
C PHE A 213 -6.08 64.54 -49.11
N LEU A 214 -6.52 65.54 -48.34
CA LEU A 214 -7.96 65.80 -48.17
C LEU A 214 -8.29 67.30 -48.18
N PRO A 215 -9.44 67.66 -48.79
CA PRO A 215 -9.91 69.05 -48.86
C PRO A 215 -10.16 69.67 -47.48
N ALA A 216 -9.88 70.96 -47.36
CA ALA A 216 -9.92 71.67 -46.07
C ALA A 216 -11.30 71.76 -45.42
N ASN A 217 -12.20 72.51 -46.04
CA ASN A 217 -13.54 72.74 -45.50
C ASN A 217 -14.50 71.56 -45.71
N LYS A 218 -14.34 70.88 -46.85
CA LYS A 218 -15.26 69.83 -47.31
C LYS A 218 -15.46 68.68 -46.31
N ILE A 219 -14.39 68.34 -45.60
CA ILE A 219 -14.48 67.49 -44.40
C ILE A 219 -13.59 68.04 -43.31
N SER A 220 -14.19 68.35 -42.16
CA SER A 220 -13.50 68.99 -41.04
C SER A 220 -12.46 68.06 -40.41
N MET A 221 -12.88 67.30 -39.38
CA MET A 221 -12.00 66.34 -38.71
C MET A 221 -12.75 65.07 -38.28
N ALA A 222 -14.07 65.08 -38.47
CA ALA A 222 -14.94 63.99 -38.03
C ALA A 222 -14.71 62.68 -38.77
N GLN A 223 -14.73 62.73 -40.10
CA GLN A 223 -14.72 61.53 -40.93
C GLN A 223 -13.33 61.09 -41.37
N LEU A 224 -12.33 61.91 -41.05
CA LEU A 224 -10.94 61.56 -41.33
C LEU A 224 -10.20 61.18 -40.04
N VAL A 225 -10.97 60.81 -39.03
CA VAL A 225 -10.47 60.46 -37.70
C VAL A 225 -9.53 59.25 -37.70
N GLN A 226 -9.88 58.23 -38.49
CA GLN A 226 -9.12 56.98 -38.53
C GLN A 226 -7.67 57.15 -39.05
N PRO A 227 -7.48 57.69 -40.27
CA PRO A 227 -6.11 57.94 -40.74
C PRO A 227 -5.30 58.83 -39.80
N ILE A 228 -5.92 59.92 -39.30
CA ILE A 228 -5.30 60.79 -38.30
C ILE A 228 -4.82 59.99 -37.09
N ALA A 229 -5.71 59.19 -36.50
CA ALA A 229 -5.37 58.38 -35.34
C ALA A 229 -4.32 57.31 -35.64
N ASN A 230 -4.32 56.81 -36.88
CA ASN A 230 -3.36 55.78 -37.30
C ASN A 230 -2.00 56.32 -37.74
N GLY A 231 -1.69 57.56 -37.37
CA GLY A 231 -0.37 58.13 -37.59
C GLY A 231 -0.02 58.40 -39.04
N ALA A 232 -1.04 58.64 -39.86
CA ALA A 232 -0.85 59.02 -41.25
C ALA A 232 -0.40 60.47 -41.32
N PHE A 233 0.34 60.80 -42.38
CA PHE A 233 0.73 62.17 -42.65
C PHE A 233 -0.38 62.82 -43.46
N VAL A 234 -1.21 63.61 -42.77
CA VAL A 234 -2.41 64.17 -43.38
C VAL A 234 -2.22 65.64 -43.78
N LEU A 235 -2.58 65.96 -45.02
CA LEU A 235 -2.54 67.32 -45.52
C LEU A 235 -3.94 67.86 -45.80
N SER A 236 -4.19 69.07 -45.31
CA SER A 236 -5.46 69.76 -45.51
C SER A 236 -5.29 70.80 -46.62
N ILE A 237 -5.82 70.48 -47.81
CA ILE A 237 -5.55 71.26 -49.02
C ILE A 237 -6.67 72.27 -49.34
N ASP A 238 -6.28 73.44 -49.84
CA ASP A 238 -7.20 74.49 -50.27
C ASP A 238 -7.83 74.24 -51.65
N THR A 239 -8.52 73.10 -51.78
CA THR A 239 -9.23 72.75 -53.02
C THR A 239 -10.37 71.79 -52.74
N ASP A 240 -11.10 71.41 -53.79
CA ASP A 240 -12.13 70.37 -53.70
C ASP A 240 -11.48 68.99 -53.70
N PHE A 241 -12.32 67.94 -53.77
CA PHE A 241 -11.84 66.56 -53.86
C PHE A 241 -11.02 66.35 -55.13
N ASP A 242 -11.44 67.01 -56.21
CA ASP A 242 -10.78 66.91 -57.50
C ASP A 242 -9.37 67.47 -57.48
N GLY A 243 -9.19 68.58 -56.78
CA GLY A 243 -7.88 69.24 -56.65
C GLY A 243 -6.87 68.44 -55.84
N CYS A 244 -7.36 67.63 -54.91
CA CYS A 244 -6.50 66.76 -54.12
C CYS A 244 -6.09 65.52 -54.91
N MET A 245 -7.01 65.05 -55.75
CA MET A 245 -6.74 63.93 -56.67
C MET A 245 -5.66 64.30 -57.68
N LYS A 246 -5.69 65.54 -58.15
CA LYS A 246 -4.71 66.04 -59.11
C LYS A 246 -3.33 66.19 -58.46
N LEU A 247 -3.31 66.66 -57.21
CA LEU A 247 -2.06 66.91 -56.50
C LEU A 247 -1.35 65.64 -56.04
N ILE A 248 -2.11 64.61 -55.67
CA ILE A 248 -1.54 63.33 -55.27
C ILE A 248 -0.88 62.62 -56.46
N ARG A 249 -1.37 62.90 -57.66
CA ARG A 249 -0.75 62.44 -58.90
C ARG A 249 0.61 63.11 -59.10
N GLU A 250 0.62 64.45 -59.03
CA GLU A 250 1.83 65.25 -59.18
C GLU A 250 2.95 64.81 -58.24
N ILE A 251 2.59 64.58 -56.98
CA ILE A 251 3.52 64.11 -55.96
C ILE A 251 4.14 62.76 -56.34
N THR A 252 3.27 61.80 -56.67
CA THR A 252 3.65 60.45 -57.04
C THR A 252 4.57 60.39 -58.26
N ALA A 253 4.43 61.39 -59.14
CA ALA A 253 5.23 61.46 -60.36
C ALA A 253 6.72 61.68 -60.09
N GLU A 254 7.03 62.40 -59.02
CA GLU A 254 8.42 62.70 -58.66
C GLU A 254 8.92 61.92 -57.45
N LEU A 255 8.04 61.74 -56.47
CA LEU A 255 8.42 61.07 -55.23
C LEU A 255 8.24 59.56 -55.31
N PRO A 256 9.15 58.79 -54.69
CA PRO A 256 9.04 57.34 -54.67
C PRO A 256 7.90 56.89 -53.74
N ILE A 257 6.70 57.41 -54.01
CA ILE A 257 5.51 57.08 -53.23
C ILE A 257 4.53 56.30 -54.12
N TYR A 258 4.15 55.13 -53.63
CA TYR A 258 3.18 54.28 -54.34
C TYR A 258 1.80 54.92 -54.27
N LEU A 259 1.06 54.84 -55.37
CA LEU A 259 -0.24 55.48 -55.46
C LEU A 259 -1.37 54.46 -55.24
N ALA A 260 -2.22 54.75 -54.26
CA ALA A 260 -3.37 53.91 -53.93
C ALA A 260 -4.64 54.51 -54.54
N ASN A 261 -5.17 53.84 -55.55
CA ASN A 261 -6.30 54.36 -56.34
C ASN A 261 -7.36 53.30 -56.62
N SER A 262 -8.44 53.72 -57.29
CA SER A 262 -9.44 52.81 -57.82
C SER A 262 -8.84 51.92 -58.91
N LEU A 263 -7.72 52.36 -59.47
CA LEU A 263 -7.04 51.68 -60.58
C LEU A 263 -6.46 50.33 -60.17
N ASN A 264 -5.86 50.29 -58.97
CA ASN A 264 -5.15 49.11 -58.48
C ASN A 264 -5.92 47.80 -58.56
N SER A 265 -5.40 46.89 -59.37
CA SER A 265 -5.98 45.55 -59.51
C SER A 265 -5.64 44.66 -58.32
N LEU A 266 -4.61 45.05 -57.57
CA LEU A 266 -4.23 44.36 -56.32
C LEU A 266 -5.35 44.39 -55.29
N ARG A 267 -5.96 45.56 -55.11
CA ARG A 267 -7.10 45.71 -54.20
C ARG A 267 -8.21 44.75 -54.59
N LEU A 268 -8.44 44.59 -55.89
CA LEU A 268 -9.47 43.71 -56.41
C LEU A 268 -9.21 42.23 -56.07
N GLU A 269 -7.94 41.84 -56.02
CA GLU A 269 -7.55 40.47 -55.67
C GLU A 269 -8.00 40.06 -54.27
N GLY A 270 -7.94 41.01 -53.34
CA GLY A 270 -8.40 40.77 -51.97
C GLY A 270 -9.91 40.81 -51.89
N GLN A 271 -10.51 41.72 -52.65
CA GLN A 271 -11.96 41.94 -52.60
C GLN A 271 -12.77 40.80 -53.21
N LYS A 272 -12.17 40.12 -54.20
CA LYS A 272 -12.79 38.98 -54.87
C LYS A 272 -12.99 37.77 -53.94
N THR A 273 -12.26 37.75 -52.83
CA THR A 273 -12.38 36.65 -51.86
C THR A 273 -13.71 36.68 -51.10
N ALA A 274 -14.36 37.84 -51.09
CA ALA A 274 -15.70 37.97 -50.51
C ALA A 274 -16.71 37.08 -51.25
N ALA A 275 -16.57 37.00 -52.57
CA ALA A 275 -17.40 36.16 -53.41
C ALA A 275 -17.13 34.67 -53.15
N ILE A 276 -15.86 34.32 -53.05
CA ILE A 276 -15.44 32.95 -52.72
C ILE A 276 -15.93 32.58 -51.32
N GLU A 277 -15.84 33.53 -50.40
CA GLU A 277 -16.30 33.35 -49.02
C GLU A 277 -17.80 33.07 -48.94
N ILE A 278 -18.60 33.87 -49.65
CA ILE A 278 -20.05 33.67 -49.75
C ILE A 278 -20.37 32.25 -50.22
N LEU A 279 -19.67 31.80 -51.26
CA LEU A 279 -19.81 30.44 -51.77
C LEU A 279 -19.49 29.42 -50.67
N GLN A 280 -18.35 29.62 -50.02
CA GLN A 280 -17.87 28.72 -48.98
C GLN A 280 -18.82 28.65 -47.78
N GLN A 281 -19.35 29.81 -47.41
CA GLN A 281 -20.30 29.91 -46.31
C GLN A 281 -21.62 29.21 -46.63
N PHE A 282 -21.93 29.09 -47.92
CA PHE A 282 -23.07 28.31 -48.38
C PHE A 282 -22.68 26.86 -48.71
N ASP A 283 -21.60 26.39 -48.10
CA ASP A 283 -21.10 25.02 -48.31
C ASP A 283 -20.92 24.67 -49.79
N TRP A 284 -20.33 25.62 -50.53
CA TRP A 284 -20.05 25.51 -51.97
C TRP A 284 -21.29 25.37 -52.84
N GLN A 285 -22.36 26.05 -52.43
CA GLN A 285 -23.58 26.16 -53.21
C GLN A 285 -23.71 27.60 -53.71
N VAL A 286 -24.11 27.74 -54.97
CA VAL A 286 -24.12 29.04 -55.63
C VAL A 286 -25.47 29.74 -55.46
N PRO A 287 -25.46 30.97 -54.90
CA PRO A 287 -26.68 31.76 -54.78
C PRO A 287 -27.21 32.23 -56.13
N ASP A 288 -28.51 32.53 -56.18
CA ASP A 288 -29.15 32.98 -57.41
C ASP A 288 -28.81 34.43 -57.75
N TRP A 289 -28.75 35.28 -56.72
CA TRP A 289 -28.51 36.72 -56.90
C TRP A 289 -27.54 37.29 -55.88
N VAL A 290 -26.67 38.18 -56.34
CA VAL A 290 -25.78 38.95 -55.47
C VAL A 290 -25.84 40.44 -55.86
N ILE A 291 -26.20 41.28 -54.90
CA ILE A 291 -26.38 42.72 -55.12
C ILE A 291 -25.28 43.53 -54.44
N VAL A 292 -24.54 44.31 -55.22
CA VAL A 292 -23.39 45.08 -54.73
C VAL A 292 -23.52 46.56 -55.09
N PRO A 293 -23.31 47.46 -54.10
CA PRO A 293 -23.23 48.91 -54.37
C PRO A 293 -22.04 49.25 -55.27
N GLY A 294 -22.29 50.02 -56.32
CA GLY A 294 -21.26 50.36 -57.30
C GLY A 294 -20.94 51.84 -57.39
N GLY A 295 -19.78 52.21 -56.86
CA GLY A 295 -19.25 53.57 -56.95
C GLY A 295 -18.31 53.71 -58.13
N ASN A 296 -17.03 53.42 -57.90
CA ASN A 296 -16.06 53.36 -59.00
C ASN A 296 -16.10 52.02 -59.74
N LEU A 297 -16.98 51.13 -59.25
CA LEU A 297 -17.36 49.89 -59.97
C LEU A 297 -16.35 48.74 -59.91
N GLY A 298 -15.31 48.89 -59.09
CA GLY A 298 -14.29 47.86 -58.95
C GLY A 298 -14.80 46.63 -58.20
N ASN A 299 -15.45 46.88 -57.07
CA ASN A 299 -15.95 45.83 -56.20
C ASN A 299 -16.87 44.85 -56.93
N ILE A 300 -17.83 45.38 -57.66
CA ILE A 300 -18.79 44.54 -58.38
C ILE A 300 -18.07 43.60 -59.37
N TYR A 301 -17.01 44.10 -60.00
CA TYR A 301 -16.19 43.30 -60.90
C TYR A 301 -15.40 42.25 -60.12
N ALA A 302 -14.84 42.65 -58.99
CA ALA A 302 -14.10 41.75 -58.11
C ALA A 302 -14.96 40.54 -57.71
N PHE A 303 -16.23 40.80 -57.39
CA PHE A 303 -17.17 39.74 -57.04
C PHE A 303 -17.33 38.74 -58.19
N TYR A 304 -17.55 39.25 -59.40
CA TYR A 304 -17.67 38.39 -60.57
C TYR A 304 -16.44 37.52 -60.78
N LYS A 305 -15.27 38.12 -60.61
CA LYS A 305 -14.01 37.42 -60.82
C LYS A 305 -13.82 36.29 -59.80
N GLY A 306 -14.26 36.53 -58.57
CA GLY A 306 -14.22 35.53 -57.51
C GLY A 306 -15.14 34.35 -57.82
N PHE A 307 -16.37 34.67 -58.21
CA PHE A 307 -17.35 33.64 -58.58
C PHE A 307 -16.91 32.87 -59.82
N LYS A 308 -16.39 33.59 -60.81
CA LYS A 308 -15.97 32.99 -62.08
C LYS A 308 -14.78 32.06 -61.90
N MET A 309 -13.84 32.44 -61.02
CA MET A 309 -12.64 31.65 -60.77
C MET A 309 -12.96 30.30 -60.13
N CYS A 310 -13.94 30.29 -59.22
CA CYS A 310 -14.39 29.06 -58.58
C CYS A 310 -15.05 28.09 -59.56
N GLN A 311 -15.84 28.63 -60.48
CA GLN A 311 -16.46 27.84 -61.55
C GLN A 311 -15.40 27.27 -62.49
N GLU A 312 -14.49 28.11 -62.94
CA GLU A 312 -13.47 27.75 -63.92
C GLU A 312 -12.48 26.68 -63.43
N LEU A 313 -12.29 26.61 -62.12
CA LEU A 313 -11.34 25.66 -61.54
C LEU A 313 -12.01 24.39 -60.99
N GLY A 314 -13.34 24.33 -61.10
CA GLY A 314 -14.09 23.11 -60.78
C GLY A 314 -14.56 22.99 -59.35
N LEU A 315 -14.56 24.11 -58.62
CA LEU A 315 -15.07 24.17 -57.26
C LEU A 315 -16.59 24.06 -57.32
N VAL A 316 -17.18 24.84 -58.22
CA VAL A 316 -18.61 24.84 -58.48
C VAL A 316 -18.85 24.74 -59.99
N ASP A 317 -20.09 24.49 -60.38
CA ASP A 317 -20.42 24.32 -61.79
C ASP A 317 -21.15 25.54 -62.40
N ARG A 318 -21.52 26.49 -61.55
CA ARG A 318 -22.23 27.69 -62.00
C ARG A 318 -21.83 28.95 -61.23
N ILE A 319 -22.20 30.11 -61.77
CA ILE A 319 -21.95 31.41 -61.13
C ILE A 319 -23.29 32.13 -60.86
N PRO A 320 -23.33 33.02 -59.85
CA PRO A 320 -24.55 33.78 -59.59
C PRO A 320 -24.78 34.88 -60.62
N ARG A 321 -26.03 35.29 -60.77
CA ARG A 321 -26.37 36.49 -61.52
C ARG A 321 -26.18 37.68 -60.60
N MET A 322 -25.60 38.75 -61.13
CA MET A 322 -25.19 39.88 -60.31
C MET A 322 -26.10 41.08 -60.53
N VAL A 323 -26.24 41.89 -59.49
CA VAL A 323 -26.95 43.16 -59.60
C VAL A 323 -26.07 44.27 -59.04
N CYS A 324 -25.88 45.33 -59.82
CA CYS A 324 -25.17 46.50 -59.36
C CYS A 324 -26.17 47.61 -59.05
N ALA A 325 -26.05 48.18 -57.86
CA ALA A 325 -26.99 49.21 -57.42
C ALA A 325 -26.29 50.55 -57.25
N GLN A 326 -26.90 51.60 -57.78
CA GLN A 326 -26.30 52.94 -57.74
C GLN A 326 -27.27 53.97 -57.18
N ALA A 327 -26.73 55.11 -56.73
CA ALA A 327 -27.55 56.22 -56.28
C ALA A 327 -28.02 57.01 -57.48
N ALA A 328 -29.28 57.44 -57.46
CA ALA A 328 -29.87 58.20 -58.56
C ALA A 328 -29.09 59.46 -58.90
N ASN A 329 -28.44 60.03 -57.90
CA ASN A 329 -27.60 61.22 -58.08
C ASN A 329 -26.23 60.94 -58.69
N ALA A 330 -25.93 59.66 -58.91
CA ALA A 330 -24.68 59.24 -59.56
C ALA A 330 -24.88 57.91 -60.29
N ASN A 331 -25.64 57.97 -61.38
CA ASN A 331 -26.06 56.76 -62.11
C ASN A 331 -25.56 56.63 -63.55
N PRO A 332 -24.23 56.59 -63.76
CA PRO A 332 -23.78 56.44 -65.14
C PRO A 332 -23.98 55.01 -65.67
N LEU A 333 -23.70 54.00 -64.84
CA LEU A 333 -23.88 52.61 -65.20
C LEU A 333 -25.36 52.25 -65.43
N TYR A 334 -26.24 52.78 -64.58
CA TYR A 334 -27.69 52.57 -64.72
C TYR A 334 -28.21 53.06 -66.07
N LEU A 335 -27.80 54.27 -66.47
CA LEU A 335 -28.19 54.84 -67.76
C LEU A 335 -27.62 54.04 -68.93
N HIS A 336 -26.43 53.46 -68.72
CA HIS A 336 -25.75 52.67 -69.74
C HIS A 336 -26.38 51.30 -69.95
N TYR A 337 -26.85 50.68 -68.85
CA TYR A 337 -27.48 49.36 -68.91
C TYR A 337 -28.83 49.37 -69.62
N LYS A 338 -29.71 50.29 -69.25
CA LYS A 338 -31.07 50.36 -69.82
C LYS A 338 -31.11 50.96 -71.23
N SER A 339 -29.94 51.41 -71.70
CA SER A 339 -29.78 51.83 -73.10
C SER A 339 -29.25 50.66 -73.93
N GLY A 340 -29.20 49.47 -73.34
CA GLY A 340 -28.78 48.25 -74.03
C GLY A 340 -27.27 48.13 -74.20
N TRP A 341 -26.53 48.47 -73.13
CA TRP A 341 -25.06 48.46 -73.11
C TRP A 341 -24.40 49.29 -74.21
N LYS A 342 -25.11 50.31 -74.69
CA LYS A 342 -24.57 51.24 -75.68
C LYS A 342 -24.66 52.67 -75.17
N ASP A 343 -23.65 53.48 -75.49
CA ASP A 343 -23.57 54.89 -75.08
C ASP A 343 -23.44 55.07 -73.56
N PHE A 344 -22.20 55.10 -73.09
CA PHE A 344 -21.90 55.41 -71.69
C PHE A 344 -21.31 56.82 -71.59
N LYS A 345 -21.83 57.61 -70.66
CA LYS A 345 -21.44 59.00 -70.53
C LYS A 345 -21.10 59.37 -69.09
N PRO A 346 -19.89 59.95 -68.88
CA PRO A 346 -19.46 60.42 -67.58
C PRO A 346 -20.34 61.57 -67.07
N MET A 347 -21.41 61.22 -66.36
CA MET A 347 -22.38 62.19 -65.86
C MET A 347 -21.84 63.00 -64.67
N THR A 348 -22.54 64.08 -64.33
CA THR A 348 -22.19 64.89 -63.17
C THR A 348 -22.95 64.40 -61.95
N ALA A 349 -22.21 63.96 -60.94
CA ALA A 349 -22.78 63.44 -59.71
C ALA A 349 -23.19 64.55 -58.75
N SER A 350 -24.31 64.34 -58.07
CA SER A 350 -24.82 65.28 -57.07
C SER A 350 -24.79 64.67 -55.66
N THR A 351 -24.85 65.54 -54.65
CA THR A 351 -24.75 65.13 -53.23
C THR A 351 -25.66 63.97 -52.83
N THR A 352 -25.06 62.94 -52.22
CA THR A 352 -25.78 61.77 -51.73
C THR A 352 -25.38 61.51 -50.27
N PHE A 353 -26.28 60.90 -49.51
CA PHE A 353 -25.94 60.39 -48.18
C PHE A 353 -25.00 59.19 -48.30
N ALA A 354 -25.12 58.47 -49.40
CA ALA A 354 -24.18 57.39 -49.74
C ALA A 354 -22.91 57.97 -50.37
N SER A 355 -22.10 58.61 -49.54
CA SER A 355 -20.92 59.37 -49.96
C SER A 355 -19.98 58.63 -50.92
N ALA A 356 -19.53 57.45 -50.52
CA ALA A 356 -18.53 56.68 -51.26
C ALA A 356 -19.03 56.14 -52.61
N ILE A 357 -20.34 56.21 -52.84
CA ILE A 357 -20.92 55.69 -54.08
C ILE A 357 -21.19 56.78 -55.13
N GLN A 358 -21.11 58.05 -54.73
CA GLN A 358 -21.37 59.15 -55.66
C GLN A 358 -20.18 59.47 -56.57
N ILE A 359 -20.07 58.69 -57.64
CA ILE A 359 -18.99 58.81 -58.61
C ILE A 359 -19.58 59.11 -60.00
N GLY A 360 -19.16 60.24 -60.58
CA GLY A 360 -19.61 60.66 -61.89
C GLY A 360 -18.95 59.89 -63.02
N ASP A 361 -17.62 59.83 -62.99
CA ASP A 361 -16.85 59.08 -63.98
C ASP A 361 -16.15 57.90 -63.30
N PRO A 362 -16.80 56.72 -63.30
CA PRO A 362 -16.26 55.53 -62.65
C PRO A 362 -15.02 54.99 -63.37
N VAL A 363 -13.99 54.68 -62.59
CA VAL A 363 -12.70 54.23 -63.11
C VAL A 363 -12.79 52.84 -63.75
N SER A 364 -13.45 51.90 -63.06
CA SER A 364 -13.54 50.51 -63.51
C SER A 364 -14.77 50.22 -64.39
N ILE A 365 -15.23 51.22 -65.14
CA ILE A 365 -16.45 51.08 -65.94
C ILE A 365 -16.43 49.90 -66.91
N ASP A 366 -15.37 49.79 -67.71
CA ASP A 366 -15.25 48.71 -68.69
C ASP A 366 -15.20 47.33 -68.05
N ARG A 367 -14.62 47.24 -66.86
CA ARG A 367 -14.58 46.02 -66.07
C ARG A 367 -16.00 45.57 -65.69
N ALA A 368 -16.76 46.50 -65.13
CA ALA A 368 -18.11 46.22 -64.65
C ALA A 368 -19.03 45.78 -65.78
N VAL A 369 -19.04 46.54 -66.86
CA VAL A 369 -19.84 46.23 -68.05
C VAL A 369 -19.54 44.83 -68.56
N TYR A 370 -18.26 44.49 -68.65
CA TYR A 370 -17.82 43.14 -69.03
C TYR A 370 -18.37 42.08 -68.08
N ALA A 371 -18.26 42.34 -66.78
CA ALA A 371 -18.68 41.40 -65.74
C ALA A 371 -20.20 41.18 -65.77
N LEU A 372 -20.94 42.28 -65.94
CA LEU A 372 -22.40 42.24 -65.96
C LEU A 372 -22.96 41.54 -67.20
N LYS A 373 -22.26 41.65 -68.32
CA LYS A 373 -22.66 40.97 -69.56
C LYS A 373 -22.48 39.46 -69.45
N LYS A 374 -21.34 39.04 -68.91
CA LYS A 374 -20.97 37.62 -68.85
C LYS A 374 -21.82 36.81 -67.87
N CYS A 375 -22.13 37.40 -66.72
CA CYS A 375 -22.95 36.72 -65.71
C CYS A 375 -24.45 36.96 -65.93
N ASN A 376 -24.78 37.68 -67.00
CA ASN A 376 -26.16 38.05 -67.32
C ASN A 376 -26.78 38.88 -66.19
N GLY A 377 -26.17 40.03 -65.93
CA GLY A 377 -26.50 40.87 -64.78
C GLY A 377 -27.46 42.02 -65.05
N ILE A 378 -27.77 42.76 -63.99
CA ILE A 378 -28.75 43.84 -64.02
C ILE A 378 -28.24 45.03 -63.18
N VAL A 379 -28.61 46.25 -63.59
CA VAL A 379 -28.28 47.45 -62.84
C VAL A 379 -29.55 48.24 -62.50
N GLU A 380 -29.65 48.68 -61.25
CA GLU A 380 -30.79 49.47 -60.80
C GLU A 380 -30.34 50.66 -59.95
N GLU A 381 -31.10 51.74 -59.97
CA GLU A 381 -30.77 52.94 -59.20
C GLU A 381 -31.65 53.13 -57.97
N ALA A 382 -31.24 54.07 -57.11
CA ALA A 382 -31.95 54.35 -55.86
C ALA A 382 -31.92 55.84 -55.54
N THR A 383 -33.08 56.40 -55.20
CA THR A 383 -33.19 57.82 -54.88
C THR A 383 -32.73 58.09 -53.44
N GLU A 384 -32.58 59.37 -53.12
CA GLU A 384 -32.18 59.82 -51.78
C GLU A 384 -33.17 59.35 -50.71
N GLU A 385 -34.45 59.34 -51.03
CA GLU A 385 -35.49 58.87 -50.12
C GLU A 385 -35.50 57.35 -50.03
N GLU A 386 -35.37 56.69 -51.17
CA GLU A 386 -35.46 55.23 -51.27
C GLU A 386 -34.32 54.50 -50.55
N LEU A 387 -33.12 55.06 -50.62
CA LEU A 387 -31.97 54.47 -49.96
C LEU A 387 -32.01 54.65 -48.43
N MET A 388 -32.59 55.76 -47.99
CA MET A 388 -32.71 56.06 -46.57
C MET A 388 -33.82 55.23 -45.91
N ASP A 389 -34.92 55.04 -46.64
CA ASP A 389 -36.05 54.24 -46.17
C ASP A 389 -35.69 52.77 -46.02
N ALA A 390 -35.08 52.21 -47.06
CA ALA A 390 -34.66 50.81 -47.07
C ALA A 390 -33.63 50.52 -45.99
N MET A 391 -32.83 51.54 -45.67
CA MET A 391 -31.85 51.48 -44.58
C MET A 391 -32.56 51.39 -43.23
N ALA A 392 -33.59 52.22 -43.04
CA ALA A 392 -34.37 52.23 -41.81
C ALA A 392 -35.08 50.90 -41.56
N GLN A 393 -35.67 50.36 -42.63
CA GLN A 393 -36.37 49.07 -42.59
C GLN A 393 -35.44 47.91 -42.25
N ALA A 394 -34.21 47.97 -42.76
CA ALA A 394 -33.20 46.96 -42.48
C ALA A 394 -32.77 47.01 -41.02
N ASP A 395 -32.49 48.22 -40.54
CA ASP A 395 -32.08 48.45 -39.15
C ASP A 395 -33.12 47.90 -38.16
N SER A 396 -34.40 48.03 -38.51
CA SER A 396 -35.51 47.55 -37.67
C SER A 396 -35.51 46.04 -37.50
N THR A 397 -34.82 45.35 -38.41
CA THR A 397 -34.68 43.90 -38.37
C THR A 397 -33.45 43.49 -37.53
N GLY A 398 -32.80 44.48 -36.92
CA GLY A 398 -31.61 44.22 -36.10
C GLY A 398 -30.33 44.28 -36.90
N MET A 399 -30.19 45.34 -37.68
CA MET A 399 -28.96 45.61 -38.42
C MET A 399 -28.51 47.04 -38.19
N PHE A 400 -27.28 47.34 -38.61
CA PHE A 400 -26.77 48.69 -38.56
C PHE A 400 -25.86 48.87 -39.77
N ILE A 401 -26.50 49.13 -40.91
CA ILE A 401 -25.84 49.13 -42.21
C ILE A 401 -25.78 50.53 -42.83
N CYS A 402 -24.86 50.70 -43.78
CA CYS A 402 -24.57 52.01 -44.37
C CYS A 402 -25.60 52.40 -45.45
N PRO A 403 -25.67 53.70 -45.80
CA PRO A 403 -26.55 54.18 -46.87
C PRO A 403 -26.32 53.47 -48.21
N HIS A 404 -25.08 53.06 -48.47
CA HIS A 404 -24.74 52.33 -49.69
C HIS A 404 -25.45 50.99 -49.73
N THR A 405 -25.62 50.36 -48.57
CA THR A 405 -26.38 49.12 -48.43
C THR A 405 -27.87 49.39 -48.65
N GLY A 406 -28.34 50.55 -48.21
CA GLY A 406 -29.71 50.99 -48.47
C GLY A 406 -29.99 51.03 -49.95
N VAL A 407 -29.02 51.53 -50.72
CA VAL A 407 -29.08 51.58 -52.19
C VAL A 407 -29.26 50.17 -52.76
N ALA A 408 -28.48 49.23 -52.23
CA ALA A 408 -28.53 47.82 -52.65
C ALA A 408 -29.87 47.16 -52.34
N LEU A 409 -30.42 47.48 -51.17
CA LEU A 409 -31.71 46.92 -50.73
C LEU A 409 -32.88 47.51 -51.54
N THR A 410 -32.72 48.77 -51.94
CA THR A 410 -33.70 49.44 -52.82
C THR A 410 -33.79 48.71 -54.16
N ALA A 411 -32.64 48.31 -54.69
CA ALA A 411 -32.57 47.54 -55.94
C ALA A 411 -33.32 46.21 -55.78
N LEU A 412 -33.12 45.56 -54.64
CA LEU A 412 -33.82 44.31 -54.33
C LEU A 412 -35.33 44.53 -54.19
N PHE A 413 -35.72 45.64 -53.55
CA PHE A 413 -37.13 46.05 -53.47
C PHE A 413 -37.77 46.17 -54.84
N LYS A 414 -37.08 46.86 -55.76
CA LYS A 414 -37.59 47.14 -57.09
C LYS A 414 -37.62 45.90 -58.00
N LEU A 415 -36.63 45.03 -57.86
CA LEU A 415 -36.56 43.81 -58.68
C LEU A 415 -37.60 42.77 -58.26
N ARG A 416 -38.03 42.84 -57.00
CA ARG A 416 -39.17 42.07 -56.52
C ARG A 416 -40.47 42.58 -57.15
N ASN A 417 -40.62 43.91 -57.18
CA ASN A 417 -41.75 44.56 -57.84
C ASN A 417 -41.90 44.17 -59.31
N GLN A 418 -40.76 44.09 -59.99
CA GLN A 418 -40.72 43.74 -61.42
C GLN A 418 -40.79 42.22 -61.64
N GLY A 419 -40.71 41.46 -60.56
CA GLY A 419 -40.80 40.00 -60.61
C GLY A 419 -39.53 39.30 -61.08
N VAL A 420 -38.44 40.05 -61.16
CA VAL A 420 -37.16 39.52 -61.64
C VAL A 420 -36.49 38.63 -60.59
N ILE A 421 -36.54 39.06 -59.34
CA ILE A 421 -36.10 38.21 -58.23
C ILE A 421 -37.32 37.53 -57.60
N ALA A 422 -37.30 36.20 -57.62
CA ALA A 422 -38.38 35.39 -57.05
C ALA A 422 -38.32 35.40 -55.52
N PRO A 423 -39.50 35.27 -54.86
CA PRO A 423 -39.55 35.21 -53.39
C PRO A 423 -38.75 34.06 -52.79
N THR A 424 -38.50 33.02 -53.57
CA THR A 424 -37.81 31.82 -53.09
C THR A 424 -36.29 31.81 -53.38
N ASP A 425 -35.84 32.72 -54.23
CA ASP A 425 -34.45 32.73 -54.71
C ASP A 425 -33.42 33.11 -53.66
N ARG A 426 -32.33 32.35 -53.62
CA ARG A 426 -31.21 32.60 -52.71
C ARG A 426 -30.50 33.90 -53.10
N THR A 427 -30.67 34.92 -52.27
CA THR A 427 -30.22 36.27 -52.59
C THR A 427 -29.28 36.81 -51.53
N VAL A 428 -28.14 37.33 -51.96
CA VAL A 428 -27.14 37.90 -51.06
C VAL A 428 -26.96 39.38 -51.35
N VAL A 429 -27.18 40.21 -50.34
CA VAL A 429 -26.93 41.64 -50.45
C VAL A 429 -25.62 41.96 -49.73
N VAL A 430 -24.74 42.68 -50.41
CA VAL A 430 -23.43 43.03 -49.84
C VAL A 430 -23.48 44.39 -49.14
N SER A 431 -23.32 44.37 -47.82
CA SER A 431 -23.21 45.59 -47.04
C SER A 431 -21.76 46.01 -46.98
N THR A 432 -21.47 47.14 -47.59
CA THR A 432 -20.10 47.61 -47.79
C THR A 432 -19.45 48.26 -46.56
N ALA A 433 -20.28 48.82 -45.68
CA ALA A 433 -19.77 49.51 -44.49
C ALA A 433 -20.71 49.40 -43.30
N HIS A 434 -20.11 49.39 -42.11
CA HIS A 434 -20.86 49.43 -40.87
C HIS A 434 -21.54 50.79 -40.74
N GLY A 435 -22.72 50.79 -40.12
CA GLY A 435 -23.46 52.03 -39.88
C GLY A 435 -22.74 52.99 -38.95
N LEU A 436 -21.86 52.45 -38.11
CA LEU A 436 -21.07 53.24 -37.16
C LEU A 436 -20.18 54.31 -37.82
N LYS A 437 -19.94 54.13 -39.12
CA LYS A 437 -19.15 55.08 -39.90
C LYS A 437 -20.03 56.13 -40.58
N PHE A 438 -21.34 55.93 -40.51
CA PHE A 438 -22.30 56.84 -41.13
C PHE A 438 -23.46 57.11 -40.17
N THR A 439 -23.13 57.59 -38.98
CA THR A 439 -24.11 57.83 -37.93
C THR A 439 -24.95 59.08 -38.18
N GLN A 440 -24.32 60.12 -38.75
CA GLN A 440 -24.99 61.39 -38.98
C GLN A 440 -26.24 61.29 -39.86
N SER A 441 -26.17 60.46 -40.89
CA SER A 441 -27.31 60.21 -41.78
C SER A 441 -28.46 59.49 -41.06
N LYS A 442 -28.12 58.75 -40.01
CA LYS A 442 -29.12 58.06 -39.18
C LYS A 442 -29.71 58.98 -38.12
N ILE A 443 -28.86 59.82 -37.52
CA ILE A 443 -29.27 60.78 -36.50
C ILE A 443 -30.26 61.80 -37.09
N ASP A 444 -29.95 62.30 -38.29
CA ASP A 444 -30.80 63.26 -38.98
C ASP A 444 -32.14 62.68 -39.40
N TYR A 445 -32.13 61.40 -39.81
CA TYR A 445 -33.32 60.71 -40.29
C TYR A 445 -34.36 60.49 -39.19
N HIS A 446 -33.90 60.00 -38.05
CA HIS A 446 -34.78 59.71 -36.92
C HIS A 446 -35.15 60.97 -36.14
N SER A 447 -34.38 62.03 -36.32
CA SER A 447 -34.67 63.34 -35.74
C SER A 447 -35.63 64.15 -36.63
N ASN A 448 -36.00 63.56 -37.78
CA ASN A 448 -36.80 64.24 -38.81
C ASN A 448 -36.21 65.59 -39.20
N ALA A 449 -34.90 65.60 -39.46
CA ALA A 449 -34.14 66.82 -39.68
C ALA A 449 -33.49 66.91 -41.06
N ILE A 450 -34.02 66.13 -42.01
CA ILE A 450 -33.57 66.22 -43.41
C ILE A 450 -34.64 66.93 -44.24
N PRO A 451 -34.27 68.07 -44.85
CA PRO A 451 -35.21 68.85 -45.67
C PRO A 451 -35.69 68.07 -46.90
N ASP A 452 -36.97 68.23 -47.23
CA ASP A 452 -37.61 67.59 -48.40
C ASP A 452 -37.64 66.06 -48.34
N MET A 453 -37.25 65.50 -47.20
CA MET A 453 -37.25 64.05 -46.97
C MET A 453 -38.45 63.67 -46.13
N ALA A 454 -39.15 62.61 -46.53
CA ALA A 454 -40.38 62.17 -45.86
C ALA A 454 -40.14 61.54 -44.50
N CYS A 455 -39.03 60.81 -44.37
CA CYS A 455 -38.66 60.10 -43.13
C CYS A 455 -39.81 59.28 -42.55
N ARG A 456 -40.35 58.39 -43.38
CA ARG A 456 -41.55 57.61 -43.04
C ARG A 456 -41.33 56.53 -41.97
N PHE A 457 -40.09 56.05 -41.84
CA PHE A 457 -39.79 54.98 -40.88
C PHE A 457 -38.94 55.45 -39.69
N SER A 458 -39.00 56.75 -39.40
CA SER A 458 -38.26 57.33 -38.27
C SER A 458 -38.79 56.80 -36.94
N ASN A 459 -37.87 56.56 -36.00
CA ASN A 459 -38.20 56.01 -34.69
C ASN A 459 -37.66 56.88 -33.55
N PRO A 460 -38.27 58.08 -33.36
CA PRO A 460 -37.77 58.99 -32.33
C PRO A 460 -38.21 58.55 -30.92
N PRO A 461 -37.46 58.96 -29.88
CA PRO A 461 -37.87 58.71 -28.50
C PRO A 461 -39.17 59.44 -28.16
N VAL A 462 -39.96 58.83 -27.28
CA VAL A 462 -41.25 59.37 -26.87
C VAL A 462 -41.12 60.08 -25.52
N ASP A 463 -41.74 61.25 -25.41
CA ASP A 463 -41.75 62.02 -24.16
C ASP A 463 -42.94 61.64 -23.28
N VAL A 464 -42.67 61.49 -21.97
CA VAL A 464 -43.70 61.22 -20.97
C VAL A 464 -43.21 61.65 -19.59
N LYS A 465 -44.09 62.28 -18.80
CA LYS A 465 -43.75 62.67 -17.43
C LYS A 465 -43.75 61.45 -16.49
N ALA A 466 -43.09 61.58 -15.34
CA ALA A 466 -42.94 60.48 -14.38
C ALA A 466 -44.26 60.13 -13.69
N ASP A 467 -45.07 59.33 -14.38
CA ASP A 467 -46.39 58.93 -13.91
C ASP A 467 -46.66 57.48 -14.29
N PHE A 468 -46.96 56.66 -13.29
CA PHE A 468 -47.17 55.22 -13.47
C PHE A 468 -48.24 54.88 -14.52
N GLY A 469 -49.36 55.59 -14.50
CA GLY A 469 -50.46 55.35 -15.41
C GLY A 469 -50.17 55.73 -16.85
N ALA A 470 -49.50 56.87 -17.04
CA ALA A 470 -49.15 57.38 -18.36
C ALA A 470 -48.09 56.52 -19.04
N VAL A 471 -47.13 56.02 -18.26
CA VAL A 471 -46.06 55.17 -18.76
C VAL A 471 -46.59 53.78 -19.15
N MET A 472 -47.47 53.23 -18.30
CA MET A 472 -48.09 51.93 -18.56
C MET A 472 -48.93 51.93 -19.83
N ASP A 473 -49.69 53.00 -20.03
CA ASP A 473 -50.62 53.10 -21.16
C ASP A 473 -49.91 53.19 -22.51
N VAL A 474 -48.80 53.93 -22.56
CA VAL A 474 -48.02 54.04 -23.81
C VAL A 474 -47.22 52.77 -24.10
N LEU A 475 -46.95 51.99 -23.06
CA LEU A 475 -46.29 50.69 -23.20
C LEU A 475 -47.26 49.59 -23.62
N LYS A 476 -48.48 49.65 -23.08
CA LYS A 476 -49.54 48.69 -23.43
C LYS A 476 -50.03 48.91 -24.86
N SER A 477 -49.96 50.16 -25.33
CA SER A 477 -50.29 50.51 -26.71
C SER A 477 -49.24 49.97 -27.68
N TYR A 478 -48.00 49.90 -27.21
CA TYR A 478 -46.89 49.31 -27.97
C TYR A 478 -46.87 47.79 -27.83
N LEU A 479 -47.41 47.29 -26.73
CA LEU A 479 -47.51 45.85 -26.46
C LEU A 479 -48.32 45.11 -27.53
N GLY A 480 -49.33 45.62 -28.04
N ALA B 35 -35.23 14.99 -24.77
CA ALA B 35 -33.94 15.67 -24.42
C ALA B 35 -32.98 14.72 -23.70
N VAL B 36 -32.30 13.88 -24.48
CA VAL B 36 -31.26 12.97 -23.96
C VAL B 36 -29.97 13.74 -23.66
N ASN B 37 -30.13 14.90 -23.02
CA ASN B 37 -29.04 15.83 -22.75
C ASN B 37 -28.48 15.63 -21.35
N PRO B 38 -27.20 15.22 -21.24
CA PRO B 38 -26.57 15.03 -19.93
C PRO B 38 -26.21 16.34 -19.22
N PHE B 39 -26.03 17.42 -19.99
CA PHE B 39 -25.55 18.68 -19.45
C PHE B 39 -26.70 19.60 -19.02
N SER B 40 -26.48 20.35 -17.94
CA SER B 40 -27.49 21.27 -17.39
C SER B 40 -26.87 22.39 -16.57
N ALA B 41 -27.63 23.47 -16.38
CA ALA B 41 -27.18 24.63 -15.61
C ALA B 41 -28.34 25.27 -14.84
N LYS B 42 -28.02 25.96 -13.75
CA LYS B 42 -29.02 26.64 -12.94
C LYS B 42 -28.47 27.90 -12.26
N TYR B 43 -29.38 28.78 -11.85
CA TYR B 43 -29.01 29.95 -11.06
C TYR B 43 -28.71 29.52 -9.62
N VAL B 44 -27.59 30.01 -9.09
CA VAL B 44 -27.11 29.67 -7.76
C VAL B 44 -26.50 30.94 -7.14
N PRO B 45 -26.70 31.18 -5.83
CA PRO B 45 -26.07 32.32 -5.17
C PRO B 45 -24.55 32.32 -5.32
N PHE B 46 -23.96 33.49 -5.45
CA PHE B 46 -22.50 33.61 -5.46
C PHE B 46 -21.96 33.46 -4.03
N ASN B 47 -21.76 32.20 -3.63
CA ASN B 47 -21.24 31.78 -2.29
C ASN B 47 -22.24 31.04 -1.39
N ALA B 48 -22.40 31.52 -0.16
CA ALA B 48 -23.27 30.92 0.87
C ALA B 48 -22.82 29.53 1.33
N ALA B 49 -21.56 29.45 1.74
CA ALA B 49 -20.90 28.20 2.15
C ALA B 49 -21.70 27.29 3.10
N PRO B 50 -22.24 27.83 4.22
CA PRO B 50 -22.93 26.98 5.19
C PRO B 50 -24.19 26.26 4.68
N GLY B 51 -23.99 25.23 3.87
CA GLY B 51 -25.06 24.31 3.46
C GLY B 51 -26.27 24.92 2.77
N SER B 52 -26.03 25.86 1.86
CA SER B 52 -27.09 26.47 1.07
C SER B 52 -27.62 25.50 0.02
N THR B 53 -28.94 25.49 -0.16
CA THR B 53 -29.58 24.70 -1.20
C THR B 53 -30.41 25.59 -2.13
N GLU B 54 -30.18 26.90 -2.04
CA GLU B 54 -30.87 27.88 -2.86
C GLU B 54 -30.44 27.77 -4.32
N SER B 55 -31.42 27.63 -5.22
CA SER B 55 -31.16 27.60 -6.66
C SER B 55 -32.43 27.87 -7.46
N TYR B 56 -32.26 28.41 -8.66
CA TYR B 56 -33.40 28.73 -9.53
C TYR B 56 -33.17 28.20 -10.93
N SER B 57 -34.25 27.74 -11.55
CA SER B 57 -34.24 27.32 -12.95
C SER B 57 -33.93 28.51 -13.85
N LEU B 58 -33.18 28.27 -14.93
CA LEU B 58 -32.86 29.32 -15.89
C LEU B 58 -34.10 29.83 -16.63
N ASP B 59 -35.22 29.11 -16.46
CA ASP B 59 -36.49 29.49 -17.07
C ASP B 59 -37.28 30.48 -16.19
N GLU B 60 -36.82 30.66 -14.96
CA GLU B 60 -37.44 31.63 -14.04
C GLU B 60 -36.82 33.01 -14.22
N ILE B 61 -37.66 34.03 -14.07
CA ILE B 61 -37.19 35.42 -14.03
C ILE B 61 -36.76 35.73 -12.60
N VAL B 62 -35.44 35.82 -12.40
CA VAL B 62 -34.85 36.15 -11.10
C VAL B 62 -33.62 37.01 -11.29
N TYR B 63 -33.44 37.98 -10.40
CA TYR B 63 -32.34 38.95 -10.54
C TYR B 63 -31.34 38.89 -9.39
N ARG B 64 -31.79 38.41 -8.24
CA ARG B 64 -30.95 38.33 -7.05
C ARG B 64 -31.35 37.15 -6.16
N SER B 65 -30.54 36.88 -5.14
CA SER B 65 -30.81 35.79 -4.19
C SER B 65 -31.84 36.21 -3.14
N ARG B 66 -32.17 35.28 -2.23
CA ARG B 66 -33.05 35.57 -1.09
C ARG B 66 -32.48 36.69 -0.22
N SER B 67 -31.17 36.68 -0.02
CA SER B 67 -30.48 37.68 0.79
C SER B 67 -30.12 38.93 -0.03
N GLY B 68 -30.48 38.93 -1.31
CA GLY B 68 -30.23 40.08 -2.18
C GLY B 68 -28.89 40.07 -2.88
N GLY B 69 -28.05 39.08 -2.57
CA GLY B 69 -26.73 38.94 -3.20
C GLY B 69 -26.80 38.59 -4.66
N LEU B 70 -25.64 38.51 -5.31
CA LEU B 70 -25.58 38.24 -6.74
C LEU B 70 -25.87 36.78 -7.09
N LEU B 71 -26.56 36.58 -8.21
CA LEU B 71 -26.80 35.25 -8.76
C LEU B 71 -25.64 34.83 -9.65
N ASP B 72 -25.54 33.52 -9.90
CA ASP B 72 -24.45 32.95 -10.66
C ASP B 72 -24.94 31.72 -11.39
N VAL B 73 -24.61 31.61 -12.68
CA VAL B 73 -24.98 30.44 -13.46
C VAL B 73 -24.00 29.32 -13.16
N GLU B 74 -24.51 28.26 -12.52
CA GLU B 74 -23.69 27.11 -12.17
C GLU B 74 -24.00 25.91 -13.06
N HIS B 75 -22.97 25.38 -13.70
CA HIS B 75 -23.11 24.24 -14.59
C HIS B 75 -22.85 22.93 -13.85
N ASP B 76 -23.48 21.87 -14.35
CA ASP B 76 -23.26 20.53 -13.85
C ASP B 76 -21.86 20.08 -14.31
N MET B 77 -20.88 20.38 -13.47
CA MET B 77 -19.47 20.08 -13.78
C MET B 77 -19.19 18.58 -13.80
N GLU B 78 -19.97 17.82 -13.02
CA GLU B 78 -19.80 16.36 -12.93
C GLU B 78 -20.21 15.66 -14.23
N ALA B 79 -21.23 16.20 -14.90
CA ALA B 79 -21.66 15.70 -16.20
C ALA B 79 -20.65 16.07 -17.29
N LEU B 80 -20.03 17.25 -17.14
CA LEU B 80 -19.02 17.72 -18.09
C LEU B 80 -17.68 17.00 -17.90
N LYS B 81 -17.30 16.76 -16.65
CA LYS B 81 -16.07 16.04 -16.32
C LYS B 81 -16.04 14.60 -16.86
N ARG B 82 -17.18 14.12 -17.35
CA ARG B 82 -17.27 12.78 -17.93
C ARG B 82 -16.55 12.68 -19.27
N PHE B 83 -16.21 13.84 -19.85
CA PHE B 83 -15.48 13.91 -21.11
C PHE B 83 -14.14 14.58 -20.86
N ASP B 84 -13.05 13.92 -21.25
CA ASP B 84 -11.70 14.40 -20.92
C ASP B 84 -11.32 15.73 -21.60
N GLY B 85 -10.20 16.31 -21.16
CA GLY B 85 -9.72 17.57 -21.70
C GLY B 85 -9.57 17.58 -23.22
N ALA B 86 -9.08 16.47 -23.77
CA ALA B 86 -8.89 16.32 -25.20
C ALA B 86 -10.20 16.36 -25.99
N TYR B 87 -11.25 15.77 -25.43
CA TYR B 87 -12.55 15.74 -26.08
C TYR B 87 -13.07 17.14 -26.39
N TRP B 88 -13.13 17.98 -25.36
CA TRP B 88 -13.63 19.35 -25.51
C TRP B 88 -12.78 20.19 -26.45
N ARG B 89 -11.45 20.06 -26.35
CA ARG B 89 -10.53 20.77 -27.25
C ARG B 89 -10.87 20.47 -28.70
N ASP B 90 -10.92 19.18 -29.03
CA ASP B 90 -11.19 18.73 -30.41
C ASP B 90 -12.60 19.08 -30.87
N LEU B 91 -13.57 19.00 -29.96
CA LEU B 91 -14.94 19.36 -30.29
C LEU B 91 -15.04 20.86 -30.62
N PHE B 92 -14.49 21.69 -29.76
CA PHE B 92 -14.54 23.14 -29.94
C PHE B 92 -13.73 23.60 -31.15
N ASP B 93 -12.62 22.90 -31.43
CA ASP B 93 -11.78 23.21 -32.58
C ASP B 93 -12.43 22.84 -33.91
N SER B 94 -13.29 21.81 -33.89
CA SER B 94 -13.92 21.33 -35.12
C SER B 94 -15.05 22.24 -35.58
N ARG B 95 -15.57 23.04 -34.65
CA ARG B 95 -16.71 23.92 -34.93
C ARG B 95 -16.27 25.32 -35.36
N VAL B 96 -15.11 25.75 -34.86
CA VAL B 96 -14.62 27.12 -35.05
C VAL B 96 -14.65 27.58 -36.52
N GLY B 97 -15.34 28.70 -36.73
CA GLY B 97 -15.44 29.32 -38.06
C GLY B 97 -16.38 28.66 -39.06
N LYS B 98 -16.72 27.39 -38.81
CA LYS B 98 -17.53 26.59 -39.73
C LYS B 98 -18.94 27.17 -39.94
N SER B 99 -19.66 26.63 -40.91
CA SER B 99 -20.96 27.17 -41.32
C SER B 99 -22.16 26.49 -40.64
N THR B 100 -21.88 25.48 -39.81
CA THR B 100 -22.94 24.71 -39.16
C THR B 100 -23.55 25.50 -38.00
N TRP B 101 -24.86 25.72 -38.10
CA TRP B 101 -25.63 26.44 -37.09
C TRP B 101 -25.87 25.54 -35.88
N PRO B 102 -25.68 26.08 -34.65
CA PRO B 102 -25.26 27.44 -34.31
C PRO B 102 -23.78 27.53 -33.95
N TYR B 103 -23.01 26.49 -34.30
CA TYR B 103 -21.65 26.32 -33.78
C TYR B 103 -20.59 27.21 -34.43
N GLY B 104 -20.98 28.00 -35.42
CA GLY B 104 -20.05 28.93 -36.07
C GLY B 104 -19.66 30.09 -35.17
N SER B 105 -20.57 30.47 -34.28
CA SER B 105 -20.36 31.58 -33.35
C SER B 105 -19.29 31.26 -32.30
N GLY B 106 -18.54 32.28 -31.91
CA GLY B 106 -17.54 32.16 -30.85
C GLY B 106 -18.12 31.85 -29.48
N VAL B 107 -19.41 32.14 -29.33
CA VAL B 107 -20.15 31.83 -28.09
C VAL B 107 -20.75 30.43 -28.17
N TRP B 108 -21.57 30.19 -29.20
CA TRP B 108 -22.33 28.95 -29.31
C TRP B 108 -21.51 27.74 -29.77
N SER B 109 -20.26 27.98 -30.15
CA SER B 109 -19.34 26.87 -30.43
C SER B 109 -19.02 26.11 -29.13
N LYS B 110 -19.18 26.81 -28.00
CA LYS B 110 -19.03 26.19 -26.68
C LYS B 110 -20.40 26.06 -25.99
N LYS B 111 -21.44 25.82 -26.79
CA LYS B 111 -22.83 25.79 -26.32
C LYS B 111 -23.04 24.96 -25.05
N GLU B 112 -22.42 23.78 -25.00
CA GLU B 112 -22.53 22.88 -23.85
C GLU B 112 -22.11 23.53 -22.53
N TRP B 113 -21.30 24.59 -22.61
CA TRP B 113 -20.77 25.29 -21.43
C TRP B 113 -21.50 26.61 -21.17
N VAL B 114 -22.44 26.96 -22.04
CA VAL B 114 -23.11 28.27 -22.00
C VAL B 114 -24.59 28.09 -21.64
N LEU B 115 -25.39 27.65 -22.61
CA LEU B 115 -26.78 27.26 -22.38
C LEU B 115 -26.99 25.89 -22.98
N PRO B 116 -26.67 24.82 -22.24
CA PRO B 116 -26.70 23.45 -22.76
C PRO B 116 -28.10 22.95 -23.14
N GLU B 117 -29.14 23.55 -22.56
CA GLU B 117 -30.51 23.04 -22.73
C GLU B 117 -31.35 23.77 -23.77
N ILE B 118 -30.89 24.93 -24.24
CA ILE B 118 -31.64 25.69 -25.22
C ILE B 118 -31.63 25.01 -26.59
N ASP B 119 -32.78 25.01 -27.26
CA ASP B 119 -32.90 24.44 -28.59
C ASP B 119 -32.21 25.34 -29.62
N ASP B 120 -31.57 24.72 -30.61
CA ASP B 120 -30.88 25.45 -31.68
C ASP B 120 -31.80 26.44 -32.40
N ASP B 121 -33.08 26.08 -32.49
CA ASP B 121 -34.08 26.90 -33.17
C ASP B 121 -34.55 28.10 -32.34
N ASP B 122 -34.07 28.19 -31.11
CA ASP B 122 -34.40 29.31 -30.22
C ASP B 122 -33.27 30.33 -30.12
N ILE B 123 -32.11 29.97 -30.65
CA ILE B 123 -30.92 30.81 -30.55
C ILE B 123 -30.99 32.01 -31.51
N VAL B 124 -30.61 33.18 -30.98
CA VAL B 124 -30.51 34.40 -31.77
C VAL B 124 -29.03 34.77 -31.86
N SER B 125 -28.40 34.38 -32.96
CA SER B 125 -26.96 34.56 -33.13
C SER B 125 -26.64 35.42 -34.34
N ALA B 126 -25.66 36.31 -34.17
CA ALA B 126 -25.17 37.16 -35.24
C ALA B 126 -23.68 36.94 -35.48
N PHE B 127 -23.28 35.66 -35.49
CA PHE B 127 -21.89 35.24 -35.78
C PHE B 127 -20.86 35.91 -34.87
N GLU B 128 -21.30 36.26 -33.66
CA GLU B 128 -20.47 36.94 -32.65
C GLU B 128 -19.25 36.10 -32.22
N GLY B 129 -18.30 36.75 -31.55
CA GLY B 129 -17.04 36.11 -31.22
C GLY B 129 -16.15 36.02 -32.45
N ASN B 130 -15.22 35.06 -32.44
CA ASN B 130 -14.25 34.87 -33.54
C ASN B 130 -13.43 36.12 -33.82
N SER B 131 -13.39 37.02 -32.84
CA SER B 131 -12.73 38.31 -32.99
C SER B 131 -11.22 38.14 -33.03
N ASN B 132 -10.59 38.96 -33.87
CA ASN B 132 -9.14 39.00 -34.04
C ASN B 132 -8.35 39.14 -32.74
N LEU B 133 -7.42 38.20 -32.54
CA LEU B 133 -6.38 38.35 -31.54
C LEU B 133 -5.19 39.01 -32.23
N PHE B 134 -5.28 40.33 -32.37
CA PHE B 134 -4.30 41.16 -33.09
C PHE B 134 -2.96 41.19 -32.38
N TRP B 135 -1.90 40.81 -33.09
CA TRP B 135 -0.54 40.88 -32.58
C TRP B 135 0.02 42.30 -32.66
N ALA B 136 0.14 42.95 -31.50
CA ALA B 136 0.71 44.28 -31.44
C ALA B 136 2.23 44.21 -31.52
N GLU B 137 2.74 43.92 -32.70
CA GLU B 137 4.19 43.83 -32.90
C GLU B 137 4.87 45.19 -32.76
N ARG B 138 4.43 46.15 -33.58
CA ARG B 138 5.02 47.49 -33.59
C ARG B 138 4.78 48.22 -32.28
N PHE B 139 3.56 48.15 -31.76
CA PHE B 139 3.26 48.80 -30.49
C PHE B 139 4.04 48.15 -29.34
N GLY B 140 4.04 46.82 -29.33
CA GLY B 140 4.70 46.05 -28.27
C GLY B 140 6.21 46.23 -28.21
N LYS B 141 6.87 46.08 -29.36
CA LYS B 141 8.32 46.17 -29.45
C LYS B 141 8.87 47.59 -29.29
N GLN B 142 8.17 48.57 -29.86
CA GLN B 142 8.66 49.95 -29.88
C GLN B 142 8.36 50.77 -28.62
N PHE B 143 7.21 50.50 -28.00
CA PHE B 143 6.78 51.27 -26.83
C PHE B 143 6.98 50.54 -25.51
N LEU B 144 6.91 49.21 -25.53
CA LEU B 144 6.94 48.42 -24.31
C LEU B 144 8.03 47.33 -24.26
N GLY B 145 8.80 47.18 -25.33
CA GLY B 145 9.85 46.16 -25.42
C GLY B 145 9.32 44.74 -25.26
N MET B 146 8.16 44.48 -25.87
CA MET B 146 7.49 43.18 -25.77
C MET B 146 7.25 42.56 -27.14
N ASN B 147 7.74 41.34 -27.33
CA ASN B 147 7.59 40.64 -28.60
C ASN B 147 6.32 39.80 -28.71
N ASP B 148 5.71 39.48 -27.56
CA ASP B 148 4.52 38.64 -27.52
C ASP B 148 3.30 39.31 -26.88
N LEU B 149 2.99 40.52 -27.35
CA LEU B 149 1.84 41.27 -26.85
C LEU B 149 0.69 41.27 -27.85
N TRP B 150 -0.49 40.88 -27.38
CA TRP B 150 -1.68 40.76 -28.22
C TRP B 150 -2.83 41.60 -27.70
N VAL B 151 -3.57 42.22 -28.61
CA VAL B 151 -4.79 42.94 -28.26
C VAL B 151 -6.00 42.21 -28.87
N LYS B 152 -6.95 41.85 -28.01
CA LYS B 152 -8.16 41.15 -28.43
C LYS B 152 -9.23 42.16 -28.83
N HIS B 153 -9.56 42.18 -30.12
CA HIS B 153 -10.47 43.20 -30.66
C HIS B 153 -11.94 42.81 -30.62
N CYS B 154 -12.51 42.79 -29.42
CA CYS B 154 -13.92 42.48 -29.24
C CYS B 154 -14.83 43.52 -29.87
N GLY B 155 -14.27 44.71 -30.10
CA GLY B 155 -14.99 45.82 -30.72
C GLY B 155 -15.42 45.57 -32.16
N ILE B 156 -14.79 44.59 -32.80
CA ILE B 156 -15.16 44.22 -34.17
C ILE B 156 -16.24 43.14 -34.11
N SER B 157 -17.48 43.60 -33.93
CA SER B 157 -18.64 42.73 -33.85
C SER B 157 -19.91 43.47 -34.28
N HIS B 158 -21.04 42.76 -34.30
CA HIS B 158 -22.32 43.28 -34.76
C HIS B 158 -22.63 44.72 -34.33
N THR B 159 -22.56 44.98 -33.02
CA THR B 159 -22.93 46.30 -32.49
C THR B 159 -21.74 47.13 -32.01
N GLY B 160 -20.52 46.63 -32.23
CA GLY B 160 -19.32 47.40 -31.96
C GLY B 160 -18.68 47.22 -30.60
N SER B 161 -19.17 46.26 -29.82
CA SER B 161 -18.57 45.95 -28.52
C SER B 161 -18.70 44.48 -28.13
N PHE B 162 -18.04 44.11 -27.03
CA PHE B 162 -18.10 42.73 -26.54
C PHE B 162 -19.45 42.37 -25.89
N LYS B 163 -20.33 43.36 -25.73
CA LYS B 163 -21.66 43.12 -25.16
C LYS B 163 -22.46 42.13 -25.99
N ASP B 164 -22.14 42.05 -27.28
CA ASP B 164 -22.77 41.10 -28.20
C ASP B 164 -22.64 39.66 -27.71
N LEU B 165 -21.48 39.33 -27.15
CA LEU B 165 -21.22 38.01 -26.57
C LEU B 165 -22.22 37.67 -25.47
N GLY B 166 -22.49 38.63 -24.60
CA GLY B 166 -23.41 38.45 -23.48
C GLY B 166 -24.87 38.50 -23.90
N MET B 167 -25.17 39.41 -24.83
CA MET B 167 -26.56 39.62 -25.27
C MET B 167 -27.12 38.45 -26.07
N THR B 168 -26.28 37.75 -26.82
CA THR B 168 -26.75 36.60 -27.60
C THR B 168 -27.30 35.49 -26.69
N VAL B 169 -26.74 35.38 -25.49
CA VAL B 169 -27.18 34.40 -24.50
C VAL B 169 -28.48 34.84 -23.83
N LEU B 170 -28.51 36.10 -23.36
CA LEU B 170 -29.70 36.68 -22.74
C LEU B 170 -30.91 36.61 -23.67
N VAL B 171 -30.78 37.22 -24.85
CA VAL B 171 -31.86 37.28 -25.83
C VAL B 171 -32.33 35.89 -26.28
N SER B 172 -31.38 34.97 -26.47
CA SER B 172 -31.73 33.59 -26.81
C SER B 172 -32.66 32.97 -25.76
N GLN B 173 -32.28 33.09 -24.49
CA GLN B 173 -33.09 32.56 -23.38
C GLN B 173 -34.46 33.22 -23.34
N VAL B 174 -34.49 34.55 -23.47
CA VAL B 174 -35.75 35.31 -23.51
C VAL B 174 -36.61 34.82 -24.69
N ASN B 175 -35.97 34.60 -25.83
CA ASN B 175 -36.63 34.05 -27.02
C ASN B 175 -37.19 32.64 -26.76
N ARG B 176 -36.41 31.81 -26.08
CA ARG B 176 -36.83 30.47 -25.69
C ARG B 176 -38.09 30.53 -24.82
N LEU B 177 -38.06 31.41 -23.82
CA LEU B 177 -39.18 31.58 -22.89
C LEU B 177 -40.46 32.05 -23.59
N ARG B 178 -40.33 33.03 -24.47
CA ARG B 178 -41.46 33.56 -25.21
C ARG B 178 -42.09 32.51 -26.13
N LYS B 179 -41.24 31.72 -26.78
CA LYS B 179 -41.70 30.69 -27.72
C LYS B 179 -42.35 29.47 -27.06
N MET B 180 -42.13 29.27 -25.77
CA MET B 180 -42.86 28.23 -25.03
C MET B 180 -44.05 28.80 -24.24
N LYS B 181 -44.55 29.94 -24.72
CA LYS B 181 -45.74 30.61 -24.17
C LYS B 181 -45.59 31.12 -22.73
N ARG B 182 -44.36 31.42 -22.32
CA ARG B 182 -44.11 32.05 -21.03
C ARG B 182 -44.47 33.54 -21.09
N PRO B 183 -44.93 34.10 -19.95
CA PRO B 183 -45.30 35.51 -19.95
C PRO B 183 -44.08 36.43 -19.89
N VAL B 184 -43.55 36.78 -21.06
CA VAL B 184 -42.48 37.78 -21.18
C VAL B 184 -42.82 38.64 -22.41
N VAL B 185 -43.29 39.86 -22.15
CA VAL B 185 -43.73 40.75 -23.23
C VAL B 185 -42.56 41.40 -23.97
N GLY B 186 -41.46 41.64 -23.26
CA GLY B 186 -40.28 42.27 -23.86
C GLY B 186 -39.09 42.36 -22.92
N VAL B 187 -38.03 43.00 -23.41
CA VAL B 187 -36.80 43.18 -22.64
C VAL B 187 -36.52 44.68 -22.49
N GLY B 188 -36.15 45.09 -21.28
CA GLY B 188 -35.84 46.49 -20.99
C GLY B 188 -34.49 46.71 -20.35
N CYS B 189 -34.01 47.95 -20.40
CA CYS B 189 -32.78 48.37 -19.72
C CYS B 189 -32.71 49.89 -19.57
N ALA B 190 -31.66 50.36 -18.88
CA ALA B 190 -31.44 51.79 -18.68
C ALA B 190 -30.09 52.27 -19.24
N SER B 191 -29.44 51.41 -20.02
CA SER B 191 -28.15 51.72 -20.66
C SER B 191 -28.28 52.77 -21.77
N THR B 192 -27.30 53.65 -21.86
CA THR B 192 -27.23 54.63 -22.95
C THR B 192 -26.16 54.25 -23.97
N GLY B 193 -25.33 53.27 -23.61
CA GLY B 193 -24.18 52.88 -24.43
C GLY B 193 -24.25 51.47 -24.99
N ASP B 194 -23.22 50.68 -24.69
CA ASP B 194 -22.98 49.38 -25.33
C ASP B 194 -24.07 48.33 -25.10
N THR B 195 -24.53 48.21 -23.86
CA THR B 195 -25.51 47.18 -23.50
C THR B 195 -26.82 47.35 -24.27
N SER B 196 -27.37 48.56 -24.26
CA SER B 196 -28.62 48.85 -24.95
C SER B 196 -28.50 48.64 -26.46
N ALA B 197 -27.39 49.07 -27.04
CA ALA B 197 -27.11 48.89 -28.46
C ALA B 197 -27.13 47.40 -28.83
N ALA B 198 -26.44 46.60 -28.03
CA ALA B 198 -26.39 45.16 -28.24
C ALA B 198 -27.75 44.52 -28.01
N LEU B 199 -28.39 44.86 -26.89
CA LEU B 199 -29.70 44.31 -26.52
C LEU B 199 -30.76 44.54 -27.59
N SER B 200 -30.90 45.79 -28.02
CA SER B 200 -31.94 46.18 -28.98
C SER B 200 -31.75 45.52 -30.35
N ALA B 201 -30.49 45.33 -30.74
CA ALA B 201 -30.16 44.73 -32.03
C ALA B 201 -30.60 43.27 -32.12
N TYR B 202 -30.18 42.48 -31.14
CA TYR B 202 -30.53 41.07 -31.06
C TYR B 202 -32.04 40.86 -30.94
N CYS B 203 -32.68 41.68 -30.12
CA CYS B 203 -34.13 41.63 -29.93
C CYS B 203 -34.88 41.92 -31.21
N ALA B 204 -34.41 42.92 -31.96
CA ALA B 204 -35.05 43.33 -33.20
C ALA B 204 -35.14 42.20 -34.22
N SER B 205 -34.08 41.39 -34.31
CA SER B 205 -34.03 40.26 -35.25
C SER B 205 -34.97 39.12 -34.85
N ALA B 206 -35.16 38.96 -33.55
CA ALA B 206 -36.02 37.90 -33.03
C ALA B 206 -37.48 38.34 -32.93
N GLY B 207 -37.74 39.61 -33.24
CA GLY B 207 -39.07 40.19 -33.14
C GLY B 207 -39.49 40.44 -31.68
N ILE B 208 -38.50 40.57 -30.80
CA ILE B 208 -38.75 40.83 -29.38
C ILE B 208 -38.72 42.33 -29.10
N PRO B 209 -39.82 42.88 -28.55
CA PRO B 209 -39.86 44.30 -28.16
C PRO B 209 -38.74 44.69 -27.21
N SER B 210 -38.13 45.85 -27.47
CA SER B 210 -37.02 46.36 -26.67
C SER B 210 -37.38 47.73 -26.11
N ILE B 211 -37.23 47.90 -24.80
CA ILE B 211 -37.58 49.15 -24.13
C ILE B 211 -36.40 49.76 -23.37
N VAL B 212 -36.15 51.04 -23.60
CA VAL B 212 -35.08 51.76 -22.91
C VAL B 212 -35.68 52.88 -22.05
N PHE B 213 -35.56 52.71 -20.73
CA PHE B 213 -36.02 53.72 -19.78
C PHE B 213 -34.90 54.71 -19.49
N LEU B 214 -35.15 55.98 -19.77
CA LEU B 214 -34.14 57.03 -19.60
C LEU B 214 -34.71 58.37 -19.14
N PRO B 215 -33.92 59.15 -18.37
CA PRO B 215 -34.31 60.52 -18.05
C PRO B 215 -34.31 61.40 -19.30
N ALA B 216 -35.35 62.22 -19.44
CA ALA B 216 -35.56 63.05 -20.63
C ALA B 216 -34.40 64.01 -20.93
N ASN B 217 -33.67 64.41 -19.89
CA ASN B 217 -32.54 65.33 -20.04
C ASN B 217 -31.24 64.67 -20.46
N LYS B 218 -31.08 63.39 -20.14
CA LYS B 218 -29.87 62.64 -20.50
C LYS B 218 -29.99 61.91 -21.85
N ILE B 219 -31.01 62.29 -22.62
CA ILE B 219 -31.24 61.75 -23.96
C ILE B 219 -30.26 62.38 -24.95
N SER B 220 -29.49 61.53 -25.62
CA SER B 220 -28.61 61.96 -26.71
C SER B 220 -28.92 61.18 -27.98
N MET B 221 -29.09 61.92 -29.08
CA MET B 221 -29.40 61.31 -30.38
C MET B 221 -28.23 60.51 -30.94
N ALA B 222 -27.01 60.98 -30.66
CA ALA B 222 -25.80 60.30 -31.12
C ALA B 222 -25.52 59.04 -30.29
N GLN B 223 -25.62 59.17 -28.97
CA GLN B 223 -25.39 58.04 -28.05
C GLN B 223 -26.35 56.89 -28.29
N LEU B 224 -27.60 57.21 -28.61
CA LEU B 224 -28.64 56.20 -28.79
C LEU B 224 -28.88 55.79 -30.25
N VAL B 225 -27.95 56.15 -31.13
CA VAL B 225 -28.12 55.92 -32.57
C VAL B 225 -28.46 54.47 -32.95
N GLN B 226 -27.92 53.50 -32.19
CA GLN B 226 -28.14 52.09 -32.48
C GLN B 226 -29.52 51.54 -32.05
N PRO B 227 -29.89 51.68 -30.75
CA PRO B 227 -31.25 51.25 -30.37
C PRO B 227 -32.35 51.97 -31.14
N ILE B 228 -32.15 53.26 -31.41
CA ILE B 228 -33.10 54.05 -32.19
C ILE B 228 -33.35 53.42 -33.56
N ALA B 229 -32.27 53.12 -34.27
CA ALA B 229 -32.35 52.50 -35.59
C ALA B 229 -32.87 51.07 -35.53
N ASN B 230 -32.57 50.38 -34.44
CA ASN B 230 -32.99 48.98 -34.26
C ASN B 230 -34.47 48.82 -33.87
N GLY B 231 -35.22 49.92 -33.89
CA GLY B 231 -36.65 49.90 -33.59
C GLY B 231 -36.96 49.64 -32.13
N ALA B 232 -36.17 50.24 -31.25
CA ALA B 232 -36.38 50.11 -29.81
C ALA B 232 -37.22 51.25 -29.28
N PHE B 233 -38.18 50.91 -28.41
CA PHE B 233 -39.07 51.89 -27.80
C PHE B 233 -38.34 52.65 -26.69
N VAL B 234 -37.80 53.81 -27.04
CA VAL B 234 -37.01 54.63 -26.12
C VAL B 234 -37.90 55.66 -25.42
N LEU B 235 -37.93 55.59 -24.09
CA LEU B 235 -38.79 56.48 -23.29
C LEU B 235 -37.99 57.60 -22.62
N SER B 236 -38.41 58.84 -22.90
CA SER B 236 -37.83 60.03 -22.26
C SER B 236 -38.71 60.48 -21.10
N ILE B 237 -38.23 60.26 -19.87
CA ILE B 237 -39.01 60.52 -18.66
C ILE B 237 -38.54 61.78 -17.93
N ASP B 238 -39.49 62.65 -17.59
CA ASP B 238 -39.20 63.96 -16.98
C ASP B 238 -38.82 63.86 -15.51
N THR B 239 -37.74 63.12 -15.23
CA THR B 239 -37.18 62.99 -13.87
C THR B 239 -35.67 62.77 -13.90
N ASP B 240 -35.10 62.46 -12.74
CA ASP B 240 -33.67 62.19 -12.61
C ASP B 240 -33.37 60.69 -12.66
N PHE B 241 -32.15 60.33 -12.25
CA PHE B 241 -31.67 58.94 -12.26
C PHE B 241 -32.50 58.04 -11.34
N ASP B 242 -32.80 58.53 -10.15
CA ASP B 242 -33.58 57.79 -9.15
C ASP B 242 -35.06 57.66 -9.53
N GLY B 243 -35.57 58.66 -10.25
CA GLY B 243 -36.96 58.66 -10.71
C GLY B 243 -37.28 57.55 -11.68
N CYS B 244 -36.29 57.21 -12.51
CA CYS B 244 -36.43 56.12 -13.49
C CYS B 244 -36.43 54.75 -12.81
N MET B 245 -35.45 54.52 -11.93
CA MET B 245 -35.30 53.24 -11.23
C MET B 245 -36.50 52.91 -10.35
N LYS B 246 -37.11 53.94 -9.77
CA LYS B 246 -38.33 53.80 -8.98
C LYS B 246 -39.51 53.42 -9.87
N LEU B 247 -39.53 53.96 -11.09
CA LEU B 247 -40.62 53.75 -12.02
C LEU B 247 -40.59 52.35 -12.64
N ILE B 248 -39.40 51.86 -12.98
CA ILE B 248 -39.23 50.52 -13.55
C ILE B 248 -39.71 49.42 -12.60
N ARG B 249 -39.50 49.65 -11.30
CA ARG B 249 -40.00 48.75 -10.26
C ARG B 249 -41.52 48.61 -10.33
N GLU B 250 -42.20 49.72 -10.63
CA GLU B 250 -43.66 49.75 -10.71
C GLU B 250 -44.21 49.06 -11.95
N ILE B 251 -43.45 49.09 -13.03
CA ILE B 251 -43.87 48.48 -14.29
C ILE B 251 -43.65 46.97 -14.29
N THR B 252 -42.46 46.54 -13.84
CA THR B 252 -42.09 45.13 -13.80
C THR B 252 -42.90 44.31 -12.78
N ALA B 253 -43.64 45.01 -11.91
CA ALA B 253 -44.56 44.36 -10.98
C ALA B 253 -45.93 44.13 -11.61
N GLU B 254 -46.18 44.78 -12.74
CA GLU B 254 -47.45 44.67 -13.47
C GLU B 254 -47.26 43.93 -14.80
N LEU B 255 -46.35 44.44 -15.63
CA LEU B 255 -46.01 43.82 -16.91
C LEU B 255 -44.71 43.01 -16.78
N PRO B 256 -44.67 41.81 -17.38
CA PRO B 256 -43.48 40.98 -17.26
C PRO B 256 -42.41 41.35 -18.30
N ILE B 257 -41.67 42.41 -17.99
CA ILE B 257 -40.55 42.85 -18.81
C ILE B 257 -39.25 42.38 -18.18
N TYR B 258 -38.46 41.63 -18.95
CA TYR B 258 -37.17 41.14 -18.49
C TYR B 258 -36.17 42.29 -18.48
N LEU B 259 -35.52 42.50 -17.35
CA LEU B 259 -34.54 43.57 -17.21
C LEU B 259 -33.10 43.11 -17.49
N ALA B 260 -32.39 43.88 -18.29
CA ALA B 260 -30.97 43.68 -18.53
C ALA B 260 -30.19 44.77 -17.82
N ASN B 261 -29.31 44.35 -16.90
CA ASN B 261 -28.51 45.28 -16.12
C ASN B 261 -27.17 44.68 -15.71
N SER B 262 -26.41 45.43 -14.91
CA SER B 262 -25.08 44.99 -14.46
C SER B 262 -25.10 43.72 -13.61
N LEU B 263 -26.19 43.51 -12.88
CA LEU B 263 -26.35 42.34 -12.00
C LEU B 263 -26.52 41.02 -12.77
N ASN B 264 -27.03 41.12 -14.01
CA ASN B 264 -27.38 39.95 -14.81
C ASN B 264 -26.23 38.96 -15.01
N SER B 265 -26.45 37.72 -14.57
CA SER B 265 -25.41 36.68 -14.61
C SER B 265 -25.45 35.84 -15.89
N LEU B 266 -26.56 35.94 -16.63
CA LEU B 266 -26.74 35.18 -17.86
C LEU B 266 -25.89 35.72 -19.00
N ARG B 267 -25.63 37.03 -18.99
CA ARG B 267 -24.77 37.68 -19.98
C ARG B 267 -23.31 37.28 -19.79
N LEU B 268 -22.93 36.97 -18.56
CA LEU B 268 -21.57 36.54 -18.24
C LEU B 268 -21.22 35.21 -18.88
N GLU B 269 -22.24 34.37 -19.09
CA GLU B 269 -22.06 33.06 -19.72
C GLU B 269 -21.59 33.18 -21.17
N GLY B 270 -22.04 34.23 -21.86
CA GLY B 270 -21.54 34.52 -23.19
C GLY B 270 -20.16 35.16 -23.10
N GLN B 271 -20.02 36.14 -22.20
CA GLN B 271 -18.78 36.89 -22.05
C GLN B 271 -17.58 36.01 -21.73
N LYS B 272 -17.83 34.93 -20.99
CA LYS B 272 -16.77 34.01 -20.57
C LYS B 272 -16.12 33.25 -21.74
N THR B 273 -16.86 33.11 -22.84
CA THR B 273 -16.34 32.41 -24.02
C THR B 273 -15.20 33.18 -24.70
N ALA B 274 -15.01 34.44 -24.32
CA ALA B 274 -13.93 35.26 -24.86
C ALA B 274 -12.60 34.76 -24.30
N ALA B 275 -12.64 34.34 -23.03
CA ALA B 275 -11.48 33.73 -22.37
C ALA B 275 -11.14 32.39 -23.04
N ILE B 276 -12.16 31.56 -23.19
CA ILE B 276 -12.02 30.25 -23.84
C ILE B 276 -11.44 30.43 -25.23
N GLU B 277 -11.98 31.39 -25.97
CA GLU B 277 -11.53 31.71 -27.33
C GLU B 277 -10.05 32.10 -27.37
N ILE B 278 -9.63 32.96 -26.44
CA ILE B 278 -8.22 33.36 -26.36
C ILE B 278 -7.32 32.14 -26.23
N LEU B 279 -7.75 31.16 -25.43
CA LEU B 279 -7.03 29.89 -25.28
C LEU B 279 -6.99 29.10 -26.59
N GLN B 280 -8.16 28.96 -27.21
CA GLN B 280 -8.31 28.23 -28.47
C GLN B 280 -7.46 28.86 -29.57
N GLN B 281 -7.40 30.19 -29.57
CA GLN B 281 -6.65 30.95 -30.57
C GLN B 281 -5.14 30.86 -30.37
N PHE B 282 -4.73 30.47 -29.17
CA PHE B 282 -3.33 30.17 -28.90
C PHE B 282 -3.05 28.67 -28.94
N ASP B 283 -3.94 27.92 -29.61
CA ASP B 283 -3.85 26.45 -29.67
C ASP B 283 -3.80 25.85 -28.27
N TRP B 284 -4.72 26.30 -27.42
CA TRP B 284 -4.83 25.86 -26.02
C TRP B 284 -3.54 26.04 -25.23
N GLN B 285 -2.89 27.18 -25.43
CA GLN B 285 -1.75 27.59 -24.62
C GLN B 285 -2.12 28.84 -23.81
N VAL B 286 -1.92 28.75 -22.50
CA VAL B 286 -2.36 29.79 -21.58
C VAL B 286 -1.40 30.99 -21.57
N PRO B 287 -1.92 32.20 -21.84
CA PRO B 287 -1.13 33.43 -21.69
C PRO B 287 -0.70 33.65 -20.24
N ASP B 288 0.41 34.34 -20.06
CA ASP B 288 0.88 34.70 -18.73
C ASP B 288 -0.03 35.76 -18.12
N TRP B 289 -0.47 36.71 -18.95
CA TRP B 289 -1.24 37.84 -18.48
C TRP B 289 -2.44 38.13 -19.38
N VAL B 290 -3.57 38.44 -18.75
CA VAL B 290 -4.74 38.94 -19.48
C VAL B 290 -5.23 40.22 -18.78
N ILE B 291 -5.17 41.33 -19.50
CA ILE B 291 -5.53 42.62 -18.95
C ILE B 291 -6.92 43.05 -19.43
N VAL B 292 -7.82 43.21 -18.47
CA VAL B 292 -9.22 43.53 -18.75
C VAL B 292 -9.56 44.89 -18.12
N PRO B 293 -10.18 45.79 -18.90
CA PRO B 293 -10.73 47.03 -18.37
C PRO B 293 -11.80 46.72 -17.34
N GLY B 294 -11.81 47.47 -16.25
CA GLY B 294 -12.72 47.21 -15.15
C GLY B 294 -13.52 48.43 -14.73
N GLY B 295 -14.74 48.53 -15.24
CA GLY B 295 -15.68 49.54 -14.80
C GLY B 295 -16.84 48.84 -14.14
N ASN B 296 -17.50 48.01 -14.95
CA ASN B 296 -18.58 47.14 -14.51
C ASN B 296 -18.15 46.12 -13.45
N LEU B 297 -16.94 45.56 -13.66
CA LEU B 297 -16.32 44.54 -12.79
C LEU B 297 -16.86 43.11 -13.01
N GLY B 298 -17.95 43.00 -13.76
CA GLY B 298 -18.47 41.69 -14.17
C GLY B 298 -17.60 41.02 -15.21
N ASN B 299 -16.96 41.84 -16.05
CA ASN B 299 -16.14 41.35 -17.16
C ASN B 299 -14.93 40.52 -16.74
N ILE B 300 -14.13 41.07 -15.83
CA ILE B 300 -12.96 40.40 -15.31
C ILE B 300 -13.33 39.04 -14.70
N TYR B 301 -14.51 38.98 -14.09
CA TYR B 301 -15.03 37.74 -13.52
C TYR B 301 -15.41 36.72 -14.60
N ALA B 302 -16.05 37.21 -15.66
CA ALA B 302 -16.42 36.36 -16.79
C ALA B 302 -15.18 35.72 -17.41
N PHE B 303 -14.14 36.53 -17.63
CA PHE B 303 -12.87 36.04 -18.15
C PHE B 303 -12.26 35.00 -17.23
N TYR B 304 -12.24 35.30 -15.92
CA TYR B 304 -11.75 34.34 -14.94
C TYR B 304 -12.55 33.04 -15.02
N LYS B 305 -13.87 33.17 -15.10
CA LYS B 305 -14.79 32.03 -15.15
C LYS B 305 -14.51 31.13 -16.36
N GLY B 306 -14.15 31.76 -17.48
CA GLY B 306 -13.87 31.06 -18.73
C GLY B 306 -12.56 30.30 -18.70
N PHE B 307 -11.51 30.98 -18.22
CA PHE B 307 -10.20 30.36 -18.10
C PHE B 307 -10.23 29.21 -17.09
N LYS B 308 -10.95 29.41 -15.99
CA LYS B 308 -11.03 28.42 -14.92
C LYS B 308 -11.76 27.17 -15.37
N MET B 309 -12.84 27.37 -16.14
CA MET B 309 -13.63 26.25 -16.66
C MET B 309 -12.77 25.33 -17.54
N CYS B 310 -11.92 25.94 -18.36
CA CYS B 310 -11.01 25.18 -19.21
C CYS B 310 -9.99 24.38 -18.39
N GLN B 311 -9.50 24.99 -17.32
CA GLN B 311 -8.54 24.33 -16.44
C GLN B 311 -9.17 23.16 -15.68
N GLU B 312 -10.37 23.40 -15.14
CA GLU B 312 -11.09 22.42 -14.33
C GLU B 312 -11.58 21.23 -15.12
N LEU B 313 -11.67 21.38 -16.43
CA LEU B 313 -12.18 20.31 -17.30
C LEU B 313 -11.07 19.64 -18.12
N GLY B 314 -9.82 19.99 -17.82
CA GLY B 314 -8.66 19.31 -18.39
C GLY B 314 -8.16 19.83 -19.74
N LEU B 315 -8.77 20.90 -20.23
CA LEU B 315 -8.38 21.51 -21.51
C LEU B 315 -6.95 22.03 -21.43
N VAL B 316 -6.65 22.69 -20.32
CA VAL B 316 -5.33 23.27 -20.05
C VAL B 316 -4.96 22.98 -18.59
N ASP B 317 -3.71 23.24 -18.22
CA ASP B 317 -3.25 22.93 -16.86
C ASP B 317 -3.24 24.14 -15.92
N ARG B 318 -3.56 25.33 -16.44
CA ARG B 318 -3.49 26.57 -15.67
C ARG B 318 -4.40 27.69 -16.19
N ILE B 319 -4.43 28.78 -15.45
CA ILE B 319 -5.14 30.00 -15.82
C ILE B 319 -4.14 31.17 -15.88
N PRO B 320 -4.46 32.25 -16.65
CA PRO B 320 -3.55 33.38 -16.68
C PRO B 320 -3.62 34.21 -15.41
N ARG B 321 -2.55 34.94 -15.11
CA ARG B 321 -2.62 36.00 -14.12
C ARG B 321 -3.36 37.15 -14.77
N MET B 322 -4.30 37.75 -14.04
CA MET B 322 -5.12 38.81 -14.62
C MET B 322 -4.88 40.19 -14.01
N VAL B 323 -4.95 41.19 -14.88
CA VAL B 323 -4.84 42.57 -14.45
C VAL B 323 -6.16 43.27 -14.70
N CYS B 324 -6.74 43.80 -13.63
CA CYS B 324 -7.93 44.62 -13.75
C CYS B 324 -7.49 46.08 -13.84
N ALA B 325 -7.83 46.71 -14.96
CA ALA B 325 -7.42 48.09 -15.21
C ALA B 325 -8.59 49.05 -14.97
N GLN B 326 -8.39 49.99 -14.05
CA GLN B 326 -9.43 50.96 -13.71
C GLN B 326 -8.97 52.38 -13.99
N ALA B 327 -9.93 53.26 -14.26
CA ALA B 327 -9.66 54.68 -14.41
C ALA B 327 -9.35 55.28 -13.04
N ALA B 328 -8.55 56.34 -13.02
CA ALA B 328 -8.22 57.06 -11.78
C ALA B 328 -9.48 57.62 -11.12
N ASN B 329 -10.46 57.98 -11.95
CA ASN B 329 -11.75 58.49 -11.49
C ASN B 329 -12.67 57.39 -10.93
N ALA B 330 -12.39 56.14 -11.29
CA ALA B 330 -13.24 54.99 -10.94
C ALA B 330 -13.12 54.55 -9.48
N ASN B 331 -14.01 53.63 -9.09
CA ASN B 331 -14.21 53.17 -7.70
C ASN B 331 -12.99 52.56 -6.99
N PRO B 332 -13.13 52.23 -5.69
CA PRO B 332 -11.95 51.87 -4.89
C PRO B 332 -11.56 50.39 -4.95
N LEU B 333 -11.60 49.78 -6.13
CA LEU B 333 -11.04 48.43 -6.30
C LEU B 333 -9.52 48.48 -6.23
N TYR B 334 -8.94 49.50 -6.89
CA TYR B 334 -7.50 49.73 -6.88
C TYR B 334 -6.98 49.92 -5.45
N LEU B 335 -7.67 50.76 -4.69
CA LEU B 335 -7.30 51.06 -3.31
C LEU B 335 -7.44 49.83 -2.42
N HIS B 336 -8.37 48.94 -2.78
CA HIS B 336 -8.57 47.69 -2.04
C HIS B 336 -7.46 46.68 -2.28
N TYR B 337 -6.97 46.62 -3.52
CA TYR B 337 -5.84 45.76 -3.86
C TYR B 337 -4.54 46.25 -3.19
N LYS B 338 -4.36 47.57 -3.19
CA LYS B 338 -3.19 48.18 -2.56
C LYS B 338 -3.22 48.04 -1.03
N SER B 339 -4.41 47.73 -0.50
CA SER B 339 -4.59 47.52 0.94
C SER B 339 -4.37 46.05 1.34
N GLY B 340 -4.09 45.20 0.36
CA GLY B 340 -3.86 43.78 0.60
C GLY B 340 -5.14 43.01 0.88
N TRP B 341 -6.20 43.36 0.13
CA TRP B 341 -7.53 42.75 0.24
C TRP B 341 -8.12 42.78 1.66
N LYS B 342 -8.10 43.97 2.28
CA LYS B 342 -8.65 44.16 3.62
C LYS B 342 -9.63 45.32 3.68
N ASP B 343 -9.31 46.40 2.98
CA ASP B 343 -10.09 47.64 3.02
C ASP B 343 -10.17 48.32 1.66
N VAL B 363 -21.37 47.50 -7.44
CA VAL B 363 -21.82 46.28 -8.10
C VAL B 363 -20.64 45.36 -8.47
N SER B 364 -20.85 44.06 -8.32
CA SER B 364 -19.86 43.02 -8.68
C SER B 364 -18.46 43.21 -8.07
N ILE B 365 -18.39 43.95 -6.97
CA ILE B 365 -17.11 44.22 -6.31
C ILE B 365 -16.51 42.95 -5.70
N ASP B 366 -17.30 42.27 -4.87
CA ASP B 366 -16.90 41.00 -4.27
C ASP B 366 -16.66 39.94 -5.33
N ARG B 367 -17.51 39.96 -6.36
CA ARG B 367 -17.39 39.09 -7.52
C ARG B 367 -16.00 39.19 -8.17
N ALA B 368 -15.51 40.42 -8.30
CA ALA B 368 -14.19 40.68 -8.92
C ALA B 368 -13.03 40.36 -7.97
N VAL B 369 -13.18 40.71 -6.70
CA VAL B 369 -12.16 40.45 -5.68
C VAL B 369 -11.89 38.96 -5.53
N TYR B 370 -12.97 38.16 -5.57
CA TYR B 370 -12.85 36.70 -5.53
C TYR B 370 -12.03 36.19 -6.70
N ALA B 371 -12.35 36.67 -7.89
CA ALA B 371 -11.69 36.24 -9.13
C ALA B 371 -10.21 36.63 -9.17
N LEU B 372 -9.90 37.82 -8.65
CA LEU B 372 -8.53 38.33 -8.63
C LEU B 372 -7.66 37.62 -7.61
N LYS B 373 -8.22 37.34 -6.43
CA LYS B 373 -7.50 36.61 -5.39
C LYS B 373 -7.16 35.18 -5.83
N LYS B 374 -8.11 34.54 -6.50
CA LYS B 374 -7.97 33.17 -6.98
C LYS B 374 -6.92 33.00 -8.08
N CYS B 375 -6.78 34.01 -8.94
CA CYS B 375 -5.85 33.93 -10.08
C CYS B 375 -4.55 34.67 -9.83
N ASN B 376 -4.37 35.15 -8.60
CA ASN B 376 -3.18 35.91 -8.17
C ASN B 376 -3.02 37.18 -9.02
N GLY B 377 -4.07 37.99 -9.03
CA GLY B 377 -4.17 39.16 -9.92
C GLY B 377 -3.69 40.47 -9.35
N ILE B 378 -3.71 41.50 -10.21
CA ILE B 378 -3.25 42.85 -9.88
C ILE B 378 -4.25 43.88 -10.38
N VAL B 379 -4.39 44.99 -9.65
CA VAL B 379 -5.22 46.10 -10.10
C VAL B 379 -4.36 47.34 -10.31
N GLU B 380 -4.57 48.04 -11.43
CA GLU B 380 -3.88 49.29 -11.71
C GLU B 380 -4.82 50.40 -12.17
N GLU B 381 -4.42 51.64 -11.85
CA GLU B 381 -5.16 52.83 -12.26
C GLU B 381 -4.56 53.45 -13.52
N ALA B 382 -5.39 54.21 -14.24
CA ALA B 382 -4.94 55.02 -15.36
C ALA B 382 -5.59 56.39 -15.26
N THR B 383 -4.78 57.43 -15.35
CA THR B 383 -5.32 58.78 -15.29
C THR B 383 -5.82 59.22 -16.66
N GLU B 384 -6.67 60.25 -16.68
CA GLU B 384 -7.32 60.72 -17.90
C GLU B 384 -6.32 60.99 -19.03
N GLU B 385 -5.21 61.64 -18.69
CA GLU B 385 -4.13 61.90 -19.65
C GLU B 385 -3.40 60.63 -20.06
N GLU B 386 -3.15 59.74 -19.10
CA GLU B 386 -2.43 58.49 -19.35
C GLU B 386 -3.16 57.58 -20.33
N LEU B 387 -4.47 57.42 -20.13
CA LEU B 387 -5.28 56.56 -20.98
C LEU B 387 -5.40 57.11 -22.41
N MET B 388 -5.49 58.44 -22.53
CA MET B 388 -5.58 59.10 -23.82
C MET B 388 -4.27 58.99 -24.61
N ASP B 389 -3.15 59.18 -23.90
CA ASP B 389 -1.82 58.97 -24.47
C ASP B 389 -1.64 57.55 -24.99
N ALA B 390 -2.03 56.57 -24.18
CA ALA B 390 -1.89 55.16 -24.51
C ALA B 390 -2.74 54.81 -25.73
N MET B 391 -3.96 55.36 -25.77
CA MET B 391 -4.84 55.22 -26.91
C MET B 391 -4.20 55.76 -28.19
N ALA B 392 -3.52 56.90 -28.09
CA ALA B 392 -2.87 57.52 -29.24
C ALA B 392 -1.69 56.69 -29.73
N GLN B 393 -0.90 56.18 -28.78
CA GLN B 393 0.25 55.35 -29.11
C GLN B 393 -0.19 54.06 -29.80
N ALA B 394 -1.17 53.38 -29.19
CA ALA B 394 -1.74 52.17 -29.76
C ALA B 394 -2.28 52.42 -31.16
N ASP B 395 -3.10 53.46 -31.28
CA ASP B 395 -3.71 53.84 -32.56
C ASP B 395 -2.69 54.11 -33.65
N SER B 396 -1.59 54.78 -33.29
CA SER B 396 -0.56 55.16 -34.26
C SER B 396 0.14 53.95 -34.87
N THR B 397 -0.09 52.76 -34.31
CA THR B 397 0.55 51.55 -34.81
C THR B 397 -0.45 50.64 -35.54
N GLY B 398 -1.60 51.18 -35.91
CA GLY B 398 -2.59 50.47 -36.70
C GLY B 398 -3.95 50.26 -36.07
N MET B 399 -3.98 50.20 -34.74
CA MET B 399 -5.22 49.96 -33.99
C MET B 399 -6.14 51.18 -33.98
N PHE B 400 -7.38 50.95 -33.56
CA PHE B 400 -8.37 52.00 -33.39
C PHE B 400 -9.24 51.55 -32.23
N ILE B 401 -8.71 51.76 -31.03
CA ILE B 401 -9.25 51.18 -29.80
C ILE B 401 -10.01 52.20 -28.95
N CYS B 402 -10.79 51.70 -28.00
CA CYS B 402 -11.58 52.54 -27.09
C CYS B 402 -10.74 53.05 -25.92
N PRO B 403 -11.20 54.12 -25.24
CA PRO B 403 -10.51 54.65 -24.05
C PRO B 403 -10.35 53.62 -22.93
N HIS B 404 -11.27 52.67 -22.83
CA HIS B 404 -11.19 51.59 -21.85
C HIS B 404 -9.95 50.74 -22.11
N THR B 405 -9.64 50.55 -23.39
CA THR B 405 -8.45 49.83 -23.81
C THR B 405 -7.19 50.65 -23.49
N GLY B 406 -7.30 51.97 -23.63
CA GLY B 406 -6.24 52.89 -23.22
C GLY B 406 -5.89 52.76 -21.75
N VAL B 407 -6.92 52.54 -20.93
CA VAL B 407 -6.75 52.29 -19.49
C VAL B 407 -5.96 51.01 -19.24
N ALA B 408 -6.29 49.96 -19.99
CA ALA B 408 -5.62 48.67 -19.89
C ALA B 408 -4.15 48.74 -20.29
N LEU B 409 -3.88 49.47 -21.36
CA LEU B 409 -2.51 49.64 -21.87
C LEU B 409 -1.65 50.47 -20.92
N THR B 410 -2.27 51.41 -20.21
CA THR B 410 -1.57 52.19 -19.20
C THR B 410 -1.17 51.27 -18.04
N ALA B 411 -2.08 50.38 -17.65
CA ALA B 411 -1.82 49.40 -16.60
C ALA B 411 -0.67 48.46 -17.01
N LEU B 412 -0.59 48.18 -18.30
CA LEU B 412 0.49 47.37 -18.85
C LEU B 412 1.81 48.13 -18.79
N PHE B 413 1.78 49.40 -19.18
CA PHE B 413 2.94 50.29 -19.10
C PHE B 413 3.52 50.34 -17.69
N LYS B 414 2.65 50.65 -16.72
CA LYS B 414 3.07 50.79 -15.32
C LYS B 414 3.66 49.51 -14.75
N LEU B 415 3.07 48.37 -15.08
CA LEU B 415 3.53 47.08 -14.58
C LEU B 415 4.82 46.59 -15.26
N ARG B 416 5.05 47.06 -16.48
CA ARG B 416 6.32 46.83 -17.16
C ARG B 416 7.45 47.59 -16.45
N ASN B 417 7.19 48.86 -16.14
CA ASN B 417 8.13 49.70 -15.38
C ASN B 417 8.44 49.15 -13.99
N GLN B 418 7.45 48.52 -13.38
CA GLN B 418 7.62 47.89 -12.06
C GLN B 418 8.38 46.57 -12.17
N GLY B 419 8.51 46.05 -13.39
CA GLY B 419 9.21 44.79 -13.63
C GLY B 419 8.39 43.58 -13.22
N VAL B 420 7.08 43.78 -13.13
CA VAL B 420 6.15 42.70 -12.79
C VAL B 420 5.86 41.86 -14.04
N ILE B 421 5.67 42.54 -15.17
CA ILE B 421 5.47 41.86 -16.45
C ILE B 421 6.77 41.89 -17.25
N ALA B 422 7.27 40.70 -17.57
CA ALA B 422 8.54 40.53 -18.27
C ALA B 422 8.38 40.80 -19.77
N PRO B 423 9.49 41.12 -20.47
CA PRO B 423 9.46 41.43 -21.91
C PRO B 423 8.93 40.28 -22.78
N THR B 424 9.18 39.04 -22.36
CA THR B 424 8.85 37.84 -23.13
C THR B 424 7.46 37.31 -22.81
N ASP B 425 6.83 37.87 -21.77
CA ASP B 425 5.54 37.38 -21.29
C ASP B 425 4.43 37.48 -22.32
N ARG B 426 3.74 36.35 -22.53
CA ARG B 426 2.56 36.31 -23.39
C ARG B 426 1.43 37.09 -22.75
N THR B 427 1.11 38.24 -23.33
CA THR B 427 0.15 39.16 -22.74
C THR B 427 -0.97 39.46 -23.71
N VAL B 428 -2.19 39.34 -23.21
CA VAL B 428 -3.39 39.66 -23.99
C VAL B 428 -4.10 40.84 -23.32
N VAL B 429 -4.25 41.93 -24.07
CA VAL B 429 -5.01 43.10 -23.62
C VAL B 429 -6.37 43.09 -24.29
N VAL B 430 -7.43 43.03 -23.48
CA VAL B 430 -8.78 42.97 -23.99
C VAL B 430 -9.27 44.36 -24.36
N SER B 431 -9.58 44.56 -25.64
CA SER B 431 -10.23 45.78 -26.11
C SER B 431 -11.73 45.55 -26.15
N THR B 432 -12.47 46.36 -25.41
CA THR B 432 -13.88 46.09 -25.14
C THR B 432 -14.84 46.62 -26.21
N ALA B 433 -14.45 47.70 -26.89
CA ALA B 433 -15.30 48.36 -27.88
C ALA B 433 -14.50 48.97 -29.02
N HIS B 434 -15.10 49.03 -30.20
CA HIS B 434 -14.46 49.61 -31.38
C HIS B 434 -14.26 51.11 -31.19
N GLY B 435 -13.09 51.60 -31.61
CA GLY B 435 -12.78 53.03 -31.55
C GLY B 435 -13.79 53.93 -32.24
N LEU B 436 -14.54 53.37 -33.18
CA LEU B 436 -15.56 54.11 -33.93
C LEU B 436 -16.69 54.64 -33.05
N LYS B 437 -16.82 54.10 -31.84
CA LYS B 437 -17.82 54.56 -30.88
C LYS B 437 -17.28 55.69 -30.02
N PHE B 438 -16.01 56.04 -30.22
CA PHE B 438 -15.34 57.07 -29.43
C PHE B 438 -14.49 57.98 -30.31
N THR B 439 -15.04 58.42 -31.43
CA THR B 439 -14.33 59.27 -32.37
C THR B 439 -14.20 60.71 -31.86
N GLN B 440 -15.15 61.14 -31.05
CA GLN B 440 -15.15 62.53 -30.56
C GLN B 440 -13.97 62.85 -29.65
N SER B 441 -13.61 61.91 -28.80
CA SER B 441 -12.46 62.08 -27.91
C SER B 441 -11.16 62.08 -28.71
N LYS B 442 -11.11 61.23 -29.73
CA LYS B 442 -9.97 61.16 -30.65
C LYS B 442 -9.83 62.43 -31.47
N ILE B 443 -10.96 62.94 -31.97
CA ILE B 443 -10.98 64.22 -32.69
C ILE B 443 -10.46 65.34 -31.79
N ASP B 444 -10.94 65.37 -30.55
CA ASP B 444 -10.52 66.38 -29.56
C ASP B 444 -9.03 66.25 -29.23
N TYR B 445 -8.58 65.02 -29.00
CA TYR B 445 -7.18 64.77 -28.64
C TYR B 445 -6.22 65.23 -29.72
N HIS B 446 -6.54 64.88 -30.97
CA HIS B 446 -5.66 65.16 -32.10
C HIS B 446 -5.73 66.61 -32.61
N SER B 447 -6.68 67.38 -32.10
CA SER B 447 -6.74 68.82 -32.39
C SER B 447 -6.32 69.64 -31.18
N ASN B 448 -5.75 68.96 -30.18
CA ASN B 448 -5.30 69.56 -28.91
C ASN B 448 -6.40 70.35 -28.20
N ALA B 449 -7.62 69.83 -28.27
CA ALA B 449 -8.80 70.54 -27.80
C ALA B 449 -9.34 70.02 -26.45
N ILE B 450 -8.55 69.19 -25.78
CA ILE B 450 -8.91 68.72 -24.43
C ILE B 450 -8.18 69.55 -23.38
N PRO B 451 -8.93 70.41 -22.65
CA PRO B 451 -8.30 71.26 -21.64
C PRO B 451 -7.72 70.44 -20.48
N ASP B 452 -6.65 70.96 -19.87
CA ASP B 452 -5.92 70.26 -18.81
C ASP B 452 -5.27 68.96 -19.29
N MET B 453 -4.87 68.95 -20.55
CA MET B 453 -4.22 67.79 -21.16
C MET B 453 -3.32 68.25 -22.31
N ALA B 454 -2.07 67.81 -22.31
CA ALA B 454 -1.08 68.25 -23.29
C ALA B 454 -1.28 67.66 -24.69
N CYS B 455 -1.94 66.51 -24.78
CA CYS B 455 -2.16 65.78 -26.05
C CYS B 455 -0.85 65.59 -26.80
N ARG B 456 0.15 65.07 -26.09
CA ARG B 456 1.54 65.05 -26.56
C ARG B 456 1.78 64.22 -27.83
N PHE B 457 0.89 63.26 -28.08
CA PHE B 457 1.01 62.40 -29.26
C PHE B 457 -0.04 62.71 -30.34
N SER B 458 -0.60 63.91 -30.28
CA SER B 458 -1.57 64.36 -31.28
C SER B 458 -0.95 64.37 -32.67
N ASN B 459 -1.76 64.05 -33.68
CA ASN B 459 -1.34 64.07 -35.07
C ASN B 459 -2.22 64.99 -35.92
N PRO B 460 -2.18 66.31 -35.66
CA PRO B 460 -3.01 67.20 -36.47
C PRO B 460 -2.56 67.21 -37.94
N PRO B 461 -3.53 67.29 -38.87
CA PRO B 461 -3.23 67.49 -40.29
C PRO B 461 -2.55 68.85 -40.54
N VAL B 462 -1.65 68.90 -41.52
CA VAL B 462 -0.93 70.13 -41.86
C VAL B 462 -1.68 70.89 -42.96
N ASP B 463 -1.71 72.22 -42.83
CA ASP B 463 -2.38 73.08 -43.79
C ASP B 463 -1.47 73.50 -44.94
N VAL B 464 -1.96 73.31 -46.17
CA VAL B 464 -1.25 73.73 -47.38
C VAL B 464 -2.24 74.24 -48.43
N LYS B 465 -1.79 75.16 -49.27
CA LYS B 465 -2.56 75.59 -50.45
C LYS B 465 -2.40 74.58 -51.59
N ALA B 466 -3.13 74.78 -52.68
CA ALA B 466 -3.02 73.92 -53.86
C ALA B 466 -1.81 74.28 -54.72
N ASP B 467 -0.64 74.36 -54.07
CA ASP B 467 0.61 74.71 -54.73
C ASP B 467 1.58 73.54 -54.62
N PHE B 468 2.13 73.13 -55.77
CA PHE B 468 3.00 71.96 -55.85
C PHE B 468 4.28 72.11 -55.01
N GLY B 469 4.98 73.22 -55.17
CA GLY B 469 6.21 73.50 -54.44
C GLY B 469 6.04 73.50 -52.93
N ALA B 470 4.91 74.03 -52.46
CA ALA B 470 4.58 74.06 -51.04
C ALA B 470 4.28 72.67 -50.49
N VAL B 471 3.44 71.92 -51.22
CA VAL B 471 3.10 70.54 -50.86
C VAL B 471 4.35 69.66 -50.80
N MET B 472 5.28 69.89 -51.73
CA MET B 472 6.55 69.17 -51.78
C MET B 472 7.47 69.46 -50.59
N ASP B 473 7.65 70.75 -50.28
CA ASP B 473 8.50 71.17 -49.17
C ASP B 473 8.03 70.66 -47.81
N VAL B 474 6.71 70.58 -47.64
CA VAL B 474 6.11 69.97 -46.47
C VAL B 474 6.43 68.46 -46.45
N LEU B 475 6.24 67.82 -47.59
CA LEU B 475 6.50 66.38 -47.72
C LEU B 475 7.97 66.03 -47.59
N LYS B 476 8.84 66.87 -48.15
CA LYS B 476 10.29 66.65 -48.11
C LYS B 476 10.84 66.66 -46.68
N SER B 477 10.34 67.56 -45.85
CA SER B 477 10.75 67.66 -44.46
C SER B 477 10.20 66.52 -43.61
N TYR B 478 9.08 65.94 -44.03
CA TYR B 478 8.53 64.76 -43.36
C TYR B 478 9.30 63.49 -43.73
N LEU B 479 9.65 63.37 -45.00
CA LEU B 479 10.40 62.21 -45.48
C LEU B 479 11.88 62.28 -45.08
N GLY B 480 12.35 63.49 -44.77
CA GLY B 480 13.70 63.68 -44.25
C GLY B 480 13.86 63.24 -42.81
N SER B 481 12.75 63.19 -42.08
CA SER B 481 12.72 62.78 -40.67
C SER B 481 13.00 61.29 -40.48
N ASN B 482 12.88 60.48 -41.40
N ASN C 37 2.67 13.27 26.89
CA ASN C 37 2.57 11.97 26.15
C ASN C 37 3.92 11.26 26.12
N PRO C 38 4.11 10.25 27.01
CA PRO C 38 5.40 9.61 27.18
C PRO C 38 5.65 8.40 26.26
N PHE C 39 4.64 7.99 25.50
CA PHE C 39 4.73 6.78 24.70
C PHE C 39 5.13 7.08 23.25
N SER C 40 5.97 6.23 22.68
CA SER C 40 6.45 6.41 21.31
C SER C 40 6.75 5.08 20.61
N ALA C 41 6.86 5.14 19.29
CA ALA C 41 7.13 3.97 18.46
C ALA C 41 7.96 4.38 17.24
N LYS C 42 8.75 3.43 16.71
CA LYS C 42 9.64 3.69 15.59
C LYS C 42 9.84 2.44 14.74
N TYR C 43 10.26 2.64 13.49
CA TYR C 43 10.60 1.51 12.61
C TYR C 43 11.95 0.94 13.02
N VAL C 44 12.07 -0.39 12.92
CA VAL C 44 13.25 -1.12 13.35
C VAL C 44 13.38 -2.39 12.49
N PRO C 45 14.62 -2.85 12.21
CA PRO C 45 14.76 -4.09 11.45
C PRO C 45 14.12 -5.25 12.19
N PHE C 46 13.40 -6.11 11.47
CA PHE C 46 12.82 -7.29 12.09
C PHE C 46 13.90 -8.12 12.78
N ASN C 47 13.64 -8.49 14.02
CA ASN C 47 14.53 -9.35 14.82
C ASN C 47 15.96 -8.82 14.81
N ALA C 48 16.11 -7.58 15.27
CA ALA C 48 17.37 -6.85 15.19
C ALA C 48 18.50 -7.48 16.00
N ALA C 49 19.72 -7.37 15.48
CA ALA C 49 20.92 -7.90 16.13
C ALA C 49 21.17 -7.25 17.49
N PRO C 50 22.00 -7.89 18.35
CA PRO C 50 22.33 -7.30 19.67
C PRO C 50 22.98 -5.92 19.56
N GLY C 51 22.29 -4.91 20.08
CA GLY C 51 22.83 -3.55 20.14
C GLY C 51 22.85 -2.81 18.82
N SER C 52 21.91 -3.15 17.94
CA SER C 52 21.73 -2.43 16.68
C SER C 52 21.21 -1.04 16.96
N THR C 53 21.70 -0.05 16.22
CA THR C 53 21.25 1.33 16.39
C THR C 53 20.31 1.78 15.28
N GLU C 54 20.03 0.88 14.33
CA GLU C 54 19.18 1.20 13.18
C GLU C 54 17.72 1.35 13.58
N SER C 55 17.19 2.55 13.35
CA SER C 55 15.76 2.84 13.53
C SER C 55 15.36 3.99 12.62
N TYR C 56 14.06 4.13 12.38
CA TYR C 56 13.52 5.21 11.55
C TYR C 56 12.25 5.74 12.16
N SER C 57 12.01 7.04 11.98
CA SER C 57 10.77 7.67 12.39
C SER C 57 9.60 7.04 11.64
N LEU C 58 8.44 6.95 12.30
CA LEU C 58 7.23 6.45 11.65
C LEU C 58 6.79 7.35 10.49
N ASP C 59 7.27 8.59 10.48
CA ASP C 59 7.01 9.54 9.39
C ASP C 59 7.87 9.23 8.17
N GLU C 60 8.82 8.32 8.33
CA GLU C 60 9.70 7.96 7.23
C GLU C 60 8.97 6.98 6.31
N ILE C 61 9.00 7.26 5.01
CA ILE C 61 8.42 6.36 4.03
C ILE C 61 9.44 5.29 3.65
N VAL C 62 9.43 4.21 4.42
CA VAL C 62 10.34 3.07 4.21
C VAL C 62 9.56 1.78 4.23
N TYR C 63 10.10 0.76 3.58
CA TYR C 63 9.46 -0.56 3.53
C TYR C 63 10.44 -1.67 3.89
N ARG C 64 11.73 -1.40 3.69
CA ARG C 64 12.79 -2.35 4.05
C ARG C 64 13.94 -1.71 4.81
N SER C 65 14.78 -2.53 5.42
CA SER C 65 15.89 -2.06 6.25
C SER C 65 17.17 -1.87 5.44
N ARG C 66 18.24 -1.46 6.12
CA ARG C 66 19.57 -1.32 5.51
C ARG C 66 20.03 -2.60 4.81
N SER C 67 19.73 -3.74 5.43
CA SER C 67 20.15 -5.04 4.95
C SER C 67 19.26 -5.63 3.86
N GLY C 68 18.13 -4.96 3.60
CA GLY C 68 17.15 -5.45 2.65
C GLY C 68 16.03 -6.22 3.34
N GLY C 69 16.16 -6.39 4.65
CA GLY C 69 15.16 -7.11 5.45
C GLY C 69 13.90 -6.30 5.68
N LEU C 70 12.96 -6.90 6.40
CA LEU C 70 11.70 -6.24 6.72
C LEU C 70 11.85 -5.34 7.94
N LEU C 71 10.98 -4.34 8.04
CA LEU C 71 10.89 -3.51 9.24
C LEU C 71 9.80 -4.02 10.17
N ASP C 72 9.96 -3.73 11.46
CA ASP C 72 8.89 -3.90 12.44
C ASP C 72 8.67 -2.59 13.17
N VAL C 73 7.48 -2.44 13.77
CA VAL C 73 7.23 -1.30 14.63
C VAL C 73 7.58 -1.68 16.07
N GLU C 74 8.67 -1.10 16.57
CA GLU C 74 9.07 -1.28 17.96
C GLU C 74 8.58 -0.13 18.82
N HIS C 75 7.85 -0.47 19.89
CA HIS C 75 7.36 0.50 20.84
C HIS C 75 8.34 0.66 22.00
N ASP C 76 8.38 1.87 22.57
CA ASP C 76 9.20 2.15 23.73
C ASP C 76 8.66 1.39 24.94
N MET C 77 9.20 0.20 25.16
CA MET C 77 8.76 -0.69 26.23
C MET C 77 9.08 -0.14 27.61
N GLU C 78 10.13 0.67 27.69
CA GLU C 78 10.55 1.31 28.93
C GLU C 78 9.47 2.28 29.43
N ALA C 79 8.89 3.05 28.51
CA ALA C 79 7.85 4.03 28.84
C ALA C 79 6.53 3.36 29.21
N LEU C 80 6.20 2.28 28.50
CA LEU C 80 4.97 1.52 28.76
C LEU C 80 5.00 0.80 30.12
N LYS C 81 6.19 0.32 30.50
CA LYS C 81 6.40 -0.41 31.76
C LYS C 81 6.22 0.45 33.02
N ARG C 82 6.19 1.77 32.86
CA ARG C 82 5.94 2.68 33.98
C ARG C 82 4.48 2.61 34.44
N PHE C 83 3.68 1.83 33.71
CA PHE C 83 2.30 1.56 34.06
C PHE C 83 2.11 0.05 34.10
N ASP C 84 1.70 -0.48 35.25
CA ASP C 84 1.59 -1.92 35.45
C ASP C 84 0.38 -2.51 34.71
N GLY C 85 0.32 -3.84 34.68
CA GLY C 85 -0.76 -4.56 34.03
C GLY C 85 -2.15 -4.20 34.51
N ALA C 86 -2.28 -3.94 35.81
CA ALA C 86 -3.54 -3.52 36.42
C ALA C 86 -4.08 -2.23 35.79
N TYR C 87 -3.18 -1.26 35.57
CA TYR C 87 -3.54 0.01 34.94
C TYR C 87 -4.01 -0.20 33.50
N TRP C 88 -3.19 -0.91 32.72
CA TRP C 88 -3.50 -1.19 31.31
C TRP C 88 -4.78 -1.99 31.13
N ARG C 89 -4.99 -3.01 31.97
CA ARG C 89 -6.22 -3.80 31.94
C ARG C 89 -7.44 -2.91 32.19
N ASP C 90 -7.39 -2.12 33.27
CA ASP C 90 -8.46 -1.19 33.61
C ASP C 90 -8.67 -0.13 32.51
N LEU C 91 -7.57 0.34 31.93
CA LEU C 91 -7.64 1.35 30.87
C LEU C 91 -8.33 0.81 29.61
N PHE C 92 -7.85 -0.33 29.11
CA PHE C 92 -8.41 -0.94 27.91
C PHE C 92 -9.85 -1.41 28.11
N ASP C 93 -10.17 -1.88 29.31
CA ASP C 93 -11.52 -2.31 29.66
C ASP C 93 -12.49 -1.14 29.69
N SER C 94 -12.03 -0.01 30.23
CA SER C 94 -12.88 1.18 30.37
C SER C 94 -13.36 1.76 29.04
N ARG C 95 -12.74 1.32 27.94
CA ARG C 95 -12.97 1.90 26.62
C ARG C 95 -13.68 0.94 25.66
N VAL C 96 -13.85 -0.30 26.09
CA VAL C 96 -14.55 -1.34 25.30
C VAL C 96 -15.99 -0.95 24.94
N GLY C 97 -16.21 -0.72 23.65
CA GLY C 97 -17.54 -0.37 23.11
C GLY C 97 -18.15 0.90 23.67
N LYS C 98 -17.32 1.93 23.85
CA LYS C 98 -17.78 3.21 24.36
C LYS C 98 -17.88 4.20 23.21
N SER C 99 -18.65 5.27 23.42
CA SER C 99 -18.91 6.25 22.37
C SER C 99 -17.76 7.23 22.15
N THR C 100 -16.80 7.24 23.06
CA THR C 100 -15.70 8.20 23.06
C THR C 100 -14.67 7.94 21.97
N TRP C 101 -14.50 8.91 21.08
CA TRP C 101 -13.54 8.83 19.98
C TRP C 101 -12.12 9.04 20.50
N PRO C 102 -11.16 8.26 20.00
CA PRO C 102 -11.32 7.18 19.03
C PRO C 102 -11.36 5.80 19.68
N TYR C 103 -11.57 5.76 20.99
CA TYR C 103 -11.35 4.55 21.77
C TYR C 103 -12.47 3.50 21.65
N GLY C 104 -13.53 3.82 20.92
CA GLY C 104 -14.60 2.86 20.67
C GLY C 104 -14.11 1.67 19.86
N SER C 105 -13.24 1.95 18.89
CA SER C 105 -12.67 0.94 18.01
C SER C 105 -11.92 -0.16 18.77
N GLY C 106 -12.03 -1.39 18.26
CA GLY C 106 -11.28 -2.53 18.80
C GLY C 106 -9.78 -2.34 18.70
N VAL C 107 -9.35 -1.59 17.69
CA VAL C 107 -7.95 -1.28 17.49
C VAL C 107 -7.50 -0.08 18.33
N TRP C 108 -8.19 1.05 18.14
CA TRP C 108 -7.77 2.31 18.74
C TRP C 108 -8.04 2.44 20.25
N SER C 109 -8.78 1.49 20.83
CA SER C 109 -8.88 1.39 22.28
C SER C 109 -7.53 1.00 22.89
N LYS C 110 -6.63 0.50 22.05
CA LYS C 110 -5.26 0.19 22.46
C LYS C 110 -4.26 1.16 21.82
N LYS C 111 -4.70 2.40 21.60
CA LYS C 111 -3.93 3.42 20.87
C LYS C 111 -2.46 3.53 21.29
N GLU C 112 -2.21 3.52 22.60
CA GLU C 112 -0.85 3.61 23.15
C GLU C 112 0.07 2.50 22.64
N TRP C 113 -0.51 1.35 22.32
CA TRP C 113 0.24 0.18 21.87
C TRP C 113 0.32 0.06 20.34
N VAL C 114 -0.31 1.00 19.63
CA VAL C 114 -0.39 0.96 18.17
C VAL C 114 0.28 2.17 17.51
N LEU C 115 -0.40 3.33 17.53
CA LEU C 115 0.19 4.59 17.07
C LEU C 115 0.06 5.65 18.16
N PRO C 116 0.95 5.58 19.17
CA PRO C 116 0.82 6.45 20.34
C PRO C 116 0.89 7.94 20.02
N GLU C 117 1.65 8.28 18.97
CA GLU C 117 1.92 9.69 18.67
C GLU C 117 1.00 10.33 17.62
N ILE C 118 0.07 9.56 17.06
CA ILE C 118 -0.89 10.13 16.11
C ILE C 118 -1.96 10.97 16.82
N ASP C 119 -2.36 12.06 16.18
CA ASP C 119 -3.41 12.91 16.70
C ASP C 119 -4.77 12.32 16.36
N ASP C 120 -5.73 12.47 17.27
CA ASP C 120 -7.08 11.96 17.09
C ASP C 120 -7.79 12.52 15.84
N ASP C 121 -7.37 13.71 15.42
CA ASP C 121 -7.89 14.34 14.21
C ASP C 121 -7.49 13.60 12.92
N ASP C 122 -6.41 12.83 13.00
CA ASP C 122 -5.86 12.15 11.84
C ASP C 122 -6.31 10.70 11.72
N ILE C 123 -6.97 10.19 12.77
CA ILE C 123 -7.43 8.81 12.75
C ILE C 123 -8.61 8.63 11.79
N VAL C 124 -8.49 7.63 10.93
CA VAL C 124 -9.56 7.23 10.03
C VAL C 124 -10.02 5.86 10.52
N SER C 125 -11.18 5.82 11.16
CA SER C 125 -11.68 4.58 11.75
C SER C 125 -13.14 4.34 11.44
N ALA C 126 -13.48 3.06 11.28
CA ALA C 126 -14.86 2.66 11.02
C ALA C 126 -15.34 1.68 12.07
N PHE C 127 -15.10 2.02 13.34
CA PHE C 127 -15.54 1.21 14.47
C PHE C 127 -15.15 -0.26 14.30
N GLU C 128 -13.96 -0.47 13.72
CA GLU C 128 -13.45 -1.80 13.42
C GLU C 128 -13.09 -2.55 14.70
N GLY C 129 -12.87 -3.86 14.58
CA GLY C 129 -12.66 -4.70 15.75
C GLY C 129 -13.97 -4.96 16.46
N ASN C 130 -13.88 -5.33 17.74
CA ASN C 130 -15.04 -5.76 18.52
C ASN C 130 -15.79 -6.89 17.81
N SER C 131 -15.04 -7.78 17.17
CA SER C 131 -15.58 -8.92 16.45
C SER C 131 -16.15 -9.94 17.41
N ASN C 132 -17.27 -10.54 17.03
CA ASN C 132 -17.85 -11.63 17.81
C ASN C 132 -16.88 -12.80 17.94
N LEU C 133 -16.58 -13.13 19.19
CA LEU C 133 -15.94 -14.38 19.53
C LEU C 133 -17.09 -15.36 19.77
N PHE C 134 -17.53 -15.98 18.69
CA PHE C 134 -18.67 -16.88 18.66
C PHE C 134 -18.35 -18.19 19.39
N TRP C 135 -19.23 -18.61 20.30
CA TRP C 135 -19.09 -19.90 20.96
C TRP C 135 -19.62 -21.02 20.07
N ALA C 136 -18.71 -21.77 19.48
CA ALA C 136 -19.07 -22.88 18.60
C ALA C 136 -19.50 -24.09 19.42
N GLU C 137 -20.67 -23.98 20.06
CA GLU C 137 -21.16 -25.03 20.93
C GLU C 137 -21.52 -26.29 20.15
N ARG C 138 -22.43 -26.16 19.18
CA ARG C 138 -22.88 -27.31 18.40
C ARG C 138 -21.77 -27.89 17.54
N PHE C 139 -20.93 -27.03 16.97
CA PHE C 139 -19.81 -27.47 16.15
C PHE C 139 -18.76 -28.23 16.96
N GLY C 140 -18.34 -27.63 18.06
CA GLY C 140 -17.36 -28.22 18.97
C GLY C 140 -17.80 -29.56 19.55
N LYS C 141 -19.04 -29.61 20.02
CA LYS C 141 -19.57 -30.81 20.68
C LYS C 141 -19.96 -31.94 19.70
N GLN C 142 -20.52 -31.56 18.56
CA GLN C 142 -21.06 -32.53 17.60
C GLN C 142 -19.99 -33.12 16.69
N PHE C 143 -18.88 -32.40 16.51
CA PHE C 143 -17.85 -32.83 15.57
C PHE C 143 -16.48 -33.09 16.18
N LEU C 144 -16.15 -32.37 17.25
CA LEU C 144 -14.80 -32.41 17.83
C LEU C 144 -14.76 -32.82 19.30
N GLY C 145 -15.93 -32.95 19.91
CA GLY C 145 -16.03 -33.29 21.34
C GLY C 145 -15.55 -32.18 22.26
N MET C 146 -15.58 -30.95 21.77
CA MET C 146 -15.07 -29.79 22.48
C MET C 146 -16.18 -28.92 23.07
N ASN C 147 -16.02 -28.55 24.34
CA ASN C 147 -16.98 -27.68 25.02
C ASN C 147 -16.58 -26.21 24.96
N ASP C 148 -15.28 -25.96 24.83
CA ASP C 148 -14.73 -24.61 24.94
C ASP C 148 -14.05 -24.16 23.64
N LEU C 149 -14.69 -24.45 22.51
CA LEU C 149 -14.23 -23.96 21.21
C LEU C 149 -14.91 -22.64 20.86
N TRP C 150 -14.12 -21.71 20.32
CA TRP C 150 -14.60 -20.37 19.98
C TRP C 150 -14.13 -19.98 18.58
N VAL C 151 -14.99 -19.24 17.86
CA VAL C 151 -14.66 -18.76 16.53
C VAL C 151 -14.70 -17.22 16.46
N LYS C 152 -13.55 -16.62 16.19
CA LYS C 152 -13.44 -15.17 16.06
C LYS C 152 -13.93 -14.72 14.68
N HIS C 153 -15.09 -14.06 14.67
CA HIS C 153 -15.70 -13.59 13.43
C HIS C 153 -15.15 -12.23 12.99
N CYS C 154 -13.91 -12.23 12.53
CA CYS C 154 -13.25 -11.00 12.04
C CYS C 154 -13.91 -10.48 10.76
N GLY C 155 -14.57 -11.38 10.04
CA GLY C 155 -15.27 -11.04 8.80
C GLY C 155 -16.47 -10.11 8.97
N ILE C 156 -17.03 -10.04 10.18
CA ILE C 156 -18.09 -9.07 10.47
C ILE C 156 -17.43 -7.71 10.70
N SER C 157 -17.00 -7.10 9.60
CA SER C 157 -16.36 -5.80 9.61
C SER C 157 -16.85 -4.97 8.44
N HIS C 158 -16.41 -3.71 8.39
CA HIS C 158 -16.79 -2.76 7.35
C HIS C 158 -16.64 -3.28 5.91
N THR C 159 -15.51 -3.90 5.59
CA THR C 159 -15.30 -4.45 4.24
C THR C 159 -15.42 -5.97 4.16
N GLY C 160 -15.66 -6.61 5.30
CA GLY C 160 -15.95 -8.04 5.33
C GLY C 160 -14.77 -8.96 5.58
N SER C 161 -13.63 -8.38 5.96
CA SER C 161 -12.45 -9.17 6.32
C SER C 161 -11.66 -8.50 7.44
N PHE C 162 -10.65 -9.21 7.95
CA PHE C 162 -9.81 -8.70 9.04
C PHE C 162 -8.87 -7.58 8.62
N LYS C 163 -8.66 -7.43 7.31
CA LYS C 163 -7.74 -6.42 6.78
C LYS C 163 -8.12 -4.99 7.13
N ASP C 164 -9.36 -4.80 7.60
CA ASP C 164 -9.81 -3.53 8.14
C ASP C 164 -9.00 -3.11 9.37
N LEU C 165 -8.65 -4.09 10.21
CA LEU C 165 -7.89 -3.84 11.43
C LEU C 165 -6.55 -3.19 11.14
N GLY C 166 -5.98 -3.51 9.97
CA GLY C 166 -4.66 -3.03 9.60
C GLY C 166 -4.72 -1.75 8.80
N MET C 167 -5.75 -1.64 7.96
CA MET C 167 -5.90 -0.48 7.10
C MET C 167 -6.26 0.79 7.84
N THR C 168 -6.89 0.66 9.01
CA THR C 168 -7.19 1.82 9.83
C THR C 168 -5.92 2.48 10.37
N VAL C 169 -4.88 1.67 10.55
CA VAL C 169 -3.60 2.17 11.05
C VAL C 169 -2.85 2.81 9.88
N LEU C 170 -2.71 2.07 8.79
CA LEU C 170 -1.97 2.52 7.62
C LEU C 170 -2.55 3.81 7.05
N VAL C 171 -3.84 3.81 6.78
CA VAL C 171 -4.50 4.98 6.22
C VAL C 171 -4.43 6.17 7.19
N SER C 172 -4.58 5.91 8.49
CA SER C 172 -4.40 6.95 9.50
C SER C 172 -3.01 7.59 9.43
N GLN C 173 -1.97 6.78 9.30
CA GLN C 173 -0.61 7.31 9.21
C GLN C 173 -0.42 8.09 7.91
N VAL C 174 -0.95 7.57 6.81
CA VAL C 174 -0.90 8.24 5.51
C VAL C 174 -1.66 9.57 5.57
N ASN C 175 -2.81 9.56 6.23
CA ASN C 175 -3.59 10.78 6.46
C ASN C 175 -2.73 11.85 7.13
N ARG C 176 -2.01 11.44 8.18
CA ARG C 176 -1.14 12.33 8.94
C ARG C 176 -0.05 12.94 8.05
N LEU C 177 0.59 12.10 7.23
CA LEU C 177 1.63 12.58 6.32
C LEU C 177 1.11 13.59 5.28
N ARG C 178 -0.09 13.33 4.73
CA ARG C 178 -0.72 14.25 3.78
C ARG C 178 -0.90 15.64 4.40
N LYS C 179 -1.41 15.68 5.63
CA LYS C 179 -1.63 16.94 6.34
C LYS C 179 -0.32 17.63 6.70
N MET C 180 0.73 16.84 6.89
CA MET C 180 2.07 17.39 7.14
C MET C 180 2.73 17.85 5.84
N LYS C 181 1.96 17.85 4.76
CA LYS C 181 2.38 18.31 3.42
C LYS C 181 3.50 17.45 2.81
N ARG C 182 3.55 16.19 3.21
CA ARG C 182 4.51 15.24 2.67
C ARG C 182 4.04 14.73 1.30
N PRO C 183 4.99 14.30 0.44
CA PRO C 183 4.64 13.85 -0.91
C PRO C 183 3.95 12.48 -0.94
N VAL C 184 2.67 12.46 -0.58
CA VAL C 184 1.86 11.25 -0.72
C VAL C 184 0.51 11.66 -1.31
N VAL C 185 0.39 11.50 -2.62
CA VAL C 185 -0.80 11.93 -3.35
C VAL C 185 -1.89 10.85 -3.34
N GLY C 186 -1.53 9.68 -2.87
CA GLY C 186 -2.45 8.56 -2.79
C GLY C 186 -1.78 7.28 -2.36
N VAL C 187 -2.57 6.22 -2.26
CA VAL C 187 -2.05 4.91 -1.92
C VAL C 187 -2.31 3.97 -3.08
N GLY C 188 -1.30 3.18 -3.43
CA GLY C 188 -1.42 2.20 -4.50
C GLY C 188 -1.22 0.80 -3.97
N CYS C 189 -1.81 -0.17 -4.67
CA CYS C 189 -1.62 -1.58 -4.35
C CYS C 189 -2.09 -2.47 -5.49
N ALA C 190 -1.74 -3.75 -5.41
CA ALA C 190 -2.22 -4.75 -6.36
C ALA C 190 -2.41 -6.08 -5.64
N SER C 191 -3.64 -6.31 -5.18
CA SER C 191 -3.98 -7.57 -4.51
C SER C 191 -5.45 -7.94 -4.74
N THR C 192 -5.74 -9.23 -4.66
CA THR C 192 -7.07 -9.77 -5.02
C THR C 192 -8.18 -9.40 -4.03
N GLY C 193 -8.74 -8.20 -4.21
CA GLY C 193 -9.93 -7.78 -3.48
C GLY C 193 -9.74 -7.46 -2.01
N ASP C 194 -9.46 -8.48 -1.20
CA ASP C 194 -9.42 -8.36 0.27
C ASP C 194 -8.60 -7.19 0.79
N THR C 195 -7.38 -7.03 0.26
CA THR C 195 -6.50 -5.93 0.64
C THR C 195 -6.99 -4.60 0.07
N SER C 196 -7.33 -4.59 -1.21
CA SER C 196 -7.74 -3.38 -1.91
C SER C 196 -9.09 -2.84 -1.42
N ALA C 197 -10.03 -3.75 -1.13
CA ALA C 197 -11.34 -3.37 -0.59
C ALA C 197 -11.21 -2.59 0.72
N ALA C 198 -10.37 -3.10 1.63
CA ALA C 198 -10.12 -2.46 2.90
C ALA C 198 -9.41 -1.11 2.73
N LEU C 199 -8.33 -1.11 1.95
CA LEU C 199 -7.58 0.11 1.66
C LEU C 199 -8.47 1.19 1.03
N SER C 200 -9.14 0.84 -0.07
CA SER C 200 -9.95 1.80 -0.83
C SER C 200 -11.08 2.43 -0.01
N ALA C 201 -11.70 1.62 0.86
CA ALA C 201 -12.78 2.10 1.72
C ALA C 201 -12.30 3.13 2.75
N TYR C 202 -11.15 2.88 3.37
CA TYR C 202 -10.60 3.78 4.37
C TYR C 202 -10.05 5.06 3.74
N CYS C 203 -9.36 4.90 2.60
CA CYS C 203 -8.90 6.04 1.81
C CYS C 203 -10.06 6.94 1.35
N ALA C 204 -11.14 6.31 0.86
CA ALA C 204 -12.29 7.05 0.35
C ALA C 204 -12.95 7.97 1.39
N SER C 205 -13.18 7.44 2.59
CA SER C 205 -13.81 8.21 3.66
C SER C 205 -12.99 9.44 4.08
N ALA C 206 -11.67 9.35 3.90
CA ALA C 206 -10.74 10.42 4.25
C ALA C 206 -10.40 11.32 3.06
N GLY C 207 -10.94 11.02 1.88
CA GLY C 207 -10.63 11.78 0.68
C GLY C 207 -9.22 11.56 0.18
N ILE C 208 -8.73 10.33 0.33
CA ILE C 208 -7.41 9.95 -0.14
C ILE C 208 -7.57 9.09 -1.39
N PRO C 209 -6.96 9.54 -2.51
CA PRO C 209 -7.05 8.77 -3.75
C PRO C 209 -6.43 7.38 -3.58
N SER C 210 -7.10 6.38 -4.11
CA SER C 210 -6.68 4.99 -4.01
C SER C 210 -6.53 4.42 -5.42
N ILE C 211 -5.37 3.87 -5.70
CA ILE C 211 -5.05 3.34 -7.02
C ILE C 211 -4.87 1.82 -6.96
N VAL C 212 -5.69 1.09 -7.71
CA VAL C 212 -5.72 -0.36 -7.65
C VAL C 212 -5.38 -1.01 -8.99
N PHE C 213 -4.34 -1.82 -9.00
CA PHE C 213 -3.90 -2.53 -10.20
C PHE C 213 -4.41 -3.97 -10.14
N LEU C 214 -5.22 -4.36 -11.14
CA LEU C 214 -5.76 -5.71 -11.20
C LEU C 214 -5.73 -6.28 -12.61
N PRO C 215 -5.42 -7.58 -12.74
CA PRO C 215 -5.39 -8.27 -14.04
C PRO C 215 -6.75 -8.29 -14.74
N ALA C 216 -6.74 -8.23 -16.07
CA ALA C 216 -7.96 -8.06 -16.87
C ALA C 216 -8.92 -9.26 -16.83
N ASN C 217 -8.48 -10.38 -17.38
CA ASN C 217 -9.33 -11.58 -17.50
C ASN C 217 -9.42 -12.41 -16.22
N LYS C 218 -8.34 -12.37 -15.42
CA LYS C 218 -8.21 -13.21 -14.22
C LYS C 218 -9.35 -13.00 -13.22
N ILE C 219 -9.75 -11.74 -13.04
CA ILE C 219 -10.98 -11.41 -12.33
C ILE C 219 -11.79 -10.41 -13.16
N SER C 220 -13.06 -10.74 -13.39
CA SER C 220 -13.94 -9.93 -14.23
C SER C 220 -14.26 -8.59 -13.58
N MET C 221 -15.38 -8.51 -12.87
CA MET C 221 -15.77 -7.29 -12.15
C MET C 221 -16.40 -7.58 -10.79
N ALA C 222 -16.77 -8.85 -10.57
CA ALA C 222 -17.46 -9.27 -9.35
C ALA C 222 -16.61 -9.14 -8.09
N GLN C 223 -15.40 -9.66 -8.13
CA GLN C 223 -14.51 -9.68 -6.95
C GLN C 223 -13.92 -8.31 -6.59
N LEU C 224 -13.98 -7.37 -7.52
CA LEU C 224 -13.38 -6.04 -7.31
C LEU C 224 -14.41 -4.92 -7.16
N VAL C 225 -15.65 -5.31 -6.86
CA VAL C 225 -16.78 -4.36 -6.77
C VAL C 225 -16.58 -3.30 -5.66
N GLN C 226 -16.03 -3.70 -4.53
CA GLN C 226 -15.82 -2.79 -3.41
C GLN C 226 -14.91 -1.60 -3.74
N PRO C 227 -13.66 -1.85 -4.19
CA PRO C 227 -12.82 -0.73 -4.62
C PRO C 227 -13.49 0.13 -5.69
N ILE C 228 -14.09 -0.49 -6.70
CA ILE C 228 -14.81 0.20 -7.76
C ILE C 228 -15.87 1.15 -7.19
N ALA C 229 -16.70 0.64 -6.29
CA ALA C 229 -17.76 1.43 -5.67
C ALA C 229 -17.21 2.51 -4.74
N ASN C 230 -16.05 2.25 -4.14
CA ASN C 230 -15.42 3.18 -3.21
C ASN C 230 -14.64 4.30 -3.90
N GLY C 231 -14.85 4.46 -5.21
CA GLY C 231 -14.27 5.57 -5.96
C GLY C 231 -12.77 5.47 -6.18
N ALA C 232 -12.24 4.25 -6.10
CA ALA C 232 -10.84 3.99 -6.37
C ALA C 232 -10.55 4.08 -7.86
N PHE C 233 -9.32 4.48 -8.19
CA PHE C 233 -8.88 4.54 -9.57
C PHE C 233 -8.38 3.16 -9.99
N VAL C 234 -9.24 2.42 -10.67
CA VAL C 234 -8.96 1.03 -11.01
C VAL C 234 -8.43 0.89 -12.43
N LEU C 235 -7.29 0.22 -12.56
CA LEU C 235 -6.71 -0.09 -13.86
C LEU C 235 -6.78 -1.59 -14.15
N SER C 236 -7.27 -1.92 -15.34
CA SER C 236 -7.38 -3.31 -15.79
C SER C 236 -6.18 -3.63 -16.70
N ILE C 237 -5.19 -4.31 -16.12
CA ILE C 237 -3.89 -4.53 -16.78
C ILE C 237 -3.87 -5.83 -17.60
N ASP C 238 -3.16 -5.80 -18.73
CA ASP C 238 -2.98 -6.97 -19.59
C ASP C 238 -1.84 -7.88 -19.14
N THR C 239 -1.93 -8.37 -17.90
CA THR C 239 -0.95 -9.33 -17.35
C THR C 239 -1.63 -10.18 -16.29
N ASP C 240 -0.89 -11.13 -15.72
CA ASP C 240 -1.37 -11.91 -14.59
C ASP C 240 -1.13 -11.13 -13.29
N PHE C 241 -1.45 -11.72 -12.15
CA PHE C 241 -1.28 -11.07 -10.85
C PHE C 241 0.15 -10.58 -10.62
N ASP C 242 1.13 -11.36 -11.08
CA ASP C 242 2.54 -11.04 -10.90
C ASP C 242 2.96 -9.77 -11.64
N GLY C 243 2.43 -9.61 -12.85
CA GLY C 243 2.70 -8.42 -13.67
C GLY C 243 2.17 -7.13 -13.07
N CYS C 244 1.05 -7.21 -12.36
CA CYS C 244 0.46 -6.06 -11.69
C CYS C 244 1.26 -5.64 -10.46
N MET C 245 1.83 -6.63 -9.78
CA MET C 245 2.72 -6.40 -8.64
C MET C 245 4.01 -5.70 -9.08
N LYS C 246 4.52 -6.12 -10.24
CA LYS C 246 5.72 -5.51 -10.81
C LYS C 246 5.49 -4.06 -11.18
N LEU C 247 4.35 -3.78 -11.81
CA LEU C 247 4.05 -2.45 -12.33
C LEU C 247 3.71 -1.42 -11.26
N ILE C 248 3.05 -1.87 -10.18
CA ILE C 248 2.73 -0.98 -9.06
C ILE C 248 3.99 -0.57 -8.29
N ARG C 249 5.02 -1.41 -8.36
CA ARG C 249 6.35 -1.06 -7.85
C ARG C 249 6.95 0.03 -8.74
N GLU C 250 6.95 -0.19 -10.05
CA GLU C 250 7.49 0.76 -11.02
C GLU C 250 6.87 2.15 -10.89
N ILE C 251 5.55 2.18 -10.66
CA ILE C 251 4.80 3.41 -10.45
C ILE C 251 5.27 4.13 -9.20
N THR C 252 5.30 3.40 -8.08
CA THR C 252 5.69 3.92 -6.77
C THR C 252 7.12 4.48 -6.73
N ALA C 253 7.98 3.97 -7.61
CA ALA C 253 9.36 4.41 -7.67
C ALA C 253 9.52 5.86 -8.11
N GLU C 254 8.58 6.33 -8.95
CA GLU C 254 8.64 7.69 -9.49
C GLU C 254 7.56 8.59 -8.93
N LEU C 255 6.35 8.05 -8.76
CA LEU C 255 5.22 8.83 -8.28
C LEU C 255 5.17 8.87 -6.75
N PRO C 256 4.80 10.04 -6.18
CA PRO C 256 4.66 10.14 -4.72
C PRO C 256 3.43 9.38 -4.23
N ILE C 257 3.41 8.08 -4.50
CA ILE C 257 2.31 7.19 -4.12
C ILE C 257 2.82 6.17 -3.12
N TYR C 258 2.18 6.11 -1.96
CA TYR C 258 2.54 5.17 -0.92
C TYR C 258 2.13 3.76 -1.35
N LEU C 259 3.01 2.80 -1.07
CA LEU C 259 2.78 1.43 -1.45
C LEU C 259 2.20 0.61 -0.30
N ALA C 260 1.05 0.00 -0.55
CA ALA C 260 0.41 -0.86 0.44
C ALA C 260 0.61 -2.33 0.07
N ASN C 261 1.40 -3.03 0.89
CA ASN C 261 1.77 -4.43 0.62
C ASN C 261 1.69 -5.31 1.85
N SER C 262 2.18 -6.55 1.71
CA SER C 262 2.34 -7.47 2.83
C SER C 262 3.49 -7.02 3.74
N LEU C 263 4.39 -6.21 3.18
CA LEU C 263 5.59 -5.75 3.86
C LEU C 263 5.27 -4.83 5.04
N ASN C 264 4.28 -3.96 4.87
CA ASN C 264 3.94 -2.92 5.85
C ASN C 264 3.67 -3.42 7.26
N SER C 265 4.57 -3.06 8.17
CA SER C 265 4.43 -3.41 9.59
C SER C 265 3.31 -2.61 10.27
N LEU C 266 2.91 -1.50 9.65
CA LEU C 266 1.80 -0.69 10.14
C LEU C 266 0.50 -1.48 10.21
N ARG C 267 0.18 -2.17 9.11
CA ARG C 267 -0.96 -3.08 9.06
C ARG C 267 -0.94 -4.05 10.25
N LEU C 268 0.23 -4.65 10.52
CA LEU C 268 0.39 -5.58 11.63
C LEU C 268 0.08 -4.97 12.99
N GLU C 269 0.38 -3.70 13.16
CA GLU C 269 0.09 -3.01 14.42
C GLU C 269 -1.41 -2.97 14.75
N GLY C 270 -2.24 -2.88 13.72
CA GLY C 270 -3.69 -2.93 13.89
C GLY C 270 -4.19 -4.35 14.03
N GLN C 271 -3.54 -5.28 13.32
CA GLN C 271 -3.93 -6.68 13.33
C GLN C 271 -3.66 -7.37 14.66
N LYS C 272 -2.62 -6.93 15.37
CA LYS C 272 -2.24 -7.51 16.66
C LYS C 272 -3.27 -7.26 17.77
N THR C 273 -4.11 -6.24 17.60
CA THR C 273 -5.14 -5.92 18.58
C THR C 273 -6.21 -7.00 18.66
N ALA C 274 -6.39 -7.74 17.56
CA ALA C 274 -7.29 -8.90 17.54
C ALA C 274 -6.91 -9.91 18.61
N ALA C 275 -5.60 -10.12 18.80
CA ALA C 275 -5.11 -11.01 19.85
C ALA C 275 -5.37 -10.44 21.25
N ILE C 276 -5.12 -9.14 21.41
CA ILE C 276 -5.40 -8.42 22.65
C ILE C 276 -6.90 -8.48 22.96
N GLU C 277 -7.71 -8.32 21.91
CA GLU C 277 -9.16 -8.38 21.99
C GLU C 277 -9.65 -9.73 22.52
N ILE C 278 -9.18 -10.82 21.88
CA ILE C 278 -9.50 -12.18 22.32
C ILE C 278 -9.21 -12.37 23.81
N LEU C 279 -8.05 -11.91 24.25
CA LEU C 279 -7.69 -11.90 25.66
C LEU C 279 -8.73 -11.15 26.49
N GLN C 280 -9.00 -9.91 26.09
CA GLN C 280 -9.93 -9.04 26.79
C GLN C 280 -11.33 -9.64 26.85
N GLN C 281 -11.76 -10.21 25.72
CA GLN C 281 -13.05 -10.90 25.63
C GLN C 281 -13.12 -12.11 26.57
N PHE C 282 -11.98 -12.73 26.86
CA PHE C 282 -11.90 -13.82 27.84
C PHE C 282 -11.60 -13.31 29.25
N ASP C 283 -11.93 -12.04 29.52
CA ASP C 283 -11.67 -11.41 30.82
C ASP C 283 -10.21 -11.58 31.28
N TRP C 284 -9.29 -11.35 30.35
CA TRP C 284 -7.84 -11.47 30.55
C TRP C 284 -7.38 -12.86 30.97
N GLN C 285 -8.02 -13.87 30.37
CA GLN C 285 -7.62 -15.26 30.56
C GLN C 285 -7.11 -15.82 29.25
N VAL C 286 -5.91 -16.37 29.28
CA VAL C 286 -5.20 -16.81 28.07
C VAL C 286 -5.71 -18.17 27.59
N PRO C 287 -6.20 -18.22 26.33
CA PRO C 287 -6.63 -19.47 25.71
C PRO C 287 -5.46 -20.41 25.43
N ASP C 288 -5.75 -21.71 25.33
CA ASP C 288 -4.72 -22.72 25.10
C ASP C 288 -4.18 -22.69 23.66
N TRP C 289 -5.09 -22.58 22.70
CA TRP C 289 -4.72 -22.59 21.28
C TRP C 289 -5.40 -21.49 20.49
N VAL C 290 -4.67 -20.91 19.54
CA VAL C 290 -5.22 -19.99 18.55
C VAL C 290 -4.78 -20.39 17.15
N ILE C 291 -5.74 -20.68 16.28
CA ILE C 291 -5.48 -21.13 14.91
C ILE C 291 -5.78 -20.01 13.91
N VAL C 292 -4.80 -19.67 13.08
CA VAL C 292 -4.93 -18.58 12.11
C VAL C 292 -4.59 -19.08 10.69
N PRO C 293 -5.43 -18.74 9.70
CA PRO C 293 -5.08 -18.98 8.29
C PRO C 293 -3.87 -18.15 7.87
N GLY C 294 -2.89 -18.80 7.25
CA GLY C 294 -1.64 -18.15 6.87
C GLY C 294 -1.35 -18.13 5.39
N GLY C 295 -1.47 -16.95 4.78
CA GLY C 295 -1.16 -16.73 3.37
C GLY C 295 0.23 -16.15 3.22
N ASN C 296 0.33 -14.83 3.32
CA ASN C 296 1.63 -14.16 3.38
C ASN C 296 2.18 -14.09 4.80
N LEU C 297 1.47 -14.73 5.74
CA LEU C 297 1.97 -15.03 7.09
C LEU C 297 2.13 -13.85 8.06
N GLY C 298 1.72 -12.66 7.63
CA GLY C 298 1.78 -11.48 8.49
C GLY C 298 0.82 -11.55 9.66
N ASN C 299 -0.40 -12.02 9.40
CA ASN C 299 -1.43 -12.13 10.42
C ASN C 299 -1.04 -13.04 11.57
N ILE C 300 -0.54 -14.23 11.26
CA ILE C 300 -0.11 -15.19 12.29
C ILE C 300 0.94 -14.56 13.20
N TYR C 301 1.86 -13.79 12.61
CA TYR C 301 2.88 -13.07 13.37
C TYR C 301 2.27 -11.99 14.24
N ALA C 302 1.37 -11.19 13.66
CA ALA C 302 0.67 -10.13 14.37
C ALA C 302 -0.01 -10.64 15.64
N PHE C 303 -0.64 -11.81 15.53
CA PHE C 303 -1.29 -12.44 16.67
C PHE C 303 -0.31 -12.73 17.80
N TYR C 304 0.80 -13.38 17.48
CA TYR C 304 1.82 -13.67 18.47
C TYR C 304 2.32 -12.41 19.17
N LYS C 305 2.49 -11.34 18.39
CA LYS C 305 3.03 -10.10 18.91
C LYS C 305 2.06 -9.40 19.85
N GLY C 306 0.76 -9.48 19.54
CA GLY C 306 -0.29 -8.95 20.41
C GLY C 306 -0.35 -9.71 21.72
N PHE C 307 -0.28 -11.03 21.63
CA PHE C 307 -0.27 -11.89 22.80
C PHE C 307 0.99 -11.68 23.64
N LYS C 308 2.14 -11.56 22.98
CA LYS C 308 3.43 -11.41 23.66
C LYS C 308 3.52 -10.09 24.41
N MET C 309 2.95 -9.04 23.83
CA MET C 309 2.99 -7.69 24.40
C MET C 309 2.18 -7.60 25.71
N CYS C 310 1.04 -8.28 25.75
CA CYS C 310 0.20 -8.34 26.96
C CYS C 310 0.89 -9.06 28.11
N GLN C 311 1.61 -10.14 27.78
CA GLN C 311 2.42 -10.86 28.76
C GLN C 311 3.62 -10.02 29.19
N GLU C 312 4.28 -9.41 28.20
CA GLU C 312 5.49 -8.60 28.43
C GLU C 312 5.23 -7.49 29.44
N LEU C 313 4.16 -6.73 29.23
CA LEU C 313 3.83 -5.57 30.06
C LEU C 313 3.03 -5.90 31.31
N GLY C 314 2.69 -7.18 31.47
CA GLY C 314 2.14 -7.69 32.74
C GLY C 314 0.63 -7.67 32.90
N LEU C 315 -0.10 -7.78 31.79
CA LEU C 315 -1.56 -7.89 31.85
C LEU C 315 -1.91 -9.34 32.17
N VAL C 316 -1.16 -10.24 31.56
CA VAL C 316 -1.30 -11.68 31.76
C VAL C 316 0.08 -12.27 32.03
N ASP C 317 0.11 -13.51 32.51
CA ASP C 317 1.37 -14.15 32.87
C ASP C 317 1.88 -15.15 31.81
N ARG C 318 1.01 -15.51 30.87
CA ARG C 318 1.37 -16.46 29.82
C ARG C 318 0.81 -16.08 28.44
N ILE C 319 1.29 -16.76 27.40
CA ILE C 319 0.81 -16.58 26.03
C ILE C 319 0.24 -17.91 25.49
N PRO C 320 -0.66 -17.85 24.49
CA PRO C 320 -1.20 -19.09 23.93
C PRO C 320 -0.22 -19.75 22.96
N ARG C 321 -0.40 -21.04 22.73
CA ARG C 321 0.29 -21.74 21.66
C ARG C 321 -0.50 -21.51 20.38
N MET C 322 0.22 -21.33 19.27
CA MET C 322 -0.42 -20.92 18.02
C MET C 322 -0.34 -21.99 16.95
N VAL C 323 -1.40 -22.06 16.14
CA VAL C 323 -1.42 -22.93 14.97
C VAL C 323 -1.62 -22.08 13.72
N CYS C 324 -0.76 -22.30 12.72
CA CYS C 324 -0.94 -21.69 11.42
C CYS C 324 -1.45 -22.74 10.44
N ALA C 325 -2.53 -22.41 9.74
CA ALA C 325 -3.16 -23.34 8.80
C ALA C 325 -3.02 -22.86 7.37
N GLN C 326 -2.65 -23.77 6.48
CA GLN C 326 -2.40 -23.44 5.08
C GLN C 326 -3.12 -24.42 4.14
N ALA C 327 -3.36 -23.96 2.91
CA ALA C 327 -3.92 -24.82 1.87
C ALA C 327 -2.81 -25.68 1.29
N ALA C 328 -3.11 -26.95 1.02
CA ALA C 328 -2.13 -27.90 0.47
C ALA C 328 -1.55 -27.43 -0.87
N ASN C 329 -2.34 -26.65 -1.61
CA ASN C 329 -1.92 -26.08 -2.89
C ASN C 329 -0.96 -24.90 -2.73
N ALA C 330 -0.68 -24.51 -1.48
CA ALA C 330 0.26 -23.43 -1.16
C ALA C 330 0.81 -23.61 0.25
N ASN C 331 1.64 -24.64 0.43
CA ASN C 331 2.12 -25.03 1.76
C ASN C 331 3.63 -24.88 2.00
N PRO C 332 4.22 -23.69 1.73
CA PRO C 332 5.65 -23.57 2.00
C PRO C 332 5.99 -23.62 3.49
N LEU C 333 5.16 -23.01 4.32
CA LEU C 333 5.36 -23.03 5.78
C LEU C 333 5.17 -24.43 6.37
N TYR C 334 4.13 -25.14 5.91
CA TYR C 334 3.87 -26.52 6.35
C TYR C 334 5.07 -27.44 6.13
N LEU C 335 5.64 -27.37 4.93
CA LEU C 335 6.80 -28.20 4.58
C LEU C 335 8.05 -27.80 5.37
N HIS C 336 8.13 -26.54 5.76
CA HIS C 336 9.25 -26.03 6.54
C HIS C 336 9.19 -26.50 7.99
N TYR C 337 8.00 -26.41 8.59
CA TYR C 337 7.78 -26.83 9.98
C TYR C 337 8.05 -28.32 10.20
N LYS C 338 7.48 -29.17 9.33
CA LYS C 338 7.61 -30.62 9.43
C LYS C 338 9.04 -31.12 9.17
N SER C 339 9.86 -30.26 8.56
CA SER C 339 11.27 -30.54 8.34
C SER C 339 12.14 -30.12 9.53
N GLY C 340 11.49 -29.70 10.61
CA GLY C 340 12.18 -29.25 11.82
C GLY C 340 12.68 -27.83 11.71
N TRP C 341 11.93 -27.01 10.98
CA TRP C 341 12.29 -25.61 10.69
C TRP C 341 13.65 -25.42 9.97
N LYS C 342 14.18 -26.52 9.43
CA LYS C 342 15.32 -26.45 8.51
C LYS C 342 14.78 -26.50 7.07
N ASP C 343 15.46 -25.80 6.17
CA ASP C 343 15.17 -25.82 4.72
C ASP C 343 13.75 -25.32 4.37
N PHE C 344 13.64 -24.02 4.11
CA PHE C 344 12.43 -23.45 3.53
C PHE C 344 12.69 -23.05 2.08
N LYS C 345 11.72 -23.27 1.22
CA LYS C 345 11.88 -22.98 -0.20
C LYS C 345 10.59 -22.42 -0.81
N PRO C 346 10.71 -21.30 -1.56
CA PRO C 346 9.58 -20.69 -2.27
C PRO C 346 8.89 -21.67 -3.23
N MET C 347 7.90 -22.38 -2.71
CA MET C 347 7.12 -23.36 -3.44
C MET C 347 6.16 -22.67 -4.42
N THR C 348 5.88 -23.31 -5.55
CA THR C 348 4.93 -22.78 -6.53
C THR C 348 3.48 -23.17 -6.20
N ALA C 349 2.65 -22.16 -5.99
CA ALA C 349 1.26 -22.35 -5.53
C ALA C 349 0.28 -22.62 -6.67
N SER C 350 -0.76 -23.40 -6.35
CA SER C 350 -1.80 -23.75 -7.33
C SER C 350 -3.19 -23.30 -6.88
N THR C 351 -4.14 -23.30 -7.83
CA THR C 351 -5.51 -22.83 -7.61
C THR C 351 -6.18 -23.44 -6.37
N THR C 352 -6.63 -22.57 -5.47
CA THR C 352 -7.36 -22.95 -4.27
C THR C 352 -8.66 -22.16 -4.22
N PHE C 353 -9.67 -22.74 -3.57
CA PHE C 353 -10.90 -22.01 -3.27
C PHE C 353 -10.62 -20.90 -2.26
N ALA C 354 -9.68 -21.17 -1.35
CA ALA C 354 -9.17 -20.17 -0.43
C ALA C 354 -8.12 -19.30 -1.13
N SER C 355 -8.59 -18.44 -2.03
CA SER C 355 -7.73 -17.69 -2.96
C SER C 355 -6.78 -16.69 -2.31
N ALA C 356 -7.19 -16.08 -1.21
CA ALA C 356 -6.34 -15.12 -0.50
C ALA C 356 -5.18 -15.81 0.22
N ILE C 357 -5.30 -17.12 0.45
CA ILE C 357 -4.28 -17.87 1.19
C ILE C 357 -3.25 -18.57 0.28
N GLN C 358 -3.55 -18.66 -1.02
CA GLN C 358 -2.64 -19.33 -1.95
C GLN C 358 -1.43 -18.46 -2.32
N ILE C 359 -0.44 -18.49 -1.44
CA ILE C 359 0.78 -17.71 -1.59
C ILE C 359 1.99 -18.64 -1.72
N GLY C 360 2.66 -18.55 -2.87
CA GLY C 360 3.84 -19.35 -3.15
C GLY C 360 5.06 -18.94 -2.34
N ASP C 361 5.51 -17.70 -2.54
CA ASP C 361 6.63 -17.14 -1.79
C ASP C 361 6.10 -16.10 -0.79
N PRO C 362 5.93 -16.53 0.48
CA PRO C 362 5.34 -15.62 1.45
C PRO C 362 6.34 -14.61 2.00
N VAL C 363 6.01 -13.32 1.84
CA VAL C 363 6.64 -12.25 2.59
C VAL C 363 6.29 -12.53 4.05
N SER C 364 7.10 -12.05 5.00
CA SER C 364 6.87 -12.29 6.44
C SER C 364 7.13 -13.74 6.87
N ILE C 365 7.77 -14.52 6.01
CA ILE C 365 8.15 -15.90 6.32
C ILE C 365 8.99 -15.96 7.60
N ASP C 366 10.04 -15.14 7.64
CA ASP C 366 10.95 -15.09 8.79
C ASP C 366 10.22 -14.67 10.07
N ARG C 367 9.27 -13.75 9.94
CA ARG C 367 8.42 -13.31 11.05
C ARG C 367 7.64 -14.47 11.65
N ALA C 368 6.96 -15.23 10.79
CA ALA C 368 6.12 -16.34 11.21
C ALA C 368 6.94 -17.43 11.90
N VAL C 369 8.04 -17.83 11.27
CA VAL C 369 8.93 -18.88 11.79
C VAL C 369 9.44 -18.52 13.18
N TYR C 370 9.78 -17.24 13.37
CA TYR C 370 10.19 -16.71 14.68
C TYR C 370 9.06 -16.88 15.71
N ALA C 371 7.88 -16.39 15.36
CA ALA C 371 6.71 -16.39 16.25
C ALA C 371 6.30 -17.80 16.67
N LEU C 372 6.33 -18.72 15.71
CA LEU C 372 5.93 -20.12 15.95
C LEU C 372 6.93 -20.86 16.82
N LYS C 373 8.21 -20.51 16.71
CA LYS C 373 9.25 -21.10 17.55
C LYS C 373 9.13 -20.63 19.00
N LYS C 374 8.78 -19.37 19.18
CA LYS C 374 8.75 -18.74 20.51
C LYS C 374 7.54 -19.15 21.34
N CYS C 375 6.37 -19.24 20.69
CA CYS C 375 5.14 -19.63 21.38
C CYS C 375 4.94 -21.14 21.40
N ASN C 376 5.93 -21.87 20.87
CA ASN C 376 5.88 -23.33 20.75
C ASN C 376 4.72 -23.78 19.86
N GLY C 377 4.72 -23.28 18.63
CA GLY C 377 3.62 -23.44 17.69
C GLY C 377 3.68 -24.65 16.77
N ILE C 378 2.61 -24.80 15.98
CA ILE C 378 2.41 -25.95 15.08
C ILE C 378 1.82 -25.46 13.75
N VAL C 379 2.21 -26.11 12.65
CA VAL C 379 1.67 -25.79 11.33
C VAL C 379 1.03 -27.02 10.69
N GLU C 380 -0.17 -26.83 10.14
CA GLU C 380 -0.92 -27.91 9.50
C GLU C 380 -1.52 -27.45 8.17
N GLU C 381 -1.69 -28.39 7.25
CA GLU C 381 -2.24 -28.08 5.92
C GLU C 381 -3.63 -28.68 5.68
N ALA C 382 -4.32 -28.13 4.67
CA ALA C 382 -5.67 -28.57 4.31
C ALA C 382 -5.82 -28.71 2.80
N THR C 383 -6.53 -29.75 2.38
CA THR C 383 -6.76 -29.98 0.94
C THR C 383 -8.00 -29.24 0.47
N GLU C 384 -8.22 -29.24 -0.85
CA GLU C 384 -9.38 -28.60 -1.48
C GLU C 384 -10.71 -29.18 -0.96
N GLU C 385 -10.72 -30.50 -0.72
CA GLU C 385 -11.91 -31.17 -0.19
C GLU C 385 -12.04 -30.93 1.31
N GLU C 386 -10.91 -31.05 2.03
CA GLU C 386 -10.88 -30.88 3.48
C GLU C 386 -11.32 -29.50 3.94
N LEU C 387 -10.96 -28.47 3.19
CA LEU C 387 -11.32 -27.09 3.54
C LEU C 387 -12.79 -26.78 3.24
N MET C 388 -13.31 -27.36 2.16
CA MET C 388 -14.71 -27.15 1.77
C MET C 388 -15.68 -27.90 2.68
N ASP C 389 -15.27 -29.09 3.12
CA ASP C 389 -16.07 -29.92 4.03
C ASP C 389 -16.19 -29.30 5.43
N ALA C 390 -15.04 -28.89 5.98
CA ALA C 390 -14.99 -28.27 7.30
C ALA C 390 -15.72 -26.92 7.32
N MET C 391 -15.76 -26.26 6.17
CA MET C 391 -16.55 -25.04 5.99
C MET C 391 -18.04 -25.35 6.04
N ALA C 392 -18.44 -26.42 5.36
CA ALA C 392 -19.85 -26.84 5.33
C ALA C 392 -20.36 -27.25 6.71
N GLN C 393 -19.54 -27.98 7.45
CA GLN C 393 -19.87 -28.42 8.81
C GLN C 393 -20.00 -27.24 9.77
N ALA C 394 -19.17 -26.22 9.57
CA ALA C 394 -19.21 -25.00 10.36
C ALA C 394 -20.51 -24.25 10.12
N ASP C 395 -20.87 -24.11 8.84
CA ASP C 395 -22.09 -23.41 8.45
C ASP C 395 -23.34 -24.12 8.95
N SER C 396 -23.25 -25.44 9.12
CA SER C 396 -24.37 -26.25 9.61
C SER C 396 -24.78 -25.88 11.03
N THR C 397 -23.86 -25.29 11.79
CA THR C 397 -24.12 -24.91 13.18
C THR C 397 -24.42 -23.42 13.32
N GLY C 398 -24.78 -22.78 12.21
CA GLY C 398 -25.19 -21.37 12.21
C GLY C 398 -24.05 -20.39 12.01
N MET C 399 -23.23 -20.64 11.01
CA MET C 399 -22.16 -19.72 10.62
C MET C 399 -22.17 -19.49 9.11
N PHE C 400 -21.41 -18.50 8.67
CA PHE C 400 -21.26 -18.21 7.24
C PHE C 400 -19.85 -17.65 7.05
N ILE C 401 -18.90 -18.56 6.98
CA ILE C 401 -17.48 -18.22 7.03
C ILE C 401 -16.70 -18.62 5.75
N CYS C 402 -15.54 -18.00 5.56
CA CYS C 402 -14.77 -18.12 4.33
C CYS C 402 -14.05 -19.48 4.20
N PRO C 403 -13.62 -19.85 2.98
CA PRO C 403 -12.83 -21.06 2.76
C PRO C 403 -11.53 -21.09 3.58
N HIS C 404 -10.94 -19.91 3.82
CA HIS C 404 -9.73 -19.80 4.63
C HIS C 404 -9.99 -20.25 6.07
N THR C 405 -11.19 -20.00 6.56
CA THR C 405 -11.63 -20.47 7.87
C THR C 405 -11.79 -21.99 7.86
N GLY C 406 -12.26 -22.52 6.73
CA GLY C 406 -12.34 -23.96 6.54
C GLY C 406 -10.98 -24.61 6.74
N VAL C 407 -9.96 -24.02 6.11
CA VAL C 407 -8.57 -24.44 6.27
C VAL C 407 -8.16 -24.51 7.75
N ALA C 408 -8.52 -23.48 8.50
CA ALA C 408 -8.22 -23.39 9.93
C ALA C 408 -8.91 -24.49 10.75
N LEU C 409 -10.18 -24.74 10.43
CA LEU C 409 -10.97 -25.76 11.14
C LEU C 409 -10.51 -27.18 10.78
N THR C 410 -9.98 -27.33 9.56
CA THR C 410 -9.38 -28.58 9.11
C THR C 410 -8.11 -28.89 9.91
N ALA C 411 -7.36 -27.83 10.24
CA ALA C 411 -6.16 -27.97 11.07
C ALA C 411 -6.54 -28.41 12.48
N LEU C 412 -7.62 -27.82 13.00
CA LEU C 412 -8.18 -28.19 14.29
C LEU C 412 -8.71 -29.63 14.28
N PHE C 413 -9.37 -30.01 13.19
CA PHE C 413 -9.85 -31.39 12.99
C PHE C 413 -8.73 -32.42 13.09
N LYS C 414 -7.61 -32.15 12.41
CA LYS C 414 -6.47 -33.07 12.36
C LYS C 414 -5.69 -33.13 13.67
N LEU C 415 -5.57 -32.00 14.35
CA LEU C 415 -4.83 -31.93 15.62
C LEU C 415 -5.59 -32.59 16.78
N ARG C 416 -6.92 -32.64 16.66
CA ARG C 416 -7.75 -33.43 17.56
C ARG C 416 -7.51 -34.92 17.30
N ASN C 417 -7.47 -35.31 16.02
CA ASN C 417 -7.17 -36.67 15.61
C ASN C 417 -5.81 -37.16 16.13
N GLN C 418 -4.83 -36.27 16.12
CA GLN C 418 -3.48 -36.57 16.60
C GLN C 418 -3.37 -36.44 18.12
N GLY C 419 -4.43 -35.94 18.75
CA GLY C 419 -4.49 -35.77 20.21
C GLY C 419 -3.69 -34.60 20.74
N VAL C 420 -3.27 -33.71 19.85
CA VAL C 420 -2.46 -32.54 20.21
C VAL C 420 -3.31 -31.48 20.92
N ILE C 421 -4.46 -31.17 20.34
CA ILE C 421 -5.45 -30.33 21.01
C ILE C 421 -6.40 -31.23 21.80
N ALA C 422 -6.49 -30.99 23.10
CA ALA C 422 -7.38 -31.75 23.97
C ALA C 422 -8.84 -31.30 23.82
N PRO C 423 -9.80 -32.24 23.98
CA PRO C 423 -11.22 -31.90 23.86
C PRO C 423 -11.69 -30.82 24.85
N THR C 424 -10.96 -30.67 25.95
CA THR C 424 -11.32 -29.72 27.00
C THR C 424 -10.64 -28.35 26.86
N ASP C 425 -9.61 -28.28 26.01
CA ASP C 425 -8.78 -27.06 25.86
C ASP C 425 -9.52 -25.88 25.23
N ARG C 426 -9.23 -24.68 25.76
CA ARG C 426 -9.82 -23.45 25.26
C ARG C 426 -9.18 -23.05 23.93
N THR C 427 -9.91 -23.26 22.85
CA THR C 427 -9.39 -23.10 21.50
C THR C 427 -10.12 -21.99 20.75
N VAL C 428 -9.35 -21.15 20.06
CA VAL C 428 -9.89 -20.01 19.32
C VAL C 428 -9.50 -20.09 17.85
N VAL C 429 -10.51 -20.18 16.98
CA VAL C 429 -10.27 -20.20 15.54
C VAL C 429 -10.58 -18.83 14.96
N VAL C 430 -9.64 -18.29 14.19
CA VAL C 430 -9.77 -16.98 13.59
C VAL C 430 -10.38 -17.08 12.20
N SER C 431 -11.61 -16.58 12.05
CA SER C 431 -12.25 -16.51 10.75
C SER C 431 -11.91 -15.18 10.08
N THR C 432 -11.10 -15.27 9.03
CA THR C 432 -10.52 -14.10 8.38
C THR C 432 -11.51 -13.26 7.55
N ALA C 433 -12.48 -13.90 6.94
CA ALA C 433 -13.47 -13.20 6.11
C ALA C 433 -14.87 -13.77 6.25
N HIS C 434 -15.86 -12.90 6.06
CA HIS C 434 -17.25 -13.29 6.00
C HIS C 434 -17.51 -14.11 4.74
N GLY C 435 -18.41 -15.09 4.83
CA GLY C 435 -18.77 -15.94 3.70
C GLY C 435 -19.41 -15.19 2.53
N LEU C 436 -20.01 -14.03 2.83
CA LEU C 436 -20.63 -13.19 1.82
C LEU C 436 -19.65 -12.63 0.78
N LYS C 437 -18.36 -12.81 1.04
CA LYS C 437 -17.31 -12.41 0.11
C LYS C 437 -16.85 -13.59 -0.78
N PHE C 438 -17.29 -14.80 -0.41
CA PHE C 438 -16.94 -16.00 -1.14
C PHE C 438 -18.16 -16.90 -1.32
N THR C 439 -19.17 -16.36 -1.99
CA THR C 439 -20.46 -17.04 -2.17
C THR C 439 -20.37 -18.14 -3.23
N GLN C 440 -19.65 -17.86 -4.31
CA GLN C 440 -19.51 -18.79 -5.44
C GLN C 440 -18.99 -20.16 -5.05
N SER C 441 -18.05 -20.19 -4.11
CA SER C 441 -17.51 -21.45 -3.58
C SER C 441 -18.56 -22.25 -2.81
N LYS C 442 -19.51 -21.55 -2.21
CA LYS C 442 -20.60 -22.17 -1.47
C LYS C 442 -21.72 -22.62 -2.40
N ILE C 443 -22.04 -21.80 -3.39
CA ILE C 443 -23.09 -22.10 -4.37
C ILE C 443 -22.75 -23.35 -5.18
N ASP C 444 -21.49 -23.46 -5.58
CA ASP C 444 -21.01 -24.60 -6.37
C ASP C 444 -20.99 -25.90 -5.55
N TYR C 445 -20.62 -25.80 -4.28
CA TYR C 445 -20.51 -26.94 -3.37
C TYR C 445 -21.88 -27.57 -3.10
N HIS C 446 -22.86 -26.73 -2.79
CA HIS C 446 -24.21 -27.19 -2.48
C HIS C 446 -25.02 -27.55 -3.73
N SER C 447 -24.54 -27.12 -4.89
CA SER C 447 -25.12 -27.52 -6.17
C SER C 447 -24.46 -28.78 -6.72
N ASN C 448 -23.48 -29.31 -5.98
CA ASN C 448 -22.65 -30.44 -6.42
C ASN C 448 -22.05 -30.19 -7.81
N ALA C 449 -21.43 -29.03 -7.96
CA ALA C 449 -20.96 -28.55 -9.26
C ALA C 449 -19.45 -28.32 -9.32
N ILE C 450 -18.72 -28.91 -8.37
CA ILE C 450 -17.26 -28.86 -8.38
C ILE C 450 -16.71 -30.21 -8.82
N PRO C 451 -15.94 -30.22 -9.93
CA PRO C 451 -15.37 -31.46 -10.47
C PRO C 451 -14.38 -32.13 -9.52
N ASP C 452 -14.45 -33.46 -9.45
CA ASP C 452 -13.57 -34.29 -8.61
C ASP C 452 -13.67 -34.01 -7.11
N MET C 453 -14.71 -33.29 -6.72
CA MET C 453 -15.01 -32.96 -5.32
C MET C 453 -16.19 -33.82 -4.87
N ALA C 454 -16.07 -34.41 -3.68
CA ALA C 454 -17.09 -35.33 -3.17
C ALA C 454 -18.37 -34.63 -2.70
N CYS C 455 -18.22 -33.41 -2.17
CA CYS C 455 -19.34 -32.61 -1.65
C CYS C 455 -20.25 -33.41 -0.72
N ARG C 456 -19.65 -34.02 0.31
CA ARG C 456 -20.38 -34.92 1.22
C ARG C 456 -21.42 -34.22 2.09
N PHE C 457 -21.20 -32.93 2.39
CA PHE C 457 -22.12 -32.18 3.26
C PHE C 457 -22.96 -31.14 2.51
N SER C 458 -23.24 -31.41 1.23
CA SER C 458 -24.07 -30.51 0.41
C SER C 458 -25.52 -30.53 0.87
N ASN C 459 -26.18 -29.38 0.80
CA ASN C 459 -27.53 -29.20 1.31
C ASN C 459 -28.48 -28.63 0.24
N PRO C 460 -28.78 -29.42 -0.81
CA PRO C 460 -29.57 -28.87 -1.92
C PRO C 460 -31.06 -28.78 -1.58
N PRO C 461 -31.79 -27.84 -2.22
CA PRO C 461 -33.24 -27.76 -2.08
C PRO C 461 -33.93 -29.01 -2.63
N VAL C 462 -34.98 -29.45 -1.93
CA VAL C 462 -35.72 -30.64 -2.31
C VAL C 462 -36.92 -30.28 -3.18
N ASP C 463 -37.15 -31.08 -4.22
CA ASP C 463 -38.30 -30.89 -5.12
C ASP C 463 -39.50 -31.74 -4.70
N VAL C 464 -40.68 -31.11 -4.72
CA VAL C 464 -41.94 -31.80 -4.43
C VAL C 464 -43.12 -31.01 -5.03
N LYS C 465 -44.09 -31.71 -5.62
CA LYS C 465 -45.27 -31.05 -6.19
C LYS C 465 -46.25 -30.61 -5.09
N ALA C 466 -47.20 -29.75 -5.46
CA ALA C 466 -48.19 -29.23 -4.52
C ALA C 466 -49.16 -30.31 -4.05
N ASP C 467 -48.75 -31.03 -3.01
CA ASP C 467 -49.52 -32.14 -2.48
C ASP C 467 -49.33 -32.23 -0.97
N PHE C 468 -50.45 -32.17 -0.24
CA PHE C 468 -50.45 -32.19 1.23
C PHE C 468 -49.75 -33.42 1.82
N GLY C 469 -50.05 -34.59 1.27
CA GLY C 469 -49.49 -35.85 1.75
C GLY C 469 -48.01 -36.02 1.49
N ALA C 470 -47.57 -35.57 0.31
CA ALA C 470 -46.17 -35.68 -0.11
C ALA C 470 -45.26 -34.73 0.67
N VAL C 471 -45.76 -33.51 0.93
CA VAL C 471 -45.01 -32.49 1.66
C VAL C 471 -44.86 -32.88 3.14
N MET C 472 -45.95 -33.37 3.74
CA MET C 472 -45.94 -33.79 5.14
C MET C 472 -44.96 -34.94 5.40
N ASP C 473 -44.97 -35.92 4.50
CA ASP C 473 -44.18 -37.14 4.67
C ASP C 473 -42.66 -36.89 4.59
N VAL C 474 -42.25 -35.92 3.77
CA VAL C 474 -40.83 -35.55 3.69
C VAL C 474 -40.42 -34.60 4.82
N LEU C 475 -41.41 -33.94 5.42
CA LEU C 475 -41.17 -33.10 6.60
C LEU C 475 -41.07 -33.94 7.87
N LYS C 476 -41.92 -34.95 7.97
CA LYS C 476 -41.91 -35.87 9.11
C LYS C 476 -40.62 -36.71 9.14
N SER C 477 -40.12 -37.07 7.96
CA SER C 477 -38.89 -37.85 7.83
C SER C 477 -37.65 -37.01 8.16
N TYR C 478 -37.73 -35.71 7.94
CA TYR C 478 -36.66 -34.77 8.29
C TYR C 478 -36.64 -34.52 9.80
N LEU C 479 -37.82 -34.44 10.40
CA LEU C 479 -37.95 -34.19 11.83
C LEU C 479 -37.91 -35.49 12.65
N GLY C 480 -37.90 -36.59 12.12
N ALA D 35 -38.52 -16.95 39.87
CA ALA D 35 -38.64 -15.69 39.08
C ALA D 35 -39.12 -14.51 39.94
N VAL D 36 -38.20 -13.95 40.73
CA VAL D 36 -38.45 -12.74 41.52
C VAL D 36 -38.34 -11.48 40.64
N ASN D 37 -39.02 -11.53 39.49
CA ASN D 37 -38.88 -10.55 38.43
C ASN D 37 -40.13 -9.68 38.29
N PRO D 38 -39.99 -8.36 38.53
CA PRO D 38 -41.13 -7.42 38.46
C PRO D 38 -41.60 -7.11 37.04
N PHE D 39 -40.75 -7.36 36.05
CA PHE D 39 -41.04 -6.99 34.67
C PHE D 39 -41.69 -8.12 33.89
N SER D 40 -42.63 -7.76 33.01
CA SER D 40 -43.40 -8.73 32.22
C SER D 40 -43.88 -8.14 30.90
N ALA D 41 -44.20 -9.01 29.94
CA ALA D 41 -44.71 -8.59 28.63
C ALA D 41 -45.72 -9.58 28.07
N LYS D 42 -46.64 -9.08 27.24
CA LYS D 42 -47.69 -9.93 26.65
C LYS D 42 -48.13 -9.42 25.28
N TYR D 43 -48.72 -10.30 24.48
CA TYR D 43 -49.30 -9.92 23.20
C TYR D 43 -50.62 -9.18 23.44
N VAL D 44 -50.80 -8.08 22.72
CA VAL D 44 -52.00 -7.23 22.84
C VAL D 44 -52.36 -6.72 21.44
N PRO D 45 -53.67 -6.68 21.10
CA PRO D 45 -54.11 -6.07 19.83
C PRO D 45 -53.53 -4.66 19.63
N PHE D 46 -53.26 -4.31 18.38
CA PHE D 46 -52.65 -3.01 18.07
C PHE D 46 -53.52 -1.77 18.41
N ASN D 47 -54.82 -1.97 18.65
CA ASN D 47 -55.69 -0.89 19.14
C ASN D 47 -56.83 -1.39 20.05
N ALA D 48 -58.07 -1.28 19.55
CA ALA D 48 -59.29 -1.72 20.25
C ALA D 48 -59.69 -0.85 21.45
N ALA D 49 -59.81 0.45 21.19
CA ALA D 49 -60.08 1.47 22.23
C ALA D 49 -61.22 1.16 23.21
N PRO D 50 -62.42 0.78 22.72
CA PRO D 50 -63.51 0.54 23.69
C PRO D 50 -63.33 -0.70 24.58
N GLY D 51 -62.54 -0.54 25.64
CA GLY D 51 -62.45 -1.50 26.74
C GLY D 51 -62.06 -2.93 26.40
N SER D 52 -61.14 -3.09 25.45
CA SER D 52 -60.61 -4.41 25.09
C SER D 52 -59.83 -5.01 26.24
N THR D 53 -60.03 -6.31 26.47
CA THR D 53 -59.25 -7.05 27.46
C THR D 53 -58.54 -8.24 26.81
N GLU D 54 -58.46 -8.23 25.48
CA GLU D 54 -57.82 -9.30 24.73
C GLU D 54 -56.30 -9.26 24.90
N SER D 55 -55.72 -10.38 25.31
CA SER D 55 -54.26 -10.51 25.41
C SER D 55 -53.83 -11.97 25.37
N TYR D 56 -52.61 -12.20 24.90
CA TYR D 56 -52.06 -13.56 24.83
C TYR D 56 -50.68 -13.62 25.47
N SER D 57 -50.39 -14.74 26.13
CA SER D 57 -49.07 -14.98 26.69
C SER D 57 -48.03 -15.09 25.57
N LEU D 58 -46.81 -14.65 25.87
CA LEU D 58 -45.70 -14.78 24.91
C LEU D 58 -45.34 -16.24 24.66
N ASP D 59 -45.79 -17.11 25.57
CA ASP D 59 -45.57 -18.55 25.46
C ASP D 59 -46.56 -19.23 24.52
N GLU D 60 -47.62 -18.51 24.16
CA GLU D 60 -48.60 -19.01 23.19
C GLU D 60 -48.14 -18.75 21.76
N ILE D 61 -48.54 -19.63 20.84
CA ILE D 61 -48.31 -19.41 19.41
C ILE D 61 -49.54 -18.71 18.84
N VAL D 62 -49.40 -17.42 18.54
CA VAL D 62 -50.46 -16.61 17.97
C VAL D 62 -49.88 -15.63 16.96
N TYR D 63 -50.62 -15.37 15.89
CA TYR D 63 -50.11 -14.52 14.80
C TYR D 63 -50.93 -13.25 14.62
N ARG D 64 -52.23 -13.34 14.88
CA ARG D 64 -53.16 -12.23 14.71
C ARG D 64 -54.21 -12.21 15.82
N SER D 65 -54.91 -11.09 15.97
CA SER D 65 -55.95 -10.96 16.99
C SER D 65 -57.19 -11.76 16.61
N ARG D 66 -58.12 -11.93 17.55
CA ARG D 66 -59.38 -12.62 17.26
C ARG D 66 -60.17 -11.84 16.20
N SER D 67 -59.93 -10.53 16.14
CA SER D 67 -60.47 -9.66 15.12
C SER D 67 -59.79 -9.91 13.77
N GLY D 68 -58.50 -10.24 13.81
CA GLY D 68 -57.73 -10.48 12.58
C GLY D 68 -56.65 -9.45 12.34
N GLY D 69 -56.62 -8.40 13.16
CA GLY D 69 -55.62 -7.34 13.05
C GLY D 69 -54.27 -7.76 13.61
N LEU D 70 -53.35 -6.80 13.67
CA LEU D 70 -51.98 -7.09 14.11
C LEU D 70 -51.86 -7.19 15.63
N LEU D 71 -50.90 -8.01 16.06
CA LEU D 71 -50.56 -8.15 17.47
C LEU D 71 -49.41 -7.20 17.83
N ASP D 72 -49.26 -6.96 19.13
CA ASP D 72 -48.25 -6.04 19.63
C ASP D 72 -47.75 -6.49 20.99
N VAL D 73 -46.43 -6.48 21.17
CA VAL D 73 -45.86 -6.86 22.46
C VAL D 73 -45.89 -5.67 23.40
N GLU D 74 -46.69 -5.81 24.46
CA GLU D 74 -46.87 -4.77 25.45
C GLU D 74 -46.15 -5.12 26.74
N HIS D 75 -45.32 -4.18 27.22
CA HIS D 75 -44.57 -4.36 28.47
C HIS D 75 -45.28 -3.67 29.62
N ASP D 76 -45.08 -4.20 30.82
CA ASP D 76 -45.59 -3.59 32.04
C ASP D 76 -44.80 -2.30 32.32
N MET D 77 -45.33 -1.19 31.81
CA MET D 77 -44.68 0.12 31.93
C MET D 77 -44.68 0.64 33.37
N GLU D 78 -45.69 0.25 34.15
CA GLU D 78 -45.75 0.62 35.57
C GLU D 78 -44.60 0.02 36.39
N ALA D 79 -44.25 -1.23 36.08
CA ALA D 79 -43.13 -1.91 36.74
C ALA D 79 -41.79 -1.26 36.36
N LEU D 80 -41.67 -0.87 35.09
CA LEU D 80 -40.46 -0.23 34.58
C LEU D 80 -40.33 1.21 35.09
N LYS D 81 -41.46 1.93 35.12
CA LYS D 81 -41.50 3.32 35.59
C LYS D 81 -41.12 3.49 37.06
N ARG D 82 -40.97 2.37 37.76
CA ARG D 82 -40.54 2.37 39.16
C ARG D 82 -39.03 2.57 39.31
N PHE D 83 -38.34 2.69 38.17
CA PHE D 83 -36.92 2.99 38.12
C PHE D 83 -36.73 4.23 37.25
N ASP D 84 -36.06 5.24 37.78
CA ASP D 84 -35.96 6.55 37.11
C ASP D 84 -35.18 6.50 35.78
N GLY D 85 -35.28 7.57 35.01
CA GLY D 85 -34.59 7.68 33.74
C GLY D 85 -33.10 7.47 33.81
N ALA D 86 -32.49 7.94 34.89
CA ALA D 86 -31.06 7.78 35.13
C ALA D 86 -30.66 6.32 35.36
N TYR D 87 -31.52 5.57 36.04
CA TYR D 87 -31.24 4.16 36.35
C TYR D 87 -31.01 3.34 35.09
N TRP D 88 -31.94 3.42 34.14
CA TRP D 88 -31.86 2.66 32.89
C TRP D 88 -30.66 3.08 32.06
N ARG D 89 -30.46 4.39 31.92
CA ARG D 89 -29.30 4.93 31.22
C ARG D 89 -28.02 4.28 31.74
N ASP D 90 -27.82 4.35 33.06
CA ASP D 90 -26.63 3.83 33.71
C ASP D 90 -26.53 2.29 33.63
N LEU D 91 -27.66 1.61 33.78
CA LEU D 91 -27.68 0.16 33.63
C LEU D 91 -27.24 -0.24 32.23
N PHE D 92 -27.89 0.35 31.22
CA PHE D 92 -27.60 0.03 29.83
C PHE D 92 -26.17 0.38 29.41
N ASP D 93 -25.66 1.51 29.91
CA ASP D 93 -24.31 1.97 29.61
C ASP D 93 -23.23 1.05 30.21
N SER D 94 -23.56 0.40 31.33
CA SER D 94 -22.61 -0.46 32.02
C SER D 94 -22.45 -1.81 31.34
N ARG D 95 -23.44 -2.17 30.52
CA ARG D 95 -23.47 -3.46 29.83
C ARG D 95 -22.83 -3.40 28.44
N VAL D 96 -22.80 -2.20 27.86
CA VAL D 96 -22.39 -2.00 26.47
C VAL D 96 -21.02 -2.60 26.11
N GLY D 97 -21.03 -3.52 25.14
CA GLY D 97 -19.82 -4.15 24.63
C GLY D 97 -19.10 -5.12 25.56
N LYS D 98 -19.55 -5.17 26.82
CA LYS D 98 -18.91 -6.01 27.84
C LYS D 98 -19.03 -7.51 27.53
N SER D 99 -18.29 -8.33 28.28
CA SER D 99 -18.19 -9.76 28.00
C SER D 99 -19.18 -10.62 28.80
N THR D 100 -19.97 -9.98 29.64
CA THR D 100 -20.94 -10.68 30.49
C THR D 100 -22.18 -11.08 29.71
N TRP D 101 -22.41 -12.40 29.65
CA TRP D 101 -23.56 -12.97 28.97
C TRP D 101 -24.86 -12.70 29.74
N PRO D 102 -25.93 -12.33 29.02
CA PRO D 102 -26.00 -12.06 27.60
C PRO D 102 -25.97 -10.56 27.26
N TYR D 103 -25.51 -9.74 28.20
CA TYR D 103 -25.65 -8.29 28.11
C TYR D 103 -24.70 -7.60 27.13
N GLY D 104 -23.80 -8.37 26.51
CA GLY D 104 -22.89 -7.84 25.49
C GLY D 104 -23.56 -7.47 24.18
N SER D 105 -24.70 -8.09 23.91
CA SER D 105 -25.46 -7.84 22.69
C SER D 105 -26.18 -6.49 22.73
N GLY D 106 -26.29 -5.85 21.58
CA GLY D 106 -27.03 -4.60 21.44
C GLY D 106 -28.53 -4.74 21.69
N VAL D 107 -29.01 -5.98 21.63
CA VAL D 107 -30.40 -6.30 21.94
C VAL D 107 -30.54 -6.67 23.43
N TRP D 108 -29.81 -7.70 23.85
CA TRP D 108 -29.97 -8.26 25.19
C TRP D 108 -29.39 -7.41 26.31
N SER D 109 -28.66 -6.35 25.94
CA SER D 109 -28.25 -5.33 26.89
C SER D 109 -29.46 -4.57 27.42
N LYS D 110 -30.54 -4.55 26.65
CA LYS D 110 -31.81 -3.97 27.07
C LYS D 110 -32.86 -5.07 27.33
N LYS D 111 -32.39 -6.23 27.83
CA LYS D 111 -33.23 -7.41 28.02
C LYS D 111 -34.58 -7.12 28.68
N GLU D 112 -34.54 -6.39 29.79
CA GLU D 112 -35.75 -6.03 30.55
C GLU D 112 -36.85 -5.40 29.69
N TRP D 113 -36.46 -4.78 28.57
CA TRP D 113 -37.39 -4.12 27.67
C TRP D 113 -37.73 -4.97 26.45
N VAL D 114 -37.15 -6.16 26.37
CA VAL D 114 -37.27 -7.01 25.17
C VAL D 114 -38.00 -8.32 25.52
N LEU D 115 -37.33 -9.20 26.24
CA LEU D 115 -37.94 -10.40 26.79
C LEU D 115 -37.53 -10.52 28.25
N PRO D 116 -38.24 -9.80 29.15
CA PRO D 116 -37.87 -9.73 30.55
C PRO D 116 -37.94 -11.07 31.30
N GLU D 117 -38.73 -12.00 30.79
CA GLU D 117 -38.99 -13.26 31.50
C GLU D 117 -38.17 -14.46 31.02
N ILE D 118 -37.44 -14.32 29.92
CA ILE D 118 -36.65 -15.42 29.39
C ILE D 118 -35.38 -15.65 30.20
N ASP D 119 -35.05 -16.91 30.44
CA ASP D 119 -33.83 -17.27 31.15
C ASP D 119 -32.62 -17.07 30.25
N ASP D 120 -31.52 -16.62 30.82
CA ASP D 120 -30.27 -16.37 30.09
C ASP D 120 -29.78 -17.60 29.32
N ASP D 121 -30.07 -18.79 29.85
CA ASP D 121 -29.64 -20.05 29.26
C ASP D 121 -30.45 -20.49 28.04
N ASP D 122 -31.49 -19.74 27.71
CA ASP D 122 -32.34 -20.05 26.56
C ASP D 122 -32.11 -19.08 25.41
N ILE D 123 -31.35 -18.03 25.67
CA ILE D 123 -31.07 -17.00 24.66
C ILE D 123 -30.10 -17.51 23.60
N VAL D 124 -30.44 -17.24 22.34
CA VAL D 124 -29.58 -17.56 21.20
C VAL D 124 -29.08 -16.24 20.63
N SER D 125 -27.88 -15.85 21.06
CA SER D 125 -27.31 -14.57 20.67
C SER D 125 -26.02 -14.74 19.85
N ALA D 126 -25.87 -13.91 18.84
CA ALA D 126 -24.67 -13.88 18.02
C ALA D 126 -24.01 -12.50 18.06
N PHE D 127 -23.97 -11.92 19.27
CA PHE D 127 -23.34 -10.61 19.52
C PHE D 127 -23.91 -9.50 18.63
N GLU D 128 -25.15 -9.65 18.21
CA GLU D 128 -25.83 -8.70 17.32
C GLU D 128 -25.94 -7.28 17.91
N GLY D 129 -26.23 -6.30 17.07
CA GLY D 129 -26.22 -4.90 17.48
C GLY D 129 -24.80 -4.38 17.63
N ASN D 130 -24.65 -3.32 18.41
CA ASN D 130 -23.36 -2.64 18.60
C ASN D 130 -22.76 -2.16 17.28
N SER D 131 -23.64 -1.97 16.28
CA SER D 131 -23.21 -1.62 14.94
C SER D 131 -22.81 -0.16 14.85
N ASN D 132 -21.83 0.11 14.00
CA ASN D 132 -21.26 1.44 13.79
C ASN D 132 -22.28 2.48 13.40
N LEU D 133 -22.27 3.58 14.14
CA LEU D 133 -22.92 4.81 13.71
C LEU D 133 -21.84 5.61 12.98
N PHE D 134 -21.74 5.36 11.68
CA PHE D 134 -20.73 5.95 10.80
C PHE D 134 -21.01 7.42 10.51
N TRP D 135 -20.05 8.28 10.86
CA TRP D 135 -20.15 9.69 10.54
C TRP D 135 -19.81 9.93 9.08
N ALA D 136 -20.85 10.21 8.29
CA ALA D 136 -20.67 10.52 6.89
C ALA D 136 -20.19 11.97 6.78
N GLU D 137 -18.90 12.19 7.05
CA GLU D 137 -18.32 13.53 6.98
C GLU D 137 -18.20 14.00 5.54
N ARG D 138 -17.51 13.20 4.73
CA ARG D 138 -17.26 13.53 3.34
C ARG D 138 -18.56 13.54 2.53
N PHE D 139 -19.37 12.49 2.67
CA PHE D 139 -20.64 12.44 1.96
C PHE D 139 -21.56 13.58 2.38
N GLY D 140 -21.67 13.80 3.69
CA GLY D 140 -22.54 14.83 4.23
C GLY D 140 -22.14 16.24 3.82
N LYS D 141 -20.88 16.58 4.03
CA LYS D 141 -20.38 17.94 3.74
C LYS D 141 -20.25 18.24 2.25
N GLN D 142 -19.91 17.22 1.46
CA GLN D 142 -19.63 17.39 0.04
C GLN D 142 -20.88 17.33 -0.84
N PHE D 143 -21.82 16.46 -0.47
CA PHE D 143 -23.00 16.22 -1.30
C PHE D 143 -24.28 16.86 -0.77
N LEU D 144 -24.35 17.06 0.55
CA LEU D 144 -25.59 17.54 1.17
C LEU D 144 -25.44 18.77 2.06
N GLY D 145 -24.22 19.26 2.20
CA GLY D 145 -23.93 20.43 3.05
C GLY D 145 -24.28 20.22 4.51
N MET D 146 -24.07 19.00 5.00
CA MET D 146 -24.38 18.65 6.39
C MET D 146 -23.14 18.20 7.13
N ASN D 147 -22.96 18.74 8.34
CA ASN D 147 -21.79 18.44 9.15
C ASN D 147 -22.07 17.40 10.22
N ASP D 148 -23.33 17.03 10.35
CA ASP D 148 -23.77 16.10 11.39
C ASP D 148 -24.68 14.99 10.83
N LEU D 149 -24.24 14.40 9.73
CA LEU D 149 -24.97 13.29 9.11
C LEU D 149 -24.33 11.95 9.44
N TRP D 150 -25.14 11.06 9.98
CA TRP D 150 -24.69 9.73 10.38
C TRP D 150 -25.45 8.63 9.64
N VAL D 151 -24.75 7.53 9.37
CA VAL D 151 -25.37 6.34 8.78
C VAL D 151 -25.17 5.16 9.73
N LYS D 152 -26.27 4.55 10.15
CA LYS D 152 -26.25 3.39 11.05
C LYS D 152 -26.08 2.11 10.23
N HIS D 153 -24.94 1.45 10.39
CA HIS D 153 -24.59 0.31 9.56
C HIS D 153 -25.05 -1.04 10.12
N CYS D 154 -26.36 -1.25 10.16
CA CYS D 154 -26.92 -2.52 10.65
C CYS D 154 -26.55 -3.71 9.76
N GLY D 155 -25.99 -3.42 8.59
CA GLY D 155 -25.55 -4.45 7.65
C GLY D 155 -24.32 -5.20 8.11
N ILE D 156 -23.54 -4.59 9.00
CA ILE D 156 -22.37 -5.26 9.56
C ILE D 156 -22.85 -6.11 10.74
N SER D 157 -23.32 -7.30 10.40
CA SER D 157 -23.89 -8.23 11.38
C SER D 157 -23.66 -9.67 10.94
N HIS D 158 -24.08 -10.60 11.78
CA HIS D 158 -23.88 -12.04 11.56
C HIS D 158 -24.31 -12.49 10.16
N THR D 159 -25.51 -12.10 9.74
CA THR D 159 -26.04 -12.53 8.44
C THR D 159 -26.14 -11.39 7.42
N GLY D 160 -25.64 -10.22 7.79
CA GLY D 160 -25.49 -9.11 6.84
C GLY D 160 -26.64 -8.11 6.79
N SER D 161 -27.62 -8.26 7.69
CA SER D 161 -28.74 -7.32 7.74
C SER D 161 -29.21 -7.09 9.18
N PHE D 162 -30.12 -6.14 9.37
CA PHE D 162 -30.64 -5.84 10.70
C PHE D 162 -31.64 -6.90 11.20
N LYS D 163 -32.00 -7.84 10.32
CA LYS D 163 -32.93 -8.91 10.69
C LYS D 163 -32.43 -9.76 11.85
N ASP D 164 -31.12 -9.76 12.05
CA ASP D 164 -30.49 -10.46 13.18
C ASP D 164 -31.02 -9.96 14.52
N LEU D 165 -31.30 -8.66 14.60
CA LEU D 165 -31.85 -8.05 15.81
C LEU D 165 -33.20 -8.64 16.18
N GLY D 166 -34.04 -8.88 15.17
CA GLY D 166 -35.36 -9.46 15.37
C GLY D 166 -35.32 -10.96 15.57
N MET D 167 -34.47 -11.63 14.80
CA MET D 167 -34.40 -13.09 14.84
C MET D 167 -33.80 -13.64 16.13
N THR D 168 -32.95 -12.86 16.80
CA THR D 168 -32.42 -13.29 18.09
C THR D 168 -33.51 -13.36 19.15
N VAL D 169 -34.51 -12.49 19.03
CA VAL D 169 -35.62 -12.44 19.97
C VAL D 169 -36.60 -13.57 19.68
N LEU D 170 -36.97 -13.73 18.40
CA LEU D 170 -37.86 -14.79 17.96
C LEU D 170 -37.30 -16.17 18.32
N VAL D 171 -36.11 -16.48 17.80
CA VAL D 171 -35.47 -17.78 18.01
C VAL D 171 -35.24 -18.08 19.49
N SER D 172 -34.83 -17.07 20.26
CA SER D 172 -34.67 -17.23 21.70
C SER D 172 -35.96 -17.72 22.35
N GLN D 173 -37.08 -17.13 21.95
CA GLN D 173 -38.39 -17.51 22.47
C GLN D 173 -38.78 -18.92 22.06
N VAL D 174 -38.61 -19.24 20.76
CA VAL D 174 -38.86 -20.59 20.26
C VAL D 174 -38.00 -21.61 21.01
N ASN D 175 -36.73 -21.25 21.23
CA ASN D 175 -35.81 -22.07 22.02
C ASN D 175 -36.30 -22.29 23.44
N ARG D 176 -36.78 -21.23 24.07
CA ARG D 176 -37.39 -21.31 25.40
C ARG D 176 -38.57 -22.28 25.42
N LEU D 177 -39.45 -22.16 24.43
CA LEU D 177 -40.63 -23.02 24.31
C LEU D 177 -40.24 -24.49 24.12
N ARG D 178 -39.31 -24.74 23.21
CA ARG D 178 -38.85 -26.11 22.93
C ARG D 178 -38.18 -26.76 24.15
N LYS D 179 -37.45 -25.96 24.92
CA LYS D 179 -36.74 -26.47 26.10
C LYS D 179 -37.62 -26.73 27.31
N MET D 180 -38.83 -26.16 27.32
CA MET D 180 -39.81 -26.48 28.37
C MET D 180 -40.83 -27.53 27.91
N LYS D 181 -40.40 -28.36 26.96
CA LYS D 181 -41.18 -29.49 26.42
C LYS D 181 -42.46 -29.09 25.67
N ARG D 182 -42.48 -27.87 25.14
CA ARG D 182 -43.63 -27.40 24.35
C ARG D 182 -43.60 -27.98 22.93
N PRO D 183 -44.79 -28.19 22.33
CA PRO D 183 -44.83 -28.74 20.97
C PRO D 183 -44.49 -27.69 19.91
N VAL D 184 -43.20 -27.57 19.62
CA VAL D 184 -42.70 -26.73 18.53
C VAL D 184 -41.59 -27.50 17.82
N VAL D 185 -41.94 -28.16 16.71
CA VAL D 185 -41.00 -29.03 16.01
C VAL D 185 -39.94 -28.26 15.21
N GLY D 186 -40.23 -27.01 14.87
CA GLY D 186 -39.30 -26.16 14.12
C GLY D 186 -39.86 -24.80 13.74
N VAL D 187 -39.09 -24.05 12.96
CA VAL D 187 -39.47 -22.71 12.52
C VAL D 187 -39.48 -22.63 11.00
N GLY D 188 -40.53 -22.02 10.46
CA GLY D 188 -40.68 -21.88 9.00
C GLY D 188 -40.93 -20.45 8.54
N CYS D 189 -40.62 -20.19 7.27
CA CYS D 189 -40.93 -18.92 6.61
C CYS D 189 -40.91 -19.06 5.09
N ALA D 190 -41.29 -17.99 4.39
CA ALA D 190 -41.33 -17.99 2.92
C ALA D 190 -40.42 -16.93 2.30
N SER D 191 -39.48 -16.42 3.09
CA SER D 191 -38.52 -15.40 2.64
C SER D 191 -37.41 -15.99 1.76
N THR D 192 -36.95 -15.19 0.79
CA THR D 192 -35.82 -15.57 -0.05
C THR D 192 -34.58 -14.75 0.31
N GLY D 193 -34.81 -13.64 1.00
CA GLY D 193 -33.75 -12.68 1.33
C GLY D 193 -33.32 -12.70 2.78
N ASP D 194 -33.41 -11.53 3.42
CA ASP D 194 -32.78 -11.26 4.71
C ASP D 194 -33.35 -12.04 5.91
N THR D 195 -34.68 -12.18 5.95
CA THR D 195 -35.35 -12.82 7.08
C THR D 195 -34.94 -14.28 7.22
N SER D 196 -35.08 -15.04 6.13
CA SER D 196 -34.73 -16.46 6.10
C SER D 196 -33.26 -16.68 6.39
N ALA D 197 -32.42 -15.78 5.90
CA ALA D 197 -30.97 -15.82 6.15
C ALA D 197 -30.67 -15.71 7.64
N ALA D 198 -31.33 -14.75 8.29
CA ALA D 198 -31.16 -14.54 9.72
C ALA D 198 -31.77 -15.69 10.51
N LEU D 199 -33.01 -16.04 10.19
CA LEU D 199 -33.74 -17.12 10.86
C LEU D 199 -32.99 -18.45 10.88
N SER D 200 -32.58 -18.92 9.72
CA SER D 200 -31.89 -20.21 9.60
C SER D 200 -30.61 -20.26 10.43
N ALA D 201 -29.83 -19.19 10.34
CA ALA D 201 -28.54 -19.09 11.05
C ALA D 201 -28.70 -19.25 12.56
N TYR D 202 -29.62 -18.46 13.13
CA TYR D 202 -29.92 -18.53 14.56
C TYR D 202 -30.47 -19.89 15.00
N CYS D 203 -31.35 -20.45 14.17
CA CYS D 203 -31.94 -21.76 14.43
C CYS D 203 -30.89 -22.85 14.44
N ALA D 204 -30.05 -22.87 13.40
CA ALA D 204 -28.97 -23.86 13.27
C ALA D 204 -28.06 -23.86 14.50
N SER D 205 -27.80 -22.66 15.03
CA SER D 205 -26.99 -22.47 16.23
C SER D 205 -27.56 -23.17 17.46
N ALA D 206 -28.89 -23.19 17.56
CA ALA D 206 -29.55 -23.75 18.74
C ALA D 206 -30.07 -25.17 18.49
N GLY D 207 -29.79 -25.70 17.30
CA GLY D 207 -30.25 -27.02 16.91
C GLY D 207 -31.74 -27.06 16.60
N ILE D 208 -32.30 -25.90 16.26
CA ILE D 208 -33.72 -25.81 15.89
C ILE D 208 -33.86 -25.94 14.37
N PRO D 209 -34.67 -26.91 13.91
CA PRO D 209 -34.90 -27.09 12.47
C PRO D 209 -35.54 -25.86 11.82
N SER D 210 -34.98 -25.46 10.68
CA SER D 210 -35.49 -24.32 9.91
C SER D 210 -36.02 -24.80 8.57
N ILE D 211 -37.24 -24.40 8.23
CA ILE D 211 -37.89 -24.84 6.99
C ILE D 211 -38.31 -23.64 6.13
N VAL D 212 -37.85 -23.62 4.88
CA VAL D 212 -38.20 -22.56 3.94
C VAL D 212 -39.10 -23.11 2.84
N PHE D 213 -40.32 -22.60 2.78
CA PHE D 213 -41.28 -22.99 1.75
C PHE D 213 -41.21 -22.00 0.59
N LEU D 214 -40.89 -22.50 -0.59
CA LEU D 214 -40.72 -21.65 -1.78
C LEU D 214 -41.25 -22.29 -3.06
N PRO D 215 -41.71 -21.46 -4.02
CA PRO D 215 -42.08 -21.95 -5.35
C PRO D 215 -40.84 -22.43 -6.11
N ALA D 216 -40.96 -23.59 -6.76
CA ALA D 216 -39.84 -24.22 -7.46
C ALA D 216 -39.18 -23.33 -8.51
N ASN D 217 -39.96 -22.46 -9.13
CA ASN D 217 -39.46 -21.53 -10.15
C ASN D 217 -38.84 -20.25 -9.58
N LYS D 218 -39.19 -19.93 -8.33
CA LYS D 218 -38.64 -18.75 -7.65
C LYS D 218 -37.36 -19.06 -6.88
N ILE D 219 -36.88 -20.30 -7.01
CA ILE D 219 -35.64 -20.76 -6.36
C ILE D 219 -34.43 -20.12 -7.03
N SER D 220 -33.51 -19.63 -6.20
CA SER D 220 -32.21 -19.15 -6.66
C SER D 220 -31.11 -19.61 -5.71
N MET D 221 -30.10 -20.27 -6.27
CA MET D 221 -28.98 -20.79 -5.50
C MET D 221 -28.16 -19.68 -4.85
N ALA D 222 -28.05 -18.55 -5.55
CA ALA D 222 -27.33 -17.39 -5.03
C ALA D 222 -28.13 -16.67 -3.95
N GLN D 223 -29.41 -16.44 -4.20
CA GLN D 223 -30.29 -15.76 -3.25
C GLN D 223 -30.42 -16.53 -1.93
N LEU D 224 -30.37 -17.85 -2.02
CA LEU D 224 -30.54 -18.72 -0.85
C LEU D 224 -29.23 -19.25 -0.26
N VAL D 225 -28.11 -18.68 -0.69
CA VAL D 225 -26.78 -19.17 -0.28
C VAL D 225 -26.61 -19.33 1.24
N GLN D 226 -27.27 -18.48 2.02
CA GLN D 226 -27.15 -18.50 3.48
C GLN D 226 -27.98 -19.59 4.18
N PRO D 227 -29.32 -19.62 3.97
CA PRO D 227 -30.10 -20.71 4.58
C PRO D 227 -29.62 -22.09 4.15
N ILE D 228 -29.20 -22.20 2.88
CA ILE D 228 -28.67 -23.44 2.33
C ILE D 228 -27.44 -23.90 3.13
N ALA D 229 -26.46 -23.02 3.28
CA ALA D 229 -25.24 -23.33 4.04
C ALA D 229 -25.54 -23.55 5.52
N ASN D 230 -26.55 -22.85 6.02
CA ASN D 230 -26.95 -22.97 7.42
C ASN D 230 -27.72 -24.25 7.77
N GLY D 231 -27.88 -25.13 6.78
CA GLY D 231 -28.53 -26.42 6.98
C GLY D 231 -30.04 -26.31 7.14
N ALA D 232 -30.64 -25.37 6.41
CA ALA D 232 -32.09 -25.20 6.42
C ALA D 232 -32.73 -26.12 5.39
N PHE D 233 -33.86 -26.70 5.76
CA PHE D 233 -34.62 -27.57 4.88
C PHE D 233 -35.46 -26.73 3.92
N VAL D 234 -34.91 -26.48 2.73
CA VAL D 234 -35.57 -25.67 1.72
C VAL D 234 -36.40 -26.54 0.78
N LEU D 235 -37.69 -26.25 0.69
CA LEU D 235 -38.62 -27.01 -0.16
C LEU D 235 -39.00 -26.24 -1.42
N SER D 236 -38.86 -26.90 -2.58
CA SER D 236 -39.28 -26.34 -3.86
C SER D 236 -40.62 -26.95 -4.28
N ILE D 237 -41.65 -26.10 -4.34
CA ILE D 237 -43.01 -26.56 -4.64
C ILE D 237 -43.42 -26.18 -6.07
N ASP D 238 -43.99 -27.15 -6.79
CA ASP D 238 -44.40 -26.95 -8.18
C ASP D 238 -45.70 -26.15 -8.31
N THR D 239 -45.71 -24.95 -7.75
CA THR D 239 -46.85 -24.02 -7.82
C THR D 239 -46.40 -22.56 -7.74
N ASP D 240 -47.38 -21.66 -7.76
CA ASP D 240 -47.13 -20.23 -7.67
C ASP D 240 -47.07 -19.75 -6.22
N PHE D 241 -47.17 -18.43 -6.03
CA PHE D 241 -47.10 -17.80 -4.71
C PHE D 241 -48.29 -18.17 -3.81
N ASP D 242 -49.48 -18.26 -4.41
CA ASP D 242 -50.68 -18.66 -3.69
C ASP D 242 -50.68 -20.14 -3.33
N GLY D 243 -50.07 -20.95 -4.19
CA GLY D 243 -49.97 -22.39 -3.99
C GLY D 243 -49.21 -22.77 -2.73
N CYS D 244 -48.08 -22.11 -2.50
CA CYS D 244 -47.29 -22.31 -1.29
C CYS D 244 -48.06 -21.85 -0.06
N MET D 245 -48.62 -20.64 -0.12
CA MET D 245 -49.35 -20.02 0.98
C MET D 245 -50.54 -20.84 1.45
N LYS D 246 -51.18 -21.54 0.50
CA LYS D 246 -52.30 -22.43 0.78
C LYS D 246 -51.85 -23.66 1.55
N LEU D 247 -50.67 -24.17 1.20
CA LEU D 247 -50.13 -25.38 1.83
C LEU D 247 -49.59 -25.14 3.24
N ILE D 248 -49.13 -23.92 3.51
CA ILE D 248 -48.63 -23.54 4.84
C ILE D 248 -49.72 -23.71 5.89
N ARG D 249 -50.91 -23.20 5.57
CA ARG D 249 -52.07 -23.28 6.44
C ARG D 249 -52.45 -24.73 6.73
N GLU D 250 -52.16 -25.62 5.78
CA GLU D 250 -52.45 -27.05 5.92
C GLU D 250 -51.47 -27.78 6.84
N ILE D 251 -50.19 -27.40 6.76
CA ILE D 251 -49.15 -28.04 7.58
C ILE D 251 -49.19 -27.53 9.03
N THR D 252 -49.37 -26.22 9.19
CA THR D 252 -49.45 -25.57 10.51
C THR D 252 -50.63 -26.09 11.34
N ALA D 253 -51.68 -26.55 10.64
CA ALA D 253 -52.85 -27.16 11.28
C ALA D 253 -52.56 -28.58 11.79
N GLU D 254 -51.52 -29.20 11.24
CA GLU D 254 -51.13 -30.57 11.63
C GLU D 254 -49.87 -30.55 12.50
N LEU D 255 -48.76 -30.09 11.93
CA LEU D 255 -47.49 -29.97 12.64
C LEU D 255 -47.32 -28.56 13.23
N PRO D 256 -46.81 -28.48 14.47
CA PRO D 256 -46.65 -27.17 15.11
C PRO D 256 -45.34 -26.49 14.72
N ILE D 257 -45.32 -25.92 13.52
CA ILE D 257 -44.18 -25.16 13.02
C ILE D 257 -44.46 -23.67 13.23
N TYR D 258 -43.52 -22.99 13.88
CA TYR D 258 -43.64 -21.57 14.13
C TYR D 258 -43.29 -20.78 12.87
N LEU D 259 -44.20 -19.88 12.48
CA LEU D 259 -44.01 -19.09 11.28
C LEU D 259 -43.38 -17.73 11.54
N ALA D 260 -42.38 -17.39 10.73
CA ALA D 260 -41.79 -16.07 10.74
C ALA D 260 -42.25 -15.32 9.49
N ASN D 261 -42.91 -14.18 9.70
CA ASN D 261 -43.41 -13.38 8.59
C ASN D 261 -43.43 -11.89 8.94
N SER D 262 -43.97 -11.07 8.03
CA SER D 262 -44.06 -9.63 8.24
C SER D 262 -45.00 -9.23 9.38
N LEU D 263 -45.92 -10.11 9.74
CA LEU D 263 -46.87 -9.86 10.83
C LEU D 263 -46.24 -9.99 12.22
N ASN D 264 -45.21 -10.83 12.33
CA ASN D 264 -44.61 -11.19 13.61
C ASN D 264 -44.14 -10.00 14.44
N SER D 265 -44.76 -9.81 15.60
CA SER D 265 -44.49 -8.65 16.46
C SER D 265 -43.32 -8.88 17.42
N LEU D 266 -42.95 -10.16 17.59
CA LEU D 266 -41.86 -10.54 18.50
C LEU D 266 -40.49 -10.06 17.98
N ARG D 267 -40.34 -10.04 16.66
CA ARG D 267 -39.09 -9.59 16.03
C ARG D 267 -38.90 -8.08 16.17
N LEU D 268 -40.00 -7.34 16.21
CA LEU D 268 -39.96 -5.88 16.38
C LEU D 268 -39.35 -5.48 17.72
N GLU D 269 -39.48 -6.36 18.71
CA GLU D 269 -38.92 -6.12 20.04
C GLU D 269 -37.40 -6.10 20.01
N GLY D 270 -36.82 -6.87 19.09
CA GLY D 270 -35.38 -6.83 18.87
C GLY D 270 -34.99 -5.65 18.00
N GLN D 271 -35.76 -5.44 16.94
CA GLN D 271 -35.52 -4.34 16.00
C GLN D 271 -35.49 -2.98 16.69
N LYS D 272 -36.35 -2.81 17.68
CA LYS D 272 -36.48 -1.54 18.39
C LYS D 272 -35.22 -1.13 19.16
N THR D 273 -34.38 -2.11 19.53
CA THR D 273 -33.15 -1.84 20.27
C THR D 273 -32.13 -1.05 19.47
N ALA D 274 -32.33 -0.99 18.14
CA ALA D 274 -31.50 -0.17 17.28
C ALA D 274 -31.73 1.31 17.54
N ALA D 275 -32.98 1.68 17.83
CA ALA D 275 -33.34 3.06 18.17
C ALA D 275 -32.74 3.44 19.52
N ILE D 276 -32.89 2.56 20.51
CA ILE D 276 -32.31 2.74 21.83
C ILE D 276 -30.79 2.87 21.72
N GLU D 277 -30.20 2.05 20.88
CA GLU D 277 -28.75 2.08 20.65
C GLU D 277 -28.30 3.42 20.07
N ILE D 278 -29.02 3.91 19.06
CA ILE D 278 -28.71 5.21 18.46
C ILE D 278 -28.69 6.31 19.52
N LEU D 279 -29.64 6.25 20.45
CA LEU D 279 -29.68 7.18 21.57
C LEU D 279 -28.44 7.02 22.46
N GLN D 280 -28.15 5.78 22.83
CA GLN D 280 -27.02 5.45 23.69
C GLN D 280 -25.69 5.86 23.07
N GLN D 281 -25.58 5.68 21.76
CA GLN D 281 -24.37 6.01 21.00
C GLN D 281 -24.13 7.52 20.90
N PHE D 282 -25.19 8.31 21.06
CA PHE D 282 -25.07 9.77 21.14
C PHE D 282 -25.07 10.24 22.58
N ASP D 283 -24.66 9.37 23.50
CA ASP D 283 -24.68 9.64 24.94
C ASP D 283 -26.04 10.18 25.39
N TRP D 284 -27.09 9.47 24.96
CA TRP D 284 -28.48 9.79 25.28
C TRP D 284 -28.95 11.17 24.80
N GLN D 285 -28.43 11.59 23.65
CA GLN D 285 -28.91 12.80 22.97
C GLN D 285 -29.73 12.40 21.74
N VAL D 286 -30.91 13.00 21.61
CA VAL D 286 -31.85 12.62 20.58
C VAL D 286 -31.55 13.34 19.26
N PRO D 287 -31.29 12.57 18.18
CA PRO D 287 -31.12 13.15 16.86
C PRO D 287 -32.40 13.84 16.38
N ASP D 288 -32.25 14.86 15.55
CA ASP D 288 -33.39 15.58 15.00
C ASP D 288 -34.17 14.70 14.02
N TRP D 289 -33.44 13.97 13.18
CA TRP D 289 -34.05 13.14 12.14
C TRP D 289 -33.52 11.73 12.14
N VAL D 290 -34.41 10.77 11.91
CA VAL D 290 -34.03 9.38 11.67
C VAL D 290 -34.76 8.87 10.41
N ILE D 291 -33.99 8.53 9.39
CA ILE D 291 -34.54 8.12 8.10
C ILE D 291 -34.44 6.60 7.92
N VAL D 292 -35.60 5.97 7.79
CA VAL D 292 -35.71 4.51 7.74
C VAL D 292 -36.31 4.07 6.41
N PRO D 293 -35.64 3.12 5.71
CA PRO D 293 -36.21 2.50 4.51
C PRO D 293 -37.53 1.82 4.87
N GLY D 294 -38.55 2.06 4.05
CA GLY D 294 -39.89 1.58 4.35
C GLY D 294 -40.46 0.67 3.27
N GLY D 295 -39.92 -0.54 3.18
CA GLY D 295 -40.48 -1.56 2.30
C GLY D 295 -41.53 -2.34 3.06
N ASN D 296 -41.08 -2.97 4.15
CA ASN D 296 -41.92 -3.79 5.01
C ASN D 296 -42.88 -2.97 5.89
N LEU D 297 -42.43 -1.79 6.32
CA LEU D 297 -43.18 -0.84 7.17
C LEU D 297 -43.21 -1.18 8.67
N GLY D 298 -42.79 -2.39 9.02
CA GLY D 298 -42.65 -2.79 10.42
C GLY D 298 -41.45 -2.14 11.09
N ASN D 299 -40.44 -1.79 10.28
CA ASN D 299 -39.18 -1.22 10.77
C ASN D 299 -39.34 0.17 11.36
N ILE D 300 -39.94 1.07 10.58
CA ILE D 300 -40.21 2.44 11.02
C ILE D 300 -40.97 2.45 12.35
N TYR D 301 -41.88 1.49 12.52
CA TYR D 301 -42.66 1.35 13.73
C TYR D 301 -41.82 0.89 14.92
N ALA D 302 -40.86 0.00 14.66
CA ALA D 302 -40.00 -0.52 15.71
C ALA D 302 -39.07 0.59 16.21
N PHE D 303 -38.53 1.37 15.30
CA PHE D 303 -37.70 2.53 15.64
C PHE D 303 -38.49 3.54 16.47
N TYR D 304 -39.70 3.85 16.03
CA TYR D 304 -40.58 4.68 16.83
C TYR D 304 -40.79 4.09 18.22
N LYS D 305 -41.07 2.79 18.25
CA LYS D 305 -41.33 2.04 19.48
C LYS D 305 -40.15 2.14 20.45
N GLY D 306 -38.94 2.07 19.90
CA GLY D 306 -37.71 2.13 20.68
C GLY D 306 -37.41 3.52 21.22
N PHE D 307 -37.58 4.52 20.35
CA PHE D 307 -37.38 5.91 20.72
C PHE D 307 -38.41 6.36 21.76
N LYS D 308 -39.67 5.95 21.56
CA LYS D 308 -40.78 6.31 22.45
C LYS D 308 -40.61 5.74 23.84
N MET D 309 -40.12 4.51 23.91
CA MET D 309 -39.91 3.82 25.18
C MET D 309 -38.89 4.55 26.06
N CYS D 310 -37.79 4.99 25.44
CA CYS D 310 -36.76 5.77 26.13
C CYS D 310 -37.33 7.08 26.70
N GLN D 311 -38.21 7.72 25.93
CA GLN D 311 -38.85 8.97 26.34
C GLN D 311 -39.79 8.76 27.53
N GLU D 312 -40.72 7.80 27.41
CA GLU D 312 -41.72 7.53 28.44
C GLU D 312 -41.12 7.11 29.77
N LEU D 313 -39.97 6.46 29.72
CA LEU D 313 -39.29 5.96 30.91
C LEU D 313 -38.25 6.94 31.47
N GLY D 314 -38.13 8.10 30.83
CA GLY D 314 -37.32 9.19 31.36
C GLY D 314 -35.85 9.23 30.98
N LEU D 315 -35.44 8.35 30.06
CA LEU D 315 -34.07 8.31 29.57
C LEU D 315 -33.74 9.62 28.86
N VAL D 316 -34.71 10.09 28.07
CA VAL D 316 -34.62 11.34 27.31
C VAL D 316 -35.96 12.05 27.40
N ASP D 317 -36.03 13.26 26.84
CA ASP D 317 -37.24 14.09 26.94
C ASP D 317 -38.07 14.13 25.65
N ARG D 318 -37.53 13.56 24.58
CA ARG D 318 -38.16 13.64 23.26
C ARG D 318 -37.82 12.45 22.37
N ILE D 319 -38.49 12.40 21.21
CA ILE D 319 -38.22 11.42 20.16
C ILE D 319 -37.81 12.15 18.88
N PRO D 320 -37.06 11.47 17.97
CA PRO D 320 -36.72 12.13 16.71
C PRO D 320 -37.93 12.28 15.80
N ARG D 321 -37.85 13.21 14.85
CA ARG D 321 -38.78 13.23 13.74
C ARG D 321 -38.30 12.18 12.74
N MET D 322 -39.18 11.30 12.31
CA MET D 322 -38.78 10.22 11.41
C MET D 322 -39.19 10.41 9.97
N VAL D 323 -38.30 10.01 9.08
CA VAL D 323 -38.60 9.97 7.65
C VAL D 323 -38.72 8.52 7.22
N CYS D 324 -39.83 8.20 6.56
CA CYS D 324 -40.03 6.90 5.94
C CYS D 324 -39.71 7.04 4.45
N ALA D 325 -38.76 6.24 3.98
CA ALA D 325 -38.32 6.31 2.59
C ALA D 325 -38.74 5.11 1.78
N GLN D 326 -39.58 5.35 0.78
CA GLN D 326 -40.09 4.28 -0.09
C GLN D 326 -39.57 4.43 -1.52
N ALA D 327 -39.54 3.30 -2.23
CA ALA D 327 -39.22 3.30 -3.65
C ALA D 327 -40.38 3.91 -4.43
N ALA D 328 -40.10 4.42 -5.63
CA ALA D 328 -41.14 4.97 -6.50
C ALA D 328 -42.10 3.89 -6.93
N ASN D 329 -41.61 2.65 -7.00
CA ASN D 329 -42.41 1.49 -7.36
C ASN D 329 -43.23 0.93 -6.19
N ALA D 330 -42.91 1.39 -4.97
CA ALA D 330 -43.53 0.88 -3.75
C ALA D 330 -44.93 1.44 -3.49
N ASN D 331 -45.57 0.88 -2.46
CA ASN D 331 -47.00 1.08 -2.13
C ASN D 331 -47.45 2.53 -1.84
N PRO D 332 -48.76 2.73 -1.58
CA PRO D 332 -49.28 4.11 -1.48
C PRO D 332 -49.17 4.76 -0.09
N LEU D 333 -48.08 4.50 0.63
CA LEU D 333 -47.83 5.19 1.88
C LEU D 333 -47.49 6.66 1.64
N TYR D 334 -46.66 6.90 0.63
CA TYR D 334 -46.26 8.26 0.24
C TYR D 334 -47.46 9.08 -0.20
N LEU D 335 -48.33 8.45 -1.01
CA LEU D 335 -49.54 9.11 -1.52
C LEU D 335 -50.53 9.38 -0.39
N HIS D 336 -50.49 8.57 0.65
CA HIS D 336 -51.34 8.76 1.82
C HIS D 336 -50.85 9.93 2.68
N TYR D 337 -49.53 10.07 2.80
CA TYR D 337 -48.94 11.19 3.54
C TYR D 337 -49.22 12.51 2.82
N LYS D 338 -49.07 12.50 1.50
CA LYS D 338 -49.34 13.69 0.69
C LYS D 338 -50.81 14.10 0.72
N SER D 339 -51.68 13.15 1.07
CA SER D 339 -53.10 13.41 1.25
C SER D 339 -53.39 14.11 2.59
N GLY D 340 -52.43 14.05 3.51
CA GLY D 340 -52.61 14.56 4.87
C GLY D 340 -53.28 13.51 5.74
N TRP D 341 -52.88 12.25 5.53
CA TRP D 341 -53.44 11.08 6.22
C TRP D 341 -54.97 10.97 6.10
N LYS D 342 -55.44 10.77 4.87
CA LYS D 342 -56.87 10.62 4.58
C LYS D 342 -57.17 9.55 3.54
N ASP D 343 -56.32 9.44 2.53
CA ASP D 343 -56.52 8.50 1.42
C ASP D 343 -55.22 7.84 0.99
N VAL D 363 -49.45 -4.91 4.55
CA VAL D 363 -49.02 -5.20 5.91
C VAL D 363 -48.47 -3.96 6.61
N SER D 364 -48.71 -3.89 7.92
CA SER D 364 -48.15 -2.85 8.80
C SER D 364 -48.38 -1.39 8.36
N ILE D 365 -49.38 -1.17 7.50
CA ILE D 365 -49.68 0.17 7.00
C ILE D 365 -50.15 1.07 8.13
N ASP D 366 -51.17 0.60 8.87
CA ASP D 366 -51.71 1.33 10.02
C ASP D 366 -50.66 1.46 11.12
N ARG D 367 -49.83 0.42 11.26
CA ARG D 367 -48.72 0.41 12.19
C ARG D 367 -47.79 1.60 11.92
N ALA D 368 -47.45 1.79 10.64
CA ALA D 368 -46.55 2.86 10.22
C ALA D 368 -47.18 4.25 10.31
N VAL D 369 -48.43 4.34 9.85
CA VAL D 369 -49.16 5.62 9.84
C VAL D 369 -49.33 6.18 11.25
N TYR D 370 -49.67 5.30 12.19
CA TYR D 370 -49.77 5.69 13.60
C TYR D 370 -48.44 6.25 14.10
N ALA D 371 -47.36 5.55 13.81
CA ALA D 371 -46.02 5.94 14.25
C ALA D 371 -45.56 7.27 13.63
N LEU D 372 -45.88 7.46 12.35
CA LEU D 372 -45.50 8.68 11.63
C LEU D 372 -46.34 9.88 12.07
N LYS D 373 -47.61 9.66 12.38
CA LYS D 373 -48.48 10.71 12.90
C LYS D 373 -48.04 11.17 14.29
N LYS D 374 -47.63 10.21 15.11
CA LYS D 374 -47.21 10.46 16.50
C LYS D 374 -45.87 11.19 16.62
N CYS D 375 -44.99 11.02 15.64
CA CYS D 375 -43.65 11.61 15.71
C CYS D 375 -43.48 12.82 14.80
N ASN D 376 -44.60 13.28 14.24
CA ASN D 376 -44.62 14.39 13.27
C ASN D 376 -43.69 14.10 12.09
N GLY D 377 -43.90 12.94 11.48
CA GLY D 377 -43.00 12.41 10.45
C GLY D 377 -43.33 12.74 9.01
N ILE D 378 -42.49 12.27 8.11
CA ILE D 378 -42.60 12.54 6.68
C ILE D 378 -42.35 11.26 5.87
N VAL D 379 -43.01 11.15 4.72
CA VAL D 379 -42.73 10.07 3.76
C VAL D 379 -42.18 10.66 2.47
N GLU D 380 -41.15 10.03 1.91
CA GLU D 380 -40.57 10.45 0.63
C GLU D 380 -40.28 9.27 -0.30
N GLU D 381 -40.35 9.54 -1.60
CA GLU D 381 -40.10 8.53 -2.62
C GLU D 381 -38.71 8.64 -3.22
N ALA D 382 -38.27 7.55 -3.85
CA ALA D 382 -37.01 7.50 -4.58
C ALA D 382 -37.19 6.69 -5.87
N THR D 383 -36.78 7.27 -6.99
CA THR D 383 -36.82 6.59 -8.28
C THR D 383 -35.68 5.57 -8.34
N GLU D 384 -35.81 4.60 -9.25
CA GLU D 384 -34.78 3.59 -9.47
C GLU D 384 -33.42 4.23 -9.76
N GLU D 385 -33.41 5.24 -10.64
CA GLU D 385 -32.20 6.00 -10.96
C GLU D 385 -31.71 6.82 -9.77
N GLU D 386 -32.65 7.40 -9.02
CA GLU D 386 -32.34 8.24 -7.87
C GLU D 386 -31.63 7.46 -6.76
N LEU D 387 -32.14 6.28 -6.46
CA LEU D 387 -31.56 5.43 -5.42
C LEU D 387 -30.19 4.89 -5.81
N MET D 388 -30.03 4.55 -7.09
CA MET D 388 -28.77 4.03 -7.60
C MET D 388 -27.68 5.11 -7.60
N ASP D 389 -28.04 6.32 -8.01
CA ASP D 389 -27.14 7.48 -7.94
C ASP D 389 -26.69 7.74 -6.51
N ALA D 390 -27.66 7.77 -5.59
CA ALA D 390 -27.39 8.03 -4.17
C ALA D 390 -26.48 6.95 -3.56
N MET D 391 -26.74 5.70 -3.93
CA MET D 391 -25.90 4.58 -3.53
C MET D 391 -24.46 4.80 -3.98
N ALA D 392 -24.27 5.16 -5.24
CA ALA D 392 -22.94 5.40 -5.81
C ALA D 392 -22.24 6.59 -5.15
N GLN D 393 -22.99 7.66 -4.94
CA GLN D 393 -22.45 8.85 -4.27
C GLN D 393 -21.98 8.49 -2.86
N ALA D 394 -22.83 7.81 -2.10
CA ALA D 394 -22.50 7.38 -0.74
C ALA D 394 -21.30 6.43 -0.73
N ASP D 395 -21.33 5.43 -1.62
CA ASP D 395 -20.26 4.45 -1.72
C ASP D 395 -18.90 5.08 -1.97
N SER D 396 -18.86 6.07 -2.86
CA SER D 396 -17.61 6.71 -3.24
C SER D 396 -16.90 7.39 -2.07
N THR D 397 -17.63 7.60 -0.98
CA THR D 397 -17.05 8.19 0.23
C THR D 397 -16.71 7.15 1.30
N GLY D 398 -16.63 5.88 0.90
CA GLY D 398 -16.16 4.81 1.79
C GLY D 398 -17.20 3.79 2.25
N MET D 399 -18.47 4.13 2.11
CA MET D 399 -19.57 3.24 2.50
C MET D 399 -19.79 2.17 1.44
N PHE D 400 -20.42 1.08 1.85
CA PHE D 400 -20.80 0.01 0.93
C PHE D 400 -22.19 -0.45 1.36
N ILE D 401 -23.18 0.32 0.91
CA ILE D 401 -24.55 0.22 1.42
C ILE D 401 -25.48 -0.43 0.41
N CYS D 402 -26.64 -0.87 0.89
CA CYS D 402 -27.65 -1.53 0.06
C CYS D 402 -28.55 -0.51 -0.66
N PRO D 403 -29.32 -0.97 -1.68
CA PRO D 403 -30.24 -0.10 -2.42
C PRO D 403 -31.29 0.57 -1.55
N HIS D 404 -31.73 -0.12 -0.50
CA HIS D 404 -32.73 0.43 0.43
C HIS D 404 -32.18 1.68 1.11
N THR D 405 -30.88 1.65 1.41
CA THR D 405 -30.18 2.79 1.99
C THR D 405 -30.12 3.96 0.99
N GLY D 406 -29.90 3.62 -0.28
CA GLY D 406 -29.91 4.61 -1.36
C GLY D 406 -31.24 5.35 -1.44
N VAL D 407 -32.33 4.62 -1.17
CA VAL D 407 -33.68 5.18 -1.15
C VAL D 407 -33.78 6.24 -0.04
N ALA D 408 -33.28 5.90 1.14
CA ALA D 408 -33.27 6.80 2.29
C ALA D 408 -32.45 8.06 2.02
N LEU D 409 -31.32 7.89 1.34
CA LEU D 409 -30.45 9.00 1.00
C LEU D 409 -31.08 9.95 0.00
N THR D 410 -31.80 9.40 -0.98
CA THR D 410 -32.57 10.20 -1.92
C THR D 410 -33.61 11.05 -1.18
N ALA D 411 -34.29 10.44 -0.21
CA ALA D 411 -35.27 11.12 0.63
C ALA D 411 -34.64 12.29 1.39
N LEU D 412 -33.42 12.07 1.87
CA LEU D 412 -32.66 13.11 2.55
C LEU D 412 -32.29 14.24 1.58
N PHE D 413 -31.90 13.87 0.37
CA PHE D 413 -31.57 14.83 -0.69
C PHE D 413 -32.75 15.77 -0.98
N LYS D 414 -33.94 15.18 -1.15
CA LYS D 414 -35.13 15.94 -1.47
C LYS D 414 -35.57 16.85 -0.32
N LEU D 415 -35.49 16.34 0.91
CA LEU D 415 -35.88 17.11 2.10
C LEU D 415 -34.91 18.23 2.44
N ARG D 416 -33.66 18.09 1.99
CA ARG D 416 -32.68 19.17 2.05
C ARG D 416 -33.02 20.27 1.03
N ASN D 417 -33.33 19.86 -0.20
CA ASN D 417 -33.76 20.78 -1.25
C ASN D 417 -35.02 21.55 -0.89
N GLN D 418 -35.91 20.89 -0.15
CA GLN D 418 -37.15 21.52 0.30
C GLN D 418 -36.93 22.41 1.52
N GLY D 419 -35.75 22.28 2.14
CA GLY D 419 -35.40 23.07 3.31
C GLY D 419 -36.09 22.57 4.57
N VAL D 420 -36.63 21.36 4.50
CA VAL D 420 -37.26 20.71 5.65
C VAL D 420 -36.20 20.28 6.66
N ILE D 421 -35.14 19.66 6.17
CA ILE D 421 -33.99 19.29 7.01
C ILE D 421 -32.90 20.36 6.87
N ALA D 422 -32.47 20.91 8.01
CA ALA D 422 -31.48 21.97 8.04
C ALA D 422 -30.07 21.39 7.90
N PRO D 423 -29.08 22.23 7.49
CA PRO D 423 -27.72 21.76 7.28
C PRO D 423 -27.04 21.25 8.54
N THR D 424 -27.49 21.74 9.68
CA THR D 424 -26.85 21.50 10.96
C THR D 424 -27.56 20.41 11.77
N ASP D 425 -28.67 19.91 11.22
CA ASP D 425 -29.51 18.92 11.91
C ASP D 425 -28.81 17.57 12.12
N ARG D 426 -28.88 17.05 13.35
CA ARG D 426 -28.37 15.72 13.66
C ARG D 426 -29.25 14.66 13.00
N THR D 427 -28.73 14.08 11.93
CA THR D 427 -29.48 13.12 11.13
C THR D 427 -28.84 11.73 11.13
N VAL D 428 -29.69 10.73 11.32
CA VAL D 428 -29.27 9.33 11.26
C VAL D 428 -30.04 8.59 10.16
N VAL D 429 -29.30 8.07 9.18
CA VAL D 429 -29.87 7.27 8.10
C VAL D 429 -29.60 5.80 8.41
N VAL D 430 -30.66 5.02 8.55
CA VAL D 430 -30.53 3.61 8.87
C VAL D 430 -30.21 2.83 7.59
N SER D 431 -29.09 2.12 7.61
CA SER D 431 -28.73 1.20 6.54
C SER D 431 -29.12 -0.20 6.97
N THR D 432 -29.96 -0.85 6.18
CA THR D 432 -30.61 -2.09 6.59
C THR D 432 -29.78 -3.36 6.34
N ALA D 433 -28.99 -3.36 5.26
CA ALA D 433 -28.20 -4.53 4.88
C ALA D 433 -26.86 -4.12 4.25
N HIS D 434 -25.86 -4.99 4.37
CA HIS D 434 -24.55 -4.74 3.79
C HIS D 434 -24.62 -4.77 2.27
N GLY D 435 -23.85 -3.88 1.63
CA GLY D 435 -23.75 -3.83 0.17
C GLY D 435 -23.32 -5.14 -0.46
N LEU D 436 -22.65 -5.99 0.32
CA LEU D 436 -22.16 -7.29 -0.14
C LEU D 436 -23.28 -8.23 -0.58
N LYS D 437 -24.51 -7.94 -0.16
CA LYS D 437 -25.69 -8.71 -0.54
C LYS D 437 -26.29 -8.20 -1.85
N PHE D 438 -25.74 -7.12 -2.39
CA PHE D 438 -26.26 -6.45 -3.57
C PHE D 438 -25.15 -6.04 -4.53
N THR D 439 -24.16 -6.91 -4.70
CA THR D 439 -23.00 -6.61 -5.54
C THR D 439 -23.35 -6.58 -7.02
N GLN D 440 -24.37 -7.34 -7.41
CA GLN D 440 -24.75 -7.46 -8.82
C GLN D 440 -25.28 -6.15 -9.40
N SER D 441 -26.10 -5.43 -8.63
CA SER D 441 -26.63 -4.14 -9.05
C SER D 441 -25.51 -3.09 -9.15
N LYS D 442 -24.56 -3.16 -8.23
CA LYS D 442 -23.39 -2.28 -8.24
C LYS D 442 -22.47 -2.57 -9.42
N ILE D 443 -22.28 -3.85 -9.72
CA ILE D 443 -21.51 -4.26 -10.90
C ILE D 443 -22.17 -3.71 -12.16
N ASP D 444 -23.49 -3.87 -12.25
CA ASP D 444 -24.27 -3.41 -13.40
C ASP D 444 -24.21 -1.89 -13.56
N TYR D 445 -24.37 -1.17 -12.43
CA TYR D 445 -24.33 0.30 -12.43
C TYR D 445 -22.99 0.84 -12.90
N HIS D 446 -21.91 0.27 -12.37
CA HIS D 446 -20.57 0.73 -12.70
C HIS D 446 -20.03 0.19 -14.04
N SER D 447 -20.83 -0.64 -14.71
CA SER D 447 -20.54 -1.09 -16.06
C SER D 447 -21.40 -0.35 -17.08
N ASN D 448 -22.21 0.60 -16.59
CA ASN D 448 -23.19 1.33 -17.40
C ASN D 448 -24.14 0.37 -18.12
N ALA D 449 -24.46 -0.74 -17.44
CA ALA D 449 -25.18 -1.85 -18.04
C ALA D 449 -26.62 -2.00 -17.53
N ILE D 450 -27.14 -0.95 -16.89
CA ILE D 450 -28.55 -0.93 -16.51
C ILE D 450 -29.35 -0.15 -17.55
N PRO D 451 -30.24 -0.83 -18.29
CA PRO D 451 -31.05 -0.15 -19.31
C PRO D 451 -32.02 0.86 -18.70
N ASP D 452 -32.29 1.94 -19.44
CA ASP D 452 -33.13 3.05 -18.98
C ASP D 452 -32.52 3.78 -17.78
N MET D 453 -31.19 3.81 -17.73
CA MET D 453 -30.45 4.48 -16.66
C MET D 453 -29.09 4.95 -17.17
N ALA D 454 -28.79 6.21 -16.91
CA ALA D 454 -27.53 6.83 -17.38
C ALA D 454 -26.30 6.38 -16.61
N CYS D 455 -26.51 5.93 -15.36
CA CYS D 455 -25.41 5.54 -14.46
C CYS D 455 -24.35 6.64 -14.40
N ARG D 456 -24.80 7.83 -14.01
CA ARG D 456 -23.99 9.05 -14.14
C ARG D 456 -22.74 9.10 -13.24
N PHE D 457 -22.76 8.35 -12.15
CA PHE D 457 -21.63 8.31 -11.22
C PHE D 457 -20.87 6.98 -11.28
N SER D 458 -21.03 6.26 -12.40
CA SER D 458 -20.33 4.99 -12.61
C SER D 458 -18.81 5.22 -12.61
N ASN D 459 -18.09 4.26 -12.03
CA ASN D 459 -16.65 4.30 -11.95
C ASN D 459 -16.01 3.05 -12.57
N PRO D 460 -16.13 2.90 -13.91
CA PRO D 460 -15.54 1.72 -14.56
C PRO D 460 -14.02 1.75 -14.52
N PRO D 461 -13.38 0.56 -14.48
CA PRO D 461 -11.92 0.48 -14.61
C PRO D 461 -11.45 0.92 -15.99
N VAL D 462 -10.26 1.52 -16.05
CA VAL D 462 -9.65 1.91 -17.32
C VAL D 462 -8.72 0.79 -17.79
N ASP D 463 -8.76 0.51 -19.10
CA ASP D 463 -7.96 -0.57 -19.70
C ASP D 463 -6.59 -0.07 -20.17
N VAL D 464 -5.55 -0.83 -19.82
CA VAL D 464 -4.18 -0.52 -20.20
C VAL D 464 -3.34 -1.78 -20.44
N LYS D 465 -2.37 -1.67 -21.34
CA LYS D 465 -1.38 -2.72 -21.57
C LYS D 465 -0.35 -2.74 -20.44
N ALA D 466 0.48 -3.78 -20.39
CA ALA D 466 1.56 -3.87 -19.40
C ALA D 466 2.74 -2.98 -19.80
N ASP D 467 2.43 -1.74 -20.15
CA ASP D 467 3.43 -0.78 -20.63
C ASP D 467 3.56 0.35 -19.61
N PHE D 468 4.78 0.57 -19.12
CA PHE D 468 5.05 1.58 -18.10
C PHE D 468 4.59 2.98 -18.52
N GLY D 469 4.99 3.40 -19.72
CA GLY D 469 4.62 4.71 -20.26
C GLY D 469 3.12 4.89 -20.42
N ALA D 470 2.45 3.84 -20.87
CA ALA D 470 0.99 3.84 -21.02
C ALA D 470 0.29 3.96 -19.67
N VAL D 471 0.78 3.21 -18.67
CA VAL D 471 0.23 3.23 -17.32
C VAL D 471 0.44 4.60 -16.67
N MET D 472 1.61 5.19 -16.91
CA MET D 472 1.96 6.51 -16.35
C MET D 472 1.10 7.64 -16.91
N ASP D 473 0.86 7.61 -18.22
CA ASP D 473 0.05 8.63 -18.90
C ASP D 473 -1.39 8.69 -18.38
N VAL D 474 -1.97 7.53 -18.11
CA VAL D 474 -3.31 7.44 -17.53
C VAL D 474 -3.29 8.01 -16.11
N LEU D 475 -2.28 7.62 -15.34
CA LEU D 475 -2.12 8.09 -13.97
C LEU D 475 -1.86 9.60 -13.90
N LYS D 476 -1.04 10.12 -14.81
CA LYS D 476 -0.73 11.55 -14.88
C LYS D 476 -1.99 12.40 -15.02
N SER D 477 -2.87 11.99 -15.94
CA SER D 477 -4.11 12.72 -16.22
C SER D 477 -5.09 12.66 -15.06
N TYR D 478 -5.08 11.56 -14.31
CA TYR D 478 -5.92 11.43 -13.12
C TYR D 478 -5.39 12.28 -11.96
N LEU D 479 -4.08 12.25 -11.76
CA LEU D 479 -3.45 12.96 -10.65
C LEU D 479 -3.38 14.47 -10.87
N GLY D 480 -3.50 14.90 -12.12
CA GLY D 480 -3.57 16.32 -12.45
C GLY D 480 -5.00 16.79 -12.66
N SER D 481 -5.89 16.35 -11.77
CA SER D 481 -7.32 16.68 -11.86
C SER D 481 -7.89 17.09 -10.50
N ASN D 482 -7.39 16.72 -9.44
N ALA E 35 52.64 -23.37 -3.12
CA ALA E 35 51.55 -22.87 -2.23
C ALA E 35 50.59 -21.92 -2.97
N VAL E 36 49.64 -22.52 -3.70
CA VAL E 36 48.58 -21.77 -4.38
C VAL E 36 47.42 -21.47 -3.41
N ASN E 37 47.80 -21.15 -2.18
CA ASN E 37 46.86 -20.89 -1.10
C ASN E 37 46.55 -19.40 -0.98
N PRO E 38 45.28 -19.02 -1.20
CA PRO E 38 44.86 -17.62 -1.17
C PRO E 38 44.77 -17.02 0.25
N PHE E 39 44.68 -17.87 1.26
CA PHE E 39 44.45 -17.44 2.63
C PHE E 39 45.76 -17.26 3.41
N SER E 40 45.78 -16.26 4.28
CA SER E 40 46.97 -15.94 5.08
C SER E 40 46.63 -15.26 6.40
N ALA E 41 47.56 -15.36 7.36
CA ALA E 41 47.41 -14.72 8.67
C ALA E 41 48.75 -14.22 9.19
N LYS E 42 48.71 -13.21 10.06
CA LYS E 42 49.92 -12.63 10.64
C LYS E 42 49.66 -12.06 12.04
N TYR E 43 50.73 -11.87 12.79
CA TYR E 43 50.64 -11.19 14.08
C TYR E 43 50.49 -9.69 13.85
N VAL E 44 49.53 -9.10 14.54
CA VAL E 44 49.22 -7.67 14.45
C VAL E 44 48.91 -7.17 15.87
N PRO E 45 49.40 -5.96 16.24
CA PRO E 45 49.05 -5.41 17.55
C PRO E 45 47.53 -5.30 17.74
N PHE E 46 47.06 -5.63 18.93
CA PHE E 46 45.66 -5.42 19.29
C PHE E 46 45.39 -3.92 19.43
N ASN E 47 44.97 -3.30 18.31
CA ASN E 47 44.69 -1.85 18.17
C ASN E 47 45.73 -1.04 17.38
N ALA E 48 46.01 0.19 17.85
CA ALA E 48 46.98 1.13 17.25
C ALA E 48 46.45 1.94 16.05
N ALA E 49 45.40 2.70 16.31
CA ALA E 49 44.64 3.45 15.29
C ALA E 49 45.45 4.38 14.38
N PRO E 50 46.39 5.18 14.93
CA PRO E 50 47.15 6.08 14.05
C PRO E 50 48.11 5.36 13.10
N GLY E 51 47.57 4.84 12.00
CA GLY E 51 48.34 4.31 10.87
C GLY E 51 49.47 3.35 11.19
N SER E 52 49.21 2.40 12.08
CA SER E 52 50.16 1.34 12.40
C SER E 52 50.42 0.44 11.20
N THR E 53 51.67 0.08 10.99
CA THR E 53 52.06 -0.90 9.98
C THR E 53 52.87 -2.05 10.60
N GLU E 54 52.75 -2.19 11.92
CA GLU E 54 53.45 -3.22 12.66
C GLU E 54 52.82 -4.60 12.43
N SER E 55 53.63 -5.57 12.01
CA SER E 55 53.17 -6.95 11.84
C SER E 55 54.33 -7.94 11.88
N TYR E 56 54.05 -9.15 12.34
CA TYR E 56 55.06 -10.20 12.40
C TYR E 56 54.53 -11.49 11.78
N SER E 57 55.41 -12.18 11.05
CA SER E 57 55.10 -13.49 10.49
C SER E 57 54.77 -14.46 11.62
N LEU E 58 53.85 -15.38 11.36
CA LEU E 58 53.52 -16.41 12.34
C LEU E 58 54.69 -17.38 12.57
N ASP E 59 55.65 -17.32 11.65
CA ASP E 59 56.87 -18.13 11.76
C ASP E 59 57.91 -17.52 12.69
N GLU E 60 57.70 -16.26 13.07
CA GLU E 60 58.57 -15.58 14.02
C GLU E 60 58.18 -15.90 15.46
N ILE E 61 59.17 -15.87 16.36
CA ILE E 61 58.92 -16.03 17.78
C ILE E 61 58.79 -14.63 18.40
N VAL E 62 57.54 -14.23 18.66
CA VAL E 62 57.23 -12.93 19.25
C VAL E 62 56.07 -13.07 20.22
N TYR E 63 56.19 -12.41 21.37
CA TYR E 63 55.20 -12.53 22.44
C TYR E 63 54.39 -11.26 22.64
N ARG E 64 55.03 -10.11 22.45
CA ARG E 64 54.40 -8.81 22.65
C ARG E 64 54.77 -7.82 21.54
N SER E 65 54.01 -6.73 21.45
CA SER E 65 54.23 -5.73 20.41
C SER E 65 55.46 -4.86 20.68
N ARG E 66 55.86 -4.08 19.67
CA ARG E 66 56.92 -3.08 19.81
C ARG E 66 56.64 -2.17 21.00
N SER E 67 55.37 -1.77 21.14
CA SER E 67 54.92 -0.96 22.26
C SER E 67 54.94 -1.74 23.57
N GLY E 68 54.57 -3.02 23.51
CA GLY E 68 54.52 -3.86 24.70
C GLY E 68 53.13 -4.40 24.99
N GLY E 69 52.15 -3.99 24.18
CA GLY E 69 50.79 -4.48 24.30
C GLY E 69 50.63 -5.89 23.75
N LEU E 70 49.38 -6.34 23.58
CA LEU E 70 49.11 -7.71 23.16
C LEU E 70 49.13 -7.89 21.65
N LEU E 71 49.69 -9.02 21.22
CA LEU E 71 49.65 -9.44 19.83
C LEU E 71 48.30 -10.07 19.50
N ASP E 72 47.95 -10.09 18.22
CA ASP E 72 46.68 -10.62 17.77
C ASP E 72 46.83 -11.20 16.37
N VAL E 73 46.33 -12.42 16.17
CA VAL E 73 46.45 -13.09 14.89
C VAL E 73 45.36 -12.58 13.95
N GLU E 74 45.79 -11.85 12.92
CA GLU E 74 44.89 -11.25 11.95
C GLU E 74 44.90 -12.03 10.64
N HIS E 75 43.72 -12.44 10.19
CA HIS E 75 43.57 -13.16 8.93
C HIS E 75 43.23 -12.21 7.80
N ASP E 76 43.68 -12.57 6.60
CA ASP E 76 43.31 -11.84 5.39
C ASP E 76 41.82 -12.10 5.13
N MET E 77 40.98 -11.20 5.66
CA MET E 77 39.53 -11.31 5.54
C MET E 77 39.05 -11.05 4.11
N GLU E 78 39.85 -10.29 3.34
CA GLU E 78 39.53 -9.99 1.95
C GLU E 78 39.59 -11.24 1.06
N ALA E 79 40.56 -12.10 1.32
CA ALA E 79 40.69 -13.38 0.63
C ALA E 79 39.57 -14.35 1.03
N LEU E 80 39.17 -14.28 2.30
CA LEU E 80 38.09 -15.10 2.81
C LEU E 80 36.72 -14.64 2.32
N LYS E 81 36.50 -13.32 2.30
CA LYS E 81 35.24 -12.73 1.85
C LYS E 81 34.88 -13.03 0.39
N ARG E 82 35.82 -13.63 -0.34
CA ARG E 82 35.60 -13.98 -1.75
C ARG E 82 34.81 -15.29 -1.91
N PHE E 83 34.42 -15.87 -0.79
CA PHE E 83 33.57 -17.05 -0.75
C PHE E 83 32.40 -16.76 0.17
N ASP E 84 31.18 -16.88 -0.36
CA ASP E 84 29.98 -16.45 0.36
C ASP E 84 29.70 -17.23 1.65
N GLY E 85 28.77 -16.72 2.45
CA GLY E 85 28.37 -17.36 3.70
C GLY E 85 28.00 -18.82 3.56
N ALA E 86 27.29 -19.15 2.48
CA ALA E 86 26.85 -20.53 2.22
C ALA E 86 28.02 -21.48 1.98
N TYR E 87 29.03 -21.02 1.24
CA TYR E 87 30.19 -21.84 0.93
C TYR E 87 30.88 -22.37 2.19
N TRP E 88 31.19 -21.46 3.11
CA TRP E 88 31.87 -21.81 4.35
C TRP E 88 31.02 -22.76 5.21
N ARG E 89 29.73 -22.45 5.34
CA ARG E 89 28.79 -23.29 6.07
C ARG E 89 28.81 -24.72 5.54
N ASP E 90 28.71 -24.84 4.21
CA ASP E 90 28.67 -26.16 3.55
C ASP E 90 30.01 -26.88 3.63
N LEU E 91 31.10 -26.14 3.46
CA LEU E 91 32.44 -26.71 3.58
C LEU E 91 32.66 -27.27 5.00
N PHE E 92 32.35 -26.45 6.01
CA PHE E 92 32.58 -26.84 7.39
C PHE E 92 31.69 -28.00 7.84
N ASP E 93 30.44 -28.00 7.37
CA ASP E 93 29.49 -29.08 7.69
C ASP E 93 29.89 -30.41 7.05
N SER E 94 30.56 -30.35 5.90
CA SER E 94 30.96 -31.56 5.18
C SER E 94 32.11 -32.29 5.85
N ARG E 95 32.88 -31.55 6.65
CA ARG E 95 34.07 -32.08 7.31
C ARG E 95 33.74 -32.64 8.70
N VAL E 96 32.64 -32.18 9.27
CA VAL E 96 32.28 -32.45 10.67
C VAL E 96 32.31 -33.92 11.08
N GLY E 97 33.20 -34.25 12.01
CA GLY E 97 33.35 -35.60 12.56
C GLY E 97 33.87 -36.67 11.60
N LYS E 98 34.04 -36.31 10.34
CA LYS E 98 34.50 -37.24 9.30
C LYS E 98 35.93 -37.74 9.56
N SER E 99 36.37 -38.72 8.77
CA SER E 99 37.64 -39.40 9.03
C SER E 99 38.84 -38.80 8.30
N THR E 100 38.58 -37.90 7.35
CA THR E 100 39.62 -37.25 6.57
C THR E 100 40.48 -36.29 7.41
N TRP E 101 41.78 -36.56 7.45
CA TRP E 101 42.77 -35.78 8.18
C TRP E 101 43.09 -34.49 7.41
N PRO E 102 43.20 -33.35 8.10
CA PRO E 102 43.02 -33.14 9.54
C PRO E 102 41.63 -32.60 9.91
N TYR E 103 40.69 -32.69 8.96
CA TYR E 103 39.42 -31.98 9.07
C TYR E 103 38.42 -32.58 10.06
N GLY E 104 38.75 -33.73 10.65
CA GLY E 104 37.91 -34.36 11.68
C GLY E 104 37.79 -33.54 12.97
N SER E 105 38.84 -32.80 13.29
CA SER E 105 38.93 -32.00 14.51
C SER E 105 37.98 -30.80 14.53
N GLY E 106 37.49 -30.46 15.71
CA GLY E 106 36.66 -29.26 15.90
C GLY E 106 37.39 -27.97 15.57
N VAL E 107 38.72 -27.99 15.72
CA VAL E 107 39.57 -26.87 15.37
C VAL E 107 39.93 -26.90 13.89
N TRP E 108 40.56 -27.99 13.46
CA TRP E 108 41.12 -28.09 12.11
C TRP E 108 40.11 -28.31 11.00
N SER E 109 38.83 -28.47 11.37
CA SER E 109 37.74 -28.43 10.40
C SER E 109 37.58 -27.02 9.82
N LYS E 110 38.03 -26.03 10.58
CA LYS E 110 38.04 -24.64 10.12
C LYS E 110 39.47 -24.13 9.88
N LYS E 111 40.33 -25.04 9.39
CA LYS E 111 41.76 -24.75 9.18
C LYS E 111 42.04 -23.43 8.48
N GLU E 112 41.27 -23.13 7.44
CA GLU E 112 41.40 -21.89 6.68
C GLU E 112 41.22 -20.62 7.53
N TRP E 113 40.56 -20.74 8.68
CA TRP E 113 40.32 -19.62 9.59
C TRP E 113 41.24 -19.66 10.81
N VAL E 114 42.11 -20.68 10.88
CA VAL E 114 42.94 -20.91 12.07
C VAL E 114 44.43 -20.77 11.72
N LEU E 115 44.97 -21.78 11.04
CA LEU E 115 46.32 -21.71 10.49
C LEU E 115 46.28 -22.13 9.02
N PRO E 116 45.94 -21.20 8.12
CA PRO E 116 45.70 -21.51 6.71
C PRO E 116 46.94 -21.99 5.94
N GLU E 117 48.12 -21.64 6.42
CA GLU E 117 49.37 -21.94 5.69
C GLU E 117 50.13 -23.18 6.16
N ILE E 118 49.73 -23.75 7.30
CA ILE E 118 50.40 -24.92 7.84
C ILE E 118 50.10 -26.16 6.98
N ASP E 119 51.12 -27.00 6.77
CA ASP E 119 50.97 -28.25 6.04
C ASP E 119 50.24 -29.27 6.91
N ASP E 120 49.36 -30.05 6.30
CA ASP E 120 48.59 -31.09 7.01
C ASP E 120 49.48 -32.06 7.76
N ASP E 121 50.71 -32.25 7.27
CA ASP E 121 51.67 -33.18 7.85
C ASP E 121 52.45 -32.60 9.04
N ASP E 122 52.20 -31.34 9.36
CA ASP E 122 52.84 -30.69 10.50
C ASP E 122 51.89 -30.56 11.68
N ILE E 123 50.61 -30.90 11.45
CA ILE E 123 49.58 -30.77 12.46
C ILE E 123 49.68 -31.85 13.54
N VAL E 124 49.58 -31.42 14.79
CA VAL E 124 49.52 -32.31 15.94
C VAL E 124 48.10 -32.26 16.51
N SER E 125 47.26 -33.17 16.04
CA SER E 125 45.84 -33.19 16.40
C SER E 125 45.47 -34.46 17.17
N ALA E 126 44.66 -34.28 18.21
CA ALA E 126 44.15 -35.38 19.02
C ALA E 126 42.63 -35.40 18.99
N PHE E 127 42.07 -35.23 17.80
CA PHE E 127 40.62 -35.28 17.55
C PHE E 127 39.82 -34.34 18.47
N GLU E 128 40.47 -33.27 18.92
CA GLU E 128 39.89 -32.27 19.83
C GLU E 128 38.67 -31.57 19.23
N GLY E 129 37.92 -30.86 20.07
CA GLY E 129 36.66 -30.27 19.66
C GLY E 129 35.59 -31.34 19.53
N ASN E 130 34.54 -31.03 18.78
CA ASN E 130 33.38 -31.93 18.61
C ASN E 130 32.71 -32.26 19.94
N SER E 131 32.95 -31.42 20.95
CA SER E 131 32.46 -31.64 22.30
C SER E 131 30.94 -31.49 22.36
N ASN E 132 30.34 -32.28 23.25
CA ASN E 132 28.89 -32.29 23.45
C ASN E 132 28.33 -30.94 23.83
N LEU E 133 27.30 -30.52 23.11
CA LEU E 133 26.44 -29.44 23.55
C LEU E 133 25.28 -30.07 24.30
N PHE E 134 25.49 -30.28 25.60
CA PHE E 134 24.55 -30.94 26.50
C PHE E 134 23.32 -30.07 26.76
N TRP E 135 22.15 -30.60 26.43
CA TRP E 135 20.89 -29.93 26.74
C TRP E 135 20.56 -30.14 28.21
N ALA E 136 20.78 -29.11 29.02
CA ALA E 136 20.39 -29.14 30.42
C ALA E 136 18.87 -29.01 30.53
N GLU E 137 18.17 -30.12 30.34
CA GLU E 137 16.72 -30.11 30.42
C GLU E 137 16.23 -30.04 31.87
N ARG E 138 16.66 -31.00 32.69
CA ARG E 138 16.23 -31.04 34.08
C ARG E 138 16.75 -29.84 34.86
N PHE E 139 18.05 -29.57 34.75
CA PHE E 139 18.63 -28.42 35.44
C PHE E 139 17.98 -27.10 35.00
N GLY E 140 17.78 -26.94 33.70
CA GLY E 140 17.22 -25.72 33.15
C GLY E 140 15.76 -25.49 33.55
N LYS E 141 14.93 -26.51 33.34
CA LYS E 141 13.50 -26.41 33.62
C LYS E 141 13.16 -26.42 35.11
N GLN E 142 13.98 -27.08 35.92
CA GLN E 142 13.70 -27.29 37.34
C GLN E 142 14.25 -26.19 38.23
N PHE E 143 15.44 -25.70 37.91
CA PHE E 143 16.13 -24.71 38.76
C PHE E 143 16.05 -23.28 38.21
N LEU E 144 15.84 -23.15 36.90
CA LEU E 144 15.91 -21.85 36.25
C LEU E 144 14.72 -21.49 35.35
N GLY E 145 13.77 -22.42 35.22
CA GLY E 145 12.60 -22.21 34.37
C GLY E 145 12.94 -21.99 32.91
N MET E 146 13.96 -22.71 32.43
CA MET E 146 14.47 -22.55 31.07
C MET E 146 14.39 -23.83 30.25
N ASN E 147 13.77 -23.74 29.07
CA ASN E 147 13.60 -24.90 28.21
C ASN E 147 14.71 -25.06 27.16
N ASP E 148 15.45 -23.98 26.92
CA ASP E 148 16.50 -23.97 25.91
C ASP E 148 17.87 -23.64 26.50
N LEU E 149 18.22 -24.32 27.59
CA LEU E 149 19.52 -24.11 28.24
C LEU E 149 20.49 -25.24 27.93
N TRP E 150 21.64 -24.85 27.39
CA TRP E 150 22.68 -25.77 26.99
C TRP E 150 23.98 -25.52 27.74
N VAL E 151 24.67 -26.60 28.09
CA VAL E 151 26.02 -26.53 28.64
C VAL E 151 26.99 -27.18 27.64
N LYS E 152 28.08 -26.46 27.33
CA LYS E 152 29.10 -26.93 26.39
C LYS E 152 30.24 -27.64 27.14
N HIS E 153 30.35 -28.96 26.95
CA HIS E 153 31.29 -29.76 27.74
C HIS E 153 32.69 -29.86 27.13
N CYS E 154 33.42 -28.75 27.15
CA CYS E 154 34.78 -28.72 26.63
C CYS E 154 35.75 -29.56 27.47
N GLY E 155 35.30 -29.94 28.66
CA GLY E 155 36.07 -30.80 29.56
C GLY E 155 36.22 -32.23 29.10
N ILE E 156 35.32 -32.68 28.23
CA ILE E 156 35.43 -34.00 27.63
C ILE E 156 36.37 -33.88 26.42
N SER E 157 37.66 -34.00 26.70
CA SER E 157 38.70 -33.85 25.69
C SER E 157 39.96 -34.60 26.14
N HIS E 158 40.96 -34.62 25.27
CA HIS E 158 42.21 -35.35 25.51
C HIS E 158 42.78 -35.17 26.92
N THR E 159 43.01 -33.92 27.33
CA THR E 159 43.62 -33.63 28.63
C THR E 159 42.63 -33.13 29.69
N GLY E 160 41.35 -33.07 29.34
CA GLY E 160 40.32 -32.78 30.31
C GLY E 160 39.82 -31.34 30.37
N SER E 161 40.32 -30.49 29.47
CA SER E 161 39.87 -29.09 29.41
C SER E 161 39.91 -28.54 27.99
N PHE E 162 39.39 -27.33 27.82
CA PHE E 162 39.34 -26.67 26.51
C PHE E 162 40.71 -26.16 26.03
N LYS E 163 41.74 -26.28 26.87
CA LYS E 163 43.10 -25.87 26.47
C LYS E 163 43.62 -26.67 25.29
N ASP E 164 43.08 -27.89 25.11
CA ASP E 164 43.41 -28.74 23.98
C ASP E 164 43.16 -28.04 22.64
N LEU E 165 42.10 -27.23 22.59
CA LEU E 165 41.75 -26.47 21.39
C LEU E 165 42.83 -25.47 21.02
N GLY E 166 43.37 -24.77 22.02
CA GLY E 166 44.43 -23.79 21.82
C GLY E 166 45.79 -24.41 21.61
N MET E 167 46.07 -25.48 22.37
CA MET E 167 47.38 -26.12 22.32
C MET E 167 47.66 -26.92 21.05
N THR E 168 46.60 -27.35 20.35
CA THR E 168 46.79 -28.04 19.07
C THR E 168 47.30 -27.08 18.00
N VAL E 169 46.96 -25.81 18.15
CA VAL E 169 47.39 -24.77 17.22
C VAL E 169 48.82 -24.35 17.53
N LEU E 170 49.11 -24.08 18.80
CA LEU E 170 50.45 -23.70 19.23
C LEU E 170 51.48 -24.77 18.88
N VAL E 171 51.26 -25.99 19.36
CA VAL E 171 52.18 -27.11 19.12
C VAL E 171 52.34 -27.41 17.63
N SER E 172 51.23 -27.37 16.87
CA SER E 172 51.29 -27.55 15.42
C SER E 172 52.26 -26.56 14.79
N GLN E 173 52.15 -25.29 15.17
CA GLN E 173 53.01 -24.23 14.66
C GLN E 173 54.47 -24.45 15.05
N VAL E 174 54.71 -24.76 16.33
CA VAL E 174 56.04 -25.10 16.82
C VAL E 174 56.62 -26.30 16.06
N ASN E 175 55.78 -27.29 15.80
CA ASN E 175 56.16 -28.46 15.01
C ASN E 175 56.59 -28.07 13.59
N ARG E 176 55.79 -27.25 12.93
CA ARG E 176 56.12 -26.71 11.61
C ARG E 176 57.49 -26.05 11.61
N LEU E 177 57.74 -25.19 12.60
CA LEU E 177 59.00 -24.47 12.72
C LEU E 177 60.19 -25.40 12.92
N ARG E 178 60.04 -26.38 13.81
CA ARG E 178 61.11 -27.35 14.09
C ARG E 178 61.42 -28.22 12.87
N LYS E 179 60.38 -28.59 12.12
CA LYS E 179 60.54 -29.43 10.93
C LYS E 179 61.18 -28.70 9.74
N MET E 180 61.05 -27.37 9.70
CA MET E 180 61.73 -26.58 8.68
C MET E 180 63.06 -26.00 9.16
N LYS E 181 63.67 -26.69 10.13
CA LYS E 181 65.03 -26.42 10.63
C LYS E 181 65.20 -25.13 11.45
N ARG E 182 64.09 -24.51 11.86
CA ARG E 182 64.13 -23.32 12.71
C ARG E 182 64.68 -23.66 14.09
N PRO E 183 65.42 -22.71 14.70
CA PRO E 183 65.96 -22.96 16.03
C PRO E 183 64.89 -22.86 17.12
N VAL E 184 64.24 -23.99 17.39
CA VAL E 184 63.27 -24.11 18.49
C VAL E 184 63.55 -25.44 19.20
N VAL E 185 64.26 -25.37 20.31
CA VAL E 185 64.70 -26.59 21.00
C VAL E 185 63.60 -27.24 21.84
N GLY E 186 62.57 -26.47 22.19
CA GLY E 186 61.46 -26.99 22.98
C GLY E 186 60.41 -25.94 23.36
N VAL E 187 59.43 -26.37 24.16
CA VAL E 187 58.34 -25.50 24.60
C VAL E 187 58.26 -25.49 26.12
N GLY E 188 58.13 -24.29 26.69
CA GLY E 188 58.06 -24.12 28.15
C GLY E 188 56.87 -23.32 28.64
N CYS E 189 56.52 -23.51 29.91
CA CYS E 189 55.49 -22.72 30.59
C CYS E 189 55.63 -22.82 32.11
N ALA E 190 54.81 -22.04 32.83
CA ALA E 190 54.82 -22.04 34.29
C ALA E 190 53.49 -22.48 34.91
N SER E 191 52.59 -23.01 34.06
CA SER E 191 51.29 -23.52 34.49
C SER E 191 51.40 -24.76 35.37
N THR E 192 50.54 -24.85 36.39
CA THR E 192 50.48 -26.01 37.26
C THR E 192 49.23 -26.85 36.97
N GLY E 193 48.39 -26.33 36.07
CA GLY E 193 47.12 -26.97 35.76
C GLY E 193 46.87 -27.21 34.28
N ASP E 194 45.74 -26.69 33.80
CA ASP E 194 45.18 -27.04 32.49
C ASP E 194 46.09 -26.80 31.28
N THR E 195 46.78 -25.66 31.26
CA THR E 195 47.63 -25.30 30.12
C THR E 195 48.82 -26.27 29.96
N SER E 196 49.55 -26.49 31.05
CA SER E 196 50.71 -27.39 31.03
C SER E 196 50.34 -28.83 30.71
N ALA E 197 49.18 -29.27 31.20
CA ALA E 197 48.66 -30.60 30.93
C ALA E 197 48.43 -30.79 29.44
N ALA E 198 47.77 -29.81 28.83
CA ALA E 198 47.50 -29.80 27.40
C ALA E 198 48.79 -29.69 26.60
N LEU E 199 49.63 -28.73 26.98
CA LEU E 199 50.89 -28.47 26.28
C LEU E 199 51.80 -29.69 26.22
N SER E 200 52.06 -30.30 27.37
CA SER E 200 53.00 -31.42 27.48
C SER E 200 52.54 -32.65 26.71
N ALA E 201 51.23 -32.91 26.73
CA ALA E 201 50.65 -34.07 26.04
C ALA E 201 50.82 -33.98 24.53
N TYR E 202 50.43 -32.83 23.96
CA TYR E 202 50.57 -32.56 22.54
C TYR E 202 52.04 -32.56 22.10
N CYS E 203 52.90 -31.98 22.93
CA CYS E 203 54.34 -31.97 22.66
C CYS E 203 54.92 -33.38 22.67
N ALA E 204 54.52 -34.18 23.66
CA ALA E 204 54.96 -35.56 23.77
C ALA E 204 54.57 -36.38 22.54
N SER E 205 53.40 -36.06 21.97
CA SER E 205 52.89 -36.71 20.77
C SER E 205 53.84 -36.56 19.56
N ALA E 206 54.34 -35.34 19.34
CA ALA E 206 55.18 -35.07 18.18
C ALA E 206 56.66 -35.06 18.53
N GLY E 207 57.01 -35.67 19.65
CA GLY E 207 58.40 -35.75 20.11
C GLY E 207 59.06 -34.42 20.41
N ILE E 208 58.24 -33.41 20.75
CA ILE E 208 58.75 -32.10 21.13
C ILE E 208 58.95 -32.04 22.64
N PRO E 209 60.19 -31.79 23.09
CA PRO E 209 60.47 -31.62 24.53
C PRO E 209 59.64 -30.51 25.17
N SER E 210 59.16 -30.77 26.38
CA SER E 210 58.30 -29.84 27.11
C SER E 210 58.91 -29.57 28.49
N ILE E 211 59.05 -28.28 28.83
CA ILE E 211 59.66 -27.89 30.10
C ILE E 211 58.70 -27.04 30.95
N VAL E 212 58.56 -27.41 32.21
CA VAL E 212 57.72 -26.66 33.15
C VAL E 212 58.60 -26.05 34.25
N PHE E 213 58.59 -24.72 34.32
CA PHE E 213 59.36 -24.00 35.34
C PHE E 213 58.46 -23.67 36.53
N LEU E 214 58.82 -24.20 37.70
CA LEU E 214 58.00 -24.03 38.91
C LEU E 214 58.83 -23.86 40.18
N PRO E 215 58.28 -23.11 41.17
CA PRO E 215 58.89 -23.02 42.50
C PRO E 215 58.83 -24.37 43.21
N ALA E 216 59.92 -24.72 43.89
CA ALA E 216 60.06 -26.01 44.57
C ALA E 216 58.97 -26.28 45.62
N ASN E 217 58.48 -25.21 46.26
CA ASN E 217 57.44 -25.31 47.28
C ASN E 217 56.02 -25.40 46.71
N LYS E 218 55.83 -24.95 45.48
CA LYS E 218 54.52 -24.98 44.82
C LYS E 218 54.29 -26.29 44.04
N ILE E 219 55.21 -27.23 44.19
CA ILE E 219 55.13 -28.54 43.53
C ILE E 219 54.08 -29.42 44.19
N SER E 220 53.23 -30.02 43.36
CA SER E 220 52.25 -31.01 43.81
C SER E 220 52.20 -32.14 42.79
N MET E 221 52.40 -33.37 43.28
CA MET E 221 52.39 -34.56 42.43
C MET E 221 51.03 -34.81 41.81
N ALA E 222 49.98 -34.49 42.56
CA ALA E 222 48.61 -34.63 42.09
C ALA E 222 48.26 -33.59 41.02
N GLN E 223 48.64 -32.34 41.26
CA GLN E 223 48.38 -31.25 40.33
C GLN E 223 49.11 -31.43 39.00
N LEU E 224 50.31 -32.01 39.08
CA LEU E 224 51.16 -32.17 37.90
C LEU E 224 51.13 -33.59 37.32
N VAL E 225 50.15 -34.39 37.72
CA VAL E 225 50.06 -35.80 37.31
C VAL E 225 50.08 -36.02 35.79
N GLN E 226 49.59 -35.05 35.02
CA GLN E 226 49.52 -35.19 33.56
C GLN E 226 50.82 -34.86 32.81
N PRO E 227 51.42 -33.67 33.04
CA PRO E 227 52.72 -33.42 32.42
C PRO E 227 53.80 -34.41 32.89
N ILE E 228 53.74 -34.80 34.16
CA ILE E 228 54.65 -35.80 34.72
C ILE E 228 54.59 -37.10 33.91
N ALA E 229 53.37 -37.61 33.72
CA ALA E 229 53.17 -38.85 32.97
C ALA E 229 53.50 -38.67 31.49
N ASN E 230 53.24 -37.48 30.95
CA ASN E 230 53.50 -37.20 29.54
C ASN E 230 54.96 -36.93 29.19
N GLY E 231 55.86 -37.22 30.12
CA GLY E 231 57.30 -37.12 29.89
C GLY E 231 57.82 -35.70 29.78
N ALA E 232 57.18 -34.78 30.50
CA ALA E 232 57.62 -33.39 30.52
C ALA E 232 58.70 -33.16 31.57
N PHE E 233 59.70 -32.36 31.21
CA PHE E 233 60.79 -32.04 32.12
C PHE E 233 60.37 -30.96 33.10
N VAL E 234 59.97 -31.40 34.30
CA VAL E 234 59.50 -30.48 35.34
C VAL E 234 60.66 -30.09 36.25
N LEU E 235 60.92 -28.79 36.34
CA LEU E 235 61.98 -28.25 37.20
C LEU E 235 61.40 -27.59 38.45
N SER E 236 61.84 -28.06 39.61
CA SER E 236 61.46 -27.46 40.89
C SER E 236 62.59 -26.57 41.42
N ILE E 237 62.36 -25.26 41.41
CA ILE E 237 63.39 -24.27 41.72
C ILE E 237 63.22 -23.65 43.11
N ASP E 238 64.31 -23.57 43.86
CA ASP E 238 64.29 -23.08 45.24
C ASP E 238 64.14 -21.54 45.32
N THR E 239 63.00 -21.04 44.84
CA THR E 239 62.66 -19.61 44.90
C THR E 239 61.15 -19.39 44.93
N ASP E 240 60.75 -18.12 44.91
CA ASP E 240 59.35 -17.72 44.87
C ASP E 240 58.85 -17.57 43.44
N PHE E 241 57.71 -16.90 43.28
CA PHE E 241 57.09 -16.68 41.97
C PHE E 241 57.93 -15.78 41.08
N ASP E 242 58.48 -14.70 41.66
CA ASP E 242 59.32 -13.76 40.94
C ASP E 242 60.65 -14.37 40.49
N GLY E 243 61.18 -15.28 41.31
CA GLY E 243 62.44 -15.97 41.03
C GLY E 243 62.41 -16.78 39.75
N CYS E 244 61.29 -17.45 39.51
CA CYS E 244 61.09 -18.22 38.28
C CYS E 244 61.05 -17.32 37.04
N MET E 245 60.14 -16.35 37.06
CA MET E 245 59.94 -15.40 35.96
C MET E 245 61.21 -14.62 35.57
N LYS E 246 62.04 -14.33 36.58
CA LYS E 246 63.32 -13.67 36.36
C LYS E 246 64.31 -14.61 35.67
N LEU E 247 64.23 -15.89 35.99
CA LEU E 247 65.19 -16.88 35.50
C LEU E 247 64.84 -17.39 34.10
N ILE E 248 63.55 -17.53 33.81
CA ILE E 248 63.08 -17.93 32.47
C ILE E 248 63.55 -16.91 31.42
N ARG E 249 63.48 -15.63 31.79
CA ARG E 249 63.97 -14.52 30.98
C ARG E 249 65.44 -14.71 30.59
N GLU E 250 66.20 -15.35 31.48
CA GLU E 250 67.62 -15.59 31.26
C GLU E 250 67.90 -16.77 30.31
N ILE E 251 67.06 -17.80 30.34
CA ILE E 251 67.22 -18.94 29.45
C ILE E 251 66.72 -18.64 28.03
N THR E 252 65.57 -17.97 27.93
CA THR E 252 64.99 -17.59 26.64
C THR E 252 65.95 -16.76 25.77
N ALA E 253 66.81 -15.97 26.43
CA ALA E 253 67.83 -15.18 25.75
C ALA E 253 69.00 -16.03 25.25
N GLU E 254 69.18 -17.21 25.85
CA GLU E 254 70.27 -18.13 25.47
C GLU E 254 69.76 -19.30 24.64
N LEU E 255 68.84 -20.08 25.21
CA LEU E 255 68.22 -21.21 24.52
C LEU E 255 66.87 -20.80 23.90
N PRO E 256 66.63 -21.19 22.64
CA PRO E 256 65.39 -20.80 21.97
C PRO E 256 64.22 -21.71 22.35
N ILE E 257 63.64 -21.44 23.52
CA ILE E 257 62.49 -22.18 24.00
C ILE E 257 61.24 -21.34 23.82
N TYR E 258 60.22 -21.91 23.18
CA TYR E 258 58.96 -21.22 22.97
C TYR E 258 58.12 -21.23 24.24
N LEU E 259 57.67 -20.06 24.65
CA LEU E 259 56.89 -19.93 25.89
C LEU E 259 55.40 -19.86 25.64
N ALA E 260 54.66 -20.64 26.42
CA ALA E 260 53.20 -20.61 26.39
C ALA E 260 52.69 -19.96 27.67
N ASN E 261 51.95 -18.87 27.52
CA ASN E 261 51.37 -18.15 28.66
C ASN E 261 50.06 -17.46 28.32
N SER E 262 49.54 -16.68 29.26
CA SER E 262 48.26 -15.98 29.09
C SER E 262 48.27 -14.96 27.96
N LEU E 263 49.45 -14.46 27.61
CA LEU E 263 49.61 -13.44 26.55
C LEU E 263 49.47 -14.03 25.15
N ASN E 264 49.80 -15.30 25.01
CA ASN E 264 49.85 -15.99 23.71
C ASN E 264 48.55 -15.90 22.92
N SER E 265 48.65 -15.43 21.67
CA SER E 265 47.48 -15.20 20.82
C SER E 265 47.21 -16.34 19.85
N LEU E 266 48.22 -17.18 19.65
CA LEU E 266 48.12 -18.33 18.75
C LEU E 266 47.12 -19.38 19.28
N ARG E 267 47.08 -19.54 20.60
CA ARG E 267 46.16 -20.46 21.25
C ARG E 267 44.70 -20.00 21.11
N LEU E 268 44.50 -18.69 21.01
CA LEU E 268 43.16 -18.12 20.84
C LEU E 268 42.52 -18.51 19.50
N GLU E 269 43.37 -18.74 18.50
CA GLU E 269 42.90 -19.16 17.18
C GLU E 269 42.20 -20.52 17.19
N GLY E 270 42.68 -21.42 18.06
CA GLY E 270 42.04 -22.71 18.27
C GLY E 270 40.85 -22.59 19.20
N GLN E 271 41.02 -21.79 20.27
CA GLN E 271 39.97 -21.57 21.26
C GLN E 271 38.71 -20.97 20.64
N LYS E 272 38.89 -20.17 19.60
CA LYS E 272 37.77 -19.51 18.93
C LYS E 272 36.87 -20.47 18.14
N THR E 273 37.39 -21.65 17.77
CA THR E 273 36.61 -22.63 17.02
C THR E 273 35.46 -23.23 17.84
N ALA E 274 35.55 -23.11 19.17
CA ALA E 274 34.47 -23.55 20.05
C ALA E 274 33.20 -22.71 19.82
N ALA E 275 33.40 -21.43 19.50
CA ALA E 275 32.29 -20.53 19.18
C ALA E 275 31.65 -20.90 17.84
N ILE E 276 32.50 -21.11 16.83
CA ILE E 276 32.05 -21.52 15.49
C ILE E 276 31.30 -22.85 15.58
N GLU E 277 31.82 -23.75 16.42
CA GLU E 277 31.22 -25.07 16.63
C GLU E 277 29.80 -24.97 17.22
N ILE E 278 29.65 -24.15 18.26
CA ILE E 278 28.34 -23.91 18.87
C ILE E 278 27.32 -23.47 17.81
N LEU E 279 27.75 -22.61 16.91
CA LEU E 279 26.91 -22.17 15.79
C LEU E 279 26.57 -23.35 14.89
N GLN E 280 27.61 -24.09 14.51
CA GLN E 280 27.48 -25.24 13.62
C GLN E 280 26.57 -26.30 14.25
N GLN E 281 26.72 -26.50 15.56
CA GLN E 281 25.93 -27.47 16.31
C GLN E 281 24.47 -27.05 16.44
N PHE E 282 24.18 -25.77 16.23
CA PHE E 282 22.82 -25.28 16.20
C PHE E 282 22.32 -25.09 14.77
N ASP E 283 23.00 -25.74 13.83
CA ASP E 283 22.70 -25.60 12.39
C ASP E 283 22.77 -24.13 11.95
N TRP E 284 23.82 -23.45 12.41
CA TRP E 284 24.09 -22.05 12.11
C TRP E 284 22.99 -21.12 12.60
N GLN E 285 22.52 -21.38 13.81
CA GLN E 285 21.58 -20.50 14.51
C GLN E 285 22.22 -19.94 15.77
N VAL E 286 22.23 -18.62 15.87
CA VAL E 286 22.96 -17.92 16.92
C VAL E 286 22.19 -17.93 18.24
N PRO E 287 22.82 -18.45 19.32
CA PRO E 287 22.24 -18.35 20.66
C PRO E 287 22.05 -16.89 21.09
N ASP E 288 21.07 -16.66 21.95
CA ASP E 288 20.87 -15.33 22.51
C ASP E 288 21.99 -15.01 23.49
N TRP E 289 22.39 -16.02 24.26
CA TRP E 289 23.38 -15.84 25.31
C TRP E 289 24.46 -16.91 25.29
N VAL E 290 25.70 -16.47 25.46
CA VAL E 290 26.81 -17.39 25.72
C VAL E 290 27.52 -16.93 26.99
N ILE E 291 27.57 -17.81 27.98
CA ILE E 291 28.13 -17.48 29.29
C ILE E 291 29.48 -18.16 29.48
N VAL E 292 30.53 -17.36 29.53
CA VAL E 292 31.90 -17.84 29.59
C VAL E 292 32.54 -17.47 30.93
N PRO E 293 33.18 -18.46 31.60
CA PRO E 293 33.97 -18.17 32.80
C PRO E 293 35.12 -17.26 32.44
N GLY E 294 35.43 -16.31 33.34
CA GLY E 294 36.45 -15.30 33.05
C GLY E 294 37.48 -15.17 34.15
N GLY E 295 38.42 -16.11 34.19
CA GLY E 295 39.57 -15.99 35.08
C GLY E 295 40.71 -15.34 34.31
N ASN E 296 41.06 -15.96 33.19
CA ASN E 296 42.13 -15.51 32.31
C ASN E 296 41.74 -14.30 31.46
N LEU E 297 40.49 -14.28 31.01
CA LEU E 297 39.89 -13.22 30.16
C LEU E 297 40.20 -13.33 28.66
N GLY E 298 41.13 -14.21 28.31
CA GLY E 298 41.42 -14.51 26.92
C GLY E 298 40.33 -15.35 26.27
N ASN E 299 39.65 -16.16 27.08
CA ASN E 299 38.61 -17.08 26.62
C ASN E 299 37.41 -16.35 26.04
N ILE E 300 36.85 -15.44 26.82
CA ILE E 300 35.70 -14.63 26.39
C ILE E 300 36.00 -13.92 25.06
N TYR E 301 37.25 -13.45 24.91
CA TYR E 301 37.68 -12.79 23.68
C TYR E 301 37.77 -13.76 22.51
N ALA E 302 38.26 -14.97 22.78
CA ALA E 302 38.34 -16.02 21.78
C ALA E 302 36.96 -16.37 21.25
N PHE E 303 36.01 -16.57 22.17
CA PHE E 303 34.61 -16.81 21.79
C PHE E 303 34.03 -15.68 20.96
N TYR E 304 34.20 -14.45 21.43
CA TYR E 304 33.75 -13.29 20.66
C TYR E 304 34.35 -13.32 19.25
N LYS E 305 35.65 -13.60 19.16
CA LYS E 305 36.39 -13.66 17.89
C LYS E 305 35.77 -14.67 16.93
N GLY E 306 35.36 -15.82 17.47
CA GLY E 306 34.77 -16.90 16.67
C GLY E 306 33.38 -16.59 16.14
N PHE E 307 32.52 -16.05 17.01
CA PHE E 307 31.17 -15.65 16.63
C PHE E 307 31.21 -14.50 15.62
N LYS E 308 32.12 -13.56 15.86
CA LYS E 308 32.29 -12.37 15.02
C LYS E 308 32.73 -12.74 13.61
N MET E 309 33.65 -13.71 13.52
CA MET E 309 34.18 -14.16 12.24
C MET E 309 33.10 -14.76 11.34
N CYS E 310 32.22 -15.56 11.94
CA CYS E 310 31.11 -16.16 11.21
C CYS E 310 30.15 -15.08 10.67
N GLN E 311 29.93 -14.05 11.47
CA GLN E 311 29.05 -12.94 11.10
C GLN E 311 29.62 -12.12 9.93
N GLU E 312 30.89 -11.74 10.04
CA GLU E 312 31.57 -10.94 9.03
C GLU E 312 31.74 -11.64 7.69
N LEU E 313 31.74 -12.98 7.72
CA LEU E 313 31.91 -13.76 6.50
C LEU E 313 30.59 -14.32 5.97
N GLY E 314 29.49 -13.89 6.58
CA GLY E 314 28.15 -14.17 6.06
C GLY E 314 27.53 -15.51 6.44
N LEU E 315 28.19 -16.24 7.34
CA LEU E 315 27.68 -17.53 7.82
C LEU E 315 26.38 -17.34 8.58
N VAL E 316 26.35 -16.29 9.40
CA VAL E 316 25.20 -15.90 10.21
C VAL E 316 25.05 -14.38 10.16
N ASP E 317 23.93 -13.87 10.65
CA ASP E 317 23.62 -12.43 10.56
C ASP E 317 23.92 -11.64 11.84
N ARG E 318 24.30 -12.36 12.90
CA ARG E 318 24.48 -11.74 14.22
C ARG E 318 25.44 -12.54 15.11
N ILE E 319 25.79 -11.95 16.25
CA ILE E 319 26.60 -12.61 17.28
C ILE E 319 25.79 -12.72 18.58
N PRO E 320 26.11 -13.68 19.46
CA PRO E 320 25.37 -13.77 20.72
C PRO E 320 25.75 -12.64 21.67
N ARG E 321 24.86 -12.35 22.61
CA ARG E 321 25.21 -11.51 23.75
C ARG E 321 26.00 -12.38 24.70
N MET E 322 27.10 -11.85 25.24
CA MET E 322 27.94 -12.66 26.11
C MET E 322 27.98 -12.22 27.56
N VAL E 323 28.00 -13.20 28.44
CA VAL E 323 28.15 -12.97 29.86
C VAL E 323 29.52 -13.47 30.28
N CYS E 324 30.32 -12.58 30.84
CA CYS E 324 31.59 -12.98 31.44
C CYS E 324 31.34 -13.21 32.93
N ALA E 325 31.68 -14.40 33.39
CA ALA E 325 31.41 -14.79 34.76
C ALA E 325 32.69 -14.91 35.57
N GLN E 326 32.83 -14.04 36.56
CA GLN E 326 34.01 -14.04 37.41
C GLN E 326 33.65 -14.48 38.82
N ALA E 327 34.64 -14.98 39.55
CA ALA E 327 34.51 -15.28 40.97
C ALA E 327 34.50 -13.97 41.76
N ALA E 328 33.90 -14.00 42.95
CA ALA E 328 33.86 -12.83 43.83
C ALA E 328 35.26 -12.44 44.28
N ASN E 329 36.14 -13.43 44.35
CA ASN E 329 37.54 -13.21 44.73
C ASN E 329 38.41 -12.67 43.58
N ALA E 330 37.87 -12.71 42.36
CA ALA E 330 38.62 -12.33 41.15
C ALA E 330 38.68 -10.82 40.92
N ASN E 331 39.41 -10.44 39.86
CA ASN E 331 39.79 -9.05 39.53
C ASN E 331 38.65 -8.04 39.30
N PRO E 332 38.99 -6.76 39.02
CA PRO E 332 37.97 -5.73 38.94
C PRO E 332 37.29 -5.55 37.57
N LEU E 333 37.14 -6.64 36.82
CA LEU E 333 36.39 -6.60 35.55
C LEU E 333 34.91 -6.36 35.83
N TYR E 334 34.38 -7.06 36.83
CA TYR E 334 33.00 -6.88 37.26
C TYR E 334 32.73 -5.44 37.70
N LEU E 335 33.65 -4.91 38.50
CA LEU E 335 33.54 -3.54 39.02
C LEU E 335 33.64 -2.52 37.89
N HIS E 336 34.35 -2.87 36.82
CA HIS E 336 34.47 -2.00 35.65
C HIS E 336 33.16 -1.94 34.86
N TYR E 337 32.53 -3.10 34.66
CA TYR E 337 31.24 -3.16 33.96
C TYR E 337 30.16 -2.42 34.74
N LYS E 338 30.21 -2.52 36.06
CA LYS E 338 29.29 -1.80 36.94
C LYS E 338 29.45 -0.28 36.83
N SER E 339 30.65 0.16 36.44
CA SER E 339 30.94 1.58 36.24
C SER E 339 30.42 2.12 34.90
N GLY E 340 30.00 1.22 34.02
CA GLY E 340 29.55 1.59 32.68
C GLY E 340 30.73 1.87 31.77
N TRP E 341 31.79 1.08 31.94
CA TRP E 341 33.04 1.20 31.17
C TRP E 341 33.71 2.58 31.30
N LYS E 342 34.20 2.87 32.49
CA LYS E 342 34.93 4.12 32.76
C LYS E 342 36.04 3.91 33.80
N ASP E 343 35.85 2.92 34.67
CA ASP E 343 36.76 2.67 35.79
C ASP E 343 36.81 1.19 36.15
N VAL E 363 46.30 -9.16 32.93
CA VAL E 363 46.45 -9.74 31.60
C VAL E 363 45.12 -9.82 30.85
N SER E 364 45.15 -9.51 29.56
CA SER E 364 43.99 -9.57 28.66
C SER E 364 42.75 -8.78 29.13
N ILE E 365 42.97 -7.83 30.05
CA ILE E 365 41.88 -7.06 30.65
C ILE E 365 41.16 -6.23 29.59
N ASP E 366 41.94 -5.43 28.85
CA ASP E 366 41.40 -4.56 27.81
C ASP E 366 40.89 -5.37 26.62
N ARG E 367 41.57 -6.49 26.36
CA ARG E 367 41.17 -7.45 25.33
C ARG E 367 39.73 -7.92 25.53
N ALA E 368 39.35 -8.19 26.78
CA ALA E 368 38.00 -8.62 27.15
C ALA E 368 36.99 -7.48 27.12
N VAL E 369 37.42 -6.29 27.54
CA VAL E 369 36.55 -5.11 27.60
C VAL E 369 36.07 -4.69 26.21
N TYR E 370 36.97 -4.79 25.23
CA TYR E 370 36.62 -4.53 23.83
C TYR E 370 35.54 -5.49 23.35
N ALA E 371 35.72 -6.78 23.66
CA ALA E 371 34.80 -7.83 23.23
C ALA E 371 33.39 -7.66 23.83
N LEU E 372 33.33 -7.34 25.12
CA LEU E 372 32.05 -7.18 25.82
C LEU E 372 31.28 -5.93 25.40
N LYS E 373 32.02 -4.88 25.04
CA LYS E 373 31.41 -3.65 24.56
C LYS E 373 30.83 -3.83 23.15
N LYS E 374 31.51 -4.65 22.36
CA LYS E 374 31.11 -4.92 20.98
C LYS E 374 29.88 -5.81 20.86
N CYS E 375 29.74 -6.77 21.78
CA CYS E 375 28.62 -7.72 21.76
C CYS E 375 27.49 -7.34 22.70
N ASN E 376 27.65 -6.19 23.37
CA ASN E 376 26.68 -5.69 24.35
C ASN E 376 26.49 -6.66 25.51
N GLY E 377 27.59 -6.97 26.19
CA GLY E 377 27.62 -8.03 27.20
C GLY E 377 27.48 -7.59 28.64
N ILE E 378 27.40 -8.58 29.53
CA ILE E 378 27.27 -8.36 30.97
C ILE E 378 28.41 -9.06 31.70
N VAL E 379 28.80 -8.52 32.85
CA VAL E 379 29.72 -9.22 33.76
C VAL E 379 29.05 -9.49 35.09
N GLU E 380 29.11 -10.73 35.56
CA GLU E 380 28.55 -11.11 36.87
C GLU E 380 29.56 -11.82 37.76
N GLU E 381 29.36 -11.67 39.07
CA GLU E 381 30.20 -12.30 40.08
C GLU E 381 29.57 -13.58 40.63
N ALA E 382 30.38 -14.39 41.30
CA ALA E 382 29.91 -15.58 42.01
C ALA E 382 30.73 -15.77 43.29
N THR E 383 30.03 -15.90 44.41
CA THR E 383 30.67 -16.15 45.69
C THR E 383 31.10 -17.61 45.79
N GLU E 384 32.05 -17.90 46.66
CA GLU E 384 32.55 -19.26 46.89
C GLU E 384 31.41 -20.24 47.14
N GLU E 385 30.48 -19.84 48.02
CA GLU E 385 29.29 -20.64 48.33
C GLU E 385 28.34 -20.75 47.13
N GLU E 386 28.20 -19.65 46.38
CA GLU E 386 27.29 -19.57 45.24
C GLU E 386 27.70 -20.51 44.11
N LEU E 387 29.00 -20.57 43.81
CA LEU E 387 29.51 -21.43 42.75
C LEU E 387 29.43 -22.92 43.10
N MET E 388 29.70 -23.25 44.37
CA MET E 388 29.62 -24.63 44.83
C MET E 388 28.18 -25.15 44.81
N ASP E 389 27.26 -24.33 45.31
CA ASP E 389 25.82 -24.64 45.25
C ASP E 389 25.38 -24.89 43.81
N ALA E 390 25.82 -24.03 42.90
CA ALA E 390 25.49 -24.14 41.48
C ALA E 390 26.09 -25.40 40.87
N MET E 391 27.33 -25.70 41.23
CA MET E 391 28.01 -26.92 40.81
C MET E 391 27.24 -28.15 41.27
N ALA E 392 26.73 -28.12 42.50
CA ALA E 392 25.99 -29.24 43.08
C ALA E 392 24.62 -29.43 42.44
N GLN E 393 23.94 -28.31 42.17
CA GLN E 393 22.62 -28.36 41.54
C GLN E 393 22.72 -28.90 40.13
N ALA E 394 23.72 -28.42 39.39
CA ALA E 394 23.98 -28.88 38.02
C ALA E 394 24.42 -30.34 38.01
N ASP E 395 25.32 -30.68 38.93
CA ASP E 395 25.81 -32.05 39.06
C ASP E 395 24.68 -33.05 39.30
N SER E 396 23.75 -32.68 40.17
CA SER E 396 22.66 -33.58 40.55
C SER E 396 21.71 -33.93 39.38
N THR E 397 21.86 -33.22 38.27
CA THR E 397 21.06 -33.51 37.07
C THR E 397 21.85 -34.27 35.99
N GLY E 398 22.98 -34.84 36.38
CA GLY E 398 23.77 -35.71 35.51
C GLY E 398 25.09 -35.14 35.01
N MET E 399 25.28 -33.85 35.19
CA MET E 399 26.53 -33.20 34.81
C MET E 399 27.61 -33.47 35.84
N PHE E 400 28.86 -33.29 35.42
CA PHE E 400 30.02 -33.39 36.30
C PHE E 400 30.98 -32.31 35.85
N ILE E 401 30.74 -31.11 36.35
CA ILE E 401 31.38 -29.89 35.86
C ILE E 401 32.31 -29.25 36.88
N CYS E 402 33.18 -28.35 36.41
CA CYS E 402 34.19 -27.70 37.24
C CYS E 402 33.66 -26.47 37.98
N PRO E 403 34.41 -25.98 39.00
CA PRO E 403 34.03 -24.77 39.75
C PRO E 403 33.83 -23.55 38.87
N HIS E 404 34.62 -23.44 37.80
CA HIS E 404 34.52 -22.33 36.86
C HIS E 404 33.15 -22.32 36.19
N THR E 405 32.64 -23.51 35.90
CA THR E 405 31.30 -23.69 35.35
C THR E 405 30.24 -23.28 36.38
N GLY E 406 30.47 -23.66 37.64
CA GLY E 406 29.62 -23.23 38.75
C GLY E 406 29.51 -21.72 38.85
N VAL E 407 30.60 -21.02 38.53
CA VAL E 407 30.64 -19.56 38.49
C VAL E 407 29.70 -19.03 37.40
N ALA E 408 29.76 -19.66 36.22
CA ALA E 408 28.93 -19.26 35.09
C ALA E 408 27.45 -19.50 35.37
N LEU E 409 27.16 -20.61 36.05
CA LEU E 409 25.79 -20.96 36.39
C LEU E 409 25.19 -19.99 37.41
N THR E 410 26.02 -19.53 38.35
CA THR E 410 25.61 -18.51 39.31
C THR E 410 25.24 -17.21 38.59
N ALA E 411 26.05 -16.84 37.61
CA ALA E 411 25.80 -15.65 36.78
C ALA E 411 24.49 -15.77 36.00
N LEU E 412 24.17 -16.99 35.58
CA LEU E 412 22.91 -17.27 34.88
C LEU E 412 21.74 -17.16 35.85
N PHE E 413 21.92 -17.71 37.05
CA PHE E 413 20.93 -17.62 38.12
C PHE E 413 20.61 -16.16 38.46
N LYS E 414 21.66 -15.35 38.62
CA LYS E 414 21.51 -13.94 38.97
C LYS E 414 20.82 -13.14 37.87
N LEU E 415 21.18 -13.40 36.62
CA LEU E 415 20.62 -12.67 35.49
C LEU E 415 19.19 -13.09 35.15
N ARG E 416 18.81 -14.30 35.54
CA ARG E 416 17.42 -14.75 35.44
C ARG E 416 16.54 -14.01 36.45
N ASN E 417 17.02 -13.91 37.69
CA ASN E 417 16.32 -13.17 38.75
C ASN E 417 16.16 -11.69 38.44
N GLN E 418 17.11 -11.14 37.68
CA GLN E 418 17.08 -9.74 37.28
C GLN E 418 16.17 -9.51 36.07
N GLY E 419 15.84 -10.58 35.36
CA GLY E 419 14.98 -10.49 34.18
C GLY E 419 15.74 -10.07 32.94
N VAL E 420 17.06 -10.16 32.98
CA VAL E 420 17.91 -9.85 31.84
C VAL E 420 17.83 -11.00 30.82
N ILE E 421 17.81 -12.22 31.34
CA ILE E 421 17.65 -13.41 30.50
C ILE E 421 16.24 -13.97 30.63
N ALA E 422 15.57 -14.13 29.48
CA ALA E 422 14.20 -14.63 29.42
C ALA E 422 14.17 -16.15 29.62
N PRO E 423 13.00 -16.70 30.00
CA PRO E 423 12.87 -18.15 30.22
C PRO E 423 13.09 -18.97 28.95
N THR E 424 12.82 -18.36 27.80
CA THR E 424 12.84 -19.05 26.52
C THR E 424 14.12 -18.79 25.72
N ASP E 425 15.02 -17.98 26.29
CA ASP E 425 16.27 -17.60 25.63
C ASP E 425 17.20 -18.79 25.40
N ARG E 426 17.76 -18.87 24.20
CA ARG E 426 18.75 -19.88 23.86
C ARG E 426 20.06 -19.51 24.54
N THR E 427 20.40 -20.25 25.59
CA THR E 427 21.57 -19.95 26.41
C THR E 427 22.56 -21.10 26.38
N VAL E 428 23.82 -20.76 26.14
CA VAL E 428 24.92 -21.70 26.17
C VAL E 428 25.90 -21.31 27.28
N VAL E 429 26.04 -22.19 28.27
CA VAL E 429 27.05 -22.05 29.30
C VAL E 429 28.26 -22.89 28.89
N VAL E 430 29.41 -22.24 28.78
CA VAL E 430 30.64 -22.94 28.43
C VAL E 430 31.25 -23.55 29.68
N SER E 431 31.43 -24.87 29.66
CA SER E 431 32.13 -25.57 30.73
C SER E 431 33.57 -25.81 30.29
N THR E 432 34.51 -25.30 31.07
CA THR E 432 35.92 -25.24 30.67
C THR E 432 36.72 -26.51 30.93
N ALA E 433 36.38 -27.23 31.99
CA ALA E 433 37.13 -28.43 32.40
C ALA E 433 36.23 -29.51 32.98
N HIS E 434 36.67 -30.76 32.86
CA HIS E 434 35.92 -31.90 33.38
C HIS E 434 36.01 -31.92 34.91
N GLY E 435 34.88 -32.25 35.54
CA GLY E 435 34.80 -32.36 37.00
C GLY E 435 35.83 -33.27 37.63
N LEU E 436 36.35 -34.23 36.85
CA LEU E 436 37.34 -35.19 37.34
C LEU E 436 38.65 -34.54 37.77
N LYS E 437 38.86 -33.30 37.34
CA LYS E 437 40.04 -32.52 37.73
C LYS E 437 39.80 -31.79 39.05
N PHE E 438 38.56 -31.85 39.54
CA PHE E 438 38.17 -31.14 40.76
C PHE E 438 37.32 -32.03 41.68
N THR E 439 37.80 -33.24 41.93
CA THR E 439 37.08 -34.20 42.77
C THR E 439 37.21 -33.85 44.25
N GLN E 440 38.32 -33.23 44.63
CA GLN E 440 38.59 -32.92 46.02
C GLN E 440 37.59 -31.90 46.59
N SER E 441 37.22 -30.92 45.79
CA SER E 441 36.26 -29.90 46.22
C SER E 441 34.85 -30.51 46.35
N LYS E 442 34.52 -31.42 45.44
CA LYS E 442 33.23 -32.12 45.46
C LYS E 442 33.15 -33.10 46.64
N ILE E 443 34.25 -33.80 46.91
CA ILE E 443 34.35 -34.68 48.08
C ILE E 443 34.12 -33.87 49.35
N ASP E 444 34.80 -32.73 49.46
CA ASP E 444 34.68 -31.85 50.63
C ASP E 444 33.28 -31.29 50.81
N TYR E 445 32.69 -30.82 49.70
CA TYR E 445 31.35 -30.25 49.70
C TYR E 445 30.31 -31.26 50.19
N HIS E 446 30.35 -32.46 49.62
CA HIS E 446 29.38 -33.50 49.94
C HIS E 446 29.65 -34.22 51.28
N SER E 447 30.78 -33.88 51.89
CA SER E 447 31.08 -34.33 53.27
C SER E 447 30.76 -33.23 54.27
N ASN E 448 30.21 -32.12 53.79
CA ASN E 448 29.98 -30.91 54.58
C ASN E 448 31.25 -30.45 55.30
N ALA E 449 32.38 -30.57 54.62
CA ALA E 449 33.70 -30.33 55.21
C ALA E 449 34.40 -29.09 54.68
N ILE E 450 33.62 -28.14 54.16
CA ILE E 450 34.17 -26.85 53.76
C ILE E 450 33.80 -25.77 54.78
N PRO E 451 34.80 -25.28 55.55
CA PRO E 451 34.60 -24.24 56.55
C PRO E 451 33.99 -22.97 55.97
N ASP E 452 33.08 -22.35 56.72
CA ASP E 452 32.38 -21.12 56.32
C ASP E 452 31.47 -21.34 55.10
N MET E 453 30.90 -22.54 55.02
CA MET E 453 29.99 -22.90 53.92
C MET E 453 29.00 -23.95 54.42
N ALA E 454 27.72 -23.68 54.19
CA ALA E 454 26.64 -24.56 54.67
C ALA E 454 26.55 -25.90 53.92
N CYS E 455 27.04 -25.93 52.67
CA CYS E 455 26.94 -27.11 51.79
C CYS E 455 25.50 -27.63 51.73
N ARG E 456 24.59 -26.75 51.37
CA ARG E 456 23.14 -26.99 51.48
C ARG E 456 22.63 -28.11 50.58
N PHE E 457 23.32 -28.37 49.48
CA PHE E 457 22.90 -29.41 48.53
C PHE E 457 23.80 -30.64 48.54
N SER E 458 24.55 -30.82 49.64
CA SER E 458 25.40 -31.98 49.81
C SER E 458 24.59 -33.28 49.77
N ASN E 459 25.20 -34.33 49.26
CA ASN E 459 24.55 -35.64 49.18
C ASN E 459 25.43 -36.75 49.79
N PRO E 460 25.63 -36.72 51.12
CA PRO E 460 26.46 -37.75 51.75
C PRO E 460 25.83 -39.14 51.63
N PRO E 461 26.67 -40.20 51.63
CA PRO E 461 26.15 -41.56 51.72
C PRO E 461 25.56 -41.83 53.10
N VAL E 462 24.50 -42.64 53.14
CA VAL E 462 23.85 -43.03 54.39
C VAL E 462 24.47 -44.33 54.91
N ASP E 463 24.78 -44.37 56.20
CA ASP E 463 25.40 -45.54 56.84
C ASP E 463 24.38 -46.58 57.28
N VAL E 464 24.56 -47.81 56.81
CA VAL E 464 23.68 -48.93 57.17
C VAL E 464 24.49 -50.17 57.50
N LYS E 465 23.97 -51.00 58.41
CA LYS E 465 24.53 -52.32 58.67
C LYS E 465 24.16 -53.30 57.55
N ALA E 466 24.86 -54.43 57.49
CA ALA E 466 24.58 -55.47 56.48
C ALA E 466 23.33 -56.28 56.86
N ASP E 467 22.25 -55.56 57.14
CA ASP E 467 20.98 -56.14 57.59
C ASP E 467 19.89 -55.76 56.60
N PHE E 468 19.14 -56.77 56.14
CA PHE E 468 18.09 -56.57 55.14
C PHE E 468 17.01 -55.58 55.58
N GLY E 469 16.50 -55.78 56.81
CA GLY E 469 15.47 -54.91 57.37
C GLY E 469 15.89 -53.45 57.46
N ALA E 470 17.12 -53.23 57.91
CA ALA E 470 17.69 -51.88 58.03
C ALA E 470 17.88 -51.22 56.66
N VAL E 471 18.46 -51.96 55.72
CA VAL E 471 18.65 -51.50 54.34
C VAL E 471 17.30 -51.14 53.71
N MET E 472 16.29 -51.98 53.94
CA MET E 472 14.94 -51.76 53.41
C MET E 472 14.28 -50.52 53.99
N ASP E 473 14.36 -50.35 55.31
CA ASP E 473 13.75 -49.21 55.99
C ASP E 473 14.29 -47.86 55.49
N VAL E 474 15.60 -47.79 55.30
CA VAL E 474 16.22 -46.57 54.77
C VAL E 474 15.77 -46.34 53.32
N LEU E 475 15.68 -47.42 52.55
CA LEU E 475 15.22 -47.35 51.17
C LEU E 475 13.73 -47.02 51.07
N LYS E 476 12.93 -47.55 51.99
CA LYS E 476 11.49 -47.29 52.04
C LYS E 476 11.18 -45.79 52.18
N SER E 477 11.87 -45.13 53.11
CA SER E 477 11.65 -43.71 53.39
C SER E 477 12.15 -42.80 52.24
N TYR E 478 13.15 -43.26 51.51
CA TYR E 478 13.65 -42.53 50.34
C TYR E 478 12.66 -42.63 49.18
N LEU E 479 12.05 -43.80 49.01
CA LEU E 479 11.09 -44.02 47.93
C LEU E 479 9.72 -43.42 48.24
N GLY E 480 9.47 -43.15 49.53
CA GLY E 480 8.25 -42.48 49.95
C GLY E 480 8.21 -40.99 49.63
N SER E 481 9.38 -40.43 49.32
CA SER E 481 9.52 -39.01 48.97
C SER E 481 9.33 -38.76 47.48
N ASN E 482 9.70 -39.74 46.66
CA ASN E 482 9.65 -39.63 45.20
C ASN E 482 8.25 -39.79 44.59
N THR E 483 7.33 -40.38 45.35
CA THR E 483 5.98 -40.69 44.88
C THR E 483 5.12 -39.43 44.73
N LEU E 484 4.58 -38.90 45.71
N VAL F 36 5.95 -47.78 8.25
CA VAL F 36 6.15 -48.96 9.13
C VAL F 36 7.63 -49.10 9.49
N ASN F 37 7.89 -49.38 10.77
CA ASN F 37 9.24 -49.68 11.25
C ASN F 37 9.46 -51.19 11.21
N PRO F 38 10.25 -51.67 10.24
CA PRO F 38 10.34 -53.11 9.98
C PRO F 38 11.33 -53.86 10.87
N PHE F 39 12.21 -53.13 11.54
CA PHE F 39 13.27 -53.74 12.36
C PHE F 39 12.80 -53.96 13.80
N SER F 40 13.25 -55.05 14.40
CA SER F 40 12.91 -55.37 15.80
C SER F 40 14.00 -56.16 16.50
N ALA F 41 13.87 -56.30 17.81
CA ALA F 41 14.83 -57.00 18.64
C ALA F 41 14.12 -57.64 19.84
N LYS F 42 14.66 -58.75 20.34
CA LYS F 42 14.06 -59.48 21.44
C LYS F 42 15.13 -60.14 22.28
N TYR F 43 14.80 -60.47 23.54
CA TYR F 43 15.71 -61.23 24.39
C TYR F 43 15.68 -62.69 23.95
N VAL F 44 16.83 -63.33 24.04
CA VAL F 44 17.00 -64.71 23.59
C VAL F 44 18.09 -65.37 24.45
N PRO F 45 18.00 -66.69 24.69
CA PRO F 45 19.07 -67.35 25.44
C PRO F 45 20.39 -67.23 24.67
N PHE F 46 21.47 -66.94 25.37
CA PHE F 46 22.78 -66.87 24.73
C PHE F 46 23.09 -68.20 24.03
N ASN F 47 23.54 -68.10 22.78
CA ASN F 47 23.96 -69.25 21.98
C ASN F 47 22.88 -70.34 21.98
N ALA F 48 21.69 -69.97 21.52
CA ALA F 48 20.50 -70.82 21.57
C ALA F 48 20.63 -72.11 20.75
N ALA F 49 20.05 -73.18 21.28
CA ALA F 49 20.07 -74.51 20.66
C ALA F 49 19.34 -74.53 19.30
N PRO F 50 19.53 -75.59 18.50
CA PRO F 50 18.80 -75.76 17.23
C PRO F 50 17.28 -75.70 17.38
N GLY F 51 16.67 -74.67 16.79
CA GLY F 51 15.22 -74.52 16.76
C GLY F 51 14.58 -74.21 18.10
N SER F 52 15.29 -73.44 18.93
CA SER F 52 14.75 -72.97 20.20
C SER F 52 13.67 -71.93 19.94
N THR F 53 12.59 -71.99 20.70
CA THR F 53 11.47 -71.04 20.56
C THR F 53 11.45 -69.98 21.66
N GLU F 54 12.41 -70.06 22.59
CA GLU F 54 12.44 -69.17 23.74
C GLU F 54 12.87 -67.75 23.37
N SER F 55 11.98 -66.80 23.62
CA SER F 55 12.29 -65.37 23.47
C SER F 55 11.40 -64.56 24.41
N TYR F 56 11.82 -63.34 24.70
CA TYR F 56 11.05 -62.42 25.54
C TYR F 56 11.12 -61.03 24.93
N SER F 57 10.02 -60.29 25.04
CA SER F 57 9.99 -58.89 24.63
C SER F 57 11.05 -58.10 25.41
N LEU F 58 11.60 -57.07 24.78
CA LEU F 58 12.56 -56.19 25.46
C LEU F 58 11.94 -55.42 26.63
N ASP F 59 10.61 -55.30 26.62
CA ASP F 59 9.87 -54.68 27.72
C ASP F 59 9.78 -55.61 28.93
N GLU F 60 10.15 -56.87 28.74
CA GLU F 60 10.16 -57.84 29.81
C GLU F 60 11.38 -57.56 30.69
N ILE F 61 11.17 -57.55 32.00
CA ILE F 61 12.26 -57.43 32.96
C ILE F 61 12.80 -58.82 33.32
N VAL F 62 13.85 -59.22 32.61
CA VAL F 62 14.47 -60.53 32.80
C VAL F 62 15.98 -60.40 32.71
N TYR F 63 16.69 -61.25 33.43
CA TYR F 63 18.15 -61.21 33.45
C TYR F 63 18.75 -62.56 33.04
N ARG F 64 17.97 -63.62 33.23
CA ARG F 64 18.43 -64.97 32.91
C ARG F 64 17.37 -65.78 32.16
N SER F 65 17.82 -66.85 31.50
CA SER F 65 16.94 -67.70 30.69
C SER F 65 16.24 -68.77 31.53
N ARG F 66 15.43 -69.59 30.86
CA ARG F 66 14.77 -70.73 31.50
C ARG F 66 15.77 -71.70 32.13
N SER F 67 16.91 -71.86 31.46
CA SER F 67 17.97 -72.76 31.90
C SER F 67 18.84 -72.16 33.00
N GLY F 68 18.67 -70.87 33.26
CA GLY F 68 19.50 -70.16 34.22
C GLY F 68 20.68 -69.49 33.55
N GLY F 69 20.77 -69.62 32.24
CA GLY F 69 21.83 -69.03 31.45
C GLY F 69 21.65 -67.55 31.19
N LEU F 70 22.58 -66.97 30.46
CA LEU F 70 22.52 -65.57 30.12
C LEU F 70 21.58 -65.31 28.95
N LEU F 71 21.11 -64.08 28.85
CA LEU F 71 20.31 -63.62 27.73
C LEU F 71 21.16 -62.80 26.77
N ASP F 72 20.75 -62.77 25.51
CA ASP F 72 21.32 -61.86 24.53
C ASP F 72 20.22 -61.06 23.85
N VAL F 73 20.59 -60.01 23.13
CA VAL F 73 19.63 -59.29 22.31
C VAL F 73 19.80 -59.77 20.88
N GLU F 74 18.79 -60.47 20.37
CA GLU F 74 18.78 -60.91 18.98
C GLU F 74 17.92 -59.97 18.13
N HIS F 75 18.54 -59.39 17.11
CA HIS F 75 17.84 -58.55 16.16
C HIS F 75 17.27 -59.37 15.01
N ASP F 76 16.21 -58.87 14.40
CA ASP F 76 15.59 -59.51 13.24
C ASP F 76 16.51 -59.34 12.03
N MET F 77 17.38 -60.34 11.85
CA MET F 77 18.37 -60.34 10.76
C MET F 77 17.75 -60.47 9.37
N GLU F 78 16.53 -61.03 9.32
CA GLU F 78 15.78 -61.15 8.07
C GLU F 78 15.34 -59.77 7.57
N ALA F 79 14.89 -58.93 8.50
CA ALA F 79 14.41 -57.59 8.16
C ALA F 79 15.55 -56.62 7.81
N LEU F 80 16.69 -56.79 8.48
CA LEU F 80 17.87 -55.96 8.22
C LEU F 80 18.53 -56.28 6.87
N LYS F 81 18.53 -57.57 6.51
CA LYS F 81 19.09 -58.05 5.25
C LYS F 81 18.32 -57.59 4.01
N ARG F 82 17.15 -56.97 4.22
CA ARG F 82 16.38 -56.36 3.13
C ARG F 82 17.08 -55.11 2.64
N PHE F 83 18.12 -54.70 3.37
CA PHE F 83 18.95 -53.55 3.03
C PHE F 83 20.41 -54.00 3.00
N ASP F 84 21.09 -53.71 1.89
CA ASP F 84 22.47 -54.17 1.70
C ASP F 84 23.49 -53.32 2.46
N GLY F 85 24.72 -53.80 2.50
CA GLY F 85 25.82 -53.10 3.18
C GLY F 85 26.06 -51.70 2.65
N ALA F 86 25.86 -51.52 1.34
CA ALA F 86 25.97 -50.20 0.70
C ALA F 86 25.02 -49.19 1.34
N TYR F 87 23.77 -49.60 1.56
CA TYR F 87 22.77 -48.75 2.19
C TYR F 87 23.15 -48.41 3.63
N TRP F 88 23.50 -49.43 4.40
CA TRP F 88 23.88 -49.28 5.81
C TRP F 88 25.13 -48.42 6.01
N ARG F 89 26.12 -48.61 5.14
CA ARG F 89 27.34 -47.79 5.17
C ARG F 89 27.00 -46.33 4.91
N ASP F 90 26.29 -46.06 3.81
CA ASP F 90 25.84 -44.71 3.47
C ASP F 90 24.98 -44.09 4.58
N LEU F 91 24.12 -44.90 5.18
CA LEU F 91 23.24 -44.44 6.27
C LEU F 91 24.03 -44.07 7.52
N PHE F 92 24.88 -44.98 7.99
CA PHE F 92 25.67 -44.75 9.19
C PHE F 92 26.70 -43.63 9.01
N ASP F 93 27.20 -43.48 7.78
CA ASP F 93 28.16 -42.41 7.47
C ASP F 93 27.49 -41.04 7.46
N SER F 94 26.28 -40.98 6.91
CA SER F 94 25.53 -39.73 6.81
C SER F 94 25.18 -39.12 8.17
N ARG F 95 25.34 -39.91 9.24
CA ARG F 95 24.92 -39.50 10.58
C ARG F 95 26.11 -39.26 11.53
N VAL F 96 27.31 -39.59 11.07
CA VAL F 96 28.55 -39.37 11.84
C VAL F 96 28.76 -37.89 12.21
N GLY F 97 28.65 -37.61 13.50
CA GLY F 97 28.88 -36.26 14.06
C GLY F 97 28.00 -35.15 13.49
N LYS F 98 26.74 -35.48 13.22
CA LYS F 98 25.78 -34.50 12.75
C LYS F 98 24.91 -34.07 13.93
N SER F 99 24.18 -32.97 13.76
CA SER F 99 23.45 -32.37 14.87
C SER F 99 22.09 -33.01 15.12
N THR F 100 21.63 -33.83 14.18
CA THR F 100 20.28 -34.41 14.20
C THR F 100 20.10 -35.47 15.29
N TRP F 101 19.08 -35.27 16.12
CA TRP F 101 18.78 -36.16 17.24
C TRP F 101 18.03 -37.39 16.75
N PRO F 102 18.40 -38.59 17.24
CA PRO F 102 19.48 -38.88 18.17
C PRO F 102 20.74 -39.42 17.48
N TYR F 103 20.88 -39.16 16.19
CA TYR F 103 21.90 -39.84 15.39
C TYR F 103 23.32 -39.27 15.51
N GLY F 104 23.49 -38.19 16.27
CA GLY F 104 24.81 -37.63 16.54
C GLY F 104 25.69 -38.56 17.36
N SER F 105 25.06 -39.33 18.24
CA SER F 105 25.76 -40.26 19.13
C SER F 105 26.45 -41.40 18.37
N GLY F 106 27.63 -41.78 18.84
CA GLY F 106 28.36 -42.94 18.30
C GLY F 106 27.56 -44.22 18.43
N VAL F 107 26.73 -44.31 19.48
CA VAL F 107 25.85 -45.44 19.69
C VAL F 107 24.57 -45.31 18.86
N TRP F 108 23.85 -44.20 19.02
CA TRP F 108 22.51 -44.07 18.44
C TRP F 108 22.47 -43.78 16.93
N SER F 109 23.63 -43.57 16.34
CA SER F 109 23.73 -43.50 14.88
C SER F 109 23.51 -44.89 14.28
N LYS F 110 23.62 -45.93 15.12
CA LYS F 110 23.32 -47.30 14.73
C LYS F 110 22.02 -47.79 15.37
N LYS F 111 21.06 -46.88 15.53
CA LYS F 111 19.81 -47.17 16.24
C LYS F 111 19.12 -48.46 15.82
N GLU F 112 19.04 -48.68 14.51
CA GLU F 112 18.41 -49.87 13.93
C GLU F 112 19.06 -51.17 14.41
N TRP F 113 20.33 -51.10 14.78
CA TRP F 113 21.10 -52.25 15.22
C TRP F 113 21.21 -52.37 16.75
N VAL F 114 20.62 -51.40 17.46
CA VAL F 114 20.74 -51.34 18.93
C VAL F 114 19.38 -51.45 19.63
N LEU F 115 18.54 -50.42 19.51
CA LEU F 115 17.17 -50.46 20.00
C LEU F 115 16.22 -49.93 18.93
N PRO F 116 15.91 -50.76 17.93
CA PRO F 116 15.17 -50.30 16.75
C PRO F 116 13.80 -49.72 17.09
N GLU F 117 13.20 -50.19 18.17
CA GLU F 117 11.81 -49.88 18.48
C GLU F 117 11.59 -48.78 19.54
N ILE F 118 12.66 -48.26 20.12
CA ILE F 118 12.53 -47.19 21.10
C ILE F 118 12.18 -45.86 20.43
N ASP F 119 11.24 -45.12 21.01
CA ASP F 119 10.90 -43.80 20.51
C ASP F 119 12.02 -42.82 20.87
N ASP F 120 12.22 -41.82 20.01
CA ASP F 120 13.28 -40.84 20.20
C ASP F 120 13.12 -39.99 21.47
N ASP F 121 11.88 -39.86 21.94
CA ASP F 121 11.58 -39.11 23.16
C ASP F 121 12.12 -39.80 24.41
N ASP F 122 12.32 -41.11 24.33
CA ASP F 122 12.73 -41.91 25.47
C ASP F 122 14.24 -42.09 25.57
N ILE F 123 14.97 -41.69 24.53
CA ILE F 123 16.42 -41.87 24.51
C ILE F 123 17.11 -40.90 25.48
N VAL F 124 17.98 -41.44 26.32
CA VAL F 124 18.82 -40.65 27.21
C VAL F 124 20.26 -40.76 26.73
N SER F 125 20.70 -39.74 26.00
CA SER F 125 22.04 -39.75 25.39
C SER F 125 22.83 -38.50 25.72
N ALA F 126 24.13 -38.70 25.94
CA ALA F 126 25.05 -37.60 26.19
C ALA F 126 26.15 -37.58 25.12
N PHE F 127 25.74 -37.61 23.85
CA PHE F 127 26.66 -37.54 22.73
C PHE F 127 27.82 -38.55 22.84
N GLU F 128 27.52 -39.72 23.42
CA GLU F 128 28.52 -40.73 23.73
C GLU F 128 29.10 -41.36 22.46
N GLY F 129 30.28 -41.96 22.58
CA GLY F 129 30.98 -42.50 21.42
C GLY F 129 31.66 -41.40 20.64
N ASN F 130 31.88 -41.63 19.35
CA ASN F 130 32.69 -40.75 18.51
C ASN F 130 34.04 -40.50 19.17
N SER F 131 34.59 -41.59 19.72
CA SER F 131 35.81 -41.56 20.51
C SER F 131 37.03 -41.52 19.60
N ASN F 132 38.02 -40.71 19.98
CA ASN F 132 39.28 -40.64 19.23
C ASN F 132 39.93 -42.01 19.07
N LEU F 133 40.11 -42.39 17.81
CA LEU F 133 41.01 -43.47 17.45
C LEU F 133 42.37 -42.82 17.23
N PHE F 134 43.14 -42.72 18.31
CA PHE F 134 44.44 -42.05 18.34
C PHE F 134 45.49 -42.88 17.60
N TRP F 135 46.18 -42.26 16.64
CA TRP F 135 47.30 -42.91 15.97
C TRP F 135 48.55 -42.86 16.85
N ALA F 136 48.95 -44.02 17.35
CA ALA F 136 50.12 -44.15 18.22
C ALA F 136 51.40 -44.25 17.38
N GLU F 137 51.78 -43.15 16.74
CA GLU F 137 52.98 -43.13 15.91
C GLU F 137 54.25 -43.30 16.74
N ARG F 138 54.45 -42.41 17.72
CA ARG F 138 55.66 -42.43 18.55
C ARG F 138 55.75 -43.69 19.42
N PHE F 139 54.63 -44.12 20.01
CA PHE F 139 54.61 -45.32 20.84
C PHE F 139 54.87 -46.58 20.00
N GLY F 140 54.13 -46.71 18.90
CA GLY F 140 54.24 -47.86 18.00
C GLY F 140 55.61 -48.02 17.38
N LYS F 141 56.19 -46.91 16.93
CA LYS F 141 57.48 -46.94 16.23
C LYS F 141 58.69 -47.00 17.17
N GLN F 142 58.57 -46.38 18.33
CA GLN F 142 59.69 -46.30 19.28
C GLN F 142 59.82 -47.56 20.15
N PHE F 143 58.72 -48.25 20.40
CA PHE F 143 58.70 -49.38 21.32
C PHE F 143 58.34 -50.72 20.68
N LEU F 144 57.56 -50.68 19.61
CA LEU F 144 57.00 -51.88 19.00
C LEU F 144 57.38 -52.09 17.54
N GLY F 145 57.98 -51.07 16.94
CA GLY F 145 58.33 -51.11 15.50
C GLY F 145 57.12 -51.14 14.59
N MET F 146 56.01 -50.55 15.05
CA MET F 146 54.75 -50.57 14.33
C MET F 146 54.37 -49.20 13.77
N ASN F 147 54.03 -49.17 12.48
CA ASN F 147 53.59 -47.94 11.82
C ASN F 147 52.09 -47.68 11.94
N ASP F 148 51.33 -48.77 12.04
CA ASP F 148 49.87 -48.73 11.97
C ASP F 148 49.21 -49.17 13.28
N LEU F 149 49.74 -48.67 14.39
CA LEU F 149 49.12 -48.91 15.71
C LEU F 149 48.20 -47.75 16.08
N TRP F 150 47.03 -48.11 16.61
CA TRP F 150 46.00 -47.16 16.97
C TRP F 150 45.46 -47.45 18.36
N VAL F 151 45.20 -46.39 19.13
CA VAL F 151 44.60 -46.52 20.46
C VAL F 151 43.24 -45.84 20.52
N LYS F 152 42.21 -46.64 20.83
CA LYS F 152 40.84 -46.15 20.95
C LYS F 152 40.62 -45.52 22.34
N HIS F 153 40.47 -44.21 22.37
CA HIS F 153 40.34 -43.47 23.63
C HIS F 153 38.90 -43.42 24.15
N CYS F 154 38.38 -44.59 24.55
CA CYS F 154 37.00 -44.70 25.06
C CYS F 154 36.79 -43.92 26.35
N GLY F 155 37.88 -43.67 27.06
CA GLY F 155 37.85 -42.90 28.29
C GLY F 155 37.51 -41.43 28.12
N ILE F 156 37.61 -40.91 26.90
CA ILE F 156 37.18 -39.54 26.62
C ILE F 156 35.67 -39.55 26.40
N SER F 157 34.96 -39.69 27.52
CA SER F 157 33.50 -39.80 27.52
C SER F 157 32.93 -38.96 28.66
N HIS F 158 31.61 -38.85 28.70
CA HIS F 158 30.89 -38.11 29.74
C HIS F 158 31.34 -38.45 31.18
N THR F 159 31.41 -39.74 31.50
CA THR F 159 31.83 -40.15 32.86
C THR F 159 33.27 -40.65 32.91
N GLY F 160 33.91 -40.74 31.76
CA GLY F 160 35.33 -41.07 31.69
C GLY F 160 35.70 -42.54 31.47
N SER F 161 34.71 -43.35 31.08
CA SER F 161 34.95 -44.74 30.72
C SER F 161 34.02 -45.18 29.60
N PHE F 162 34.28 -46.36 29.04
CA PHE F 162 33.47 -46.91 27.95
C PHE F 162 32.05 -47.29 28.39
N LYS F 163 31.85 -47.42 29.70
CA LYS F 163 30.57 -47.85 30.25
C LYS F 163 29.40 -46.94 29.90
N ASP F 164 29.70 -45.71 29.47
CA ASP F 164 28.69 -44.78 28.97
C ASP F 164 27.96 -45.34 27.74
N LEU F 165 28.70 -46.06 26.88
CA LEU F 165 28.12 -46.63 25.67
C LEU F 165 27.00 -47.62 26.00
N GLY F 166 27.20 -48.38 27.07
CA GLY F 166 26.21 -49.34 27.53
C GLY F 166 25.05 -48.69 28.25
N MET F 167 25.35 -47.73 29.12
CA MET F 167 24.33 -47.10 29.98
C MET F 167 23.33 -46.24 29.23
N THR F 168 23.72 -45.69 28.08
CA THR F 168 22.77 -44.96 27.25
C THR F 168 21.66 -45.89 26.76
N VAL F 169 21.98 -47.15 26.55
CA VAL F 169 21.00 -48.14 26.09
C VAL F 169 20.12 -48.56 27.27
N LEU F 170 20.77 -48.98 28.36
CA LEU F 170 20.04 -49.46 29.54
C LEU F 170 19.08 -48.41 30.08
N VAL F 171 19.58 -47.22 30.38
CA VAL F 171 18.76 -46.13 30.92
C VAL F 171 17.64 -45.70 29.95
N SER F 172 17.94 -45.65 28.64
CA SER F 172 16.91 -45.39 27.63
C SER F 172 15.75 -46.39 27.72
N GLN F 173 16.07 -47.67 27.85
CA GLN F 173 15.03 -48.69 27.93
C GLN F 173 14.25 -48.57 29.24
N VAL F 174 14.96 -48.34 30.33
CA VAL F 174 14.35 -48.15 31.65
C VAL F 174 13.46 -46.90 31.62
N ASN F 175 13.92 -45.85 30.94
CA ASN F 175 13.13 -44.64 30.74
C ASN F 175 11.79 -44.95 30.08
N ARG F 176 11.84 -45.71 28.99
CA ARG F 176 10.66 -46.15 28.26
C ARG F 176 9.69 -46.91 29.16
N LEU F 177 10.23 -47.84 29.97
CA LEU F 177 9.41 -48.62 30.89
C LEU F 177 8.67 -47.75 31.90
N ARG F 178 9.38 -46.79 32.49
CA ARG F 178 8.78 -45.86 33.45
C ARG F 178 7.60 -45.12 32.83
N LYS F 179 7.79 -44.57 31.63
CA LYS F 179 6.73 -43.86 30.93
C LYS F 179 5.57 -44.77 30.54
N MET F 180 5.84 -46.06 30.43
CA MET F 180 4.77 -47.04 30.15
C MET F 180 4.05 -47.47 31.43
N LYS F 181 4.40 -46.81 32.54
CA LYS F 181 3.82 -47.10 33.87
C LYS F 181 4.16 -48.50 34.40
N ARG F 182 5.33 -49.00 34.02
CA ARG F 182 5.81 -50.27 34.53
C ARG F 182 6.46 -50.10 35.91
N PRO F 183 6.49 -51.16 36.73
CA PRO F 183 7.01 -51.05 38.10
C PRO F 183 8.53 -50.91 38.17
N VAL F 184 9.05 -49.77 37.72
CA VAL F 184 10.47 -49.46 37.86
C VAL F 184 10.63 -48.07 38.49
N VAL F 185 10.88 -48.05 39.79
CA VAL F 185 10.99 -46.78 40.53
C VAL F 185 12.43 -46.27 40.56
N GLY F 186 13.33 -47.01 39.94
CA GLY F 186 14.74 -46.67 39.92
C GLY F 186 15.63 -47.82 39.51
N VAL F 187 16.92 -47.54 39.40
CA VAL F 187 17.92 -48.54 39.05
C VAL F 187 18.88 -48.70 40.20
N GLY F 188 19.18 -49.95 40.56
CA GLY F 188 20.11 -50.24 41.63
C GLY F 188 21.31 -50.99 41.10
N CYS F 189 22.44 -50.83 41.77
CA CYS F 189 23.65 -51.57 41.44
C CYS F 189 24.66 -51.52 42.58
N ALA F 190 25.70 -52.35 42.46
CA ALA F 190 26.80 -52.37 43.41
C ALA F 190 28.10 -52.73 42.71
N SER F 191 28.82 -51.72 42.24
CA SER F 191 30.13 -51.91 41.60
C SER F 191 31.06 -50.73 41.87
N THR F 192 32.36 -50.97 41.69
CA THR F 192 33.39 -49.99 42.05
C THR F 192 33.50 -48.83 41.04
N GLY F 193 32.66 -47.80 41.26
CA GLY F 193 32.77 -46.55 40.51
C GLY F 193 32.34 -46.59 39.06
N ASP F 194 33.15 -47.25 38.21
CA ASP F 194 32.99 -47.21 36.76
C ASP F 194 31.58 -47.49 36.24
N THR F 195 30.96 -48.54 36.77
CA THR F 195 29.58 -48.90 36.40
C THR F 195 28.56 -47.91 36.98
N SER F 196 28.74 -47.54 38.24
CA SER F 196 27.80 -46.68 38.94
C SER F 196 27.90 -45.21 38.52
N ALA F 197 29.09 -44.75 38.17
CA ALA F 197 29.29 -43.40 37.67
C ALA F 197 28.50 -43.17 36.38
N ALA F 198 28.61 -44.13 35.46
CA ALA F 198 27.89 -44.08 34.19
C ALA F 198 26.39 -44.17 34.39
N LEU F 199 25.95 -45.18 35.15
CA LEU F 199 24.54 -45.37 35.44
C LEU F 199 23.90 -44.13 36.07
N SER F 200 24.51 -43.64 37.15
CA SER F 200 23.96 -42.53 37.91
C SER F 200 23.82 -41.24 37.10
N ALA F 201 24.84 -40.94 36.29
CA ALA F 201 24.82 -39.78 35.41
C ALA F 201 23.65 -39.80 34.43
N TYR F 202 23.46 -40.95 33.75
CA TYR F 202 22.40 -41.13 32.78
C TYR F 202 21.03 -41.17 33.45
N CYS F 203 20.95 -41.81 34.62
CA CYS F 203 19.73 -41.82 35.42
C CYS F 203 19.34 -40.41 35.90
N ALA F 204 20.33 -39.63 36.30
CA ALA F 204 20.08 -38.28 36.83
C ALA F 204 19.48 -37.34 35.80
N SER F 205 20.06 -37.29 34.59
CA SER F 205 19.58 -36.41 33.53
C SER F 205 18.12 -36.67 33.15
N ALA F 206 17.69 -37.92 33.29
CA ALA F 206 16.33 -38.32 32.97
C ALA F 206 15.41 -38.31 34.18
N GLY F 207 15.94 -37.92 35.33
CA GLY F 207 15.14 -37.87 36.57
C GLY F 207 14.76 -39.26 37.07
N ILE F 208 15.69 -40.20 36.93
CA ILE F 208 15.48 -41.56 37.39
C ILE F 208 16.31 -41.78 38.63
N PRO F 209 15.67 -42.16 39.75
CA PRO F 209 16.40 -42.43 40.98
C PRO F 209 17.41 -43.54 40.78
N SER F 210 18.62 -43.30 41.26
CA SER F 210 19.72 -44.24 41.15
C SER F 210 20.16 -44.66 42.55
N ILE F 211 20.23 -45.96 42.77
CA ILE F 211 20.56 -46.51 44.07
C ILE F 211 21.88 -47.27 43.99
N VAL F 212 22.86 -46.86 44.80
CA VAL F 212 24.20 -47.44 44.74
C VAL F 212 24.61 -48.02 46.11
N PHE F 213 25.03 -49.28 46.09
CA PHE F 213 25.48 -49.98 47.30
C PHE F 213 27.00 -50.10 47.24
N LEU F 214 27.68 -49.58 48.26
CA LEU F 214 29.15 -49.65 48.34
C LEU F 214 29.65 -49.96 49.75
N PRO F 215 30.77 -50.72 49.85
CA PRO F 215 31.39 -51.02 51.14
C PRO F 215 31.85 -49.77 51.89
N ALA F 216 31.86 -49.84 53.22
CA ALA F 216 32.18 -48.68 54.05
C ALA F 216 33.67 -48.30 54.03
N ASN F 217 34.51 -49.21 54.52
CA ASN F 217 35.94 -48.96 54.63
C ASN F 217 36.71 -49.13 53.33
N LYS F 218 36.30 -50.12 52.53
CA LYS F 218 36.98 -50.51 51.30
C LYS F 218 37.02 -49.41 50.24
N ILE F 219 36.18 -48.39 50.42
CA ILE F 219 36.13 -47.24 49.53
C ILE F 219 35.72 -46.01 50.34
N SER F 220 36.62 -45.02 50.41
CA SER F 220 36.40 -43.82 51.22
C SER F 220 35.32 -42.92 50.63
N MET F 221 35.72 -41.86 49.94
CA MET F 221 34.79 -40.98 49.25
C MET F 221 35.33 -40.50 47.89
N ALA F 222 36.61 -40.75 47.64
CA ALA F 222 37.28 -40.30 46.42
C ALA F 222 36.81 -41.01 45.16
N GLN F 223 36.72 -42.34 45.23
CA GLN F 223 36.41 -43.17 44.06
C GLN F 223 34.94 -43.09 43.65
N LEU F 224 34.07 -42.79 44.61
CA LEU F 224 32.63 -42.78 44.36
C LEU F 224 32.05 -41.36 44.22
N VAL F 225 32.91 -40.40 43.94
CA VAL F 225 32.53 -38.98 43.85
C VAL F 225 31.45 -38.69 42.79
N GLN F 226 31.53 -39.39 41.65
CA GLN F 226 30.60 -39.15 40.54
C GLN F 226 29.14 -39.47 40.91
N PRO F 227 28.84 -40.72 41.33
CA PRO F 227 27.48 -41.02 41.80
C PRO F 227 26.99 -40.06 42.90
N ILE F 228 27.84 -39.79 43.89
CA ILE F 228 27.54 -38.82 44.95
C ILE F 228 27.04 -37.50 44.35
N ALA F 229 27.87 -36.89 43.50
CA ALA F 229 27.55 -35.60 42.88
C ALA F 229 26.33 -35.68 41.95
N ASN F 230 26.14 -36.83 41.31
CA ASN F 230 25.01 -37.02 40.40
C ASN F 230 23.67 -37.23 41.11
N GLY F 231 23.68 -37.11 42.43
CA GLY F 231 22.44 -37.16 43.22
C GLY F 231 21.87 -38.56 43.36
N ALA F 232 22.74 -39.57 43.30
CA ALA F 232 22.34 -40.94 43.52
C ALA F 232 22.16 -41.17 45.02
N PHE F 233 21.27 -42.10 45.35
CA PHE F 233 21.04 -42.49 46.74
C PHE F 233 22.06 -43.56 47.11
N VAL F 234 23.10 -43.14 47.83
CA VAL F 234 24.26 -43.99 48.10
C VAL F 234 24.26 -44.53 49.53
N LEU F 235 24.35 -45.85 49.66
CA LEU F 235 24.42 -46.50 50.96
C LEU F 235 25.84 -47.00 51.23
N SER F 236 26.34 -46.69 52.42
CA SER F 236 27.64 -47.17 52.88
C SER F 236 27.42 -48.33 53.85
N ILE F 237 27.68 -49.54 53.37
CA ILE F 237 27.37 -50.77 54.13
C ILE F 237 28.62 -51.42 54.70
N ASP F 238 28.54 -51.89 55.94
CA ASP F 238 29.68 -52.50 56.64
C ASP F 238 29.94 -53.95 56.18
N THR F 239 30.41 -54.10 54.95
CA THR F 239 30.75 -55.40 54.37
C THR F 239 31.71 -55.20 53.21
N ASP F 240 32.26 -56.30 52.68
CA ASP F 240 33.14 -56.23 51.51
C ASP F 240 32.30 -56.11 50.24
N PHE F 241 32.94 -56.28 49.07
CA PHE F 241 32.24 -56.14 47.79
C PHE F 241 31.11 -57.16 47.59
N ASP F 242 31.35 -58.40 48.02
CA ASP F 242 30.35 -59.47 47.91
C ASP F 242 29.06 -59.15 48.66
N GLY F 243 29.20 -58.66 49.89
CA GLY F 243 28.06 -58.35 50.76
C GLY F 243 27.12 -57.30 50.18
N CYS F 244 27.68 -56.34 49.44
CA CYS F 244 26.88 -55.31 48.78
C CYS F 244 26.20 -55.86 47.52
N MET F 245 26.90 -56.77 46.84
CA MET F 245 26.36 -57.47 45.68
C MET F 245 25.22 -58.41 46.10
N LYS F 246 25.35 -59.01 47.26
CA LYS F 246 24.30 -59.86 47.83
C LYS F 246 23.08 -59.03 48.20
N LEU F 247 23.31 -57.92 48.88
CA LEU F 247 22.22 -57.07 49.36
C LEU F 247 21.45 -56.34 48.27
N ILE F 248 22.12 -56.00 47.17
CA ILE F 248 21.46 -55.37 46.03
C ILE F 248 20.52 -56.34 45.29
N ARG F 249 20.83 -57.64 45.39
CA ARG F 249 19.95 -58.68 44.88
C ARG F 249 18.71 -58.80 45.76
N GLU F 250 18.92 -58.88 47.08
CA GLU F 250 17.82 -59.00 48.04
C GLU F 250 16.81 -57.87 47.91
N ILE F 251 17.32 -56.67 47.68
CA ILE F 251 16.51 -55.46 47.47
C ILE F 251 15.69 -55.57 46.19
N THR F 252 16.36 -55.92 45.09
CA THR F 252 15.75 -56.12 43.77
C THR F 252 14.63 -57.16 43.77
N ALA F 253 14.74 -58.16 44.65
CA ALA F 253 13.76 -59.24 44.74
C ALA F 253 12.37 -58.75 45.17
N GLU F 254 12.34 -57.74 46.03
CA GLU F 254 11.08 -57.23 46.59
C GLU F 254 10.71 -55.85 46.03
N LEU F 255 11.69 -54.95 45.96
CA LEU F 255 11.46 -53.59 45.47
C LEU F 255 11.42 -53.54 43.94
N PRO F 256 10.49 -52.73 43.38
CA PRO F 256 10.40 -52.56 41.92
C PRO F 256 11.58 -51.73 41.39
N ILE F 257 12.78 -52.23 41.64
CA ILE F 257 14.00 -51.57 41.23
C ILE F 257 14.74 -52.46 40.22
N TYR F 258 14.98 -51.90 39.04
CA TYR F 258 15.71 -52.59 37.98
C TYR F 258 17.16 -52.78 38.40
N LEU F 259 17.69 -53.97 38.15
CA LEU F 259 19.05 -54.32 38.54
C LEU F 259 20.01 -54.10 37.37
N ALA F 260 21.04 -53.29 37.62
CA ALA F 260 22.09 -53.03 36.63
C ALA F 260 23.34 -53.84 36.98
N ASN F 261 23.66 -54.81 36.13
CA ASN F 261 24.73 -55.78 36.40
C ASN F 261 25.57 -56.08 35.18
N SER F 262 26.57 -56.95 35.37
CA SER F 262 27.37 -57.49 34.26
C SER F 262 26.52 -58.36 33.33
N LEU F 263 25.42 -58.90 33.87
CA LEU F 263 24.54 -59.82 33.16
C LEU F 263 23.83 -59.17 31.98
N ASN F 264 23.51 -57.89 32.12
CA ASN F 264 22.61 -57.19 31.22
C ASN F 264 23.09 -57.08 29.77
N SER F 265 22.34 -57.69 28.87
CA SER F 265 22.68 -57.69 27.44
C SER F 265 22.42 -56.35 26.76
N LEU F 266 21.57 -55.52 27.38
CA LEU F 266 21.31 -54.17 26.87
C LEU F 266 22.57 -53.32 26.81
N ARG F 267 23.39 -53.41 27.86
CA ARG F 267 24.65 -52.67 27.92
C ARG F 267 25.58 -53.07 26.78
N LEU F 268 25.61 -54.36 26.46
CA LEU F 268 26.41 -54.87 25.35
C LEU F 268 25.97 -54.30 24.00
N GLU F 269 24.67 -54.06 23.83
CA GLU F 269 24.14 -53.47 22.60
C GLU F 269 24.73 -52.10 22.28
N GLY F 270 24.98 -51.30 23.32
CA GLY F 270 25.64 -50.02 23.14
C GLY F 270 27.14 -50.17 22.99
N GLN F 271 27.70 -51.05 23.81
CA GLN F 271 29.15 -51.29 23.80
C GLN F 271 29.67 -51.84 22.48
N LYS F 272 28.83 -52.61 21.79
CA LYS F 272 29.17 -53.20 20.50
C LYS F 272 29.35 -52.16 19.38
N THR F 273 28.82 -50.95 19.60
CA THR F 273 28.94 -49.89 18.59
C THR F 273 30.37 -49.34 18.48
N ALA F 274 31.16 -49.54 19.54
CA ALA F 274 32.57 -49.17 19.52
C ALA F 274 33.34 -49.91 18.44
N ALA F 275 32.96 -51.16 18.20
CA ALA F 275 33.52 -51.98 17.13
C ALA F 275 33.12 -51.46 15.75
N ILE F 276 31.84 -51.16 15.58
CA ILE F 276 31.30 -50.60 14.34
C ILE F 276 31.94 -49.25 14.05
N GLU F 277 32.12 -48.45 15.11
CA GLU F 277 32.76 -47.15 15.03
C GLU F 277 34.20 -47.26 14.53
N ILE F 278 34.97 -48.15 15.14
CA ILE F 278 36.34 -48.45 14.71
C ILE F 278 36.40 -48.76 13.22
N LEU F 279 35.49 -49.61 12.75
CA LEU F 279 35.37 -49.92 11.32
C LEU F 279 35.10 -48.66 10.50
N GLN F 280 34.10 -47.89 10.93
CA GLN F 280 33.68 -46.68 10.24
C GLN F 280 34.80 -45.64 10.21
N GLN F 281 35.49 -45.48 11.33
CA GLN F 281 36.65 -44.60 11.44
C GLN F 281 37.81 -45.04 10.55
N PHE F 282 37.81 -46.31 10.13
CA PHE F 282 38.78 -46.81 9.15
C PHE F 282 38.18 -46.89 7.75
N ASP F 283 37.18 -46.07 7.49
CA ASP F 283 36.48 -46.04 6.19
C ASP F 283 36.05 -47.44 5.73
N TRP F 284 35.46 -48.18 6.66
CA TRP F 284 34.95 -49.54 6.43
C TRP F 284 36.03 -50.55 6.01
N GLN F 285 37.22 -50.38 6.56
CA GLN F 285 38.32 -51.33 6.34
C GLN F 285 38.67 -52.03 7.64
N VAL F 286 38.67 -53.36 7.59
CA VAL F 286 38.81 -54.20 8.78
C VAL F 286 40.26 -54.28 9.28
N PRO F 287 40.51 -53.88 10.55
CA PRO F 287 41.83 -54.01 11.16
C PRO F 287 42.21 -55.45 11.40
N ASP F 288 43.51 -55.72 11.50
CA ASP F 288 44.01 -57.09 11.69
C ASP F 288 43.80 -57.58 13.13
N TRP F 289 44.02 -56.70 14.11
CA TRP F 289 43.93 -57.06 15.53
C TRP F 289 43.24 -56.00 16.37
N VAL F 290 42.41 -56.45 17.31
CA VAL F 290 41.78 -55.56 18.30
C VAL F 290 41.96 -56.14 19.71
N ILE F 291 42.65 -55.39 20.57
CA ILE F 291 42.99 -55.84 21.92
C ILE F 291 42.12 -55.14 22.96
N VAL F 292 41.45 -55.92 23.80
CA VAL F 292 40.50 -55.39 24.79
C VAL F 292 40.81 -55.94 26.19
N PRO F 293 40.81 -55.05 27.22
CA PRO F 293 40.88 -55.50 28.61
C PRO F 293 39.60 -56.24 29.01
N GLY F 294 39.75 -57.39 29.67
CA GLY F 294 38.61 -58.21 30.05
C GLY F 294 38.52 -58.51 31.53
N GLY F 295 37.53 -57.89 32.18
CA GLY F 295 37.23 -58.15 33.59
C GLY F 295 36.11 -59.16 33.71
N ASN F 296 34.88 -58.67 33.61
CA ASN F 296 33.71 -59.57 33.55
C ASN F 296 33.41 -60.00 32.10
N LEU F 297 34.31 -59.65 31.18
CA LEU F 297 34.35 -60.24 29.82
C LEU F 297 33.21 -59.89 28.87
N GLY F 298 32.32 -59.00 29.30
CA GLY F 298 31.20 -58.57 28.45
C GLY F 298 31.68 -57.74 27.27
N ASN F 299 32.56 -56.77 27.54
CA ASN F 299 33.08 -55.87 26.54
C ASN F 299 33.72 -56.58 25.36
N ILE F 300 34.63 -57.52 25.66
CA ILE F 300 35.34 -58.25 24.61
C ILE F 300 34.36 -58.97 23.67
N TYR F 301 33.27 -59.50 24.24
CA TYR F 301 32.22 -60.15 23.46
C TYR F 301 31.42 -59.15 22.64
N ALA F 302 31.11 -58.01 23.24
CA ALA F 302 30.38 -56.93 22.54
C ALA F 302 31.11 -56.50 21.28
N PHE F 303 32.44 -56.37 21.38
CA PHE F 303 33.28 -56.04 20.23
C PHE F 303 33.11 -57.04 19.10
N TYR F 304 33.28 -58.34 19.42
CA TYR F 304 33.09 -59.39 18.40
C TYR F 304 31.71 -59.31 17.75
N LYS F 305 30.68 -59.10 18.57
CA LYS F 305 29.31 -59.03 18.09
C LYS F 305 29.11 -57.84 17.15
N GLY F 306 29.77 -56.73 17.46
CA GLY F 306 29.75 -55.53 16.63
C GLY F 306 30.44 -55.72 15.28
N PHE F 307 31.59 -56.41 15.31
CA PHE F 307 32.33 -56.72 14.09
C PHE F 307 31.61 -57.76 13.23
N LYS F 308 31.09 -58.80 13.90
CA LYS F 308 30.38 -59.90 13.24
C LYS F 308 29.13 -59.41 12.51
N MET F 309 28.42 -58.47 13.12
CA MET F 309 27.18 -57.93 12.57
C MET F 309 27.40 -57.17 11.25
N CYS F 310 28.50 -56.43 11.18
CA CYS F 310 28.87 -55.70 9.97
C CYS F 310 29.24 -56.63 8.82
N GLN F 311 29.93 -57.71 9.14
CA GLN F 311 30.28 -58.73 8.15
C GLN F 311 29.04 -59.46 7.66
N GLU F 312 28.14 -59.83 8.58
CA GLU F 312 26.96 -60.62 8.26
C GLU F 312 25.91 -59.86 7.45
N LEU F 313 25.83 -58.54 7.64
CA LEU F 313 24.89 -57.72 6.88
C LEU F 313 25.52 -57.08 5.65
N GLY F 314 26.79 -57.41 5.41
CA GLY F 314 27.46 -57.07 4.16
C GLY F 314 28.08 -55.69 4.06
N LEU F 315 28.44 -55.11 5.20
CA LEU F 315 29.13 -53.83 5.24
C LEU F 315 30.60 -54.08 4.90
N VAL F 316 31.15 -55.11 5.53
CA VAL F 316 32.51 -55.57 5.28
C VAL F 316 32.48 -57.05 4.92
N ASP F 317 33.62 -57.57 4.46
CA ASP F 317 33.70 -58.97 4.05
C ASP F 317 34.41 -59.87 5.07
N ARG F 318 35.06 -59.24 6.06
CA ARG F 318 35.80 -59.97 7.09
C ARG F 318 35.69 -59.33 8.47
N ILE F 319 36.14 -60.06 9.49
CA ILE F 319 36.18 -59.57 10.87
C ILE F 319 37.61 -59.62 11.41
N PRO F 320 37.95 -58.75 12.39
CA PRO F 320 39.30 -58.76 12.94
C PRO F 320 39.52 -59.93 13.90
N ARG F 321 40.78 -60.26 14.14
CA ARG F 321 41.14 -61.20 15.18
C ARG F 321 41.26 -60.45 16.50
N MET F 322 40.76 -61.04 17.57
CA MET F 322 40.65 -60.33 18.85
C MET F 322 41.68 -60.83 19.86
N VAL F 323 42.10 -59.93 20.74
CA VAL F 323 42.93 -60.30 21.88
C VAL F 323 42.27 -59.79 23.15
N CYS F 324 42.10 -60.67 24.12
CA CYS F 324 41.64 -60.28 25.44
C CYS F 324 42.81 -60.26 26.40
N ALA F 325 42.99 -59.12 27.07
CA ALA F 325 44.09 -58.94 28.00
C ALA F 325 43.59 -58.91 29.43
N GLN F 326 44.26 -59.64 30.31
CA GLN F 326 43.88 -59.73 31.72
C GLN F 326 45.05 -59.47 32.65
N ALA F 327 44.75 -59.12 33.90
CA ALA F 327 45.78 -58.94 34.91
C ALA F 327 46.15 -60.30 35.48
N ALA F 328 47.44 -60.48 35.77
CA ALA F 328 47.93 -61.76 36.31
C ALA F 328 47.25 -62.17 37.60
N ASN F 329 46.87 -61.16 38.40
CA ASN F 329 46.18 -61.39 39.67
C ASN F 329 44.73 -61.83 39.51
N ALA F 330 44.23 -61.80 38.28
CA ALA F 330 42.87 -62.23 37.96
C ALA F 330 42.79 -62.75 36.52
N ASN F 331 43.34 -63.93 36.31
CA ASN F 331 43.48 -64.50 34.96
C ASN F 331 42.74 -65.83 34.74
N PRO F 332 41.39 -65.83 34.81
CA PRO F 332 40.72 -67.10 34.61
C PRO F 332 40.63 -67.47 33.13
N LEU F 333 40.38 -66.47 32.28
CA LEU F 333 40.32 -66.66 30.83
C LEU F 333 41.69 -67.01 30.24
N TYR F 334 42.75 -66.41 30.78
CA TYR F 334 44.11 -66.71 30.35
C TYR F 334 44.50 -68.17 30.60
N LEU F 335 44.21 -68.66 31.81
CA LEU F 335 44.48 -70.06 32.17
C LEU F 335 43.60 -71.02 31.38
N HIS F 336 42.41 -70.55 31.02
CA HIS F 336 41.46 -71.33 30.22
C HIS F 336 41.89 -71.44 28.76
N TYR F 337 42.42 -70.34 28.21
CA TYR F 337 42.90 -70.30 26.83
C TYR F 337 44.16 -71.14 26.61
N LYS F 338 45.12 -71.05 27.52
CA LYS F 338 46.38 -71.78 27.41
C LYS F 338 46.20 -73.30 27.59
N SER F 339 45.08 -73.67 28.23
CA SER F 339 44.71 -75.08 28.38
C SER F 339 44.17 -75.67 27.09
N GLY F 340 43.77 -74.81 26.16
CA GLY F 340 43.15 -75.23 24.91
C GLY F 340 41.64 -75.16 24.99
N TRP F 341 41.15 -74.17 25.72
CA TRP F 341 39.72 -73.94 25.98
C TRP F 341 39.00 -75.13 26.66
N LYS F 342 39.77 -75.93 27.41
CA LYS F 342 39.21 -77.00 28.22
C LYS F 342 39.54 -76.73 29.69
N ASP F 343 38.56 -76.97 30.56
CA ASP F 343 38.68 -76.73 32.01
C ASP F 343 38.85 -75.25 32.36
N PHE F 344 37.76 -74.62 32.77
CA PHE F 344 37.79 -73.26 33.31
C PHE F 344 37.39 -73.26 34.78
N LYS F 345 38.14 -72.51 35.58
CA LYS F 345 37.93 -72.47 37.03
C LYS F 345 37.82 -71.03 37.55
N PRO F 346 36.77 -70.74 38.35
CA PRO F 346 36.64 -69.46 39.04
C PRO F 346 37.74 -69.25 40.07
N MET F 347 38.85 -68.68 39.62
CA MET F 347 40.02 -68.40 40.46
C MET F 347 39.77 -67.26 41.45
N THR F 348 40.56 -67.21 42.53
CA THR F 348 40.47 -66.14 43.52
C THR F 348 41.38 -64.96 43.13
N ALA F 349 40.77 -63.80 42.91
CA ALA F 349 41.48 -62.61 42.45
C ALA F 349 42.19 -61.86 43.58
N SER F 350 43.36 -61.31 43.27
CA SER F 350 44.16 -60.54 44.22
C SER F 350 44.26 -59.07 43.80
N THR F 351 44.63 -58.20 44.75
CA THR F 351 44.73 -56.76 44.54
C THR F 351 45.52 -56.37 43.29
N THR F 352 44.91 -55.53 42.45
CA THR F 352 45.52 -55.02 41.23
C THR F 352 45.31 -53.51 41.13
N PHE F 353 46.24 -52.81 40.48
CA PHE F 353 46.07 -51.39 40.16
C PHE F 353 44.97 -51.21 39.11
N ALA F 354 44.78 -52.23 38.27
CA ALA F 354 43.67 -52.27 37.33
C ALA F 354 42.43 -52.86 38.02
N SER F 355 41.88 -52.11 38.96
CA SER F 355 40.82 -52.60 39.86
C SER F 355 39.55 -53.11 39.18
N ALA F 356 39.12 -52.45 38.11
CA ALA F 356 37.90 -52.85 37.40
C ALA F 356 38.06 -54.18 36.65
N ILE F 357 39.31 -54.60 36.43
CA ILE F 357 39.59 -55.82 35.69
C ILE F 357 39.85 -57.03 36.60
N GLN F 358 40.03 -56.79 37.91
CA GLN F 358 40.25 -57.89 38.85
C GLN F 358 38.94 -58.61 39.21
N ILE F 359 38.57 -59.55 38.36
CA ILE F 359 37.38 -60.35 38.52
C ILE F 359 37.77 -61.83 38.58
N GLY F 360 37.45 -62.47 39.70
CA GLY F 360 37.74 -63.89 39.92
C GLY F 360 36.85 -64.81 39.12
N ASP F 361 35.54 -64.68 39.31
CA ASP F 361 34.55 -65.47 38.57
C ASP F 361 33.79 -64.56 37.60
N PRO F 362 34.26 -64.50 36.34
CA PRO F 362 33.64 -63.59 35.38
C PRO F 362 32.30 -64.09 34.84
N VAL F 363 31.28 -63.25 35.00
CA VAL F 363 30.04 -63.36 34.25
C VAL F 363 30.44 -63.18 32.78
N SER F 364 29.62 -63.64 31.84
CA SER F 364 29.92 -63.53 30.40
C SER F 364 31.13 -64.38 29.96
N ILE F 365 31.56 -65.30 30.83
CA ILE F 365 32.67 -66.22 30.50
C ILE F 365 32.39 -66.99 29.21
N ASP F 366 31.22 -67.62 29.14
CA ASP F 366 30.81 -68.40 27.97
C ASP F 366 30.67 -67.55 26.72
N ARG F 367 30.24 -66.30 26.89
CA ARG F 367 30.15 -65.34 25.80
C ARG F 367 31.51 -65.07 25.18
N ALA F 368 32.49 -64.77 26.04
CA ALA F 368 33.85 -64.45 25.63
C ALA F 368 34.51 -65.61 24.91
N VAL F 369 34.40 -66.81 25.49
CA VAL F 369 34.98 -68.03 24.92
C VAL F 369 34.42 -68.29 23.52
N TYR F 370 33.10 -68.18 23.39
CA TYR F 370 32.42 -68.33 22.09
C TYR F 370 32.98 -67.34 21.06
N ALA F 371 33.11 -66.08 21.46
CA ALA F 371 33.58 -65.00 20.60
C ALA F 371 35.03 -65.20 20.16
N LEU F 372 35.88 -65.61 21.10
CA LEU F 372 37.31 -65.81 20.85
C LEU F 372 37.59 -67.03 19.96
N LYS F 373 36.70 -68.02 19.98
CA LYS F 373 36.83 -69.19 19.11
C LYS F 373 36.44 -68.84 17.67
N LYS F 374 35.40 -68.02 17.52
CA LYS F 374 34.82 -67.72 16.21
C LYS F 374 35.65 -66.72 15.40
N CYS F 375 36.33 -65.80 16.08
CA CYS F 375 37.19 -64.82 15.41
C CYS F 375 38.66 -65.25 15.39
N ASN F 376 38.90 -66.48 15.86
CA ASN F 376 40.26 -67.05 15.97
C ASN F 376 41.16 -66.20 16.87
N GLY F 377 40.72 -66.02 18.12
CA GLY F 377 41.33 -65.06 19.02
C GLY F 377 42.35 -65.60 20.01
N ILE F 378 42.96 -64.68 20.76
CA ILE F 378 44.08 -64.96 21.65
C ILE F 378 43.87 -64.27 23.01
N VAL F 379 44.35 -64.90 24.08
CA VAL F 379 44.31 -64.30 25.42
C VAL F 379 45.71 -64.23 26.02
N GLU F 380 46.05 -63.08 26.60
CA GLU F 380 47.35 -62.88 27.22
C GLU F 380 47.22 -62.18 28.58
N GLU F 381 48.20 -62.44 29.46
CA GLU F 381 48.19 -61.96 30.84
C GLU F 381 49.18 -60.79 31.05
N ALA F 382 48.96 -60.01 32.11
CA ALA F 382 49.83 -58.89 32.47
C ALA F 382 50.03 -58.78 33.99
N THR F 383 51.29 -58.66 34.42
CA THR F 383 51.61 -58.51 35.83
C THR F 383 51.55 -57.03 36.24
N GLU F 384 51.62 -56.77 37.54
CA GLU F 384 51.52 -55.40 38.06
C GLU F 384 52.63 -54.46 37.60
N GLU F 385 53.85 -54.98 37.47
CA GLU F 385 54.96 -54.19 36.94
C GLU F 385 54.76 -53.99 35.44
N GLU F 386 54.31 -55.04 34.77
CA GLU F 386 54.11 -55.03 33.32
C GLU F 386 53.03 -54.04 32.87
N LEU F 387 51.94 -53.97 33.63
CA LEU F 387 50.83 -53.08 33.30
C LEU F 387 51.12 -51.61 33.63
N MET F 388 51.92 -51.40 34.68
CA MET F 388 52.30 -50.04 35.09
C MET F 388 53.38 -49.45 34.18
N ASP F 389 54.29 -50.30 33.71
CA ASP F 389 55.37 -49.89 32.81
C ASP F 389 54.84 -49.52 31.42
N ALA F 390 53.99 -50.37 30.87
CA ALA F 390 53.41 -50.14 29.54
C ALA F 390 52.48 -48.91 29.53
N MET F 391 51.91 -48.61 30.69
CA MET F 391 51.12 -47.41 30.90
C MET F 391 52.01 -46.17 30.87
N ALA F 392 53.17 -46.26 31.54
CA ALA F 392 54.13 -45.16 31.59
C ALA F 392 54.71 -44.84 30.21
N GLN F 393 55.04 -45.89 29.47
CA GLN F 393 55.54 -45.77 28.10
C GLN F 393 54.53 -45.13 27.14
N ALA F 394 53.25 -45.44 27.37
CA ALA F 394 52.17 -44.88 26.56
C ALA F 394 51.99 -43.39 26.83
N ASP F 395 51.99 -43.03 28.11
CA ASP F 395 51.85 -41.64 28.53
C ASP F 395 52.97 -40.76 27.98
N SER F 396 54.15 -41.33 27.84
CA SER F 396 55.32 -40.63 27.29
C SER F 396 55.10 -40.22 25.84
N THR F 397 54.21 -40.91 25.15
CA THR F 397 53.86 -40.62 23.77
C THR F 397 52.79 -39.53 23.67
N GLY F 398 52.21 -39.16 24.81
CA GLY F 398 51.21 -38.11 24.86
C GLY F 398 49.79 -38.60 25.13
N MET F 399 49.69 -39.68 25.90
CA MET F 399 48.39 -40.21 26.28
C MET F 399 48.21 -40.10 27.79
N PHE F 400 46.99 -40.34 28.25
CA PHE F 400 46.69 -40.43 29.66
C PHE F 400 45.66 -41.54 29.84
N ILE F 401 46.17 -42.76 29.91
CA ILE F 401 45.33 -43.95 29.86
C ILE F 401 45.32 -44.72 31.19
N CYS F 402 44.31 -45.58 31.37
CA CYS F 402 44.11 -46.31 32.62
C CYS F 402 45.03 -47.51 32.73
N PRO F 403 45.21 -48.06 33.96
CA PRO F 403 45.98 -49.29 34.17
C PRO F 403 45.46 -50.48 33.34
N HIS F 404 44.15 -50.49 33.10
CA HIS F 404 43.51 -51.53 32.28
C HIS F 404 44.03 -51.48 30.84
N THR F 405 44.29 -50.27 30.36
CA THR F 405 44.90 -50.05 29.05
C THR F 405 46.35 -50.54 29.05
N GLY F 406 47.03 -50.33 30.17
CA GLY F 406 48.38 -50.86 30.35
C GLY F 406 48.42 -52.35 30.12
N VAL F 407 47.46 -53.05 30.74
CA VAL F 407 47.26 -54.50 30.56
C VAL F 407 47.17 -54.89 29.09
N ALA F 408 46.39 -54.12 28.32
CA ALA F 408 46.20 -54.36 26.88
C ALA F 408 47.49 -54.15 26.09
N LEU F 409 48.20 -53.07 26.38
CA LEU F 409 49.47 -52.75 25.73
C LEU F 409 50.55 -53.77 26.08
N THR F 410 50.46 -54.33 27.29
CA THR F 410 51.36 -55.40 27.74
C THR F 410 51.16 -56.66 26.91
N ALA F 411 49.91 -56.95 26.57
CA ALA F 411 49.56 -58.11 25.74
C ALA F 411 50.09 -57.92 24.32
N LEU F 412 50.02 -56.68 23.82
CA LEU F 412 50.57 -56.32 22.53
C LEU F 412 52.09 -56.40 22.52
N PHE F 413 52.71 -55.94 23.61
CA PHE F 413 54.15 -56.08 23.81
C PHE F 413 54.60 -57.53 23.67
N LYS F 414 53.87 -58.43 24.32
CA LYS F 414 54.22 -59.85 24.37
C LYS F 414 53.96 -60.58 23.05
N LEU F 415 52.88 -60.21 22.35
CA LEU F 415 52.53 -60.85 21.09
C LEU F 415 53.44 -60.44 19.93
N ARG F 416 54.04 -59.26 20.05
CA ARG F 416 55.11 -58.84 19.14
C ARG F 416 56.36 -59.69 19.41
N ASN F 417 56.66 -59.92 20.69
CA ASN F 417 57.77 -60.77 21.12
C ASN F 417 57.67 -62.21 20.62
N GLN F 418 56.44 -62.71 20.53
CA GLN F 418 56.18 -64.06 20.05
C GLN F 418 56.00 -64.10 18.53
N GLY F 419 56.02 -62.92 17.90
CA GLY F 419 55.87 -62.81 16.45
C GLY F 419 54.44 -62.94 15.95
N VAL F 420 53.50 -63.11 16.88
CA VAL F 420 52.09 -63.31 16.55
C VAL F 420 51.49 -62.08 15.86
N ILE F 421 51.81 -60.89 16.38
CA ILE F 421 51.44 -59.65 15.72
C ILE F 421 52.64 -59.11 14.93
N ALA F 422 52.42 -58.90 13.63
CA ALA F 422 53.43 -58.36 12.74
C ALA F 422 53.60 -56.85 12.93
N PRO F 423 54.82 -56.34 12.70
CA PRO F 423 55.09 -54.91 12.82
C PRO F 423 54.27 -54.04 11.86
N THR F 424 53.76 -54.65 10.79
CA THR F 424 53.02 -53.95 9.75
C THR F 424 51.49 -54.04 9.93
N ASP F 425 51.04 -54.85 10.88
CA ASP F 425 49.61 -55.14 11.07
C ASP F 425 48.81 -53.98 11.65
N ARG F 426 47.63 -53.73 11.08
CA ARG F 426 46.72 -52.70 11.56
C ARG F 426 46.10 -53.15 12.89
N THR F 427 46.57 -52.52 13.96
CA THR F 427 46.26 -52.96 15.32
C THR F 427 45.59 -51.87 16.14
N VAL F 428 44.49 -52.22 16.80
CA VAL F 428 43.74 -51.29 17.63
C VAL F 428 43.72 -51.75 19.09
N VAL F 429 44.17 -50.88 19.99
CA VAL F 429 44.10 -51.15 21.42
C VAL F 429 42.99 -50.32 22.02
N VAL F 430 42.08 -50.99 22.74
CA VAL F 430 40.93 -50.31 23.34
C VAL F 430 41.27 -49.81 24.75
N SER F 431 41.36 -48.49 24.89
CA SER F 431 41.56 -47.86 26.20
C SER F 431 40.20 -47.66 26.84
N THR F 432 39.98 -48.34 27.95
CA THR F 432 38.66 -48.41 28.59
C THR F 432 38.28 -47.20 29.44
N ALA F 433 39.28 -46.54 30.01
CA ALA F 433 39.04 -45.38 30.88
C ALA F 433 40.14 -44.34 30.79
N HIS F 434 39.75 -43.09 31.02
CA HIS F 434 40.68 -41.98 31.07
C HIS F 434 41.55 -42.09 32.32
N GLY F 435 42.80 -41.68 32.19
CA GLY F 435 43.74 -41.69 33.31
C GLY F 435 43.31 -40.81 34.48
N LEU F 436 42.52 -39.78 34.17
CA LEU F 436 42.00 -38.86 35.19
C LEU F 436 41.13 -39.56 36.24
N LYS F 437 40.75 -40.81 35.95
CA LYS F 437 39.94 -41.61 36.84
C LYS F 437 40.81 -42.50 37.75
N PHE F 438 42.08 -42.65 37.39
CA PHE F 438 43.02 -43.46 38.14
C PHE F 438 44.35 -42.71 38.27
N THR F 439 44.32 -41.61 39.02
CA THR F 439 45.48 -40.73 39.17
C THR F 439 46.46 -41.24 40.23
N GLN F 440 45.92 -41.82 41.31
CA GLN F 440 46.73 -42.30 42.44
C GLN F 440 47.79 -43.35 42.05
N SER F 441 47.44 -44.21 41.11
CA SER F 441 48.37 -45.20 40.56
C SER F 441 49.50 -44.55 39.77
N LYS F 442 49.23 -43.38 39.19
CA LYS F 442 50.23 -42.61 38.45
C LYS F 442 51.09 -41.75 39.37
N ILE F 443 50.47 -41.21 40.42
CA ILE F 443 51.18 -40.40 41.42
C ILE F 443 52.21 -41.25 42.16
N ASP F 444 51.80 -42.45 42.57
CA ASP F 444 52.67 -43.35 43.31
C ASP F 444 53.83 -43.90 42.47
N TYR F 445 53.54 -44.18 41.20
CA TYR F 445 54.52 -44.73 40.26
C TYR F 445 55.68 -43.77 40.00
N HIS F 446 55.35 -42.51 39.72
CA HIS F 446 56.35 -41.49 39.41
C HIS F 446 57.02 -40.91 40.66
N SER F 447 56.38 -41.12 41.82
CA SER F 447 56.97 -40.76 43.10
C SER F 447 57.85 -41.89 43.65
N ASN F 448 57.89 -43.00 42.92
CA ASN F 448 58.58 -44.23 43.35
C ASN F 448 58.13 -44.68 44.74
N ALA F 449 56.81 -44.76 44.93
CA ALA F 449 56.20 -45.01 46.24
C ALA F 449 55.49 -46.35 46.35
N ILE F 450 55.53 -47.15 45.27
CA ILE F 450 54.94 -48.48 45.28
C ILE F 450 55.99 -49.52 45.72
N PRO F 451 55.70 -50.26 46.81
CA PRO F 451 56.60 -51.30 47.31
C PRO F 451 56.79 -52.44 46.31
N ASP F 452 58.03 -52.95 46.23
CA ASP F 452 58.39 -54.08 45.36
C ASP F 452 58.17 -53.84 43.85
N MET F 453 57.92 -52.59 43.49
CA MET F 453 57.73 -52.16 42.11
C MET F 453 59.02 -51.52 41.62
N ALA F 454 59.44 -51.88 40.41
CA ALA F 454 60.71 -51.40 39.84
C ALA F 454 60.65 -49.93 39.41
N CYS F 455 59.47 -49.47 39.01
CA CYS F 455 59.24 -48.09 38.57
C CYS F 455 60.31 -47.57 37.59
N ARG F 456 60.61 -48.38 36.57
CA ARG F 456 61.71 -48.12 35.65
C ARG F 456 61.50 -46.90 34.73
N PHE F 457 60.24 -46.52 34.52
CA PHE F 457 59.94 -45.38 33.65
C PHE F 457 59.36 -44.17 34.38
N SER F 458 59.72 -44.01 35.65
CA SER F 458 59.25 -42.89 36.46
C SER F 458 59.88 -41.58 36.01
N ASN F 459 59.08 -40.51 36.04
CA ASN F 459 59.51 -39.19 35.60
C ASN F 459 59.33 -38.12 36.69
N PRO F 460 60.15 -38.19 37.75
CA PRO F 460 59.98 -37.24 38.86
C PRO F 460 60.52 -35.84 38.51
N PRO F 461 59.96 -34.80 39.14
CA PRO F 461 60.50 -33.44 39.02
C PRO F 461 61.92 -33.34 39.57
N VAL F 462 62.74 -32.51 38.93
CA VAL F 462 64.15 -32.37 39.29
C VAL F 462 64.38 -31.13 40.15
N ASP F 463 65.19 -31.27 41.19
CA ASP F 463 65.51 -30.16 42.10
C ASP F 463 66.76 -29.39 41.66
N VAL F 464 66.65 -28.06 41.69
CA VAL F 464 67.77 -27.16 41.40
C VAL F 464 67.53 -25.79 42.04
N LYS F 465 68.57 -25.22 42.64
CA LYS F 465 68.47 -23.89 43.25
C LYS F 465 68.47 -22.79 42.18
N ALA F 466 68.07 -21.58 42.58
CA ALA F 466 67.98 -20.45 41.66
C ALA F 466 69.35 -19.96 41.17
N ASP F 467 69.86 -20.62 40.14
CA ASP F 467 71.18 -20.32 39.59
C ASP F 467 71.14 -20.50 38.08
N PHE F 468 71.59 -19.47 37.35
CA PHE F 468 71.57 -19.48 35.89
C PHE F 468 72.38 -20.63 35.28
N GLY F 469 73.58 -20.86 35.81
CA GLY F 469 74.48 -21.89 35.29
C GLY F 469 74.00 -23.32 35.52
N ALA F 470 73.51 -23.59 36.72
CA ALA F 470 73.04 -24.93 37.11
C ALA F 470 71.79 -25.36 36.34
N VAL F 471 70.88 -24.41 36.13
CA VAL F 471 69.63 -24.67 35.40
C VAL F 471 69.93 -24.92 33.91
N MET F 472 70.84 -24.13 33.34
CA MET F 472 71.22 -24.27 31.93
C MET F 472 71.86 -25.63 31.64
N ASP F 473 72.68 -26.11 32.57
CA ASP F 473 73.38 -27.38 32.42
C ASP F 473 72.46 -28.59 32.43
N VAL F 474 71.45 -28.58 33.31
CA VAL F 474 70.50 -29.69 33.39
C VAL F 474 69.49 -29.66 32.24
N LEU F 475 69.33 -28.50 31.62
CA LEU F 475 68.46 -28.34 30.45
C LEU F 475 69.16 -28.77 29.17
N LYS F 476 70.42 -28.38 29.01
CA LYS F 476 71.22 -28.74 27.84
C LYS F 476 71.51 -30.24 27.80
N SER F 477 71.68 -30.85 28.98
CA SER F 477 71.93 -32.28 29.10
C SER F 477 70.69 -33.11 28.80
N TYR F 478 69.52 -32.52 29.05
CA TYR F 478 68.24 -33.15 28.69
C TYR F 478 68.00 -33.06 27.18
N LEU F 479 68.43 -31.96 26.58
CA LEU F 479 68.26 -31.73 25.14
C LEU F 479 69.43 -32.30 24.33
N GLY F 480 70.40 -32.81 24.88
N SAM G . 0.99 31.02 -34.15
CA SAM G . 1.08 32.15 -33.17
C SAM G . 2.45 32.21 -32.52
O SAM G . 2.79 33.20 -31.87
OXT SAM G . 3.25 31.29 -32.61
CB SAM G . -0.01 32.01 -32.10
CG SAM G . -1.42 31.91 -32.66
SD SAM G . -2.11 33.53 -33.06
CE SAM G . -2.77 33.99 -31.44
C5' SAM G . -3.61 33.10 -33.97
C4' SAM G . -4.58 34.28 -33.98
O4' SAM G . -4.02 35.39 -34.66
C3' SAM G . -5.88 33.98 -34.70
O3' SAM G . -6.79 33.33 -33.84
C2' SAM G . -6.35 35.36 -35.10
O2' SAM G . -7.17 35.93 -34.11
C1' SAM G . -5.05 36.16 -35.24
N9 SAM G . -4.83 36.42 -36.68
C8 SAM G . -4.84 37.65 -37.28
N7 SAM G . -4.60 37.51 -38.60
C5 SAM G . -4.47 36.20 -38.87
C6 SAM G . -4.24 35.51 -40.06
N6 SAM G . -4.10 36.16 -41.21
N1 SAM G . -4.13 34.12 -40.03
C2 SAM G . -4.26 33.45 -38.83
N3 SAM G . -4.49 34.15 -37.67
C4 SAM G . -4.60 35.49 -37.68
N SAM H . 9.50 34.96 -32.42
CA SAM H . 8.84 36.12 -33.08
C SAM H . 9.20 37.42 -32.37
O SAM H . 9.42 38.46 -33.01
OXT SAM H . 9.27 37.46 -31.15
CB SAM H . 7.32 35.92 -33.10
CG SAM H . 6.69 36.09 -34.48
SD SAM H . 4.94 35.59 -34.63
CE SAM H . 4.21 36.07 -33.04
C5' SAM H . 5.09 33.80 -34.47
C4' SAM H . 4.37 33.03 -35.57
O4' SAM H . 3.03 33.46 -35.68
C3' SAM H . 5.02 33.23 -36.94
O3' SAM H . 5.86 32.16 -37.26
C2' SAM H . 3.84 33.32 -37.90
O2' SAM H . 3.61 32.08 -38.52
C1' SAM H . 2.65 33.67 -37.03
N9 SAM H . 2.26 35.09 -37.21
C8 SAM H . 3.00 36.07 -37.83
N7 SAM H . 2.32 37.22 -37.79
C5 SAM H . 1.14 37.00 -37.16
C6 SAM H . 0.08 37.84 -36.85
N6 SAM H . 0.11 39.12 -37.20
N1 SAM H . -1.03 37.33 -36.18
C2 SAM H . -1.06 36.00 -35.83
N3 SAM H . 0.01 35.17 -36.14
C4 SAM H . 1.09 35.66 -36.79
C TRS I . 12.26 38.72 -48.71
C1 TRS I . 13.58 39.37 -49.10
C2 TRS I . 12.30 38.26 -47.25
C3 TRS I . 11.96 37.55 -49.64
N TRS I . 11.19 39.71 -48.87
O1 TRS I . 13.89 40.45 -48.23
O2 TRS I . 11.01 37.93 -46.78
O3 TRS I . 13.02 36.61 -49.65
N1 PLP J . -19.42 51.46 -50.40
C2 PLP J . -18.43 51.83 -49.51
C2A PLP J . -18.72 51.87 -48.04
C3 PLP J . -17.16 52.16 -49.99
O3 PLP J . -16.29 52.48 -49.18
C4 PLP J . -16.89 52.12 -51.36
C4A PLP J . -15.53 52.47 -51.91
C5 PLP J . -17.91 51.75 -52.25
C6 PLP J . -19.17 51.42 -51.76
C5A PLP J . -17.66 51.70 -53.73
O4P PLP J . -16.97 50.56 -54.28
P PLP J . -16.42 50.58 -55.80
O1P PLP J . -17.65 50.58 -56.62
O2P PLP J . -15.62 51.83 -55.88
O3P PLP J . -15.60 49.35 -55.89
N SAM K . -27.26 25.55 -43.48
CA SAM K . -27.68 26.90 -43.95
C SAM K . -28.96 26.85 -44.77
O SAM K . -29.67 27.85 -44.94
OXT SAM K . -29.34 25.80 -45.31
CB SAM K . -26.57 27.56 -44.76
CG SAM K . -25.35 27.98 -43.95
SD SAM K . -25.39 29.72 -43.45
CE SAM K . -24.95 30.54 -45.01
C5' SAM K . -23.84 29.81 -42.53
C4' SAM K . -23.40 31.25 -42.33
O4' SAM K . -24.32 31.93 -41.50
C3' SAM K . -22.04 31.38 -41.67
O3' SAM K . -20.98 31.32 -42.60
C2' SAM K . -22.15 32.72 -40.97
O2' SAM K . -21.71 33.78 -41.79
C1' SAM K . -23.63 32.85 -40.66
N9 SAM K . -23.85 32.57 -39.23
C8 SAM K . -24.29 33.48 -38.31
N7 SAM K . -24.36 32.88 -37.10
C5 SAM K . -23.99 31.59 -37.23
C6 SAM K . -23.87 30.55 -36.31
N6 SAM K . -24.19 30.75 -35.03
N1 SAM K . -23.45 29.31 -36.73
C2 SAM K . -23.13 29.10 -38.06
N3 SAM K . -23.25 30.14 -38.96
C4 SAM K . -23.66 31.37 -38.55
N SAM L . -36.64 26.50 -43.52
CA SAM L . -36.75 27.74 -42.71
C SAM L . -37.13 28.94 -43.57
O SAM L . -37.68 29.93 -43.09
OXT SAM L . -36.87 28.96 -44.78
CB SAM L . -35.46 27.99 -41.93
CG SAM L . -34.22 28.25 -42.79
SD SAM L . -32.68 28.23 -41.84
CE SAM L . -31.72 29.48 -42.72
C5' SAM L . -31.94 26.71 -42.47
C4' SAM L . -30.89 26.08 -41.55
O4' SAM L . -29.90 27.04 -41.24
C3' SAM L . -31.49 25.58 -40.25
O3' SAM L . -31.55 24.17 -40.24
C2' SAM L . -30.58 26.11 -39.16
O2' SAM L . -29.78 25.08 -38.64
C1' SAM L . -29.69 27.15 -39.85
N9 SAM L . -29.96 28.53 -39.37
C8 SAM L . -31.05 28.97 -38.65
N7 SAM L . -30.91 30.30 -38.42
C5 SAM L . -29.77 30.73 -38.98
C6 SAM L . -29.16 31.98 -39.04
N6 SAM L . -29.73 33.03 -38.47
N1 SAM L . -27.96 32.12 -39.69
C2 SAM L . -27.36 31.02 -40.29
N3 SAM L . -27.97 29.78 -40.23
C4 SAM L . -29.16 29.63 -39.58
N1 PLP M . -22.52 45.19 -16.54
C2 PLP M . -21.73 44.33 -17.28
C2A PLP M . -21.60 42.90 -16.87
C3 PLP M . -21.05 44.80 -18.40
O3 PLP M . -20.35 44.03 -19.06
C4 PLP M . -21.17 46.15 -18.77
C4A PLP M . -20.44 46.67 -19.98
C5 PLP M . -21.97 47.01 -18.01
C6 PLP M . -22.65 46.52 -16.91
C5A PLP M . -22.11 48.45 -18.40
O4P PLP M . -22.62 48.75 -19.73
P PLP M . -22.96 50.24 -20.23
O1P PLP M . -24.15 50.02 -21.08
O2P PLP M . -21.75 50.65 -20.99
O3P PLP M . -23.19 51.03 -19.00
N SAM N . -18.68 12.07 20.03
CA SAM N . -19.67 12.30 18.95
C SAM N . -19.89 13.79 18.70
O SAM N . -19.41 14.65 19.43
OXT SAM N . -20.57 14.18 17.74
CB SAM N . -21.00 11.63 19.30
CG SAM N . -20.89 10.15 19.58
SD SAM N . -20.58 9.17 18.09
CE SAM N . -22.28 8.90 17.54
C5' SAM N . -20.15 7.56 18.80
C4' SAM N . -20.34 6.44 17.79
O4' SAM N . -19.47 6.62 16.69
C3' SAM N . -20.03 5.05 18.34
O3' SAM N . -21.15 4.49 18.98
C2' SAM N . -19.66 4.29 17.08
O2' SAM N . -20.79 3.69 16.51
C1' SAM N . -19.11 5.36 16.14
N9 SAM N . -17.65 5.18 16.02
C8 SAM N . -17.00 4.83 14.87
N7 SAM N . -15.67 4.74 15.12
C5 SAM N . -15.46 5.03 16.42
C6 SAM N . -14.32 5.08 17.20
N6 SAM N . -13.12 4.82 16.67
N1 SAM N . -14.41 5.43 18.54
C2 SAM N . -15.64 5.72 19.09
N3 SAM N . -16.78 5.66 18.32
C4 SAM N . -16.70 5.32 17.00
N SAM O . -18.29 19.85 14.89
CA SAM O . -17.26 19.34 13.94
C SAM O . -17.80 19.29 12.51
O SAM O . -17.03 19.29 11.55
OXT SAM O . -19.01 19.25 12.30
CB SAM O . -16.73 17.96 14.37
CG SAM O . -17.78 16.87 14.53
SD SAM O . -17.10 15.33 15.23
CE SAM O . -18.50 14.21 14.93
C5' SAM O . -17.27 15.66 17.00
C4' SAM O . -16.37 14.79 17.88
O4' SAM O . -16.62 13.41 17.64
C3' SAM O . -14.90 15.03 17.62
O3' SAM O . -14.39 15.96 18.55
C2' SAM O . -14.27 13.66 17.77
O2' SAM O . -13.70 13.48 19.05
C1' SAM O . -15.41 12.68 17.59
N9 SAM O . -15.32 11.98 16.29
C8 SAM O . -14.49 12.31 15.24
N7 SAM O . -14.71 11.44 14.23
C5 SAM O . -15.64 10.55 14.61
C6 SAM O . -16.22 9.46 13.96
N6 SAM O . -15.85 9.14 12.73
N1 SAM O . -17.17 8.70 14.62
C2 SAM O . -17.56 9.05 15.91
N3 SAM O . -16.98 10.13 16.54
C4 SAM O . -16.04 10.87 15.91
C TRS P . -1.64 17.96 12.14
C1 TRS P . -2.45 18.38 10.92
C2 TRS P . -2.55 17.86 13.36
C3 TRS P . -0.50 18.97 12.37
N TRS P . -1.07 16.63 11.84
O1 TRS P . -3.05 19.65 11.10
O2 TRS P . -1.90 17.23 14.43
O3 TRS P . 0.52 18.41 13.17
N1 PLP Q . -7.64 -14.82 4.69
C2 PLP Q . -8.18 -13.68 4.14
C2A PLP Q . -9.67 -13.57 3.97
C3 PLP Q . -7.36 -12.64 3.71
O3 PLP Q . -7.87 -11.64 3.22
C4 PLP Q . -5.97 -12.74 3.87
C4A PLP Q . -5.04 -11.63 3.43
C5 PLP Q . -5.43 -13.90 4.44
C6 PLP Q . -6.28 -14.93 4.85
C5A PLP Q . -3.95 -14.07 4.63
O4P PLP Q . -3.27 -13.46 5.76
P PLP Q . -1.67 -13.29 5.78
O1P PLP Q . -1.18 -14.67 6.06
O2P PLP Q . -1.41 -12.31 6.86
O3P PLP Q . -1.34 -12.78 4.42
N SAM R . -17.74 -18.15 28.27
CA SAM R . -16.71 -17.57 29.17
C SAM R . -17.27 -17.35 30.58
O SAM R . -16.90 -18.06 31.52
OXT SAM R . -18.11 -16.48 30.82
CB SAM R . -16.07 -16.30 28.59
CG SAM R . -17.01 -15.21 28.04
SD SAM R . -17.19 -15.19 26.24
CE SAM R . -15.48 -15.20 25.64
C5' SAM R . -17.68 -13.47 25.94
C4' SAM R . -17.64 -13.13 24.46
O4' SAM R . -18.66 -13.83 23.77
C3' SAM R . -17.87 -11.64 24.16
O3' SAM R . -16.66 -10.90 24.15
C2' SAM R . -18.53 -11.66 22.80
O2' SAM R . -17.59 -11.47 21.75
C1' SAM R . -19.17 -13.05 22.71
N9 SAM R . -20.63 -12.87 22.83
C8 SAM R . -21.56 -13.24 21.88
N7 SAM R . -22.80 -12.92 22.33
C5 SAM R . -22.69 -12.35 23.55
C6 SAM R . -23.62 -11.83 24.45
N6 SAM R . -24.92 -11.87 24.14
N1 SAM R . -23.22 -11.30 25.65
C2 SAM R . -21.87 -11.28 25.97
N3 SAM R . -20.96 -11.78 25.07
C4 SAM R . -21.34 -12.31 23.88
N SAM S . -20.78 -25.19 31.29
CA SAM S . -21.48 -25.18 29.97
C SAM S . -20.71 -26.00 28.93
O SAM S . -21.30 -26.56 28.01
OXT SAM S . -19.49 -26.13 29.00
CB SAM S . -21.72 -23.75 29.49
CG SAM S . -20.46 -22.93 29.22
SD SAM S . -20.82 -21.21 28.75
CE SAM S . -19.56 -20.93 27.49
C5' SAM S . -20.07 -20.35 30.16
C4' SAM S . -20.79 -19.04 30.50
O4' SAM S . -20.77 -18.19 29.37
C3' SAM S . -22.23 -19.26 30.90
O3' SAM S . -22.40 -19.17 32.29
C2' SAM S . -23.00 -18.17 30.18
O2' SAM S . -23.34 -17.13 31.07
C1' SAM S . -22.05 -17.64 29.11
N9 SAM S . -22.49 -17.99 27.72
C8 SAM S . -23.48 -18.85 27.35
N7 SAM S . -23.56 -18.88 26.00
C5 SAM S . -22.63 -18.04 25.50
C6 SAM S . -22.29 -17.69 24.19
N6 SAM S . -22.94 -18.23 23.15
N1 SAM S . -21.28 -16.78 23.97
C2 SAM S . -20.61 -16.22 25.04
N3 SAM S . -20.95 -16.57 26.33
C4 SAM S . -21.95 -17.47 26.57
N1 PLP T . -41.30 -7.78 7.90
C2 PLP T . -40.36 -7.09 8.65
C2A PLP T . -40.73 -6.57 10.01
C3 PLP T . -39.08 -6.89 8.15
O3 PLP T . -38.24 -6.28 8.81
C4 PLP T . -38.75 -7.40 6.88
C4A PLP T . -37.38 -7.20 6.30
C5 PLP T . -39.70 -8.08 6.13
C6 PLP T . -40.99 -8.28 6.65
C5A PLP T . -39.36 -8.62 4.77
O4P PLP T . -38.47 -9.77 4.70
P PLP T . -37.59 -10.09 3.39
O1P PLP T . -36.74 -11.22 3.83
O2P PLP T . -36.85 -8.83 3.13
O3P PLP T . -38.58 -10.44 2.35
N SAM U . 45.84 -43.95 8.44
CA SAM U . 44.53 -44.24 7.80
C SAM U . 44.30 -43.31 6.59
O SAM U . 44.98 -43.46 5.57
OXT SAM U . 43.46 -42.40 6.60
CB SAM U . 43.38 -44.22 8.81
CG SAM U . 43.16 -42.93 9.62
SD SAM U . 41.44 -42.76 10.13
CE SAM U . 40.72 -42.25 8.54
C5' SAM U . 41.39 -41.19 11.04
C4' SAM U . 40.84 -41.35 12.45
O4' SAM U . 41.77 -40.78 13.37
C3' SAM U . 39.51 -40.63 12.67
O3' SAM U . 38.38 -41.47 12.55
C2' SAM U . 39.61 -40.03 14.06
O2' SAM U . 39.01 -40.85 15.04
C1' SAM U . 41.12 -39.93 14.31
N9 SAM U . 41.54 -38.51 14.19
C8 SAM U . 42.23 -37.82 15.15
N7 SAM U . 42.43 -36.56 14.72
C5 SAM U . 41.87 -36.42 13.50
C6 SAM U . 41.78 -35.34 12.61
N6 SAM U . 42.32 -34.17 12.93
N1 SAM U . 41.13 -35.49 11.41
C2 SAM U . 40.57 -36.72 11.07
N3 SAM U . 40.67 -37.77 11.96
C4 SAM U . 41.30 -37.64 13.15
N SAM V . 53.81 -41.80 7.22
CA SAM V . 52.83 -42.73 7.87
C SAM V . 53.29 -44.18 7.73
O SAM V . 53.88 -44.74 8.66
OXT SAM V . 53.08 -44.82 6.70
CB SAM V . 51.43 -42.52 7.29
CG SAM V . 50.69 -41.34 7.91
SD SAM V . 48.98 -41.66 8.46
CE SAM V . 49.04 -43.32 9.17
C5' SAM V . 48.14 -41.97 6.89
C4' SAM V . 47.20 -40.83 6.47
O4' SAM V . 46.39 -40.46 7.56
C3' SAM V . 47.96 -39.60 6.00
O3' SAM V . 47.84 -39.44 4.61
C2' SAM V . 47.35 -38.45 6.76
O2' SAM V . 46.54 -37.67 5.90
C1' SAM V . 46.47 -39.07 7.83
N9 SAM V . 47.00 -38.86 9.21
C8 SAM V . 48.23 -38.40 9.56
N7 SAM V . 48.32 -38.33 10.92
C5 SAM V . 47.15 -38.76 11.43
C6 SAM V . 46.71 -38.91 12.75
N6 SAM V . 47.50 -38.59 13.77
N1 SAM V . 45.43 -39.37 12.99
C2 SAM V . 44.60 -39.70 11.92
N3 SAM V . 45.05 -39.56 10.63
C4 SAM V . 46.31 -39.09 10.38
N1 PLP W . 45.39 -17.79 29.27
C2 PLP W . 44.41 -18.44 28.55
C2A PLP W . 43.99 -17.90 27.21
C3 PLP W . 43.81 -19.59 29.06
O3 PLP W . 42.93 -20.17 28.42
C4 PLP W . 44.22 -20.08 30.32
C4A PLP W . 43.61 -21.32 30.93
C5 PLP W . 45.21 -19.42 31.03
C6 PLP W . 45.80 -18.27 30.50
C5A PLP W . 45.65 -19.93 32.37
O4P PLP W . 46.33 -21.22 32.45
P PLP W . 46.12 -22.19 33.71
O1P PLP W . 47.02 -23.33 33.40
O2P PLP W . 44.68 -22.53 33.70
O3P PLP W . 46.54 -21.37 34.87
N SAM X . 17.35 -27.47 20.29
CA SAM X . 17.89 -27.59 18.90
C SAM X . 17.12 -28.64 18.12
O SAM X . 17.66 -29.59 17.56
OXT SAM X . 15.90 -28.52 18.02
CB SAM X . 19.40 -27.82 18.93
CG SAM X . 19.96 -29.18 19.38
SD SAM X . 21.63 -29.37 18.72
CE SAM X . 21.14 -29.56 16.99
C5' SAM X . 22.16 -31.06 19.05
C4' SAM X . 23.47 -31.10 19.82
O4' SAM X . 23.27 -31.85 21.00
C3' SAM X . 24.60 -31.77 19.05
O3' SAM X . 25.43 -30.85 18.38
C2' SAM X . 25.36 -32.53 20.11
O2' SAM X . 26.47 -31.77 20.57
C1' SAM X . 24.36 -32.72 21.24
N9 SAM X . 23.92 -34.13 21.30
C8 SAM X . 24.01 -34.93 22.41
N7 SAM X . 23.53 -36.15 22.10
C5 SAM X . 23.14 -36.16 20.81
C6 SAM X . 22.58 -37.14 19.98
N6 SAM X . 22.35 -38.36 20.45
N1 SAM X . 22.28 -36.84 18.68
C2 SAM X . 22.51 -35.58 18.18
N3 SAM X . 23.06 -34.61 19.00
C4 SAM X . 23.38 -34.89 20.29
N SAM Y . 9.94 -28.10 22.65
CA SAM Y . 10.93 -28.80 23.51
C SAM Y . 11.08 -28.09 24.86
O SAM Y . 10.78 -28.67 25.90
OXT SAM Y . 11.49 -26.93 24.93
CB SAM Y . 12.28 -28.87 22.79
CG SAM Y . 12.99 -30.21 22.94
SD SAM Y . 14.57 -30.38 22.07
CE SAM Y . 15.44 -28.86 22.51
C5' SAM Y . 14.04 -30.06 20.37
C4' SAM Y . 14.47 -31.16 19.38
O4' SAM Y . 15.84 -31.47 19.59
C3' SAM Y . 13.68 -32.44 19.54
O3' SAM Y . 12.68 -32.53 18.56
C2' SAM Y . 14.70 -33.54 19.33
O2' SAM Y . 14.70 -33.95 17.98
C1' SAM Y . 16.04 -32.88 19.62
N9 SAM Y . 16.59 -33.28 20.94
C8 SAM Y . 15.91 -33.89 21.97
N7 SAM Y . 16.77 -34.09 22.99
C5 SAM Y . 17.99 -33.63 22.63
C6 SAM Y . 19.21 -33.59 23.30
N6 SAM Y . 19.32 -34.08 24.54
N1 SAM Y . 20.31 -33.05 22.67
C2 SAM Y . 20.20 -32.55 21.39
N3 SAM Y . 18.99 -32.59 20.73
C4 SAM Y . 17.89 -33.13 21.34
C TRS Z . 5.86 -43.71 24.29
C1 TRS Z . 6.20 -42.25 24.58
C2 TRS Z . 6.36 -44.10 22.90
C3 TRS Z . 4.34 -43.95 24.37
N TRS Z . 6.54 -44.57 25.27
O1 TRS Z . 5.99 -41.94 25.94
O2 TRS Z . 5.78 -43.29 21.90
O3 TRS Z . 3.95 -44.45 25.63
N1 PLP AA . 38.14 -51.45 32.21
C2 PLP AA . 37.36 -50.49 32.81
C2A PLP AA . 37.91 -49.10 32.96
C3 PLP AA . 36.08 -50.80 33.27
O3 PLP AA . 35.41 -49.91 33.81
C4 PLP AA . 35.59 -52.10 33.12
C4A PLP AA . 34.22 -52.50 33.61
C5 PLP AA . 36.39 -53.07 32.51
C6 PLP AA . 37.67 -52.74 32.05
C5A PLP AA . 35.90 -54.48 32.34
O4P PLP AA . 35.01 -54.79 31.24
P PLP AA . 34.29 -56.23 31.15
O1P PLP AA . 33.62 -56.35 32.48
O2P PLP AA . 35.41 -57.17 30.91
O3P PLP AA . 33.34 -56.09 30.03
#